data_7UKT
#
_entry.id   7UKT
#
_cell.length_a   259.820
_cell.length_b   144.370
_cell.length_c   105.040
_cell.angle_alpha   90.000
_cell.angle_beta   90.000
_cell.angle_gamma   90.000
#
_symmetry.space_group_name_H-M   'P 21 21 2'
#
loop_
_entity.id
_entity.type
_entity.pdbx_description
1 polymer 'Integrin alpha-IIb heavy chain'
2 polymer 'Isoform Beta-3C of Integrin beta-3'
3 polymer '10E5 Fab heavy chain'
4 polymer '10E5 Fab light chain'
5 branched alpha-D-mannopyranose-(1-3)-[alpha-D-mannopyranose-(1-6)]beta-D-mannopyranose-(1-4)-2-acetamido-2-deoxy-beta-D-glucopyranose-(1-4)-2-acetamido-2-deoxy-beta-D-glucopyranose
6 branched 2-acetamido-2-deoxy-beta-D-glucopyranose-(1-4)-2-acetamido-2-deoxy-beta-D-glucopyranose
7 branched alpha-D-mannopyranose-(1-3)-beta-D-mannopyranose-(1-4)-2-acetamido-2-deoxy-beta-D-glucopyranose-(1-4)-2-acetamido-2-deoxy-beta-D-glucopyranose
8 non-polymer 'SULFATE ION'
9 non-polymer 'CALCIUM ION'
10 non-polymer 'MANGANESE (II) ION'
11 non-polymer 2-acetamido-2-deoxy-beta-D-glucopyranose
12 non-polymer '(1-{[(5S)-3-(4-carbamimidoylphenyl)-4,5-dihydro-1,2-oxazol-5-yl]methyl}piperidin-4-yl)acetic acid'
13 non-polymer 'CHLORIDE ION'
14 water water
#
loop_
_entity_poly.entity_id
_entity_poly.type
_entity_poly.pdbx_seq_one_letter_code
_entity_poly.pdbx_strand_id
1 'polypeptide(L)'
;LNLDPVQLTFYAGPNGSQFGFSLDFHKDSHGRVAIVVGAPRTLGPSQEETGGVFLCPWRAEGGQCPSLLFDLRDETRNVG
SQTLQTFKARQGLGASVVSWSDVIVACAPWQHWNVLEKTEEAEKTPVGSCFLAQPESGRRAEYSPCRGNTLSRIYVENDF
SWDKRYCEAGFSSVVTQAGELVLGAPGGYYFLGLLAQAPVADIFSSYRPGILLWHVSSQSLSFDSSNPEYFDGYWGYSVA
VGEFDGDLNTTEYVVGAPTWSWTLGAVEILDSYYQRLHRLRGEQMASYFGHSVAVTDVNGDGRHDLLVGAPLYMESRADR
KLAEVGRVYLFLQPRGPHALGAPSLLLTGTQLYGRFGSAIAPLGDLDRDGYNDIAVAAPYGGPSGRGQVLVFLGQSEGLR
SRPSQVLDSPFPTGSAFGFSLRGAVDIDDNGYPDLIVGAYGANQVAVYRAQPVVKAS
;
A,C
2 'polypeptide(L)'
;GPNICTTRGVSSCQQCLAVSPMCAWCSDEALPLGSPRCDLKENLLKDNCAPESIEFPVSEARVLEDRPLSDKGSGDSSQV
TQVSPQRIALRLRPDDSKNFSIQVRQVEDYPVDIYYLMDLSYSMKDDLWSIQNLGTKLATQMRKLTSNLRIGFGAFVDKP
VSPYMYISPPEALENPCYDMKTTCLPMFGYKHVLTLTDQVTRFNEEVKKQSVSRNRDAPEGGFDAIMQATVCDEKIGWRN
DASHLLVFTTDAKTHIALDGRLAGIVQPNDGQCHVGSDNHYSASTTMDYPSLGLMTEKLSQKNINLIFAVTENVVNLYQN
YSELIPGTTVGVLSMDSSNVLQLIVDAYGKIRSKVELEVRDLPEELSLSFNATCLNNEVIPGLKSCMGLKIGDTVSFSIE
AKVRGCPQEKEKSFTIKPVGFKDSLIVQVTFDCDCACQAQAEPNSHRCNNGNGTFECGVCRCGPGWLGSQCE
;
B,D
3 'polypeptide(L)'
;EVQLQQSGAELVKPGASVKLSCTASGFNIKDTYVHWVKQRPEQGLEWIGRIDPANGYTKYDPKFQGKATITADTSSNTAY
LQLSSLTSEDTAVYYCVRPLYDYYAMDYWGQGTSVTVSSAKTTAPSVYPLAPVCGDTTGSSVTLGCLVKGYFPEPVTLTW
NSGSLSSGVHTFPAVLQSDLYTLSSSVTVTSSTWPSQSITCNVAHPASSTKVDKKIEPRGP
;
E,H
4 'polypeptide(L)'
;DILMTQSPSSMSVSLGDTVSITCHASQGISSNIGWLQQKPGKSFMGLIYYGTNLVDGVPSRFSGSGSGADYSLTISSLDS
EDFADYYCVQYAQLPYTFGGGTKLEIKRADAAPTVSIFPPSSEQLTSGGASVVCFLNNFYPKDINVKWKIDGSERQNGVL
NSWTDQDSKDSTYSMSSTLTLTKDEYERHNSYTCEATHKTSTSPIVKSFNRNEC
;
F,L
#
loop_
_chem_comp.id
_chem_comp.type
_chem_comp.name
_chem_comp.formula
BMA D-saccharide, beta linking beta-D-mannopyranose 'C6 H12 O6'
CA non-polymer 'CALCIUM ION' 'Ca 2'
CL non-polymer 'CHLORIDE ION' 'Cl -1'
MAN D-saccharide, alpha linking alpha-D-mannopyranose 'C6 H12 O6'
MN non-polymer 'MANGANESE (II) ION' 'Mn 2'
NAG D-saccharide, beta linking 2-acetamido-2-deoxy-beta-D-glucopyranose 'C8 H15 N O6'
NJF non-polymer '(1-{[(5S)-3-(4-carbamimidoylphenyl)-4,5-dihydro-1,2-oxazol-5-yl]methyl}piperidin-4-yl)acetic acid' 'C18 H24 N4 O3'
SO4 non-polymer 'SULFATE ION' 'O4 S -2'
#
# COMPACT_ATOMS: atom_id res chain seq x y z
N LEU A 1 -27.07 24.94 31.39
CA LEU A 1 -26.95 25.82 32.56
C LEU A 1 -28.33 26.21 33.10
N ASN A 2 -29.16 26.76 32.23
CA ASN A 2 -30.43 27.36 32.65
C ASN A 2 -31.65 26.57 32.14
N LEU A 3 -31.49 25.26 31.95
CA LEU A 3 -32.64 24.39 31.74
C LEU A 3 -33.30 24.10 33.07
N ASP A 4 -34.63 24.00 33.07
CA ASP A 4 -35.39 23.80 34.30
C ASP A 4 -35.55 22.31 34.57
N PRO A 5 -34.89 21.75 35.58
CA PRO A 5 -35.06 20.33 35.89
C PRO A 5 -36.14 20.03 36.92
N VAL A 6 -36.88 21.04 37.35
CA VAL A 6 -37.91 20.86 38.38
C VAL A 6 -39.28 20.57 37.75
N GLN A 7 -39.72 21.45 36.85
CA GLN A 7 -41.04 21.35 36.23
C GLN A 7 -40.86 20.88 34.78
N LEU A 8 -40.96 19.58 34.57
CA LEU A 8 -40.85 18.99 33.24
C LEU A 8 -42.22 18.74 32.65
N THR A 9 -42.23 18.48 31.35
CA THR A 9 -43.43 18.09 30.62
C THR A 9 -43.21 16.70 30.04
N PHE A 10 -44.20 15.83 30.19
CA PHE A 10 -44.09 14.43 29.78
C PHE A 10 -45.17 14.09 28.77
N TYR A 11 -44.75 13.66 27.58
CA TYR A 11 -45.63 13.04 26.60
C TYR A 11 -45.40 11.54 26.61
N ALA A 12 -46.43 10.78 26.28
CA ALA A 12 -46.36 9.32 26.38
C ALA A 12 -47.15 8.67 25.27
N GLY A 13 -46.70 7.48 24.86
CA GLY A 13 -47.38 6.69 23.86
C GLY A 13 -47.72 5.31 24.37
N PRO A 14 -48.13 4.43 23.46
CA PRO A 14 -48.52 3.08 23.88
C PRO A 14 -47.34 2.29 24.45
N ASN A 15 -47.67 1.34 25.32
CA ASN A 15 -46.65 0.51 25.95
C ASN A 15 -45.99 -0.39 24.91
N GLY A 16 -44.66 -0.45 24.95
CA GLY A 16 -43.91 -1.26 24.01
C GLY A 16 -43.83 -0.69 22.60
N SER A 17 -44.35 0.52 22.39
CA SER A 17 -44.29 1.15 21.06
C SER A 17 -42.94 1.81 20.78
N GLN A 18 -42.04 1.86 21.77
CA GLN A 18 -40.77 2.60 21.66
C GLN A 18 -41.01 4.05 21.28
N PHE A 19 -42.12 4.61 21.76
CA PHE A 19 -42.43 6.02 21.63
C PHE A 19 -41.29 6.86 22.16
N GLY A 20 -40.74 7.72 21.31
CA GLY A 20 -39.58 8.51 21.65
C GLY A 20 -38.27 8.02 21.08
N PHE A 21 -38.29 7.00 20.23
CA PHE A 21 -37.07 6.55 19.56
C PHE A 21 -36.48 7.67 18.69
N SER A 22 -37.32 8.52 18.13
CA SER A 22 -36.88 9.67 17.35
C SER A 22 -37.89 10.79 17.56
N LEU A 23 -37.39 12.03 17.49
CA LEU A 23 -38.24 13.20 17.70
C LEU A 23 -37.65 14.39 16.97
N ASP A 24 -38.48 15.42 16.81
CA ASP A 24 -38.07 16.68 16.21
C ASP A 24 -39.15 17.72 16.48
N PHE A 25 -38.76 18.99 16.41
CA PHE A 25 -39.72 20.08 16.48
C PHE A 25 -40.35 20.30 15.12
N HIS A 26 -41.63 20.66 15.12
CA HIS A 26 -42.39 20.89 13.89
C HIS A 26 -43.19 22.17 14.03
N LYS A 27 -42.97 23.10 13.09
CA LYS A 27 -43.71 24.35 13.01
C LYS A 27 -44.69 24.27 11.85
N ASP A 28 -45.95 24.58 12.12
CA ASP A 28 -46.97 24.59 11.08
C ASP A 28 -46.84 25.87 10.25
N SER A 29 -47.76 26.08 9.31
CA SER A 29 -47.72 27.26 8.46
C SER A 29 -47.86 28.57 9.23
N HIS A 30 -48.25 28.50 10.51
CA HIS A 30 -48.41 29.69 11.33
C HIS A 30 -47.31 29.84 12.37
N GLY A 31 -46.26 29.00 12.31
CA GLY A 31 -45.16 29.10 13.24
C GLY A 31 -45.41 28.49 14.60
N ARG A 32 -46.53 27.81 14.80
CA ARG A 32 -46.84 27.18 16.07
C ARG A 32 -46.06 25.88 16.20
N VAL A 33 -45.24 25.77 17.24
CA VAL A 33 -44.32 24.64 17.39
C VAL A 33 -45.05 23.46 18.00
N ALA A 34 -44.82 22.27 17.43
CA ALA A 34 -45.30 21.01 17.95
C ALA A 34 -44.12 20.04 17.99
N ILE A 35 -44.38 18.83 18.51
CA ILE A 35 -43.35 17.80 18.63
C ILE A 35 -43.82 16.58 17.86
N VAL A 36 -43.08 16.23 16.80
CA VAL A 36 -43.31 14.97 16.08
C VAL A 36 -42.49 13.88 16.76
N VAL A 37 -43.12 12.74 17.02
CA VAL A 37 -42.50 11.65 17.76
C VAL A 37 -42.68 10.36 16.96
N GLY A 38 -41.59 9.63 16.78
CA GLY A 38 -41.62 8.33 16.13
C GLY A 38 -41.70 7.21 17.17
N ALA A 39 -42.51 6.20 16.87
CA ALA A 39 -42.70 5.04 17.72
C ALA A 39 -42.59 3.79 16.86
N PRO A 40 -41.37 3.31 16.63
CA PRO A 40 -41.15 2.32 15.57
C PRO A 40 -41.73 0.93 15.85
N ARG A 41 -42.29 0.68 17.03
CA ARG A 41 -42.91 -0.61 17.31
C ARG A 41 -44.39 -0.47 17.64
N THR A 42 -45.03 0.61 17.19
CA THR A 42 -46.47 0.74 17.34
C THR A 42 -47.18 -0.34 16.52
N LEU A 43 -48.26 -0.87 17.09
CA LEU A 43 -49.02 -1.91 16.42
C LEU A 43 -49.82 -1.33 15.26
N GLY A 44 -49.98 -2.14 14.21
CA GLY A 44 -50.73 -1.74 13.04
C GLY A 44 -52.12 -2.34 13.04
N PRO A 45 -52.67 -2.58 11.85
CA PRO A 45 -54.04 -3.12 11.77
C PRO A 45 -54.12 -4.60 12.08
N SER A 46 -53.13 -5.36 11.61
CA SER A 46 -53.10 -6.80 11.80
C SER A 46 -52.55 -7.21 13.17
N GLN A 47 -52.62 -6.32 14.16
CA GLN A 47 -52.06 -6.56 15.51
C GLN A 47 -50.58 -6.91 15.44
N GLU A 48 -49.88 -6.36 14.46
CA GLU A 48 -48.47 -6.63 14.24
C GLU A 48 -47.68 -5.32 14.25
N GLU A 49 -46.45 -5.39 14.74
CA GLU A 49 -45.62 -4.20 14.83
C GLU A 49 -45.33 -3.65 13.45
N THR A 50 -45.68 -2.38 13.23
CA THR A 50 -45.37 -1.67 12.00
C THR A 50 -44.78 -0.29 12.23
N GLY A 51 -44.75 0.20 13.46
CA GLY A 51 -44.31 1.55 13.73
C GLY A 51 -45.43 2.56 13.56
N GLY A 52 -45.19 3.76 14.08
CA GLY A 52 -46.18 4.82 14.01
C GLY A 52 -45.54 6.16 14.34
N VAL A 53 -46.29 7.21 14.04
CA VAL A 53 -45.83 8.59 14.24
C VAL A 53 -46.91 9.34 14.99
N PHE A 54 -46.50 10.25 15.86
CA PHE A 54 -47.41 11.08 16.65
C PHE A 54 -46.99 12.54 16.55
N LEU A 55 -47.98 13.43 16.47
CA LEU A 55 -47.76 14.87 16.38
C LEU A 55 -48.33 15.50 17.64
N CYS A 56 -47.44 15.89 18.56
CA CYS A 56 -47.84 16.34 19.88
C CYS A 56 -47.98 17.85 19.90
N PRO A 57 -49.16 18.40 20.15
CA PRO A 57 -49.28 19.84 20.36
C PRO A 57 -48.63 20.24 21.68
N TRP A 58 -48.10 21.46 21.71
CA TRP A 58 -47.41 21.93 22.92
C TRP A 58 -48.41 22.20 24.03
N ARG A 59 -48.27 21.47 25.14
CA ARG A 59 -49.03 21.70 26.34
C ARG A 59 -48.09 21.51 27.53
N ALA A 60 -48.12 22.46 28.48
CA ALA A 60 -47.24 22.37 29.64
C ALA A 60 -47.52 21.12 30.47
N GLU A 61 -48.73 20.57 30.39
CA GLU A 61 -49.06 19.33 31.10
C GLU A 61 -48.69 18.08 30.32
N GLY A 62 -48.49 18.19 29.00
CA GLY A 62 -48.14 17.02 28.23
C GLY A 62 -49.33 16.09 28.04
N GLY A 63 -49.05 14.78 28.06
CA GLY A 63 -50.10 13.79 27.95
C GLY A 63 -50.05 12.97 26.68
N GLN A 64 -51.22 12.55 26.20
CA GLN A 64 -51.31 11.74 25.00
C GLN A 64 -51.28 12.62 23.75
N CYS A 65 -50.89 12.01 22.64
CA CYS A 65 -50.77 12.74 21.38
C CYS A 65 -51.59 12.06 20.29
N PRO A 66 -52.15 12.85 19.37
CA PRO A 66 -52.85 12.26 18.23
C PRO A 66 -51.88 11.66 17.23
N SER A 67 -52.38 10.71 16.45
CA SER A 67 -51.55 10.00 15.50
C SER A 67 -51.45 10.76 14.19
N LEU A 68 -50.28 10.72 13.57
CA LEU A 68 -50.08 11.18 12.20
C LEU A 68 -50.18 9.94 11.31
N LEU A 69 -51.34 9.77 10.69
CA LEU A 69 -51.68 8.50 10.06
C LEU A 69 -50.94 8.31 8.74
N PHE A 70 -50.52 7.08 8.49
CA PHE A 70 -49.94 6.68 7.22
C PHE A 70 -50.52 5.34 6.80
N ASP A 71 -50.38 5.01 5.52
CA ASP A 71 -50.88 3.74 5.01
C ASP A 71 -49.98 2.61 5.50
N LEU A 72 -50.57 1.64 6.19
CA LEU A 72 -49.84 0.50 6.74
C LEU A 72 -50.17 -0.80 6.03
N ARG A 73 -50.83 -0.75 4.88
CA ARG A 73 -51.22 -1.94 4.15
C ARG A 73 -50.12 -2.34 3.16
N ASP A 74 -49.84 -3.63 3.10
CA ASP A 74 -48.90 -4.14 2.11
C ASP A 74 -49.47 -3.99 0.70
N GLU A 75 -48.60 -3.66 -0.24
CA GLU A 75 -49.02 -3.34 -1.60
C GLU A 75 -48.48 -4.40 -2.57
N THR A 76 -49.23 -4.60 -3.66
CA THR A 76 -48.86 -5.57 -4.68
C THR A 76 -49.30 -5.04 -6.04
N ARG A 77 -48.38 -5.02 -7.00
CA ARG A 77 -48.66 -4.55 -8.35
C ARG A 77 -48.11 -5.55 -9.36
N ASN A 78 -48.98 -6.00 -10.26
CA ASN A 78 -48.60 -6.90 -11.36
C ASN A 78 -48.48 -6.06 -12.62
N VAL A 79 -47.24 -5.76 -13.00
CA VAL A 79 -46.98 -4.86 -14.13
C VAL A 79 -45.69 -5.31 -14.81
N GLY A 80 -45.65 -5.15 -16.12
CA GLY A 80 -44.46 -5.50 -16.89
C GLY A 80 -44.06 -6.96 -16.77
N SER A 81 -45.04 -7.86 -16.69
CA SER A 81 -44.79 -9.29 -16.49
C SER A 81 -43.97 -9.55 -15.22
N GLN A 82 -44.14 -8.68 -14.22
CA GLN A 82 -43.50 -8.83 -12.93
C GLN A 82 -44.51 -8.56 -11.83
N THR A 83 -44.14 -8.89 -10.60
CA THR A 83 -44.98 -8.67 -9.43
C THR A 83 -44.18 -7.92 -8.38
N LEU A 84 -44.55 -6.66 -8.15
CA LEU A 84 -43.90 -5.83 -7.14
C LEU A 84 -44.60 -6.03 -5.81
N GLN A 85 -43.82 -6.04 -4.72
CA GLN A 85 -44.34 -6.34 -3.40
C GLN A 85 -43.66 -5.47 -2.35
N THR A 86 -44.46 -4.83 -1.50
CA THR A 86 -43.98 -4.14 -0.31
C THR A 86 -44.47 -4.87 0.93
N PHE A 87 -43.62 -4.92 1.95
CA PHE A 87 -43.95 -5.58 3.21
C PHE A 87 -43.65 -4.62 4.35
N LYS A 88 -44.68 -4.23 5.09
CA LYS A 88 -44.57 -3.23 6.13
C LYS A 88 -44.55 -3.81 7.54
N ALA A 89 -44.61 -5.14 7.66
CA ALA A 89 -44.52 -5.76 8.98
C ALA A 89 -43.14 -5.57 9.57
N ARG A 90 -43.07 -5.02 10.78
CA ARG A 90 -41.82 -4.74 11.47
C ARG A 90 -40.92 -3.80 10.66
N GLN A 91 -41.53 -2.89 9.91
CA GLN A 91 -40.78 -1.94 9.10
C GLN A 91 -40.15 -0.83 9.95
N GLY A 92 -40.63 -0.61 11.16
CA GLY A 92 -40.05 0.40 12.02
C GLY A 92 -40.39 1.83 11.63
N LEU A 93 -41.63 2.07 11.19
CA LEU A 93 -42.05 3.43 10.85
C LEU A 93 -41.91 4.33 12.07
N GLY A 94 -41.12 5.38 11.94
CA GLY A 94 -40.79 6.24 13.05
C GLY A 94 -39.44 5.99 13.67
N ALA A 95 -38.62 5.11 13.10
CA ALA A 95 -37.25 4.95 13.57
C ALA A 95 -36.41 6.20 13.33
N SER A 96 -36.87 7.11 12.46
CA SER A 96 -36.29 8.42 12.32
C SER A 96 -37.38 9.37 11.86
N VAL A 97 -37.37 10.59 12.40
CA VAL A 97 -38.31 11.62 11.99
C VAL A 97 -37.56 12.94 11.89
N VAL A 98 -37.99 13.78 10.95
CA VAL A 98 -37.40 15.10 10.73
C VAL A 98 -38.46 16.00 10.14
N SER A 99 -38.40 17.28 10.52
CA SER A 99 -39.37 18.26 10.05
C SER A 99 -38.65 19.36 9.28
N TRP A 100 -39.27 19.80 8.19
CA TRP A 100 -38.78 20.92 7.41
C TRP A 100 -39.99 21.67 6.86
N SER A 101 -40.03 22.98 7.08
CA SER A 101 -41.16 23.84 6.70
C SER A 101 -42.40 23.25 7.35
N ASP A 102 -43.51 23.07 6.63
CA ASP A 102 -44.71 22.45 7.17
C ASP A 102 -44.83 20.98 6.76
N VAL A 103 -43.71 20.29 6.59
CA VAL A 103 -43.67 18.92 6.12
C VAL A 103 -42.96 18.06 7.16
N ILE A 104 -43.46 16.85 7.36
CA ILE A 104 -42.87 15.87 8.26
C ILE A 104 -42.42 14.66 7.44
N VAL A 105 -41.22 14.18 7.72
CA VAL A 105 -40.64 13.03 7.03
C VAL A 105 -40.38 11.95 8.07
N ALA A 106 -41.15 10.87 8.03
CA ALA A 106 -41.00 9.73 8.91
C ALA A 106 -40.64 8.50 8.08
N CYS A 107 -39.61 7.79 8.50
CA CYS A 107 -39.03 6.72 7.69
C CYS A 107 -39.15 5.37 8.38
N ALA A 108 -39.25 4.31 7.58
CA ALA A 108 -39.30 2.92 8.02
C ALA A 108 -38.10 2.20 7.44
N PRO A 109 -36.95 2.22 8.12
CA PRO A 109 -35.73 1.67 7.50
C PRO A 109 -35.80 0.18 7.22
N TRP A 110 -36.71 -0.55 7.86
CA TRP A 110 -36.75 -2.00 7.69
C TRP A 110 -37.99 -2.47 6.93
N GLN A 111 -38.60 -1.59 6.14
CA GLN A 111 -39.64 -2.02 5.22
C GLN A 111 -39.02 -2.90 4.14
N HIS A 112 -39.61 -4.07 3.93
CA HIS A 112 -39.07 -5.04 2.99
C HIS A 112 -39.72 -4.92 1.62
N TRP A 113 -39.06 -5.50 0.62
CA TRP A 113 -39.43 -5.32 -0.77
C TRP A 113 -38.95 -6.52 -1.56
N ASN A 114 -39.73 -6.92 -2.57
CA ASN A 114 -39.37 -8.05 -3.41
C ASN A 114 -40.08 -7.91 -4.74
N VAL A 115 -39.49 -8.53 -5.77
CA VAL A 115 -40.02 -8.50 -7.12
C VAL A 115 -40.01 -9.93 -7.65
N LEU A 116 -41.19 -10.42 -8.03
CA LEU A 116 -41.34 -11.79 -8.52
C LEU A 116 -41.52 -11.77 -10.03
N GLU A 117 -40.74 -12.60 -10.73
CA GLU A 117 -40.87 -12.79 -12.17
C GLU A 117 -40.82 -14.29 -12.44
N LYS A 118 -41.99 -14.90 -12.64
CA LYS A 118 -42.13 -16.34 -12.80
C LYS A 118 -41.56 -17.09 -11.61
N THR A 119 -40.44 -17.80 -11.81
CA THR A 119 -39.81 -18.54 -10.73
C THR A 119 -38.68 -17.78 -10.04
N GLU A 120 -38.13 -16.76 -10.69
CA GLU A 120 -37.06 -15.97 -10.12
C GLU A 120 -37.61 -14.86 -9.23
N GLU A 121 -36.73 -14.23 -8.47
CA GLU A 121 -37.12 -13.13 -7.59
C GLU A 121 -35.93 -12.20 -7.41
N ALA A 122 -36.22 -10.99 -6.91
CA ALA A 122 -35.19 -10.04 -6.55
C ALA A 122 -34.65 -10.26 -5.14
N GLU A 123 -35.29 -11.15 -4.36
CA GLU A 123 -35.04 -11.44 -2.95
C GLU A 123 -35.73 -10.42 -2.05
N LYS A 124 -36.37 -10.92 -0.99
CA LYS A 124 -37.12 -10.09 -0.04
C LYS A 124 -36.13 -9.44 0.92
N THR A 125 -35.89 -8.15 0.74
CA THR A 125 -34.81 -7.44 1.42
C THR A 125 -35.31 -6.10 1.95
N PRO A 126 -34.67 -5.56 2.99
CA PRO A 126 -35.10 -4.27 3.57
C PRO A 126 -34.53 -3.05 2.85
N VAL A 127 -35.22 -2.63 1.78
CA VAL A 127 -34.80 -1.43 1.07
C VAL A 127 -35.09 -0.17 1.87
N GLY A 128 -36.01 -0.23 2.82
CA GLY A 128 -36.44 0.93 3.55
C GLY A 128 -37.34 1.83 2.73
N SER A 129 -38.00 2.76 3.43
CA SER A 129 -38.91 3.68 2.81
C SER A 129 -39.20 4.82 3.78
N CYS A 130 -39.47 6.00 3.21
CA CYS A 130 -39.82 7.18 3.99
C CYS A 130 -41.20 7.67 3.58
N PHE A 131 -41.97 8.11 4.58
CA PHE A 131 -43.31 8.64 4.39
C PHE A 131 -43.30 10.13 4.66
N LEU A 132 -43.81 10.90 3.70
CA LEU A 132 -43.86 12.35 3.80
C LEU A 132 -45.31 12.81 3.96
N ALA A 133 -45.52 13.79 4.83
CA ALA A 133 -46.85 14.26 5.15
C ALA A 133 -46.86 15.77 5.31
N GLN A 134 -47.95 16.39 4.85
CA GLN A 134 -48.24 17.80 5.11
C GLN A 134 -49.49 17.83 5.98
N PRO A 135 -49.33 17.87 7.31
CA PRO A 135 -50.50 17.64 8.19
C PRO A 135 -51.65 18.60 7.97
N GLU A 136 -51.37 19.87 7.65
CA GLU A 136 -52.44 20.85 7.52
C GLU A 136 -53.29 20.58 6.29
N SER A 137 -52.66 20.13 5.20
CA SER A 137 -53.38 19.86 3.96
C SER A 137 -53.81 18.41 3.80
N GLY A 138 -53.19 17.48 4.53
CA GLY A 138 -53.45 16.07 4.34
C GLY A 138 -52.68 15.41 3.23
N ARG A 139 -51.86 16.17 2.50
CA ARG A 139 -51.06 15.61 1.42
C ARG A 139 -50.13 14.53 1.95
N ARG A 140 -49.98 13.45 1.17
CA ARG A 140 -49.10 12.35 1.52
C ARG A 140 -48.25 11.98 0.32
N ALA A 141 -47.06 11.44 0.60
CA ALA A 141 -46.15 11.00 -0.44
C ALA A 141 -45.16 10.02 0.16
N GLU A 142 -44.48 9.28 -0.70
CA GLU A 142 -43.49 8.30 -0.29
C GLU A 142 -42.22 8.48 -1.10
N TYR A 143 -41.13 7.94 -0.56
CA TYR A 143 -39.83 8.00 -1.22
C TYR A 143 -39.04 6.76 -0.84
N SER A 144 -38.73 5.91 -1.82
CA SER A 144 -38.00 4.67 -1.59
C SER A 144 -37.01 4.49 -2.73
N PRO A 145 -35.88 5.20 -2.68
CA PRO A 145 -34.98 5.25 -3.85
C PRO A 145 -34.25 3.94 -4.12
N CYS A 146 -34.19 3.02 -3.16
CA CYS A 146 -33.42 1.80 -3.34
C CYS A 146 -34.25 0.64 -3.85
N ARG A 147 -35.55 0.83 -4.08
CA ARG A 147 -36.35 -0.20 -4.72
C ARG A 147 -35.84 -0.43 -6.14
N GLY A 148 -35.77 -1.71 -6.53
CA GLY A 148 -35.39 -2.06 -7.87
C GLY A 148 -36.21 -3.23 -8.38
N ASN A 149 -36.00 -3.57 -9.65
CA ASN A 149 -36.68 -4.70 -10.26
C ASN A 149 -35.71 -5.65 -10.94
N THR A 150 -34.44 -5.63 -10.53
CA THR A 150 -33.45 -6.56 -11.06
C THR A 150 -33.52 -7.89 -10.31
N LEU A 151 -33.48 -8.99 -11.05
CA LEU A 151 -33.60 -10.31 -10.45
C LEU A 151 -32.29 -10.72 -9.79
N SER A 152 -32.39 -11.71 -8.89
CA SER A 152 -31.26 -12.11 -8.06
C SER A 152 -30.08 -12.59 -8.89
N ARG A 153 -30.36 -13.31 -9.98
CA ARG A 153 -29.29 -13.89 -10.79
C ARG A 153 -28.35 -12.82 -11.35
N ILE A 154 -28.88 -11.64 -11.65
CA ILE A 154 -28.06 -10.60 -12.26
C ILE A 154 -27.00 -10.09 -11.28
N TYR A 155 -27.41 -9.84 -10.03
CA TYR A 155 -26.46 -9.35 -9.03
C TYR A 155 -25.31 -10.32 -8.84
N VAL A 156 -25.59 -11.63 -8.88
CA VAL A 156 -24.55 -12.64 -8.69
C VAL A 156 -23.54 -12.56 -9.83
N GLU A 157 -24.01 -12.35 -11.06
CA GLU A 157 -23.09 -12.28 -12.20
C GLU A 157 -22.16 -11.08 -12.09
N ASN A 158 -22.69 -9.93 -11.69
CA ASN A 158 -21.91 -8.70 -11.61
C ASN A 158 -21.22 -8.52 -10.25
N ASP A 159 -21.12 -9.59 -9.46
CA ASP A 159 -20.41 -9.55 -8.17
C ASP A 159 -21.05 -8.56 -7.21
N PHE A 160 -22.39 -8.49 -7.24
CA PHE A 160 -23.17 -7.68 -6.30
C PHE A 160 -22.76 -6.21 -6.35
N SER A 161 -22.42 -5.74 -7.54
CA SER A 161 -22.12 -4.33 -7.72
C SER A 161 -23.42 -3.54 -7.80
N TRP A 162 -23.43 -2.37 -7.16
CA TRP A 162 -24.60 -1.49 -7.13
C TRP A 162 -25.83 -2.22 -6.58
N ASP A 163 -25.62 -2.93 -5.48
CA ASP A 163 -26.67 -3.73 -4.85
C ASP A 163 -27.32 -2.87 -3.76
N LYS A 164 -28.46 -2.26 -4.09
CA LYS A 164 -29.19 -1.40 -3.17
C LYS A 164 -30.33 -2.13 -2.46
N ARG A 165 -30.33 -3.46 -2.48
CA ARG A 165 -31.45 -4.22 -1.95
C ARG A 165 -31.57 -4.13 -0.43
N TYR A 166 -30.48 -3.86 0.27
CA TYR A 166 -30.49 -3.81 1.73
C TYR A 166 -30.17 -2.42 2.25
N CYS A 167 -30.56 -1.39 1.48
CA CYS A 167 -30.23 0.00 1.83
C CYS A 167 -30.63 0.34 3.25
N GLU A 168 -31.88 0.03 3.61
CA GLU A 168 -32.52 0.57 4.81
C GLU A 168 -32.51 2.09 4.77
N ALA A 169 -33.06 2.64 3.69
CA ALA A 169 -33.13 4.09 3.52
C ALA A 169 -34.02 4.69 4.60
N GLY A 170 -33.59 5.84 5.12
CA GLY A 170 -34.26 6.47 6.25
C GLY A 170 -33.72 6.08 7.60
N PHE A 171 -32.71 5.19 7.65
CA PHE A 171 -32.00 4.90 8.89
C PHE A 171 -31.59 6.18 9.59
N SER A 172 -31.06 7.15 8.83
CA SER A 172 -30.83 8.50 9.32
C SER A 172 -31.32 9.47 8.25
N SER A 173 -31.72 10.66 8.68
CA SER A 173 -32.32 11.62 7.77
C SER A 173 -31.99 13.04 8.19
N VAL A 174 -32.02 13.94 7.20
CA VAL A 174 -31.78 15.36 7.41
C VAL A 174 -32.30 16.09 6.20
N VAL A 175 -32.66 17.36 6.37
CA VAL A 175 -33.18 18.19 5.28
C VAL A 175 -32.42 19.50 5.26
N THR A 176 -31.89 19.87 4.10
CA THR A 176 -31.22 21.15 3.94
C THR A 176 -32.24 22.29 4.02
N GLN A 177 -31.73 23.50 4.26
CA GLN A 177 -32.60 24.67 4.32
C GLN A 177 -33.32 24.91 3.00
N ALA A 178 -32.70 24.50 1.89
CA ALA A 178 -33.33 24.63 0.57
C ALA A 178 -34.45 23.62 0.35
N GLY A 179 -34.60 22.63 1.23
CA GLY A 179 -35.67 21.67 1.08
C GLY A 179 -35.30 20.40 0.37
N GLU A 180 -34.07 19.94 0.52
CA GLU A 180 -33.60 18.71 -0.10
C GLU A 180 -33.45 17.64 0.97
N LEU A 181 -34.26 16.59 0.85
CA LEU A 181 -34.22 15.49 1.80
C LEU A 181 -33.01 14.60 1.53
N VAL A 182 -32.21 14.35 2.56
CA VAL A 182 -31.02 13.52 2.45
C VAL A 182 -31.20 12.32 3.38
N LEU A 183 -31.16 11.12 2.81
CA LEU A 183 -31.38 9.89 3.55
C LEU A 183 -30.09 9.11 3.68
N GLY A 184 -29.81 8.64 4.89
CA GLY A 184 -28.69 7.74 5.12
C GLY A 184 -29.15 6.30 5.01
N ALA A 185 -28.41 5.51 4.23
CA ALA A 185 -28.72 4.10 4.00
C ALA A 185 -27.47 3.29 4.28
N PRO A 186 -27.29 2.82 5.51
CA PRO A 186 -26.03 2.15 5.87
C PRO A 186 -25.86 0.78 5.27
N GLY A 187 -26.93 0.17 4.77
CA GLY A 187 -26.84 -1.12 4.12
C GLY A 187 -26.76 -1.08 2.61
N GLY A 188 -26.68 0.11 2.02
CA GLY A 188 -26.60 0.20 0.58
C GLY A 188 -25.28 -0.32 0.04
N TYR A 189 -25.33 -0.82 -1.19
CA TYR A 189 -24.15 -1.36 -1.88
C TYR A 189 -23.51 -2.48 -1.07
N TYR A 190 -24.34 -3.45 -0.68
CA TYR A 190 -23.91 -4.60 0.12
C TYR A 190 -23.20 -4.15 1.40
N PHE A 191 -23.88 -3.27 2.15
CA PHE A 191 -23.46 -2.82 3.48
C PHE A 191 -22.24 -1.91 3.46
N LEU A 192 -21.89 -1.36 2.30
CA LEU A 192 -20.95 -0.24 2.29
C LEU A 192 -21.62 1.02 2.81
N GLY A 193 -22.86 1.27 2.41
CA GLY A 193 -23.58 2.46 2.80
C GLY A 193 -23.68 3.46 1.67
N LEU A 194 -24.81 4.15 1.58
CA LEU A 194 -24.99 5.16 0.54
C LEU A 194 -25.86 6.28 1.07
N LEU A 195 -25.90 7.38 0.33
CA LEU A 195 -26.76 8.51 0.61
C LEU A 195 -27.70 8.73 -0.56
N ALA A 196 -28.94 9.10 -0.26
CA ALA A 196 -29.95 9.39 -1.28
C ALA A 196 -30.52 10.77 -1.01
N GLN A 197 -30.46 11.64 -2.02
CA GLN A 197 -30.92 13.01 -1.91
C GLN A 197 -31.94 13.29 -3.00
N ALA A 198 -32.99 14.06 -2.64
CA ALA A 198 -34.02 14.45 -3.59
C ALA A 198 -34.81 15.61 -3.00
N PRO A 199 -35.19 16.60 -3.81
CA PRO A 199 -35.99 17.71 -3.28
C PRO A 199 -37.36 17.21 -2.80
N VAL A 200 -37.80 17.77 -1.66
CA VAL A 200 -39.09 17.39 -1.10
C VAL A 200 -40.21 17.70 -2.08
N ALA A 201 -40.12 18.85 -2.76
CA ALA A 201 -41.17 19.24 -3.71
C ALA A 201 -41.29 18.24 -4.84
N ASP A 202 -40.16 17.73 -5.33
CA ASP A 202 -40.20 16.77 -6.43
C ASP A 202 -40.65 15.38 -5.98
N ILE A 203 -40.44 15.05 -4.70
CA ILE A 203 -40.97 13.81 -4.17
C ILE A 203 -42.49 13.82 -4.20
N PHE A 204 -43.09 14.95 -3.80
CA PHE A 204 -44.55 15.06 -3.80
C PHE A 204 -45.13 15.06 -5.21
N SER A 205 -44.52 15.82 -6.12
CA SER A 205 -45.08 15.97 -7.46
C SER A 205 -44.91 14.72 -8.32
N SER A 206 -43.92 13.88 -8.03
CA SER A 206 -43.67 12.69 -8.83
C SER A 206 -44.29 11.43 -8.23
N TYR A 207 -44.83 11.49 -7.02
CA TYR A 207 -45.39 10.32 -6.36
C TYR A 207 -46.87 10.17 -6.69
N ARG A 208 -47.28 8.93 -6.95
CA ARG A 208 -48.67 8.53 -7.10
C ARG A 208 -48.85 7.19 -6.40
N PRO A 209 -49.96 6.98 -5.71
CA PRO A 209 -50.15 5.72 -4.99
C PRO A 209 -50.37 4.56 -5.93
N GLY A 210 -49.83 3.39 -5.54
CA GLY A 210 -49.98 2.18 -6.33
C GLY A 210 -48.89 1.95 -7.36
N ILE A 211 -48.06 2.95 -7.65
CA ILE A 211 -47.03 2.79 -8.67
C ILE A 211 -45.88 1.93 -8.15
N LEU A 212 -45.47 2.17 -6.90
CA LEU A 212 -44.44 1.40 -6.21
C LEU A 212 -43.04 1.64 -6.79
N LEU A 213 -42.92 1.65 -8.12
CA LEU A 213 -41.66 1.92 -8.79
C LEU A 213 -41.85 3.12 -9.71
N TRP A 214 -41.31 4.27 -9.32
CA TRP A 214 -41.42 5.49 -10.10
C TRP A 214 -40.10 6.25 -10.07
N HIS A 215 -39.91 7.10 -11.08
CA HIS A 215 -38.67 7.85 -11.23
C HIS A 215 -38.78 9.20 -10.54
N VAL A 216 -37.70 9.58 -9.86
CA VAL A 216 -37.53 10.93 -9.31
C VAL A 216 -36.27 11.48 -9.96
N SER A 217 -36.44 12.18 -11.09
CA SER A 217 -35.30 12.54 -11.93
C SER A 217 -34.30 13.43 -11.20
N SER A 218 -34.79 14.31 -10.33
CA SER A 218 -33.92 15.25 -9.62
C SER A 218 -33.15 14.61 -8.47
N GLN A 219 -33.31 13.32 -8.24
CA GLN A 219 -32.64 12.68 -7.12
C GLN A 219 -31.17 12.40 -7.46
N SER A 220 -30.37 12.20 -6.41
CA SER A 220 -28.93 11.96 -6.54
C SER A 220 -28.50 10.98 -5.47
N LEU A 221 -27.89 9.87 -5.88
CA LEU A 221 -27.40 8.86 -4.98
C LEU A 221 -25.87 8.84 -5.02
N SER A 222 -25.28 8.41 -3.91
CA SER A 222 -23.83 8.29 -3.83
C SER A 222 -23.39 7.06 -4.63
N PHE A 223 -22.10 6.74 -4.56
CA PHE A 223 -21.50 5.79 -5.47
C PHE A 223 -20.96 4.57 -4.73
N ASP A 224 -20.99 3.43 -5.42
CA ASP A 224 -20.41 2.19 -4.93
C ASP A 224 -18.89 2.26 -5.01
N SER A 225 -18.22 1.27 -4.44
CA SER A 225 -16.77 1.25 -4.40
C SER A 225 -16.27 -0.19 -4.28
N SER A 226 -15.06 -0.41 -4.80
CA SER A 226 -14.37 -1.68 -4.65
C SER A 226 -13.27 -1.64 -3.60
N ASN A 227 -13.11 -0.51 -2.92
CA ASN A 227 -12.09 -0.37 -1.89
C ASN A 227 -12.54 -1.10 -0.63
N PRO A 228 -11.80 -2.11 -0.14
CA PRO A 228 -12.24 -2.84 1.06
C PRO A 228 -12.32 -1.98 2.30
N GLU A 229 -11.70 -0.80 2.32
CA GLU A 229 -11.79 0.08 3.48
C GLU A 229 -13.23 0.49 3.78
N TYR A 230 -14.09 0.51 2.75
CA TYR A 230 -15.48 0.88 2.92
C TYR A 230 -16.40 -0.30 3.18
N PHE A 231 -15.89 -1.53 3.06
CA PHE A 231 -16.76 -2.70 3.21
C PHE A 231 -17.26 -2.80 4.65
N ASP A 232 -18.58 -2.99 4.79
CA ASP A 232 -19.22 -3.12 6.10
C ASP A 232 -18.98 -1.89 6.97
N GLY A 233 -18.87 -0.72 6.34
CA GLY A 233 -18.59 0.51 7.06
C GLY A 233 -19.84 1.22 7.54
N TYR A 234 -21.00 0.83 7.00
CA TYR A 234 -22.28 1.41 7.37
C TYR A 234 -22.27 2.93 7.15
N TRP A 235 -21.78 3.33 5.98
CA TRP A 235 -21.73 4.72 5.54
C TRP A 235 -23.13 5.29 5.46
N GLY A 236 -23.45 6.26 6.31
CA GLY A 236 -24.81 6.75 6.43
C GLY A 236 -25.55 6.31 7.67
N TYR A 237 -24.85 5.69 8.63
CA TYR A 237 -25.45 5.41 9.93
C TYR A 237 -26.00 6.67 10.56
N SER A 238 -25.30 7.80 10.38
CA SER A 238 -25.75 9.12 10.81
C SER A 238 -25.41 10.12 9.72
N VAL A 239 -26.20 11.20 9.65
CA VAL A 239 -26.04 12.21 8.61
CA VAL A 239 -26.04 12.21 8.61
C VAL A 239 -26.33 13.58 9.20
N ALA A 240 -25.72 14.61 8.59
CA ALA A 240 -25.91 16.00 8.98
C ALA A 240 -25.44 16.88 7.83
N VAL A 241 -25.78 18.17 7.91
CA VAL A 241 -25.45 19.13 6.87
C VAL A 241 -24.86 20.38 7.50
N GLY A 242 -24.14 21.14 6.68
CA GLY A 242 -23.50 22.36 7.14
C GLY A 242 -22.75 23.03 6.01
N GLU A 243 -22.03 24.10 6.37
CA GLU A 243 -21.23 24.88 5.43
C GLU A 243 -19.76 24.72 5.80
N PHE A 244 -19.00 24.05 4.94
CA PHE A 244 -17.61 23.73 5.24
C PHE A 244 -16.63 24.06 4.11
N ASP A 245 -17.11 24.50 2.95
CA ASP A 245 -16.22 24.82 1.84
C ASP A 245 -16.05 26.31 1.60
N GLY A 246 -16.77 27.16 2.33
CA GLY A 246 -16.71 28.59 2.14
C GLY A 246 -17.68 29.13 1.10
N ASP A 247 -18.26 28.27 0.26
CA ASP A 247 -19.22 28.69 -0.75
C ASP A 247 -20.62 28.58 -0.16
N LEU A 248 -21.24 29.72 0.14
CA LEU A 248 -22.56 29.72 0.76
C LEU A 248 -23.66 29.21 -0.15
N ASN A 249 -23.42 29.14 -1.47
CA ASN A 249 -24.41 28.61 -2.38
C ASN A 249 -24.47 27.08 -2.37
N THR A 250 -23.40 26.42 -1.95
CA THR A 250 -23.36 24.97 -1.87
C THR A 250 -23.64 24.51 -0.44
N THR A 251 -24.26 23.33 -0.33
CA THR A 251 -24.55 22.71 0.95
C THR A 251 -23.73 21.43 1.06
N GLU A 252 -22.97 21.31 2.13
CA GLU A 252 -22.09 20.17 2.35
C GLU A 252 -22.74 19.14 3.24
N TYR A 253 -22.41 17.88 3.01
CA TYR A 253 -22.97 16.75 3.73
C TYR A 253 -21.93 16.19 4.71
N VAL A 254 -22.40 15.80 5.89
CA VAL A 254 -21.57 15.14 6.90
C VAL A 254 -22.13 13.74 7.11
N VAL A 255 -21.29 12.73 6.90
CA VAL A 255 -21.72 11.33 6.91
C VAL A 255 -20.89 10.57 7.94
N GLY A 256 -21.57 9.79 8.77
CA GLY A 256 -20.90 8.92 9.73
C GLY A 256 -20.82 7.50 9.21
N ALA A 257 -19.65 6.89 9.38
CA ALA A 257 -19.40 5.50 8.99
C ALA A 257 -18.71 4.82 10.16
N PRO A 258 -19.47 4.37 11.16
CA PRO A 258 -18.87 3.96 12.43
C PRO A 258 -18.10 2.65 12.39
N THR A 259 -18.22 1.86 11.32
CA THR A 259 -17.43 0.64 11.18
C THR A 259 -16.49 0.71 9.98
N TRP A 260 -16.15 1.92 9.56
CA TRP A 260 -15.29 2.11 8.39
C TRP A 260 -13.88 1.60 8.66
N SER A 261 -13.28 0.98 7.64
CA SER A 261 -11.92 0.44 7.69
C SER A 261 -11.75 -0.52 8.87
N TRP A 262 -12.49 -1.62 8.79
CA TRP A 262 -12.40 -2.70 9.78
C TRP A 262 -12.67 -2.19 11.20
N THR A 263 -13.83 -1.54 11.35
CA THR A 263 -14.34 -1.02 12.62
C THR A 263 -13.47 0.08 13.22
N LEU A 264 -12.63 0.73 12.41
CA LEU A 264 -11.94 1.91 12.91
C LEU A 264 -12.90 3.09 13.03
N GLY A 265 -13.86 3.18 12.13
CA GLY A 265 -14.83 4.27 12.13
C GLY A 265 -14.29 5.51 11.46
N ALA A 266 -15.20 6.27 10.87
CA ALA A 266 -14.81 7.49 10.16
C ALA A 266 -16.02 8.39 9.99
N VAL A 267 -15.73 9.66 9.76
CA VAL A 267 -16.71 10.68 9.41
C VAL A 267 -16.14 11.47 8.24
N GLU A 268 -16.96 11.69 7.21
CA GLU A 268 -16.53 12.35 5.99
C GLU A 268 -17.42 13.56 5.71
N ILE A 269 -16.80 14.61 5.18
CA ILE A 269 -17.49 15.81 4.73
C ILE A 269 -17.42 15.86 3.22
N LEU A 270 -18.58 16.00 2.57
CA LEU A 270 -18.67 15.94 1.12
C LEU A 270 -19.44 17.16 0.62
N ASP A 271 -19.34 17.39 -0.70
CA ASP A 271 -20.19 18.37 -1.36
C ASP A 271 -21.48 17.69 -1.81
N SER A 272 -22.37 18.46 -2.46
CA SER A 272 -23.63 17.91 -2.92
C SER A 272 -23.46 16.88 -4.02
N TYR A 273 -22.26 16.74 -4.58
CA TYR A 273 -21.97 15.71 -5.58
C TYR A 273 -21.24 14.52 -4.97
N TYR A 274 -21.26 14.39 -3.65
CA TYR A 274 -20.66 13.26 -2.94
C TYR A 274 -19.15 13.16 -3.20
N GLN A 275 -18.49 14.29 -3.41
CA GLN A 275 -17.05 14.34 -3.55
C GLN A 275 -16.43 14.69 -2.20
N ARG A 276 -15.50 13.85 -1.75
CA ARG A 276 -15.00 13.94 -0.39
C ARG A 276 -14.10 15.16 -0.22
N LEU A 277 -14.46 16.01 0.75
CA LEU A 277 -13.66 17.17 1.13
C LEU A 277 -12.74 16.90 2.30
N HIS A 278 -13.22 16.20 3.32
CA HIS A 278 -12.37 15.83 4.44
CA HIS A 278 -12.43 15.87 4.50
C HIS A 278 -12.81 14.47 4.97
N ARG A 279 -11.94 13.87 5.78
CA ARG A 279 -12.24 12.58 6.40
C ARG A 279 -11.60 12.57 7.77
N LEU A 280 -12.42 12.35 8.80
CA LEU A 280 -11.96 12.21 10.17
C LEU A 280 -11.96 10.72 10.51
N ARG A 281 -10.78 10.18 10.84
CA ARG A 281 -10.65 8.78 11.16
C ARG A 281 -10.88 8.56 12.65
N GLY A 282 -11.38 7.37 12.99
CA GLY A 282 -11.57 7.03 14.37
C GLY A 282 -10.27 6.87 15.13
N GLU A 283 -10.35 7.06 16.44
CA GLU A 283 -9.19 6.94 17.31
C GLU A 283 -8.97 5.52 17.81
N GLN A 284 -10.05 4.77 18.00
CA GLN A 284 -9.99 3.45 18.61
C GLN A 284 -11.00 2.53 17.93
N MET A 285 -10.56 1.31 17.61
CA MET A 285 -11.42 0.37 16.91
C MET A 285 -12.58 -0.06 17.79
N ALA A 286 -13.73 -0.29 17.15
CA ALA A 286 -14.99 -0.69 17.76
C ALA A 286 -15.57 0.37 18.69
N SER A 287 -14.98 1.56 18.75
CA SER A 287 -15.55 2.65 19.53
C SER A 287 -16.79 3.25 18.88
N TYR A 288 -17.08 2.86 17.63
CA TYR A 288 -18.21 3.39 16.87
C TYR A 288 -18.09 4.91 16.67
N PHE A 289 -16.87 5.36 16.40
CA PHE A 289 -16.64 6.74 15.99
C PHE A 289 -17.44 7.05 14.74
N GLY A 290 -18.38 7.99 14.86
CA GLY A 290 -19.31 8.30 13.80
C GLY A 290 -20.73 7.83 14.07
N HIS A 291 -20.99 7.27 15.25
CA HIS A 291 -22.34 6.87 15.61
C HIS A 291 -23.30 8.05 15.53
N SER A 292 -22.85 9.24 15.92
CA SER A 292 -23.64 10.44 15.87
C SER A 292 -22.78 11.61 15.44
N VAL A 293 -23.34 12.51 14.63
CA VAL A 293 -22.64 13.69 14.16
C VAL A 293 -23.56 14.89 14.36
N ALA A 294 -22.96 16.03 14.68
CA ALA A 294 -23.70 17.27 14.91
C ALA A 294 -22.90 18.44 14.34
N VAL A 295 -23.61 19.42 13.81
CA VAL A 295 -23.00 20.58 13.16
C VAL A 295 -23.58 21.84 13.77
N THR A 296 -22.70 22.68 14.32
CA THR A 296 -23.07 23.99 14.85
C THR A 296 -21.81 24.78 15.13
N ASP A 297 -21.90 26.10 14.99
CA ASP A 297 -20.79 26.99 15.30
C ASP A 297 -20.79 27.27 16.79
N VAL A 298 -19.85 26.66 17.52
CA VAL A 298 -19.84 26.76 18.97
C VAL A 298 -19.01 27.93 19.49
N ASN A 299 -18.05 28.42 18.71
CA ASN A 299 -17.15 29.48 19.17
C ASN A 299 -17.46 30.84 18.56
N GLY A 300 -18.63 30.99 17.95
CA GLY A 300 -19.09 32.32 17.52
C GLY A 300 -18.21 33.02 16.52
N ASP A 301 -17.66 32.29 15.56
CA ASP A 301 -16.90 32.89 14.48
C ASP A 301 -17.62 32.79 13.13
N GLY A 302 -18.86 32.29 13.12
CA GLY A 302 -19.62 32.15 11.89
C GLY A 302 -19.35 30.89 11.10
N ARG A 303 -18.31 30.14 11.45
CA ARG A 303 -17.94 28.93 10.72
C ARG A 303 -18.46 27.71 11.48
N HIS A 304 -19.26 26.91 10.80
CA HIS A 304 -19.82 25.70 11.41
C HIS A 304 -18.71 24.78 11.91
N ASP A 305 -18.90 24.25 13.11
CA ASP A 305 -17.97 23.30 13.70
C ASP A 305 -18.61 21.91 13.74
N LEU A 306 -17.76 20.90 13.90
CA LEU A 306 -18.18 19.51 13.82
C LEU A 306 -18.00 18.81 15.16
N LEU A 307 -19.01 18.04 15.55
CA LEU A 307 -18.96 17.21 16.74
C LEU A 307 -19.25 15.77 16.34
N VAL A 308 -18.44 14.83 16.85
CA VAL A 308 -18.55 13.43 16.51
C VAL A 308 -18.60 12.62 17.80
N GLY A 309 -19.52 11.66 17.86
CA GLY A 309 -19.67 10.81 19.03
C GLY A 309 -19.10 9.42 18.80
N ALA A 310 -18.40 8.91 19.81
CA ALA A 310 -17.86 7.55 19.81
C ALA A 310 -18.29 6.90 21.12
N PRO A 311 -19.53 6.40 21.19
CA PRO A 311 -20.09 6.00 22.49
C PRO A 311 -19.43 4.80 23.13
N LEU A 312 -18.64 4.01 22.39
CA LEU A 312 -18.02 2.82 22.93
C LEU A 312 -16.51 3.00 23.15
N TYR A 313 -16.02 4.24 23.16
CA TYR A 313 -14.60 4.47 23.38
C TYR A 313 -14.20 4.01 24.77
N MET A 314 -13.10 3.26 24.84
CA MET A 314 -12.59 2.71 26.10
C MET A 314 -11.43 3.59 26.58
N GLU A 315 -11.66 4.31 27.67
CA GLU A 315 -10.65 5.21 28.21
C GLU A 315 -9.55 4.41 28.91
N SER A 316 -8.31 4.87 28.73
CA SER A 316 -7.17 4.22 29.39
CA SER A 316 -7.16 4.23 29.38
C SER A 316 -7.13 4.62 30.86
N ARG A 317 -6.95 3.62 31.72
CA ARG A 317 -6.91 3.84 33.16
C ARG A 317 -5.72 3.10 33.75
N ALA A 318 -5.61 3.19 35.08
CA ALA A 318 -4.46 2.64 35.78
C ALA A 318 -4.36 1.14 35.58
N ASP A 319 -3.14 0.62 35.74
CA ASP A 319 -2.83 -0.81 35.68
C ASP A 319 -3.16 -1.39 34.31
N ARG A 320 -2.97 -0.60 33.25
CA ARG A 320 -3.12 -1.05 31.87
C ARG A 320 -4.53 -1.58 31.59
N LYS A 321 -5.53 -0.96 32.21
CA LYS A 321 -6.92 -1.40 32.08
C LYS A 321 -7.75 -0.34 31.36
N LEU A 322 -8.64 -0.81 30.49
CA LEU A 322 -9.53 0.04 29.71
C LEU A 322 -10.94 0.02 30.30
N ALA A 323 -11.69 1.09 30.03
CA ALA A 323 -13.04 1.25 30.58
C ALA A 323 -13.91 1.92 29.53
N GLU A 324 -14.91 1.20 29.03
CA GLU A 324 -15.84 1.75 28.06
C GLU A 324 -16.70 2.83 28.70
N VAL A 325 -16.59 4.06 28.17
CA VAL A 325 -17.31 5.20 28.75
C VAL A 325 -17.87 6.09 27.64
N GLY A 326 -17.26 6.06 26.45
CA GLY A 326 -17.67 6.90 25.37
C GLY A 326 -16.91 8.22 25.33
N ARG A 327 -16.92 8.84 24.14
CA ARG A 327 -16.15 10.06 23.93
C ARG A 327 -16.78 10.89 22.83
N VAL A 328 -16.64 12.21 22.95
CA VAL A 328 -17.08 13.17 21.94
C VAL A 328 -15.87 13.97 21.47
N TYR A 329 -15.83 14.26 20.17
CA TYR A 329 -14.74 14.98 19.54
C TYR A 329 -15.25 16.29 18.96
N LEU A 330 -14.50 17.37 19.19
CA LEU A 330 -14.85 18.70 18.69
C LEU A 330 -13.81 19.12 17.64
N PHE A 331 -14.28 19.44 16.44
CA PHE A 331 -13.44 19.92 15.36
C PHE A 331 -13.90 21.32 14.98
N LEU A 332 -13.04 22.31 15.19
CA LEU A 332 -13.33 23.69 14.83
C LEU A 332 -12.89 23.94 13.39
N GLN A 333 -13.78 24.54 12.60
CA GLN A 333 -13.46 24.80 11.20
C GLN A 333 -12.45 25.95 11.11
N PRO A 334 -11.33 25.76 10.41
CA PRO A 334 -10.34 26.83 10.30
C PRO A 334 -10.79 27.91 9.33
N ARG A 335 -10.14 29.06 9.45
CA ARG A 335 -10.48 30.22 8.63
C ARG A 335 -10.03 29.98 7.19
N GLY A 336 -10.98 30.10 6.26
CA GLY A 336 -10.68 29.94 4.86
C GLY A 336 -10.53 28.50 4.43
N PRO A 337 -10.06 28.28 3.21
CA PRO A 337 -9.92 26.91 2.70
C PRO A 337 -8.75 26.15 3.34
N HIS A 338 -9.04 25.41 4.41
CA HIS A 338 -8.02 24.63 5.09
C HIS A 338 -8.65 23.37 5.63
N ALA A 339 -7.80 22.37 5.87
CA ALA A 339 -8.26 21.07 6.35
C ALA A 339 -8.52 21.11 7.85
N LEU A 340 -9.57 20.40 8.27
CA LEU A 340 -9.87 20.25 9.69
C LEU A 340 -8.77 19.43 10.35
N GLY A 341 -8.02 20.05 11.26
CA GLY A 341 -6.89 19.40 11.89
C GLY A 341 -7.29 18.40 12.95
N ALA A 342 -6.46 18.32 14.00
CA ALA A 342 -6.73 17.45 15.12
C ALA A 342 -7.94 17.97 15.90
N PRO A 343 -8.54 17.15 16.75
CA PRO A 343 -9.65 17.63 17.58
C PRO A 343 -9.21 18.78 18.48
N SER A 344 -10.09 19.78 18.61
CA SER A 344 -9.81 20.90 19.50
C SER A 344 -10.09 20.55 20.96
N LEU A 345 -10.99 19.60 21.20
CA LEU A 345 -11.40 19.24 22.56
C LEU A 345 -11.90 17.81 22.58
N LEU A 346 -11.58 17.09 23.65
CA LEU A 346 -12.02 15.72 23.85
C LEU A 346 -12.85 15.65 25.13
N LEU A 347 -14.10 15.26 25.00
CA LEU A 347 -14.99 15.04 26.14
C LEU A 347 -15.19 13.55 26.31
N THR A 348 -14.87 13.04 27.51
CA THR A 348 -14.89 11.61 27.78
C THR A 348 -15.87 11.30 28.91
N GLY A 349 -16.61 10.22 28.74
CA GLY A 349 -17.57 9.81 29.76
C GLY A 349 -16.91 9.36 31.04
N THR A 350 -17.74 9.15 32.04
CA THR A 350 -17.29 8.74 33.37
CA THR A 350 -17.31 8.76 33.38
C THR A 350 -17.89 7.42 33.83
N GLN A 351 -19.17 7.19 33.57
CA GLN A 351 -19.83 5.97 34.01
C GLN A 351 -19.52 4.83 33.06
N LEU A 352 -19.16 3.67 33.62
CA LEU A 352 -18.88 2.49 32.81
C LEU A 352 -20.14 2.07 32.05
N TYR A 353 -19.97 1.79 30.76
CA TYR A 353 -21.06 1.40 29.86
C TYR A 353 -22.11 2.50 29.72
N GLY A 354 -21.77 3.74 30.07
CA GLY A 354 -22.72 4.83 29.98
C GLY A 354 -23.02 5.27 28.56
N ARG A 355 -22.10 5.01 27.63
CA ARG A 355 -22.26 5.36 26.23
C ARG A 355 -22.41 6.88 26.05
N PHE A 356 -21.52 7.62 26.71
CA PHE A 356 -21.42 9.05 26.52
C PHE A 356 -21.07 9.36 25.07
N GLY A 357 -21.90 10.18 24.43
CA GLY A 357 -21.73 10.48 23.03
C GLY A 357 -22.67 9.75 22.10
N SER A 358 -23.64 8.99 22.63
CA SER A 358 -24.59 8.29 21.78
C SER A 358 -25.43 9.27 20.97
N ALA A 359 -25.71 10.45 21.51
CA ALA A 359 -26.47 11.48 20.82
C ALA A 359 -25.89 12.84 21.17
N ILE A 360 -25.85 13.74 20.18
CA ILE A 360 -25.31 15.08 20.35
C ILE A 360 -26.28 16.06 19.70
N ALA A 361 -26.86 16.96 20.49
CA ALA A 361 -27.87 17.88 20.01
C ALA A 361 -27.38 19.32 20.14
N PRO A 362 -27.33 20.09 19.05
CA PRO A 362 -27.14 21.53 19.18
C PRO A 362 -28.31 22.17 19.92
N LEU A 363 -27.99 23.03 20.88
CA LEU A 363 -28.99 23.71 21.69
C LEU A 363 -29.24 25.15 21.24
N GLY A 364 -28.51 25.62 20.23
CA GLY A 364 -28.49 27.06 20.03
C GLY A 364 -27.73 27.71 21.17
N ASP A 365 -28.03 28.99 21.40
CA ASP A 365 -27.45 29.72 22.52
C ASP A 365 -28.42 29.61 23.70
N LEU A 366 -28.07 28.74 24.64
CA LEU A 366 -28.98 28.45 25.76
C LEU A 366 -28.98 29.58 26.78
N ASP A 367 -27.80 30.00 27.23
CA ASP A 367 -27.68 31.06 28.23
C ASP A 367 -27.61 32.45 27.63
N ARG A 368 -27.76 32.57 26.32
CA ARG A 368 -27.86 33.87 25.62
C ARG A 368 -26.61 34.71 25.84
N ASP A 369 -25.44 34.08 25.69
CA ASP A 369 -24.17 34.77 25.86
C ASP A 369 -23.45 35.03 24.55
N GLY A 370 -24.03 34.63 23.40
CA GLY A 370 -23.40 34.82 22.12
C GLY A 370 -22.66 33.61 21.58
N TYR A 371 -22.71 32.48 22.26
CA TYR A 371 -22.03 31.26 21.83
C TYR A 371 -23.02 30.11 21.87
N ASN A 372 -23.13 29.38 20.76
CA ASN A 372 -24.01 28.22 20.71
C ASN A 372 -23.47 27.10 21.60
N ASP A 373 -24.39 26.32 22.14
CA ASP A 373 -24.09 25.27 23.10
C ASP A 373 -24.64 23.94 22.60
N ILE A 374 -24.30 22.85 23.30
CA ILE A 374 -24.70 21.51 22.89
C ILE A 374 -25.12 20.70 24.12
N ALA A 375 -25.79 19.59 23.85
CA ALA A 375 -26.16 18.61 24.85
C ALA A 375 -25.66 17.24 24.40
N VAL A 376 -25.03 16.51 25.31
CA VAL A 376 -24.50 15.18 25.03
C VAL A 376 -25.23 14.18 25.93
N ALA A 377 -25.63 13.06 25.35
CA ALA A 377 -26.38 12.05 26.06
C ALA A 377 -25.49 10.88 26.47
N ALA A 378 -25.75 10.33 27.65
CA ALA A 378 -25.16 9.08 28.11
C ALA A 378 -26.33 8.21 28.56
N PRO A 379 -26.99 7.51 27.62
CA PRO A 379 -28.28 6.89 27.93
C PRO A 379 -28.23 5.85 29.04
N TYR A 380 -27.05 5.41 29.47
CA TYR A 380 -26.92 4.49 30.58
C TYR A 380 -25.89 5.00 31.59
N GLY A 381 -25.69 6.32 31.61
CA GLY A 381 -24.76 6.94 32.52
C GLY A 381 -25.40 7.35 33.83
N GLY A 382 -24.69 8.21 34.55
CA GLY A 382 -25.11 8.60 35.87
C GLY A 382 -24.74 7.55 36.90
N PRO A 383 -24.74 7.94 38.18
CA PRO A 383 -24.35 6.97 39.23
C PRO A 383 -25.28 5.77 39.30
N SER A 384 -26.54 5.93 38.89
CA SER A 384 -27.50 4.82 38.91
C SER A 384 -27.52 4.04 37.61
N GLY A 385 -26.94 4.57 36.53
CA GLY A 385 -27.04 3.93 35.24
C GLY A 385 -28.35 4.14 34.52
N ARG A 386 -29.21 5.01 35.03
CA ARG A 386 -30.51 5.29 34.40
C ARG A 386 -30.40 6.25 33.21
N GLY A 387 -29.29 6.96 33.06
CA GLY A 387 -29.12 7.86 31.94
C GLY A 387 -28.90 9.30 32.36
N GLN A 388 -28.11 10.03 31.57
CA GLN A 388 -27.79 11.42 31.86
C GLN A 388 -27.66 12.20 30.57
N VAL A 389 -27.98 13.49 30.63
CA VAL A 389 -27.77 14.44 29.54
C VAL A 389 -26.95 15.59 30.10
N LEU A 390 -25.82 15.88 29.44
CA LEU A 390 -24.86 16.86 29.92
C LEU A 390 -24.81 18.04 28.96
N VAL A 391 -24.88 19.26 29.51
CA VAL A 391 -24.87 20.48 28.73
C VAL A 391 -23.47 21.08 28.77
N PHE A 392 -22.90 21.34 27.59
CA PHE A 392 -21.62 22.01 27.47
C PHE A 392 -21.82 23.33 26.73
N LEU A 393 -21.30 24.41 27.30
CA LEU A 393 -21.51 25.74 26.76
C LEU A 393 -20.39 26.13 25.81
N GLY A 394 -20.74 26.92 24.80
CA GLY A 394 -19.75 27.42 23.87
C GLY A 394 -18.94 28.57 24.45
N GLN A 395 -17.79 28.80 23.84
CA GLN A 395 -16.89 29.86 24.26
C GLN A 395 -16.00 30.24 23.08
N SER A 396 -15.24 31.32 23.25
CA SER A 396 -14.44 31.85 22.15
C SER A 396 -13.43 30.83 21.62
N GLU A 397 -13.02 29.89 22.47
CA GLU A 397 -12.04 28.88 22.07
C GLU A 397 -12.68 27.53 21.75
N GLY A 398 -14.01 27.45 21.75
CA GLY A 398 -14.70 26.21 21.46
C GLY A 398 -15.78 25.89 22.46
N LEU A 399 -15.56 24.86 23.28
CA LEU A 399 -16.51 24.44 24.29
C LEU A 399 -15.84 24.37 25.65
N ARG A 400 -16.65 24.48 26.69
CA ARG A 400 -16.16 24.24 28.05
C ARG A 400 -15.87 22.77 28.25
N SER A 401 -14.76 22.46 28.92
CA SER A 401 -14.40 21.07 29.15
C SER A 401 -15.25 20.40 30.23
N ARG A 402 -15.93 21.19 31.06
CA ARG A 402 -16.80 20.66 32.10
C ARG A 402 -18.24 21.07 31.83
N PRO A 403 -19.21 20.23 32.19
CA PRO A 403 -20.61 20.55 31.89
C PRO A 403 -21.14 21.66 32.79
N SER A 404 -22.03 22.46 32.24
CA SER A 404 -22.70 23.51 33.00
C SER A 404 -23.95 23.02 33.71
N GLN A 405 -24.48 21.86 33.32
CA GLN A 405 -25.71 21.33 33.88
C GLN A 405 -25.80 19.86 33.50
N VAL A 406 -26.36 19.06 34.40
CA VAL A 406 -26.52 17.62 34.18
C VAL A 406 -27.97 17.26 34.46
N LEU A 407 -28.62 16.59 33.50
CA LEU A 407 -30.02 16.19 33.61
C LEU A 407 -30.08 14.69 33.89
N ASP A 408 -30.49 14.34 35.11
CA ASP A 408 -30.66 12.94 35.45
C ASP A 408 -32.01 12.43 34.97
N SER A 409 -32.03 11.18 34.52
CA SER A 409 -33.25 10.61 33.96
C SER A 409 -34.35 10.56 35.01
N PRO A 410 -35.55 11.09 34.72
CA PRO A 410 -36.68 10.91 35.62
C PRO A 410 -37.41 9.58 35.45
N PHE A 411 -36.93 8.72 34.56
CA PHE A 411 -37.58 7.47 34.20
C PHE A 411 -36.90 6.30 34.90
N PRO A 412 -37.54 5.11 34.91
CA PRO A 412 -36.89 3.95 35.53
C PRO A 412 -35.70 3.44 34.74
N THR A 413 -35.07 2.38 35.25
CA THR A 413 -33.93 1.78 34.57
C THR A 413 -34.35 1.20 33.22
N GLY A 414 -33.49 1.34 32.23
CA GLY A 414 -33.74 0.80 30.91
C GLY A 414 -34.54 1.68 29.99
N SER A 415 -34.80 2.93 30.37
CA SER A 415 -35.56 3.84 29.52
C SER A 415 -34.76 4.35 28.33
N ALA A 416 -33.43 4.20 28.35
CA ALA A 416 -32.55 4.76 27.32
C ALA A 416 -32.73 6.27 27.21
N PHE A 417 -32.86 6.92 28.36
CA PHE A 417 -33.04 8.37 28.44
C PHE A 417 -31.88 9.08 27.74
N GLY A 418 -32.21 9.84 26.70
CA GLY A 418 -31.20 10.55 25.93
C GLY A 418 -30.82 9.90 24.61
N PHE A 419 -31.33 8.68 24.33
CA PHE A 419 -31.02 8.02 23.08
C PHE A 419 -31.36 8.90 21.87
N SER A 420 -32.33 9.79 22.03
CA SER A 420 -32.69 10.77 21.00
C SER A 420 -32.77 12.14 21.64
N LEU A 421 -32.23 13.14 20.95
CA LEU A 421 -32.22 14.52 21.45
C LEU A 421 -32.58 15.47 20.33
N ARG A 422 -33.04 16.65 20.71
CA ARG A 422 -33.31 17.73 19.76
C ARG A 422 -33.50 19.05 20.51
N GLY A 423 -32.81 20.10 20.06
CA GLY A 423 -32.91 21.39 20.70
C GLY A 423 -32.95 22.56 19.74
N ALA A 424 -32.52 23.73 20.21
CA ALA A 424 -32.39 24.94 19.39
C ALA A 424 -33.74 25.43 18.88
N VAL A 425 -34.83 25.13 19.59
CA VAL A 425 -36.16 25.60 19.22
C VAL A 425 -36.89 26.03 20.48
N ASP A 426 -37.44 27.25 20.45
CA ASP A 426 -38.21 27.80 21.58
C ASP A 426 -39.67 27.37 21.43
N ILE A 427 -40.09 26.42 22.26
CA ILE A 427 -41.41 25.82 22.09
C ILE A 427 -42.50 26.58 22.85
N ASP A 428 -42.14 27.27 23.94
CA ASP A 428 -43.11 28.03 24.72
C ASP A 428 -43.05 29.53 24.45
N ASP A 429 -42.20 29.96 23.51
CA ASP A 429 -42.12 31.36 23.08
C ASP A 429 -41.75 32.27 24.24
N ASN A 430 -40.72 31.89 24.99
CA ASN A 430 -40.21 32.71 26.09
C ASN A 430 -38.86 33.34 25.77
N GLY A 431 -38.37 33.18 24.54
CA GLY A 431 -37.09 33.74 24.15
C GLY A 431 -35.89 32.89 24.44
N TYR A 432 -36.08 31.64 24.88
CA TYR A 432 -34.98 30.75 25.25
C TYR A 432 -35.18 29.41 24.55
N PRO A 433 -34.15 28.87 23.90
CA PRO A 433 -34.31 27.58 23.20
C PRO A 433 -34.37 26.42 24.17
N ASP A 434 -35.21 25.44 23.84
CA ASP A 434 -35.57 24.36 24.75
C ASP A 434 -35.07 23.02 24.21
N LEU A 435 -35.19 21.99 25.04
CA LEU A 435 -34.64 20.67 24.76
C LEU A 435 -35.71 19.61 24.97
N ILE A 436 -35.86 18.73 23.99
CA ILE A 436 -36.74 17.57 24.10
C ILE A 436 -35.88 16.31 24.11
N VAL A 437 -36.18 15.40 25.04
CA VAL A 437 -35.37 14.21 25.26
C VAL A 437 -36.28 12.99 25.16
N GLY A 438 -35.88 12.02 24.34
CA GLY A 438 -36.64 10.80 24.19
C GLY A 438 -36.13 9.69 25.08
N ALA A 439 -37.07 8.84 25.54
CA ALA A 439 -36.76 7.67 26.37
C ALA A 439 -37.64 6.54 25.86
N TYR A 440 -37.23 5.95 24.73
CA TYR A 440 -38.06 4.95 24.08
C TYR A 440 -38.26 3.71 24.95
N GLY A 441 -37.32 3.42 25.86
CA GLY A 441 -37.51 2.29 26.76
C GLY A 441 -38.69 2.48 27.69
N ALA A 442 -39.00 3.72 28.06
CA ALA A 442 -40.18 4.03 28.86
C ALA A 442 -41.34 4.56 28.01
N ASN A 443 -41.16 4.64 26.69
CA ASN A 443 -42.20 5.08 25.77
C ASN A 443 -42.67 6.50 26.09
N GLN A 444 -41.73 7.39 26.39
CA GLN A 444 -42.07 8.75 26.80
C GLN A 444 -41.05 9.74 26.25
N VAL A 445 -41.47 11.01 26.25
CA VAL A 445 -40.63 12.13 25.85
C VAL A 445 -40.70 13.19 26.94
N ALA A 446 -39.54 13.71 27.35
CA ALA A 446 -39.47 14.74 28.36
C ALA A 446 -39.05 16.06 27.72
N VAL A 447 -39.72 17.14 28.12
CA VAL A 447 -39.47 18.48 27.58
C VAL A 447 -38.85 19.31 28.69
N TYR A 448 -37.65 19.83 28.43
CA TYR A 448 -36.94 20.71 29.36
C TYR A 448 -37.01 22.13 28.83
N ARG A 449 -37.66 23.02 29.57
CA ARG A 449 -37.82 24.41 29.18
C ARG A 449 -36.67 25.24 29.74
N ALA A 450 -36.04 26.03 28.86
CA ALA A 450 -35.00 26.95 29.30
C ALA A 450 -35.63 28.18 29.93
N GLN A 451 -35.00 28.67 30.99
CA GLN A 451 -35.48 29.80 31.78
C GLN A 451 -34.37 30.83 31.88
N PRO A 452 -34.70 32.05 32.31
CA PRO A 452 -33.65 33.06 32.51
C PRO A 452 -32.57 32.58 33.46
N VAL A 453 -31.34 33.05 33.20
CA VAL A 453 -30.19 32.59 33.96
C VAL A 453 -30.27 33.09 35.40
N VAL A 454 -29.94 32.20 36.34
CA VAL A 454 -29.95 32.54 37.75
C VAL A 454 -28.52 32.68 38.27
N GLY B 1 22.19 13.52 72.48
CA GLY B 1 21.68 14.86 72.23
C GLY B 1 20.22 14.88 71.81
N PRO B 2 19.69 16.07 71.58
CA PRO B 2 18.28 16.18 71.18
C PRO B 2 18.07 15.71 69.75
N ASN B 3 16.85 15.22 69.48
CA ASN B 3 16.49 14.70 68.17
C ASN B 3 15.05 15.11 67.86
N ILE B 4 14.54 14.61 66.74
CA ILE B 4 13.18 14.94 66.32
C ILE B 4 12.15 14.44 67.32
N CYS B 5 12.48 13.42 68.12
CA CYS B 5 11.53 12.92 69.11
C CYS B 5 11.37 13.91 70.26
N THR B 6 12.46 14.52 70.72
CA THR B 6 12.40 15.48 71.82
C THR B 6 12.09 16.90 71.33
N THR B 7 12.77 17.34 70.27
CA THR B 7 12.60 18.71 69.79
C THR B 7 11.18 19.00 69.32
N ARG B 8 10.42 17.96 68.95
CA ARG B 8 9.01 18.17 68.58
C ARG B 8 8.17 18.55 69.79
N GLY B 9 8.56 18.11 70.98
CA GLY B 9 7.80 18.41 72.18
C GLY B 9 6.40 17.81 72.16
N VAL B 10 6.31 16.48 72.19
CA VAL B 10 5.02 15.82 72.12
C VAL B 10 4.30 15.92 73.46
N SER B 11 2.99 15.68 73.43
CA SER B 11 2.14 15.80 74.60
C SER B 11 1.66 14.47 75.15
N SER B 12 1.80 13.37 74.39
CA SER B 12 1.27 12.08 74.83
C SER B 12 2.07 10.96 74.19
N CYS B 13 1.76 9.73 74.62
CA CYS B 13 2.42 8.56 74.06
C CYS B 13 2.05 8.35 72.60
N GLN B 14 0.78 8.60 72.25
CA GLN B 14 0.34 8.43 70.87
C GLN B 14 1.01 9.44 69.95
N GLN B 15 1.12 10.70 70.39
CA GLN B 15 1.81 11.70 69.60
C GLN B 15 3.30 11.40 69.47
N CYS B 16 3.89 10.74 70.47
CA CYS B 16 5.31 10.44 70.42
C CYS B 16 5.63 9.44 69.32
N LEU B 17 4.84 8.37 69.22
CA LEU B 17 5.08 7.38 68.18
C LEU B 17 4.79 7.94 66.79
N ALA B 18 3.90 8.92 66.70
CA ALA B 18 3.56 9.53 65.41
C ALA B 18 4.66 10.42 64.86
N VAL B 19 5.67 10.75 65.66
CA VAL B 19 6.77 11.59 65.18
C VAL B 19 7.59 10.83 64.14
N SER B 20 8.15 9.69 64.55
CA SER B 20 9.05 8.93 63.69
C SER B 20 9.03 7.48 64.13
N PRO B 21 9.26 6.53 63.23
CA PRO B 21 9.30 5.11 63.63
C PRO B 21 10.39 4.79 64.64
N MET B 22 11.33 5.68 64.87
CA MET B 22 12.41 5.44 65.82
C MET B 22 12.11 5.93 67.22
N CYS B 23 11.07 6.74 67.42
CA CYS B 23 10.78 7.31 68.72
C CYS B 23 10.16 6.27 69.65
N ALA B 24 10.42 6.44 70.94
CA ALA B 24 9.86 5.58 71.97
C ALA B 24 9.36 6.45 73.12
N TRP B 25 8.48 5.87 73.93
CA TRP B 25 7.85 6.60 75.04
C TRP B 25 8.08 5.84 76.35
N CYS B 26 8.39 6.59 77.40
CA CYS B 26 8.62 6.05 78.73
C CYS B 26 7.45 6.44 79.62
N SER B 27 6.69 5.45 80.08
CA SER B 27 5.54 5.67 80.95
C SER B 27 5.89 5.58 82.42
N ASP B 28 7.17 5.66 82.77
CA ASP B 28 7.60 5.50 84.15
C ASP B 28 7.24 6.73 84.98
N GLU B 29 7.00 6.50 86.27
CA GLU B 29 6.72 7.60 87.19
C GLU B 29 8.00 8.32 87.60
N ALA B 30 9.01 7.56 88.06
CA ALA B 30 10.27 8.14 88.53
C ALA B 30 11.09 8.61 87.33
N LEU B 31 10.70 9.76 86.79
CA LEU B 31 11.40 10.37 85.66
C LEU B 31 11.58 11.85 85.95
N PRO B 32 12.79 12.40 85.75
CA PRO B 32 13.02 13.81 86.07
C PRO B 32 12.09 14.73 85.30
N LEU B 33 11.84 15.91 85.88
CA LEU B 33 10.95 16.88 85.25
C LEU B 33 11.51 17.39 83.93
N GLY B 34 12.81 17.69 83.89
CA GLY B 34 13.40 18.20 82.68
C GLY B 34 13.67 17.14 81.62
N SER B 35 13.78 15.88 82.02
CA SER B 35 14.08 14.82 81.06
C SER B 35 12.84 14.53 80.23
N PRO B 36 12.95 14.47 78.91
CA PRO B 36 11.80 14.15 78.08
C PRO B 36 11.47 12.67 78.09
N ARG B 37 10.18 12.38 77.90
CA ARG B 37 9.70 11.00 77.85
C ARG B 37 9.75 10.40 76.46
N CYS B 38 9.86 11.25 75.43
CA CYS B 38 9.83 10.81 74.03
C CYS B 38 11.25 10.94 73.48
N ASP B 39 11.95 9.81 73.38
CA ASP B 39 13.32 9.80 72.91
C ASP B 39 13.61 8.42 72.33
N LEU B 40 14.85 8.24 71.86
CA LEU B 40 15.28 6.93 71.40
C LEU B 40 15.23 5.92 72.54
N LYS B 41 14.96 4.66 72.19
CA LYS B 41 14.91 3.62 73.21
C LYS B 41 16.24 3.48 73.94
N GLU B 42 17.35 3.81 73.27
CA GLU B 42 18.65 3.77 73.93
C GLU B 42 18.77 4.89 74.96
N ASN B 43 18.27 6.09 74.64
CA ASN B 43 18.38 7.22 75.55
C ASN B 43 17.48 7.06 76.77
N LEU B 44 16.34 6.41 76.61
CA LEU B 44 15.44 6.20 77.74
C LEU B 44 16.05 5.24 78.76
N LEU B 45 16.52 4.09 78.29
CA LEU B 45 17.24 3.17 79.18
C LEU B 45 18.49 3.82 79.77
N LYS B 46 19.11 4.74 79.03
CA LYS B 46 20.25 5.47 79.55
C LYS B 46 19.88 6.35 80.74
N ASP B 47 18.66 6.89 80.73
CA ASP B 47 18.16 7.72 81.83
C ASP B 47 17.36 6.93 82.85
N ASN B 48 17.67 5.64 83.01
CA ASN B 48 17.09 4.81 84.07
C ASN B 48 15.57 4.68 83.92
N CYS B 49 15.09 4.56 82.70
CA CYS B 49 13.67 4.30 82.47
C CYS B 49 13.38 2.81 82.63
N ALA B 50 12.30 2.50 83.33
CA ALA B 50 11.92 1.12 83.57
C ALA B 50 11.66 0.42 82.24
N PRO B 51 12.33 -0.70 81.97
CA PRO B 51 12.15 -1.38 80.66
C PRO B 51 10.71 -1.78 80.38
N GLU B 52 9.93 -2.06 81.42
CA GLU B 52 8.53 -2.45 81.21
C GLU B 52 7.66 -1.26 80.81
N SER B 53 8.06 -0.04 81.16
CA SER B 53 7.29 1.16 80.84
C SER B 53 7.68 1.77 79.49
N ILE B 54 8.45 1.06 78.68
CA ILE B 54 8.91 1.58 77.40
C ILE B 54 7.95 1.12 76.31
N GLU B 55 7.32 2.08 75.64
CA GLU B 55 6.43 1.82 74.52
C GLU B 55 7.21 2.05 73.23
N PHE B 56 7.58 0.97 72.55
CA PHE B 56 8.37 1.05 71.32
C PHE B 56 7.97 -0.08 70.39
N PRO B 57 6.89 0.10 69.64
CA PRO B 57 6.51 -0.93 68.65
C PRO B 57 7.50 -1.00 67.51
N VAL B 58 7.61 -2.17 66.90
CA VAL B 58 8.52 -2.43 65.80
C VAL B 58 7.73 -3.04 64.65
N SER B 59 7.85 -2.44 63.47
CA SER B 59 7.18 -2.98 62.29
C SER B 59 7.79 -4.33 61.91
N GLU B 60 6.95 -5.35 61.79
CA GLU B 60 7.40 -6.70 61.52
C GLU B 60 6.54 -7.31 60.43
N ALA B 61 6.87 -8.55 60.04
CA ALA B 61 6.13 -9.27 59.00
C ALA B 61 6.40 -10.75 59.19
N ARG B 62 5.40 -11.49 59.67
CA ARG B 62 5.53 -12.91 59.93
C ARG B 62 4.50 -13.67 59.11
N VAL B 63 4.88 -14.86 58.66
CA VAL B 63 3.99 -15.68 57.84
C VAL B 63 3.01 -16.43 58.73
N LEU B 64 1.81 -16.66 58.21
CA LEU B 64 0.80 -17.48 58.85
C LEU B 64 0.53 -18.77 58.12
N GLU B 65 0.48 -18.73 56.79
CA GLU B 65 0.36 -19.91 55.95
C GLU B 65 1.52 -19.91 54.96
N ASP B 66 2.29 -20.99 54.94
CA ASP B 66 3.47 -21.09 54.10
C ASP B 66 3.55 -22.50 53.50
N ARG B 67 2.52 -22.88 52.76
CA ARG B 67 2.53 -24.17 52.08
C ARG B 67 3.63 -24.20 51.03
N PRO B 68 4.33 -25.32 50.87
CA PRO B 68 5.35 -25.40 49.83
C PRO B 68 4.71 -25.43 48.44
N LEU B 69 5.45 -24.89 47.48
CA LEU B 69 4.98 -24.90 46.09
C LEU B 69 4.93 -26.33 45.56
N SER B 70 3.84 -26.66 44.90
CA SER B 70 3.64 -28.02 44.40
C SER B 70 4.53 -28.29 43.20
N ASP B 71 5.13 -29.49 43.17
CA ASP B 71 5.91 -29.91 42.02
C ASP B 71 5.03 -30.41 40.88
N LYS B 72 3.81 -30.83 41.17
CA LYS B 72 2.91 -31.36 40.16
C LYS B 72 1.49 -30.87 40.41
N GLY B 73 0.85 -30.35 39.37
CA GLY B 73 -0.55 -30.00 39.46
C GLY B 73 -1.51 -31.16 39.26
N SER B 74 -0.98 -32.32 38.87
CA SER B 74 -1.80 -33.51 38.71
C SER B 74 -2.24 -34.05 40.07
N GLY B 75 -3.25 -34.91 40.02
CA GLY B 75 -3.78 -35.48 41.25
C GLY B 75 -4.40 -34.43 42.15
N ASP B 76 -4.74 -34.89 43.36
CA ASP B 76 -5.33 -34.07 44.41
C ASP B 76 -6.71 -33.54 44.04
N SER B 77 -7.50 -33.19 45.06
CA SER B 77 -8.74 -32.46 44.83
C SER B 77 -8.49 -30.95 44.82
N SER B 78 -7.54 -30.54 43.98
CA SER B 78 -7.10 -29.15 43.86
C SER B 78 -6.46 -28.66 45.15
N GLN B 79 -5.58 -29.49 45.72
CA GLN B 79 -4.70 -29.08 46.82
C GLN B 79 -3.35 -28.62 46.28
N VAL B 80 -3.35 -27.95 45.13
CA VAL B 80 -2.13 -27.51 44.47
C VAL B 80 -1.79 -26.11 44.93
N THR B 81 -0.53 -25.89 45.29
CA THR B 81 -0.06 -24.60 45.76
C THR B 81 0.75 -23.93 44.65
N GLN B 82 0.23 -22.82 44.14
CA GLN B 82 0.93 -22.04 43.12
C GLN B 82 1.59 -20.78 43.67
N VAL B 83 1.19 -20.31 44.85
CA VAL B 83 1.72 -19.10 45.45
C VAL B 83 2.16 -19.42 46.87
N SER B 84 3.33 -18.90 47.26
CA SER B 84 3.85 -19.11 48.59
C SER B 84 4.60 -17.85 49.03
N PRO B 85 4.34 -17.33 50.24
CA PRO B 85 3.33 -17.84 51.17
C PRO B 85 1.90 -17.49 50.77
N GLN B 86 0.93 -18.10 51.43
CA GLN B 86 -0.48 -17.86 51.12
C GLN B 86 -1.11 -16.81 52.03
N ARG B 87 -0.52 -16.54 53.18
CA ARG B 87 -1.06 -15.58 54.12
C ARG B 87 0.05 -15.13 55.07
N ILE B 88 0.13 -13.81 55.31
CA ILE B 88 1.11 -13.25 56.21
C ILE B 88 0.44 -12.18 57.07
N ALA B 89 1.04 -11.91 58.22
CA ALA B 89 0.60 -10.87 59.13
C ALA B 89 1.58 -9.71 59.08
N LEU B 90 1.08 -8.51 58.82
CA LEU B 90 1.89 -7.32 58.64
C LEU B 90 1.52 -6.30 59.71
N ARG B 91 2.53 -5.78 60.41
CA ARG B 91 2.34 -4.78 61.45
C ARG B 91 3.16 -3.55 61.11
N LEU B 92 2.53 -2.38 61.19
CA LEU B 92 3.16 -1.12 60.79
C LEU B 92 2.78 -0.01 61.77
N ARG B 93 3.78 0.77 62.16
CA ARG B 93 3.59 1.99 62.93
C ARG B 93 3.62 3.20 62.00
N PRO B 94 3.11 4.36 62.44
CA PRO B 94 2.89 5.48 61.51
C PRO B 94 4.13 5.85 60.70
N ASP B 95 3.91 6.07 59.40
CA ASP B 95 4.93 6.56 58.47
C ASP B 95 6.10 5.60 58.32
N ASP B 96 5.95 4.37 58.77
CA ASP B 96 6.99 3.35 58.66
C ASP B 96 6.71 2.43 57.48
N SER B 97 7.66 1.55 57.20
CA SER B 97 7.54 0.62 56.09
C SER B 97 8.21 -0.70 56.44
N LYS B 98 7.56 -1.80 56.01
CA LYS B 98 8.10 -3.15 56.18
C LYS B 98 8.00 -3.89 54.85
N ASN B 99 8.87 -4.89 54.67
CA ASN B 99 8.94 -5.64 53.43
C ASN B 99 8.58 -7.10 53.65
N PHE B 100 8.31 -7.78 52.53
CA PHE B 100 8.05 -9.21 52.50
C PHE B 100 8.23 -9.70 51.07
N SER B 101 8.14 -11.01 50.89
CA SER B 101 8.36 -11.63 49.60
C SER B 101 7.17 -12.51 49.23
N ILE B 102 7.17 -12.94 47.97
CA ILE B 102 6.14 -13.83 47.45
C ILE B 102 6.74 -14.64 46.30
N GLN B 103 6.39 -15.93 46.26
CA GLN B 103 6.84 -16.83 45.21
C GLN B 103 5.66 -17.29 44.37
N VAL B 104 5.88 -17.38 43.06
CA VAL B 104 4.87 -17.82 42.11
C VAL B 104 5.51 -18.85 41.18
N ARG B 105 4.81 -19.97 40.98
CA ARG B 105 5.31 -21.05 40.15
C ARG B 105 4.25 -21.42 39.12
N GLN B 106 4.67 -21.57 37.86
CA GLN B 106 3.83 -22.13 36.81
C GLN B 106 3.90 -23.64 36.93
N VAL B 107 2.98 -24.21 37.71
CA VAL B 107 3.05 -25.60 38.09
C VAL B 107 2.96 -26.50 36.86
N GLU B 108 3.70 -27.61 36.90
CA GLU B 108 3.73 -28.57 35.81
C GLU B 108 2.58 -29.56 35.96
N ASP B 109 2.04 -30.00 34.82
CA ASP B 109 0.95 -30.97 34.74
C ASP B 109 -0.32 -30.43 35.40
N TYR B 110 -0.71 -29.22 35.01
CA TYR B 110 -1.93 -28.58 35.48
C TYR B 110 -3.08 -28.86 34.51
N PRO B 111 -4.27 -29.15 35.03
CA PRO B 111 -5.39 -29.49 34.15
C PRO B 111 -5.75 -28.35 33.20
N VAL B 112 -6.32 -28.72 32.05
CA VAL B 112 -6.59 -27.79 30.97
C VAL B 112 -7.97 -28.06 30.39
N ASP B 113 -8.78 -27.00 30.25
CA ASP B 113 -10.04 -27.04 29.51
C ASP B 113 -9.87 -26.32 28.19
N ILE B 114 -10.37 -26.92 27.12
CA ILE B 114 -10.29 -26.36 25.77
C ILE B 114 -11.66 -26.46 25.13
N TYR B 115 -12.33 -25.33 24.97
CA TYR B 115 -13.63 -25.26 24.31
C TYR B 115 -13.42 -24.71 22.90
N TYR B 116 -13.78 -25.52 21.90
CA TYR B 116 -13.54 -25.19 20.50
C TYR B 116 -14.78 -24.49 19.95
N LEU B 117 -14.71 -23.16 19.82
CA LEU B 117 -15.81 -22.35 19.32
C LEU B 117 -15.52 -22.02 17.85
N MET B 118 -16.33 -22.57 16.96
CA MET B 118 -16.00 -22.64 15.54
C MET B 118 -17.02 -21.88 14.70
N ASP B 119 -16.51 -21.02 13.82
CA ASP B 119 -17.32 -20.44 12.75
C ASP B 119 -17.80 -21.56 11.83
N LEU B 120 -19.10 -21.62 11.61
CA LEU B 120 -19.69 -22.61 10.70
C LEU B 120 -20.50 -21.93 9.60
N SER B 121 -20.08 -20.75 9.16
CA SER B 121 -20.62 -20.18 7.94
C SER B 121 -20.08 -20.96 6.74
N TYR B 122 -20.55 -20.60 5.54
CA TYR B 122 -20.37 -21.48 4.39
C TYR B 122 -18.90 -21.64 4.00
N SER B 123 -18.06 -20.65 4.31
CA SER B 123 -16.65 -20.73 3.93
C SER B 123 -15.83 -21.67 4.81
N MET B 124 -16.41 -22.15 5.90
CA MET B 124 -15.75 -23.09 6.81
C MET B 124 -16.13 -24.53 6.52
N LYS B 125 -16.70 -24.80 5.34
CA LYS B 125 -17.06 -26.17 4.97
C LYS B 125 -15.83 -27.05 4.84
N ASP B 126 -14.79 -26.53 4.20
N ASP B 126 -14.78 -26.54 4.20
CA ASP B 126 -13.52 -27.24 4.09
CA ASP B 126 -13.54 -27.32 4.10
C ASP B 126 -12.90 -27.47 5.46
C ASP B 126 -12.85 -27.46 5.45
N ASP B 127 -13.07 -26.51 6.37
CA ASP B 127 -12.44 -26.58 7.68
C ASP B 127 -13.03 -27.70 8.52
N LEU B 128 -14.34 -27.96 8.38
CA LEU B 128 -14.97 -29.03 9.14
C LEU B 128 -14.38 -30.39 8.80
N TRP B 129 -13.99 -30.60 7.55
CA TRP B 129 -13.50 -31.90 7.13
C TRP B 129 -12.12 -32.21 7.70
N SER B 130 -11.31 -31.17 7.95
CA SER B 130 -9.95 -31.39 8.40
C SER B 130 -9.83 -31.64 9.90
N ILE B 131 -10.82 -31.22 10.68
CA ILE B 131 -10.77 -31.36 12.13
C ILE B 131 -11.59 -32.55 12.62
N GLN B 132 -11.92 -33.49 11.73
CA GLN B 132 -12.71 -34.65 12.14
C GLN B 132 -11.95 -35.58 13.07
N ASN B 133 -10.62 -35.49 13.10
CA ASN B 133 -9.79 -36.26 14.02
C ASN B 133 -9.06 -35.38 15.02
N LEU B 134 -9.43 -34.09 15.10
CA LEU B 134 -8.71 -33.16 15.96
C LEU B 134 -8.74 -33.58 17.42
N GLY B 135 -9.87 -34.13 17.87
CA GLY B 135 -10.00 -34.47 19.29
C GLY B 135 -8.96 -35.47 19.75
N THR B 136 -8.75 -36.54 18.97
CA THR B 136 -7.74 -37.52 19.33
C THR B 136 -6.32 -37.01 19.07
N LYS B 137 -6.14 -36.28 17.96
CA LYS B 137 -4.84 -35.69 17.69
C LYS B 137 -4.45 -34.69 18.77
N LEU B 138 -5.39 -33.84 19.19
CA LEU B 138 -5.12 -32.88 20.25
C LEU B 138 -4.85 -33.56 21.58
N ALA B 139 -5.52 -34.68 21.84
CA ALA B 139 -5.27 -35.42 23.08
C ALA B 139 -3.85 -35.98 23.12
N THR B 140 -3.34 -36.43 21.98
CA THR B 140 -2.00 -37.01 21.95
C THR B 140 -0.94 -35.98 22.29
N GLN B 141 -1.07 -34.76 21.77
CA GLN B 141 -0.05 -33.73 21.99
C GLN B 141 -0.16 -33.10 23.37
N MET B 142 -1.38 -32.81 23.81
CA MET B 142 -1.57 -32.23 25.15
C MET B 142 -1.22 -33.21 26.25
N ARG B 143 -1.23 -34.51 25.96
CA ARG B 143 -0.83 -35.52 26.95
C ARG B 143 0.59 -35.30 27.43
N LYS B 144 1.45 -34.70 26.60
CA LYS B 144 2.81 -34.40 26.99
C LYS B 144 2.90 -33.26 28.01
N LEU B 145 1.84 -32.47 28.13
CA LEU B 145 1.83 -31.31 29.03
C LEU B 145 0.89 -31.45 30.22
N THR B 146 -0.18 -32.23 30.07
CA THR B 146 -1.15 -32.39 31.14
C THR B 146 -1.76 -33.78 31.08
N SER B 147 -2.22 -34.26 32.24
CA SER B 147 -2.90 -35.54 32.35
C SER B 147 -4.41 -35.38 32.59
N ASN B 148 -4.90 -34.15 32.75
CA ASN B 148 -6.31 -33.87 32.95
C ASN B 148 -6.75 -32.89 31.86
N LEU B 149 -7.14 -33.43 30.71
CA LEU B 149 -7.59 -32.64 29.57
C LEU B 149 -9.08 -32.89 29.34
N ARG B 150 -9.83 -31.80 29.21
CA ARG B 150 -11.23 -31.86 28.80
C ARG B 150 -11.42 -30.94 27.59
N ILE B 151 -12.26 -31.37 26.65
CA ILE B 151 -12.50 -30.60 25.43
C ILE B 151 -13.99 -30.55 25.14
N GLY B 152 -14.43 -29.45 24.52
CA GLY B 152 -15.81 -29.29 24.12
C GLY B 152 -15.89 -28.52 22.81
N PHE B 153 -17.10 -28.39 22.30
CA PHE B 153 -17.30 -27.82 20.96
C PHE B 153 -18.55 -26.95 20.93
N GLY B 154 -18.42 -25.79 20.30
CA GLY B 154 -19.55 -24.94 20.01
C GLY B 154 -19.42 -24.36 18.62
N ALA B 155 -20.53 -23.83 18.11
CA ALA B 155 -20.59 -23.34 16.75
C ALA B 155 -21.47 -22.10 16.66
N PHE B 156 -21.14 -21.24 15.69
CA PHE B 156 -21.88 -20.00 15.49
C PHE B 156 -21.90 -19.67 14.00
N VAL B 157 -22.86 -18.82 13.63
CA VAL B 157 -22.90 -18.21 12.30
C VAL B 157 -23.13 -16.72 12.47
N ASP B 158 -24.40 -16.32 12.58
CA ASP B 158 -24.77 -14.92 12.72
C ASP B 158 -26.21 -14.88 13.22
N LYS B 159 -26.69 -13.67 13.52
CA LYS B 159 -28.04 -13.50 14.04
C LYS B 159 -29.06 -13.95 13.00
N PRO B 160 -29.84 -15.00 13.27
CA PRO B 160 -30.79 -15.47 12.26
C PRO B 160 -31.96 -14.52 12.06
N VAL B 161 -31.71 -13.42 11.36
CA VAL B 161 -32.73 -12.40 11.12
C VAL B 161 -32.29 -11.57 9.93
N SER B 162 -33.26 -11.10 9.15
CA SER B 162 -32.97 -10.19 8.06
C SER B 162 -32.28 -8.94 8.61
N PRO B 163 -31.30 -8.37 7.89
CA PRO B 163 -30.82 -8.77 6.57
C PRO B 163 -29.71 -9.82 6.57
N TYR B 164 -29.24 -10.23 7.75
CA TYR B 164 -28.20 -11.25 7.80
C TYR B 164 -28.68 -12.57 7.20
N MET B 165 -29.97 -12.86 7.34
CA MET B 165 -30.54 -14.14 6.94
C MET B 165 -31.36 -13.98 5.67
N TYR B 166 -31.21 -14.94 4.75
CA TYR B 166 -32.09 -15.00 3.59
C TYR B 166 -33.48 -15.43 4.03
N ILE B 167 -34.49 -14.64 3.65
CA ILE B 167 -35.86 -14.88 4.10
C ILE B 167 -36.81 -15.11 2.94
N SER B 168 -36.28 -15.44 1.75
CA SER B 168 -37.14 -15.71 0.60
C SER B 168 -36.38 -16.56 -0.39
N PRO B 169 -37.01 -17.55 -1.03
CA PRO B 169 -38.39 -18.04 -0.85
C PRO B 169 -38.53 -18.80 0.48
N PRO B 170 -39.74 -19.28 0.82
CA PRO B 170 -39.89 -20.09 2.03
C PRO B 170 -38.91 -21.25 2.10
N GLU B 171 -38.49 -21.79 0.96
CA GLU B 171 -37.49 -22.85 0.95
C GLU B 171 -36.16 -22.40 1.55
N ALA B 172 -35.81 -21.12 1.38
CA ALA B 172 -34.52 -20.63 1.85
C ALA B 172 -34.40 -20.65 3.36
N LEU B 173 -35.51 -20.64 4.10
CA LEU B 173 -35.43 -20.68 5.55
C LEU B 173 -35.04 -22.06 6.05
N GLU B 174 -35.61 -23.11 5.47
CA GLU B 174 -35.20 -24.47 5.82
C GLU B 174 -33.87 -24.86 5.19
N ASN B 175 -33.53 -24.25 4.05
CA ASN B 175 -32.29 -24.56 3.34
C ASN B 175 -31.77 -23.29 2.69
N PRO B 176 -30.90 -22.56 3.37
CA PRO B 176 -30.34 -21.33 2.79
C PRO B 176 -29.58 -21.56 1.50
N CYS B 177 -29.08 -22.78 1.27
CA CYS B 177 -28.34 -23.12 0.06
C CYS B 177 -29.25 -23.62 -1.07
N TYR B 178 -30.50 -23.15 -1.11
CA TYR B 178 -31.45 -23.66 -2.10
C TYR B 178 -31.07 -23.22 -3.51
N ASP B 179 -30.66 -21.95 -3.67
CA ASP B 179 -30.39 -21.42 -5.00
C ASP B 179 -29.12 -21.98 -5.61
N MET B 180 -28.30 -22.65 -4.81
CA MET B 180 -27.14 -23.38 -5.30
C MET B 180 -27.57 -24.83 -5.56
N LYS B 181 -26.62 -25.76 -5.59
CA LYS B 181 -26.92 -27.16 -5.85
C LYS B 181 -26.52 -28.03 -4.66
N THR B 182 -26.74 -27.53 -3.45
CA THR B 182 -26.41 -28.26 -2.23
C THR B 182 -27.48 -27.98 -1.18
N THR B 183 -27.27 -28.55 0.01
CA THR B 183 -28.13 -28.32 1.17
C THR B 183 -27.26 -27.92 2.35
N CYS B 184 -27.74 -26.96 3.15
CA CYS B 184 -27.07 -26.57 4.37
C CYS B 184 -28.11 -26.37 5.46
N LEU B 185 -27.63 -26.28 6.70
CA LEU B 185 -28.50 -26.14 7.84
C LEU B 185 -29.22 -24.80 7.83
N PRO B 186 -30.40 -24.72 8.44
CA PRO B 186 -31.00 -23.40 8.69
C PRO B 186 -30.06 -22.53 9.52
N MET B 187 -30.23 -21.23 9.38
N MET B 187 -30.23 -21.22 9.37
CA MET B 187 -29.32 -20.30 10.06
CA MET B 187 -29.39 -20.27 10.09
C MET B 187 -29.54 -20.34 11.57
C MET B 187 -29.54 -20.45 11.60
N PHE B 188 -28.44 -20.26 12.31
CA PHE B 188 -28.47 -20.31 13.77
C PHE B 188 -27.42 -19.34 14.30
N GLY B 189 -27.75 -18.67 15.41
CA GLY B 189 -26.84 -17.73 16.02
C GLY B 189 -25.65 -18.42 16.67
N TYR B 190 -25.90 -19.11 17.78
CA TYR B 190 -24.87 -19.88 18.47
C TYR B 190 -25.53 -21.10 19.10
N LYS B 191 -24.87 -22.25 18.97
CA LYS B 191 -25.38 -23.47 19.58
C LYS B 191 -24.25 -24.21 20.28
N HIS B 192 -24.50 -24.60 21.52
CA HIS B 192 -23.60 -25.47 22.26
C HIS B 192 -23.79 -26.90 21.78
N VAL B 193 -22.69 -27.60 21.54
CA VAL B 193 -22.71 -28.95 20.96
C VAL B 193 -22.21 -29.99 21.97
N LEU B 194 -21.04 -29.75 22.55
CA LEU B 194 -20.39 -30.74 23.41
C LEU B 194 -19.87 -30.07 24.67
N THR B 195 -20.38 -30.49 25.82
CA THR B 195 -19.84 -30.04 27.09
C THR B 195 -18.41 -30.56 27.27
N LEU B 196 -17.60 -29.78 27.98
CA LEU B 196 -16.22 -30.17 28.26
C LEU B 196 -16.16 -31.56 28.88
N THR B 197 -15.42 -32.46 28.23
CA THR B 197 -15.34 -33.83 28.68
C THR B 197 -13.95 -34.38 28.34
N ASP B 198 -13.52 -35.38 29.12
CA ASP B 198 -12.25 -36.04 28.88
C ASP B 198 -12.36 -37.16 27.86
N GLN B 199 -13.56 -37.47 27.37
CA GLN B 199 -13.76 -38.50 26.36
C GLN B 199 -13.63 -37.85 24.98
N VAL B 200 -12.39 -37.83 24.47
CA VAL B 200 -12.09 -37.05 23.28
C VAL B 200 -12.75 -37.61 22.03
N THR B 201 -13.11 -38.90 22.01
CA THR B 201 -13.80 -39.45 20.86
C THR B 201 -15.20 -38.86 20.69
N ARG B 202 -15.78 -38.34 21.78
CA ARG B 202 -17.03 -37.61 21.65
C ARG B 202 -16.86 -36.35 20.81
N PHE B 203 -15.70 -35.70 20.90
CA PHE B 203 -15.42 -34.54 20.06
C PHE B 203 -15.41 -34.93 18.58
N ASN B 204 -14.71 -36.00 18.25
CA ASN B 204 -14.62 -36.44 16.85
C ASN B 204 -15.99 -36.73 16.27
N GLU B 205 -16.79 -37.53 16.97
CA GLU B 205 -18.07 -37.95 16.42
C GLU B 205 -19.08 -36.81 16.36
N GLU B 206 -19.02 -35.87 17.31
CA GLU B 206 -19.89 -34.70 17.23
C GLU B 206 -19.52 -33.81 16.05
N VAL B 207 -18.21 -33.65 15.80
CA VAL B 207 -17.76 -32.85 14.67
C VAL B 207 -18.21 -33.48 13.36
N LYS B 208 -18.12 -34.81 13.27
CA LYS B 208 -18.47 -35.50 12.03
C LYS B 208 -19.95 -35.38 11.69
N LYS B 209 -20.79 -34.99 12.65
CA LYS B 209 -22.20 -34.76 12.39
C LYS B 209 -22.53 -33.28 12.19
N GLN B 210 -21.55 -32.40 12.36
CA GLN B 210 -21.77 -30.98 12.15
C GLN B 210 -21.73 -30.62 10.67
N SER B 211 -22.43 -29.55 10.32
CA SER B 211 -22.41 -29.03 8.95
C SER B 211 -22.59 -27.52 9.01
N VAL B 212 -22.27 -26.87 7.89
CA VAL B 212 -22.26 -25.41 7.83
C VAL B 212 -23.63 -24.87 7.47
N SER B 213 -23.83 -23.57 7.68
CA SER B 213 -25.02 -22.87 7.22
C SER B 213 -24.61 -21.82 6.19
N ARG B 214 -25.44 -20.79 6.00
CA ARG B 214 -25.14 -19.75 5.02
C ARG B 214 -25.90 -18.49 5.36
N ASN B 215 -25.20 -17.36 5.42
CA ASN B 215 -25.80 -16.06 5.67
C ASN B 215 -25.31 -15.08 4.62
N ARG B 216 -25.81 -13.85 4.69
CA ARG B 216 -25.63 -12.89 3.60
C ARG B 216 -24.37 -12.03 3.75
N ASP B 217 -24.11 -11.50 4.94
CA ASP B 217 -23.04 -10.53 5.12
C ASP B 217 -21.80 -11.17 5.73
N ALA B 218 -20.64 -10.75 5.22
CA ALA B 218 -19.36 -11.33 5.62
C ALA B 218 -19.10 -11.29 7.13
N PRO B 219 -19.33 -10.19 7.85
CA PRO B 219 -19.12 -10.22 9.30
C PRO B 219 -20.06 -11.22 9.96
N GLU B 220 -19.58 -11.89 11.00
CA GLU B 220 -20.34 -12.94 11.65
C GLU B 220 -20.49 -12.67 13.13
N GLY B 221 -21.43 -13.38 13.75
CA GLY B 221 -21.79 -13.14 15.13
C GLY B 221 -21.02 -13.99 16.13
N GLY B 222 -19.70 -14.08 15.95
CA GLY B 222 -18.90 -14.87 16.86
C GLY B 222 -18.78 -14.27 18.24
N PHE B 223 -18.84 -12.94 18.34
CA PHE B 223 -18.75 -12.30 19.65
C PHE B 223 -19.96 -12.63 20.53
N ASP B 224 -21.12 -12.84 19.91
CA ASP B 224 -22.26 -13.39 20.65
C ASP B 224 -21.90 -14.72 21.29
N ALA B 225 -21.20 -15.58 20.54
CA ALA B 225 -20.88 -16.91 21.04
C ALA B 225 -19.81 -16.87 22.12
N ILE B 226 -18.82 -15.98 21.97
CA ILE B 226 -17.80 -15.83 23.00
C ILE B 226 -18.42 -15.45 24.34
N MET B 227 -19.40 -14.54 24.30
CA MET B 227 -20.06 -14.12 25.53
C MET B 227 -20.79 -15.29 26.19
N GLN B 228 -21.53 -16.07 25.39
CA GLN B 228 -22.31 -17.17 25.96
C GLN B 228 -21.41 -18.31 26.42
N ALA B 229 -20.36 -18.62 25.66
CA ALA B 229 -19.41 -19.65 26.08
C ALA B 229 -18.68 -19.27 27.36
N THR B 230 -18.65 -17.99 27.71
CA THR B 230 -17.97 -17.52 28.90
C THR B 230 -18.88 -17.53 30.13
N VAL B 231 -20.09 -16.98 30.00
CA VAL B 231 -20.98 -16.80 31.15
C VAL B 231 -21.87 -18.00 31.43
N CYS B 232 -21.99 -18.94 30.50
CA CYS B 232 -22.76 -20.17 30.74
C CYS B 232 -21.83 -21.23 31.31
N ASP B 233 -21.41 -21.00 32.56
CA ASP B 233 -20.40 -21.85 33.19
C ASP B 233 -20.82 -23.30 33.22
N GLU B 234 -22.02 -23.58 33.76
CA GLU B 234 -22.44 -24.95 33.98
C GLU B 234 -22.62 -25.70 32.67
N LYS B 235 -23.12 -25.03 31.63
CA LYS B 235 -23.40 -25.72 30.37
C LYS B 235 -22.11 -26.07 29.63
N ILE B 236 -21.22 -25.10 29.48
CA ILE B 236 -19.94 -25.39 28.83
C ILE B 236 -19.11 -26.35 29.68
N GLY B 237 -19.14 -26.16 31.00
CA GLY B 237 -18.51 -27.08 31.91
C GLY B 237 -17.11 -26.73 32.37
N TRP B 238 -16.76 -25.45 32.41
CA TRP B 238 -15.44 -25.05 32.90
C TRP B 238 -15.22 -25.57 34.31
N ARG B 239 -14.01 -26.10 34.55
CA ARG B 239 -13.64 -26.57 35.87
C ARG B 239 -13.02 -25.43 36.69
N ASN B 240 -13.19 -25.51 38.00
CA ASN B 240 -12.75 -24.43 38.88
C ASN B 240 -11.23 -24.30 38.89
N ASP B 241 -10.53 -25.43 38.99
CA ASP B 241 -9.08 -25.44 39.09
C ASP B 241 -8.50 -26.04 37.82
N ALA B 242 -8.45 -25.23 36.77
CA ALA B 242 -7.89 -25.63 35.49
C ALA B 242 -7.71 -24.40 34.62
N SER B 243 -6.79 -24.51 33.66
CA SER B 243 -6.62 -23.46 32.67
C SER B 243 -7.75 -23.52 31.65
N HIS B 244 -8.35 -22.37 31.37
CA HIS B 244 -9.51 -22.27 30.48
C HIS B 244 -9.07 -21.65 29.17
N LEU B 245 -9.04 -22.45 28.11
CA LEU B 245 -8.71 -21.99 26.77
C LEU B 245 -9.97 -21.98 25.92
N LEU B 246 -10.32 -20.81 25.40
CA LEU B 246 -11.47 -20.65 24.51
C LEU B 246 -10.91 -20.36 23.11
N VAL B 247 -10.98 -21.37 22.24
CA VAL B 247 -10.40 -21.28 20.91
C VAL B 247 -11.48 -20.78 19.94
N PHE B 248 -11.20 -19.65 19.29
CA PHE B 248 -12.15 -18.96 18.42
C PHE B 248 -11.60 -18.98 17.01
N THR B 249 -12.21 -19.76 16.13
CA THR B 249 -11.76 -19.92 14.75
C THR B 249 -12.75 -19.27 13.80
N THR B 250 -12.25 -18.40 12.93
CA THR B 250 -13.08 -17.77 11.91
C THR B 250 -12.18 -17.33 10.77
N ASP B 251 -12.80 -17.01 9.63
CA ASP B 251 -12.07 -16.52 8.46
C ASP B 251 -12.65 -15.20 7.94
N ALA B 252 -13.31 -14.43 8.80
CA ALA B 252 -14.00 -13.23 8.36
C ALA B 252 -13.97 -12.20 9.48
N LYS B 253 -14.42 -10.98 9.14
CA LYS B 253 -14.62 -9.94 10.13
C LYS B 253 -15.74 -10.35 11.10
N THR B 254 -15.88 -9.59 12.18
CA THR B 254 -16.85 -9.90 13.22
C THR B 254 -17.74 -8.70 13.47
N HIS B 255 -18.99 -8.99 13.84
CA HIS B 255 -19.92 -7.96 14.27
C HIS B 255 -19.58 -7.52 15.68
N ILE B 256 -19.82 -6.23 15.96
CA ILE B 256 -19.52 -5.63 17.24
C ILE B 256 -20.80 -4.97 17.76
N ALA B 257 -20.70 -4.45 18.99
CA ALA B 257 -21.84 -3.77 19.59
C ALA B 257 -22.27 -2.59 18.73
N LEU B 258 -23.58 -2.37 18.67
CA LEU B 258 -24.30 -1.35 17.90
C LEU B 258 -24.43 -1.72 16.43
N ASP B 259 -23.84 -2.85 15.98
CA ASP B 259 -24.12 -3.34 14.63
C ASP B 259 -25.54 -3.85 14.51
N GLY B 260 -26.11 -4.37 15.60
CA GLY B 260 -27.42 -5.01 15.55
C GLY B 260 -28.55 -4.09 15.17
N ARG B 261 -28.34 -2.78 15.16
CA ARG B 261 -29.38 -1.84 14.78
C ARG B 261 -29.80 -2.00 13.32
N LEU B 262 -28.94 -2.57 12.47
CA LEU B 262 -29.34 -2.87 11.10
C LEU B 262 -30.34 -4.01 11.02
N ALA B 263 -30.59 -4.73 12.12
CA ALA B 263 -31.64 -5.73 12.19
C ALA B 263 -32.80 -5.28 13.07
N GLY B 264 -32.81 -4.02 13.49
CA GLY B 264 -33.82 -3.53 14.41
C GLY B 264 -33.57 -3.86 15.86
N ILE B 265 -32.36 -4.30 16.21
CA ILE B 265 -32.01 -4.71 17.56
C ILE B 265 -31.25 -3.58 18.22
N VAL B 266 -31.79 -3.05 19.32
CA VAL B 266 -31.16 -1.95 20.05
C VAL B 266 -30.86 -2.31 21.49
N GLN B 267 -31.44 -3.37 22.03
CA GLN B 267 -31.25 -3.72 23.43
C GLN B 267 -29.79 -4.10 23.69
N PRO B 268 -29.10 -3.43 24.61
CA PRO B 268 -27.70 -3.78 24.88
C PRO B 268 -27.55 -5.20 25.40
N ASN B 269 -26.39 -5.78 25.16
CA ASN B 269 -26.06 -7.10 25.67
C ASN B 269 -25.98 -7.05 27.19
N ASP B 270 -26.69 -7.97 27.86
CA ASP B 270 -26.76 -7.97 29.31
C ASP B 270 -25.68 -8.80 29.97
N GLY B 271 -24.84 -9.48 29.20
CA GLY B 271 -23.78 -10.30 29.78
C GLY B 271 -24.26 -11.49 30.58
N GLN B 272 -25.52 -11.89 30.41
CA GLN B 272 -26.09 -13.03 31.12
C GLN B 272 -26.25 -14.21 30.17
N CYS B 273 -26.38 -15.40 30.76
CA CYS B 273 -26.50 -16.62 29.98
C CYS B 273 -27.92 -16.80 29.47
N HIS B 274 -28.06 -17.14 28.20
CA HIS B 274 -29.36 -17.33 27.56
C HIS B 274 -29.35 -18.58 26.68
N VAL B 275 -28.62 -19.61 27.13
CA VAL B 275 -28.59 -20.89 26.42
C VAL B 275 -29.34 -21.89 27.28
N GLY B 276 -30.52 -22.29 26.82
CA GLY B 276 -31.39 -23.20 27.55
C GLY B 276 -31.14 -24.66 27.24
N SER B 277 -32.19 -25.46 27.41
CA SER B 277 -32.08 -26.90 27.19
C SER B 277 -31.88 -27.24 25.72
N ASP B 278 -32.39 -26.40 24.82
CA ASP B 278 -32.21 -26.64 23.38
C ASP B 278 -30.79 -26.32 22.91
N ASN B 279 -29.93 -25.82 23.79
CA ASN B 279 -28.52 -25.54 23.51
C ASN B 279 -28.34 -24.45 22.44
N HIS B 280 -29.34 -23.61 22.23
CA HIS B 280 -29.24 -22.49 21.31
C HIS B 280 -29.36 -21.17 22.06
N TYR B 281 -28.67 -20.16 21.54
CA TYR B 281 -28.70 -18.82 22.12
C TYR B 281 -30.05 -18.17 21.81
N SER B 282 -30.89 -18.01 22.83
CA SER B 282 -32.27 -17.59 22.62
C SER B 282 -32.42 -16.09 22.43
N ALA B 283 -31.46 -15.28 22.90
CA ALA B 283 -31.53 -13.83 22.75
C ALA B 283 -30.81 -13.34 21.49
N SER B 284 -30.56 -14.23 20.53
CA SER B 284 -29.79 -13.85 19.35
C SER B 284 -30.51 -12.80 18.51
N THR B 285 -31.82 -12.91 18.40
CA THR B 285 -32.61 -12.02 17.55
C THR B 285 -33.24 -10.87 18.32
N THR B 286 -32.95 -10.73 19.61
CA THR B 286 -33.52 -9.68 20.43
C THR B 286 -32.50 -8.87 21.20
N MET B 287 -31.22 -9.24 21.18
CA MET B 287 -30.20 -8.59 21.98
C MET B 287 -28.97 -8.31 21.12
N ASP B 288 -28.40 -7.13 21.29
CA ASP B 288 -27.30 -6.67 20.45
C ASP B 288 -26.03 -7.47 20.73
N TYR B 289 -25.08 -7.35 19.79
CA TYR B 289 -23.78 -7.96 19.98
C TYR B 289 -23.08 -7.33 21.19
N PRO B 290 -22.22 -8.08 21.88
CA PRO B 290 -21.53 -7.52 23.04
C PRO B 290 -20.39 -6.60 22.65
N SER B 291 -20.06 -5.69 23.57
CA SER B 291 -18.96 -4.77 23.37
C SER B 291 -17.65 -5.40 23.86
N LEU B 292 -16.54 -4.82 23.40
CA LEU B 292 -15.23 -5.34 23.79
C LEU B 292 -15.03 -5.24 25.31
N GLY B 293 -15.48 -4.13 25.91
CA GLY B 293 -15.32 -3.97 27.34
C GLY B 293 -16.14 -4.96 28.14
N LEU B 294 -17.36 -5.25 27.68
CA LEU B 294 -18.19 -6.24 28.37
C LEU B 294 -17.61 -7.64 28.21
N MET B 295 -17.07 -7.96 27.04
CA MET B 295 -16.39 -9.24 26.85
C MET B 295 -15.20 -9.38 27.79
N THR B 296 -14.39 -8.31 27.89
CA THR B 296 -13.22 -8.33 28.77
C THR B 296 -13.63 -8.58 30.21
N GLU B 297 -14.74 -7.96 30.65
CA GLU B 297 -15.19 -8.12 32.02
C GLU B 297 -15.53 -9.57 32.33
N LYS B 298 -16.26 -10.23 31.43
CA LYS B 298 -16.70 -11.60 31.69
C LYS B 298 -15.55 -12.58 31.53
N LEU B 299 -14.68 -12.36 30.55
CA LEU B 299 -13.51 -13.21 30.39
C LEU B 299 -12.62 -13.17 31.62
N SER B 300 -12.43 -11.97 32.19
CA SER B 300 -11.62 -11.86 33.41
C SER B 300 -12.34 -12.46 34.61
N GLN B 301 -13.67 -12.34 34.65
CA GLN B 301 -14.43 -12.87 35.77
C GLN B 301 -14.39 -14.39 35.83
N LYS B 302 -14.31 -15.05 34.68
CA LYS B 302 -14.33 -16.51 34.61
C LYS B 302 -12.96 -17.11 34.31
N ASN B 303 -11.90 -16.29 34.27
CA ASN B 303 -10.53 -16.75 34.00
C ASN B 303 -10.44 -17.50 32.68
N ILE B 304 -10.96 -16.88 31.62
CA ILE B 304 -10.98 -17.48 30.30
C ILE B 304 -9.87 -16.86 29.47
N ASN B 305 -9.00 -17.70 28.92
CA ASN B 305 -7.94 -17.26 28.01
C ASN B 305 -8.46 -17.39 26.59
N LEU B 306 -8.82 -16.27 25.98
CA LEU B 306 -9.36 -16.26 24.63
C LEU B 306 -8.24 -16.35 23.60
N ILE B 307 -8.46 -17.14 22.56
CA ILE B 307 -7.45 -17.42 21.54
C ILE B 307 -8.10 -17.16 20.17
N PHE B 308 -7.60 -16.14 19.47
CA PHE B 308 -8.09 -15.78 18.14
C PHE B 308 -7.30 -16.55 17.09
N ALA B 309 -7.82 -17.71 16.69
CA ALA B 309 -7.19 -18.53 15.66
C ALA B 309 -7.87 -18.21 14.33
N VAL B 310 -7.34 -17.22 13.62
CA VAL B 310 -7.99 -16.68 12.43
C VAL B 310 -7.04 -16.79 11.24
N THR B 311 -7.60 -16.59 10.05
CA THR B 311 -6.85 -16.70 8.82
C THR B 311 -6.08 -15.41 8.54
N GLU B 312 -5.08 -15.53 7.65
CA GLU B 312 -4.15 -14.43 7.39
C GLU B 312 -4.84 -13.18 6.85
N ASN B 313 -6.00 -13.33 6.23
CA ASN B 313 -6.70 -12.17 5.69
C ASN B 313 -7.33 -11.30 6.77
N VAL B 314 -7.31 -11.73 8.03
CA VAL B 314 -7.92 -10.97 9.12
C VAL B 314 -7.06 -11.01 10.38
N VAL B 315 -5.81 -11.46 10.24
CA VAL B 315 -4.93 -11.55 11.41
C VAL B 315 -4.70 -10.16 12.00
N ASN B 316 -4.38 -9.18 11.15
CA ASN B 316 -4.18 -7.82 11.64
C ASN B 316 -5.41 -7.29 12.37
N LEU B 317 -6.60 -7.62 11.86
CA LEU B 317 -7.83 -7.17 12.51
C LEU B 317 -7.93 -7.72 13.93
N TYR B 318 -7.77 -9.03 14.09
CA TYR B 318 -7.89 -9.64 15.41
C TYR B 318 -6.67 -9.42 16.28
N GLN B 319 -5.50 -9.13 15.68
CA GLN B 319 -4.37 -8.70 16.49
CA GLN B 319 -4.37 -8.70 16.49
C GLN B 319 -4.63 -7.35 17.14
N ASN B 320 -5.39 -6.49 16.47
CA ASN B 320 -5.72 -5.18 17.03
C ASN B 320 -6.80 -5.30 18.09
N TYR B 321 -7.79 -6.16 17.89
CA TYR B 321 -8.75 -6.46 18.95
C TYR B 321 -8.04 -7.07 20.16
N SER B 322 -7.04 -7.92 19.92
CA SER B 322 -6.32 -8.58 21.00
C SER B 322 -5.63 -7.57 21.92
N GLU B 323 -5.18 -6.44 21.36
CA GLU B 323 -4.57 -5.39 22.17
C GLU B 323 -5.58 -4.64 23.03
N LEU B 324 -6.85 -4.59 22.61
CA LEU B 324 -7.92 -4.00 23.42
C LEU B 324 -8.53 -4.99 24.41
N ILE B 325 -8.14 -6.25 24.34
CA ILE B 325 -8.60 -7.28 25.29
C ILE B 325 -7.37 -7.95 25.88
N PRO B 326 -6.81 -7.43 26.97
CA PRO B 326 -5.57 -8.00 27.52
C PRO B 326 -5.73 -9.47 27.87
N GLY B 327 -4.62 -10.20 27.79
CA GLY B 327 -4.62 -11.63 28.02
C GLY B 327 -5.06 -12.47 26.84
N THR B 328 -5.32 -11.85 25.69
CA THR B 328 -5.77 -12.57 24.50
C THR B 328 -4.58 -12.94 23.62
N THR B 329 -4.66 -14.11 22.99
CA THR B 329 -3.61 -14.62 22.14
C THR B 329 -4.13 -14.79 20.72
N VAL B 330 -3.26 -14.58 19.74
CA VAL B 330 -3.61 -14.69 18.32
C VAL B 330 -2.68 -15.69 17.66
N GLY B 331 -3.25 -16.51 16.79
CA GLY B 331 -2.47 -17.41 15.96
C GLY B 331 -3.05 -17.47 14.56
N VAL B 332 -2.18 -17.77 13.60
CA VAL B 332 -2.55 -17.74 12.19
C VAL B 332 -3.11 -19.10 11.80
N LEU B 333 -4.35 -19.12 11.34
CA LEU B 333 -5.05 -20.34 10.96
C LEU B 333 -5.05 -20.49 9.44
N SER B 334 -4.83 -21.72 8.97
N SER B 334 -4.82 -21.72 8.97
CA SER B 334 -4.87 -21.99 7.55
CA SER B 334 -4.87 -21.99 7.55
C SER B 334 -6.31 -21.88 7.03
C SER B 334 -6.31 -21.89 7.03
N MET B 335 -6.44 -21.81 5.71
CA MET B 335 -7.75 -21.66 5.09
C MET B 335 -8.64 -22.89 5.25
N ASP B 336 -8.09 -24.01 5.76
CA ASP B 336 -8.87 -25.21 6.04
C ASP B 336 -8.64 -25.73 7.45
N SER B 337 -8.09 -24.89 8.34
CA SER B 337 -7.87 -25.23 9.74
C SER B 337 -6.97 -26.46 9.90
N SER B 338 -6.10 -26.71 8.91
CA SER B 338 -5.23 -27.89 8.97
C SER B 338 -4.11 -27.73 9.98
N ASN B 339 -3.83 -26.50 10.44
CA ASN B 339 -2.75 -26.24 11.38
C ASN B 339 -3.26 -25.87 12.76
N VAL B 340 -4.55 -26.08 13.04
CA VAL B 340 -5.12 -25.60 14.29
C VAL B 340 -4.54 -26.34 15.49
N LEU B 341 -4.08 -27.58 15.30
CA LEU B 341 -3.54 -28.35 16.41
C LEU B 341 -2.30 -27.69 16.99
N GLN B 342 -1.28 -27.48 16.16
CA GLN B 342 -0.06 -26.84 16.63
C GLN B 342 -0.33 -25.41 17.12
N LEU B 343 -1.29 -24.73 16.50
CA LEU B 343 -1.65 -23.38 16.94
C LEU B 343 -2.11 -23.38 18.39
N ILE B 344 -2.95 -24.34 18.77
CA ILE B 344 -3.46 -24.39 20.14
C ILE B 344 -2.34 -24.69 21.12
N VAL B 345 -1.41 -25.58 20.74
CA VAL B 345 -0.31 -25.93 21.63
C VAL B 345 0.58 -24.73 21.87
N ASP B 346 0.96 -24.03 20.79
CA ASP B 346 1.81 -22.84 20.93
C ASP B 346 1.12 -21.77 21.75
N ALA B 347 -0.20 -21.62 21.58
CA ALA B 347 -0.93 -20.62 22.36
C ALA B 347 -0.94 -20.98 23.84
N TYR B 348 -1.08 -22.27 24.16
CA TYR B 348 -1.08 -22.68 25.56
C TYR B 348 0.26 -22.41 26.22
N GLY B 349 1.37 -22.66 25.51
CA GLY B 349 2.68 -22.33 26.05
C GLY B 349 2.88 -20.84 26.20
N LYS B 350 2.41 -20.06 25.24
CA LYS B 350 2.51 -18.61 25.34
C LYS B 350 1.65 -18.07 26.48
N ILE B 351 0.54 -18.73 26.77
CA ILE B 351 -0.35 -18.26 27.83
C ILE B 351 0.32 -18.45 29.20
N ARG B 352 0.93 -19.61 29.43
CA ARG B 352 1.58 -19.91 30.69
C ARG B 352 3.05 -19.50 30.71
N SER B 353 3.44 -18.54 29.87
CA SER B 353 4.81 -18.02 29.86
C SER B 353 4.93 -16.68 30.57
N LYS B 354 3.90 -16.27 31.32
CA LYS B 354 3.89 -14.96 31.96
C LYS B 354 3.32 -15.07 33.37
N VAL B 355 3.90 -14.31 34.29
CA VAL B 355 3.39 -14.15 35.64
C VAL B 355 3.28 -12.65 35.90
N GLU B 356 2.06 -12.19 36.16
CA GLU B 356 1.79 -10.76 36.34
C GLU B 356 1.00 -10.58 37.63
N LEU B 357 1.60 -9.92 38.62
CA LEU B 357 0.95 -9.72 39.90
C LEU B 357 -0.15 -8.67 39.80
N GLU B 358 -1.15 -8.80 40.66
CA GLU B 358 -2.28 -7.88 40.71
C GLU B 358 -2.68 -7.70 42.18
N VAL B 359 -3.08 -6.48 42.53
CA VAL B 359 -3.41 -6.13 43.91
C VAL B 359 -4.89 -5.82 43.99
N ARG B 360 -5.56 -6.38 45.00
CA ARG B 360 -6.98 -6.16 45.25
C ARG B 360 -7.19 -5.64 46.65
N ASP B 361 -8.09 -4.66 46.78
CA ASP B 361 -8.53 -4.13 48.09
C ASP B 361 -7.38 -3.49 48.85
N LEU B 362 -6.49 -2.82 48.13
CA LEU B 362 -5.38 -2.13 48.79
C LEU B 362 -5.90 -0.84 49.44
N PRO B 363 -5.63 -0.64 50.74
CA PRO B 363 -6.09 0.58 51.40
C PRO B 363 -5.50 1.83 50.76
N GLU B 364 -6.18 2.96 50.99
CA GLU B 364 -5.74 4.23 50.41
C GLU B 364 -4.39 4.66 50.97
N GLU B 365 -4.18 4.49 52.27
CA GLU B 365 -2.97 4.97 52.91
C GLU B 365 -1.76 4.08 52.66
N LEU B 366 -1.93 2.92 52.02
CA LEU B 366 -0.83 2.01 51.75
C LEU B 366 -0.39 2.13 50.30
N SER B 367 0.93 2.11 50.09
CA SER B 367 1.53 2.12 48.77
C SER B 367 2.56 1.00 48.71
N LEU B 368 2.64 0.33 47.55
CA LEU B 368 3.48 -0.83 47.38
C LEU B 368 4.56 -0.58 46.33
N SER B 369 5.60 -1.41 46.37
CA SER B 369 6.69 -1.37 45.41
C SER B 369 7.18 -2.79 45.20
N PHE B 370 7.61 -3.09 43.97
CA PHE B 370 7.89 -4.46 43.56
C PHE B 370 9.25 -4.57 42.87
N ASN B 371 9.92 -5.69 43.13
CA ASN B 371 11.18 -6.04 42.48
C ASN B 371 11.08 -7.47 41.99
N ALA B 372 11.18 -7.67 40.68
CA ALA B 372 11.01 -8.98 40.08
C ALA B 372 12.34 -9.72 39.97
N THR B 373 12.28 -11.04 40.13
CA THR B 373 13.44 -11.92 39.99
C THR B 373 13.05 -13.02 39.00
N CYS B 374 13.05 -12.68 37.72
CA CYS B 374 12.82 -13.65 36.67
C CYS B 374 14.14 -14.24 36.21
N LEU B 375 14.07 -15.25 35.34
CA LEU B 375 15.24 -15.89 34.73
C LEU B 375 16.08 -16.53 35.85
N ASN B 376 17.38 -16.29 35.91
CA ASN B 376 18.27 -16.87 36.92
C ASN B 376 18.71 -15.79 37.88
N ASN B 377 17.88 -15.54 38.91
CA ASN B 377 18.25 -14.70 40.05
C ASN B 377 18.59 -13.27 39.64
N GLU B 378 18.05 -12.79 38.51
CA GLU B 378 18.31 -11.44 38.05
C GLU B 378 17.20 -10.52 38.58
N VAL B 379 17.59 -9.61 39.46
CA VAL B 379 16.64 -8.66 40.05
C VAL B 379 16.30 -7.58 39.04
N ILE B 380 15.03 -7.21 38.98
CA ILE B 380 14.55 -6.16 38.10
C ILE B 380 13.73 -5.17 38.91
N PRO B 381 14.29 -4.02 39.30
CA PRO B 381 13.56 -3.12 40.19
C PRO B 381 12.40 -2.43 39.50
N GLY B 382 11.36 -2.15 40.28
CA GLY B 382 10.18 -1.48 39.77
C GLY B 382 9.39 -2.29 38.76
N LEU B 383 9.31 -3.60 38.96
CA LEU B 383 8.61 -4.48 38.03
C LEU B 383 7.84 -5.53 38.80
N LYS B 384 6.60 -5.79 38.37
CA LYS B 384 5.73 -6.76 39.03
C LYS B 384 5.21 -7.80 38.05
N SER B 385 5.99 -8.12 37.02
CA SER B 385 5.57 -9.09 36.01
C SER B 385 6.80 -9.71 35.36
N CYS B 386 6.69 -11.00 35.04
CA CYS B 386 7.73 -11.74 34.34
C CYS B 386 7.19 -12.26 33.02
N MET B 387 8.09 -12.51 32.07
CA MET B 387 7.74 -13.03 30.76
C MET B 387 8.80 -14.03 30.30
N GLY B 388 8.47 -14.75 29.24
CA GLY B 388 9.40 -15.72 28.69
C GLY B 388 9.60 -16.94 29.57
N LEU B 389 8.61 -17.29 30.38
CA LEU B 389 8.71 -18.42 31.30
C LEU B 389 8.31 -19.72 30.61
N LYS B 390 8.67 -20.83 31.24
CA LYS B 390 8.29 -22.16 30.80
C LYS B 390 7.55 -22.87 31.92
N ILE B 391 6.87 -23.97 31.56
CA ILE B 391 6.15 -24.74 32.56
C ILE B 391 7.14 -25.34 33.56
N GLY B 392 6.87 -25.12 34.85
CA GLY B 392 7.74 -25.57 35.91
C GLY B 392 8.67 -24.51 36.46
N ASP B 393 8.81 -23.39 35.77
CA ASP B 393 9.67 -22.31 36.27
C ASP B 393 9.04 -21.66 37.50
N THR B 394 9.88 -20.95 38.25
CA THR B 394 9.46 -20.29 39.48
C THR B 394 10.10 -18.91 39.54
N VAL B 395 9.30 -17.91 39.87
CA VAL B 395 9.76 -16.53 40.04
C VAL B 395 9.40 -16.07 41.45
N SER B 396 10.00 -14.94 41.84
CA SER B 396 9.75 -14.37 43.16
C SER B 396 9.76 -12.86 43.05
N PHE B 397 9.06 -12.22 43.98
CA PHE B 397 8.94 -10.77 44.03
C PHE B 397 9.16 -10.26 45.45
N SER B 398 9.94 -9.20 45.58
CA SER B 398 10.15 -8.52 46.85
C SER B 398 9.23 -7.31 46.93
N ILE B 399 8.46 -7.22 48.01
CA ILE B 399 7.42 -6.22 48.15
C ILE B 399 7.67 -5.42 49.43
N GLU B 400 7.51 -4.10 49.33
CA GLU B 400 7.62 -3.20 50.47
C GLU B 400 6.35 -2.36 50.56
N ALA B 401 5.73 -2.36 51.74
CA ALA B 401 4.51 -1.60 51.99
C ALA B 401 4.86 -0.35 52.80
N LYS B 402 4.37 0.80 52.35
CA LYS B 402 4.65 2.08 52.99
C LYS B 402 3.30 2.72 53.36
N VAL B 403 3.07 2.89 54.65
CA VAL B 403 1.83 3.49 55.15
C VAL B 403 2.05 4.98 55.38
N ARG B 404 1.04 5.78 55.06
CA ARG B 404 1.09 7.23 55.23
C ARG B 404 0.28 7.60 56.47
N GLY B 405 0.97 8.14 57.47
CA GLY B 405 0.28 8.53 58.70
C GLY B 405 -0.28 7.32 59.43
N CYS B 406 -1.46 7.51 60.01
CA CYS B 406 -2.17 6.41 60.68
C CYS B 406 -3.65 6.48 60.35
N PRO B 407 -4.22 5.42 59.79
CA PRO B 407 -5.63 5.44 59.41
C PRO B 407 -6.54 5.26 60.62
N GLN B 408 -7.83 5.48 60.39
CA GLN B 408 -8.83 5.30 61.44
C GLN B 408 -8.99 3.82 61.80
N GLU B 409 -9.31 3.00 60.81
CA GLU B 409 -9.42 1.56 61.03
C GLU B 409 -8.02 0.96 61.20
N LYS B 410 -7.82 0.23 62.29
CA LYS B 410 -6.50 -0.28 62.64
C LYS B 410 -6.20 -1.66 62.08
N GLU B 411 -7.17 -2.31 61.43
CA GLU B 411 -6.97 -3.65 60.90
C GLU B 411 -7.68 -3.78 59.56
N LYS B 412 -6.89 -3.94 58.49
CA LYS B 412 -7.40 -4.15 57.14
C LYS B 412 -6.64 -5.31 56.51
N SER B 413 -7.05 -5.69 55.30
CA SER B 413 -6.41 -6.80 54.61
C SER B 413 -6.60 -6.64 53.10
N PHE B 414 -5.56 -7.01 52.34
CA PHE B 414 -5.59 -6.95 50.88
C PHE B 414 -5.00 -8.23 50.33
N THR B 415 -5.01 -8.34 49.00
CA THR B 415 -4.64 -9.58 48.32
C THR B 415 -3.62 -9.30 47.22
N ILE B 416 -2.66 -10.21 47.08
CA ILE B 416 -1.70 -10.21 45.97
C ILE B 416 -1.94 -11.50 45.20
N LYS B 417 -2.43 -11.37 43.96
CA LYS B 417 -2.80 -12.53 43.16
C LYS B 417 -2.27 -12.38 41.74
N PRO B 418 -1.61 -13.40 41.20
CA PRO B 418 -1.23 -13.36 39.79
C PRO B 418 -2.46 -13.48 38.89
N VAL B 419 -2.36 -12.87 37.71
CA VAL B 419 -3.47 -12.87 36.78
C VAL B 419 -3.72 -14.30 36.27
N GLY B 420 -4.97 -14.75 36.36
CA GLY B 420 -5.35 -16.07 35.93
C GLY B 420 -5.11 -17.18 36.92
N PHE B 421 -4.36 -16.92 38.00
CA PHE B 421 -4.04 -17.94 38.98
C PHE B 421 -5.17 -18.11 39.99
N LYS B 422 -5.27 -19.31 40.55
CA LYS B 422 -6.27 -19.59 41.57
C LYS B 422 -5.83 -19.10 42.93
N ASP B 423 -4.62 -19.48 43.35
CA ASP B 423 -4.11 -19.12 44.67
C ASP B 423 -3.73 -17.64 44.72
N SER B 424 -3.45 -17.17 45.93
CA SER B 424 -3.13 -15.77 46.14
C SER B 424 -2.51 -15.61 47.52
N LEU B 425 -1.87 -14.45 47.72
CA LEU B 425 -1.27 -14.09 49.00
C LEU B 425 -2.16 -13.06 49.69
N ILE B 426 -2.59 -13.38 50.90
CA ILE B 426 -3.43 -12.50 51.70
C ILE B 426 -2.56 -11.82 52.74
N VAL B 427 -2.56 -10.50 52.76
CA VAL B 427 -1.74 -9.71 53.68
C VAL B 427 -2.67 -9.09 54.71
N GLN B 428 -2.58 -9.58 55.95
CA GLN B 428 -3.39 -9.05 57.06
C GLN B 428 -2.60 -7.95 57.73
N VAL B 429 -2.99 -6.70 57.48
CA VAL B 429 -2.27 -5.53 58.00
C VAL B 429 -2.85 -5.13 59.34
N THR B 430 -1.98 -4.72 60.25
CA THR B 430 -2.37 -4.18 61.55
C THR B 430 -1.59 -2.91 61.81
N PHE B 431 -2.30 -1.81 62.02
CA PHE B 431 -1.67 -0.50 62.22
C PHE B 431 -1.51 -0.26 63.71
N ASP B 432 -0.28 -0.43 64.20
CA ASP B 432 0.03 -0.24 65.62
C ASP B 432 0.44 1.21 65.82
N CYS B 433 -0.56 2.06 66.13
CA CYS B 433 -0.32 3.46 66.40
C CYS B 433 -0.48 3.84 67.87
N ASP B 434 -1.28 3.08 68.62
CA ASP B 434 -1.55 3.38 70.02
C ASP B 434 -0.50 2.74 70.93
N CYS B 435 -0.59 3.05 72.21
CA CYS B 435 0.29 2.50 73.23
C CYS B 435 -0.51 1.59 74.14
N ALA B 436 0.17 0.57 74.70
CA ALA B 436 -0.49 -0.36 75.60
C ALA B 436 -0.91 0.30 76.91
N CYS B 437 -0.19 1.36 77.33
CA CYS B 437 -0.53 2.09 78.54
C CYS B 437 -1.86 2.85 78.44
N GLN B 438 -2.38 3.05 77.22
CA GLN B 438 -3.64 3.78 77.07
C GLN B 438 -4.84 2.94 77.51
N ALA B 439 -4.72 1.61 77.44
CA ALA B 439 -5.80 0.74 77.88
C ALA B 439 -6.01 0.79 79.39
N GLN B 440 -5.06 1.37 80.14
CA GLN B 440 -5.18 1.46 81.59
C GLN B 440 -5.10 2.91 82.04
N ALA B 441 -5.80 3.80 81.35
CA ALA B 441 -5.82 5.21 81.70
C ALA B 441 -6.71 5.47 82.91
N GLU B 442 -6.57 6.66 83.48
CA GLU B 442 -7.31 7.06 84.68
C GLU B 442 -8.15 8.27 84.35
N PRO B 443 -9.42 8.09 83.97
CA PRO B 443 -10.29 9.25 83.73
C PRO B 443 -10.66 9.94 85.02
N ASN B 444 -10.76 11.27 84.95
CA ASN B 444 -11.04 12.11 86.12
C ASN B 444 -10.01 11.88 87.22
N SER B 445 -8.75 11.78 86.83
CA SER B 445 -7.69 11.51 87.79
C SER B 445 -7.53 12.68 88.76
N HIS B 446 -7.29 12.35 90.02
CA HIS B 446 -7.02 13.36 91.04
C HIS B 446 -5.58 13.85 91.02
N ARG B 447 -4.81 13.45 90.02
CA ARG B 447 -3.47 13.99 89.78
C ARG B 447 -3.46 15.12 88.76
N CYS B 448 -4.55 15.31 88.02
CA CYS B 448 -4.58 16.22 86.87
C CYS B 448 -5.63 17.30 87.09
N ASN B 449 -5.22 18.39 87.76
CA ASN B 449 -6.01 19.62 87.84
C ASN B 449 -7.37 19.38 88.50
N ASN B 450 -7.34 18.69 89.64
CA ASN B 450 -8.53 18.45 90.46
C ASN B 450 -9.63 17.74 89.67
N GLY B 451 -9.26 16.64 89.01
CA GLY B 451 -10.24 15.85 88.28
C GLY B 451 -10.70 16.44 86.97
N ASN B 452 -10.04 17.49 86.48
CA ASN B 452 -10.38 18.09 85.19
C ASN B 452 -9.65 17.45 84.02
N GLY B 453 -8.83 16.41 84.27
CA GLY B 453 -8.09 15.77 83.21
C GLY B 453 -7.94 14.29 83.44
N THR B 454 -7.34 13.63 82.45
CA THR B 454 -7.12 12.20 82.46
C THR B 454 -5.63 11.91 82.56
N PHE B 455 -5.28 10.88 83.34
CA PHE B 455 -3.90 10.46 83.56
C PHE B 455 -3.66 9.16 82.80
N GLU B 456 -2.83 9.22 81.77
CA GLU B 456 -2.49 8.05 80.98
C GLU B 456 -1.01 8.08 80.64
N CYS B 457 -0.37 6.91 80.67
CA CYS B 457 1.02 6.74 80.26
C CYS B 457 1.98 7.66 81.00
N GLY B 458 1.62 8.04 82.23
CA GLY B 458 2.48 8.85 83.05
C GLY B 458 2.38 10.35 82.84
N VAL B 459 1.34 10.83 82.16
CA VAL B 459 1.16 12.26 81.91
C VAL B 459 -0.32 12.59 82.07
N CYS B 460 -0.60 13.90 82.12
CA CYS B 460 -1.96 14.41 82.30
C CYS B 460 -2.50 14.94 80.98
N ARG B 461 -3.68 14.45 80.60
CA ARG B 461 -4.33 14.86 79.36
C ARG B 461 -5.65 15.54 79.67
N CYS B 462 -6.04 16.47 78.79
CA CYS B 462 -7.32 17.13 78.94
C CYS B 462 -8.45 16.18 78.60
N GLY B 463 -9.45 16.10 79.48
CA GLY B 463 -10.53 15.17 79.33
C GLY B 463 -11.50 15.59 78.24
N PRO B 464 -12.53 14.78 78.04
CA PRO B 464 -13.53 15.09 77.02
C PRO B 464 -14.30 16.36 77.35
N GLY B 465 -14.64 17.12 76.32
CA GLY B 465 -15.35 18.38 76.47
C GLY B 465 -14.47 19.59 76.63
N TRP B 466 -13.17 19.40 76.87
CA TRP B 466 -12.26 20.52 77.03
C TRP B 466 -11.56 20.85 75.71
N LEU C 1 47.34 6.59 -40.93
CA LEU C 1 46.43 6.45 -39.81
C LEU C 1 47.18 6.39 -38.48
N ASN C 2 46.43 6.48 -37.37
CA ASN C 2 47.04 6.49 -36.05
C ASN C 2 47.29 5.07 -35.55
N LEU C 3 46.22 4.39 -35.13
CA LEU C 3 46.35 3.02 -34.66
C LEU C 3 46.37 2.07 -35.86
N ASP C 4 47.30 1.12 -35.85
CA ASP C 4 47.48 0.18 -36.95
C ASP C 4 46.45 -0.93 -36.87
N PRO C 5 45.50 -1.01 -37.79
CA PRO C 5 44.51 -2.08 -37.79
C PRO C 5 44.90 -3.31 -38.59
N VAL C 6 46.12 -3.36 -39.13
CA VAL C 6 46.57 -4.43 -39.99
C VAL C 6 47.35 -5.48 -39.21
N GLN C 7 48.38 -5.06 -38.49
N GLN C 7 48.39 -5.05 -38.50
CA GLN C 7 49.25 -5.97 -37.72
CA GLN C 7 49.23 -5.96 -37.72
C GLN C 7 48.90 -5.80 -36.24
C GLN C 7 48.88 -5.79 -36.25
N LEU C 8 47.97 -6.62 -35.77
CA LEU C 8 47.55 -6.60 -34.38
C LEU C 8 48.33 -7.64 -33.58
N THR C 9 48.18 -7.56 -32.26
CA THR C 9 48.74 -8.54 -31.34
C THR C 9 47.60 -9.10 -30.50
N PHE C 10 47.50 -10.44 -30.45
CA PHE C 10 46.40 -11.12 -29.78
C PHE C 10 46.92 -11.94 -28.61
N TYR C 11 46.35 -11.71 -27.43
CA TYR C 11 46.55 -12.56 -26.27
C TYR C 11 45.29 -13.35 -26.00
N ALA C 12 45.44 -14.60 -25.57
CA ALA C 12 44.30 -15.49 -25.40
C ALA C 12 44.36 -16.20 -24.06
N GLY C 13 43.19 -16.41 -23.45
CA GLY C 13 43.07 -17.17 -22.23
C GLY C 13 42.22 -18.41 -22.42
N PRO C 14 41.94 -19.10 -21.33
CA PRO C 14 41.15 -20.34 -21.43
C PRO C 14 39.72 -20.07 -21.88
N ASN C 15 39.09 -21.11 -22.42
CA ASN C 15 37.71 -21.02 -22.86
C ASN C 15 36.78 -20.84 -21.68
N GLY C 16 35.76 -19.99 -21.86
CA GLY C 16 34.81 -19.73 -20.80
C GLY C 16 35.37 -18.98 -19.61
N SER C 17 36.63 -18.56 -19.66
CA SER C 17 37.24 -17.82 -18.56
C SER C 17 36.88 -16.34 -18.56
N GLN C 18 36.27 -15.84 -19.64
CA GLN C 18 36.01 -14.42 -19.82
C GLN C 18 37.30 -13.60 -19.73
N PHE C 19 38.38 -14.19 -20.26
CA PHE C 19 39.66 -13.51 -20.37
C PHE C 19 39.50 -12.23 -21.20
N GLY C 20 39.80 -11.09 -20.58
CA GLY C 20 39.61 -9.80 -21.22
C GLY C 20 38.44 -9.00 -20.69
N PHE C 21 37.74 -9.50 -19.67
CA PHE C 21 36.66 -8.74 -19.05
C PHE C 21 37.16 -7.42 -18.49
N SER C 22 38.39 -7.41 -17.98
CA SER C 22 39.04 -6.18 -17.52
C SER C 22 40.53 -6.29 -17.78
N LEU C 23 41.19 -5.15 -17.89
CA LEU C 23 42.61 -5.11 -18.19
C LEU C 23 43.17 -3.74 -17.83
N ASP C 24 44.50 -3.67 -17.79
CA ASP C 24 45.22 -2.43 -17.50
C ASP C 24 46.68 -2.62 -17.83
N PHE C 25 47.39 -1.51 -18.01
CA PHE C 25 48.84 -1.53 -18.19
C PHE C 25 49.53 -1.58 -16.83
N HIS C 26 50.60 -2.36 -16.75
CA HIS C 26 51.34 -2.54 -15.50
C HIS C 26 52.82 -2.34 -15.76
N LYS C 27 53.42 -1.37 -15.07
CA LYS C 27 54.86 -1.16 -15.08
C LYS C 27 55.47 -1.84 -13.86
N ASP C 28 56.55 -2.60 -14.08
CA ASP C 28 57.29 -3.20 -12.98
C ASP C 28 58.21 -2.14 -12.36
N SER C 29 59.12 -2.58 -11.48
CA SER C 29 60.06 -1.64 -10.87
C SER C 29 61.08 -1.11 -11.86
N HIS C 30 61.24 -1.77 -13.01
CA HIS C 30 62.18 -1.33 -14.03
C HIS C 30 61.51 -0.55 -15.15
N GLY C 31 60.23 -0.19 -15.00
CA GLY C 31 59.52 0.55 -16.02
C GLY C 31 59.08 -0.25 -17.23
N ARG C 32 59.28 -1.57 -17.23
CA ARG C 32 58.89 -2.40 -18.35
C ARG C 32 57.38 -2.62 -18.33
N VAL C 33 56.71 -2.27 -19.42
CA VAL C 33 55.26 -2.30 -19.47
C VAL C 33 54.79 -3.71 -19.79
N ALA C 34 53.79 -4.18 -19.05
CA ALA C 34 53.11 -5.44 -19.31
C ALA C 34 51.60 -5.20 -19.28
N ILE C 35 50.83 -6.27 -19.45
CA ILE C 35 49.37 -6.18 -19.47
C ILE C 35 48.82 -7.16 -18.44
N VAL C 36 48.03 -6.64 -17.50
CA VAL C 36 47.28 -7.48 -16.57
C VAL C 36 45.88 -7.68 -17.13
N VAL C 37 45.39 -8.91 -17.08
CA VAL C 37 44.10 -9.26 -17.66
C VAL C 37 43.27 -10.00 -16.62
N GLY C 38 42.01 -9.61 -16.47
CA GLY C 38 41.08 -10.29 -15.59
C GLY C 38 40.27 -11.31 -16.34
N ALA C 39 40.05 -12.46 -15.70
CA ALA C 39 39.27 -13.55 -16.29
C ALA C 39 38.34 -14.09 -15.20
N PRO C 40 37.20 -13.42 -14.99
CA PRO C 40 36.40 -13.66 -13.77
C PRO C 40 35.64 -14.98 -13.76
N ARG C 41 35.82 -15.84 -14.77
CA ARG C 41 35.20 -17.16 -14.75
C ARG C 41 36.23 -18.27 -14.96
N THR C 42 37.49 -18.00 -14.64
CA THR C 42 38.52 -19.04 -14.68
C THR C 42 38.23 -20.10 -13.62
N LEU C 43 38.42 -21.36 -13.98
CA LEU C 43 38.22 -22.45 -13.04
C LEU C 43 39.27 -22.40 -11.93
N GLY C 44 38.83 -22.68 -10.71
CA GLY C 44 39.73 -22.73 -9.58
C GLY C 44 40.22 -24.14 -9.32
N PRO C 45 40.78 -24.38 -8.13
CA PRO C 45 41.25 -25.73 -7.82
C PRO C 45 40.12 -26.71 -7.55
N SER C 46 39.00 -26.23 -7.02
CA SER C 46 37.83 -27.05 -6.75
C SER C 46 37.01 -27.35 -8.01
N GLN C 47 37.55 -27.05 -9.19
CA GLN C 47 36.88 -27.26 -10.47
C GLN C 47 35.61 -26.41 -10.59
N GLU C 48 35.46 -25.40 -9.74
CA GLU C 48 34.37 -24.44 -9.83
C GLU C 48 34.91 -23.08 -10.22
N GLU C 49 34.05 -22.27 -10.82
CA GLU C 49 34.46 -20.95 -11.26
C GLU C 49 34.80 -20.08 -10.06
N THR C 50 36.00 -19.49 -10.10
CA THR C 50 36.43 -18.52 -9.10
C THR C 50 37.02 -17.25 -9.69
N GLY C 51 37.37 -17.22 -10.97
CA GLY C 51 38.05 -16.09 -11.54
C GLY C 51 39.56 -16.20 -11.41
N GLY C 52 40.26 -15.46 -12.27
CA GLY C 52 41.71 -15.50 -12.26
C GLY C 52 42.28 -14.25 -12.89
N VAL C 53 43.59 -14.09 -12.73
CA VAL C 53 44.32 -12.93 -13.23
C VAL C 53 45.53 -13.43 -14.01
N PHE C 54 45.87 -12.72 -15.08
CA PHE C 54 47.00 -13.05 -15.93
C PHE C 54 47.85 -11.81 -16.17
N LEU C 55 49.16 -11.98 -16.09
CA LEU C 55 50.12 -10.90 -16.31
C LEU C 55 50.86 -11.20 -17.61
N CYS C 56 50.43 -10.52 -18.68
CA CYS C 56 50.94 -10.79 -20.02
C CYS C 56 52.17 -9.94 -20.29
N PRO C 57 53.36 -10.51 -20.45
CA PRO C 57 54.51 -9.72 -20.88
C PRO C 57 54.36 -9.31 -22.34
N TRP C 58 54.86 -8.12 -22.65
CA TRP C 58 54.68 -7.58 -24.00
C TRP C 58 55.47 -8.40 -25.02
N ARG C 59 54.77 -9.00 -25.96
CA ARG C 59 55.37 -9.71 -27.07
C ARG C 59 54.56 -9.39 -28.31
N ALA C 60 55.23 -8.90 -29.37
CA ALA C 60 54.53 -8.48 -30.57
C ALA C 60 53.72 -9.61 -31.19
N GLU C 61 54.11 -10.86 -30.96
CA GLU C 61 53.35 -12.01 -31.41
C GLU C 61 52.26 -12.42 -30.44
N GLY C 62 52.29 -11.91 -29.21
CA GLY C 62 51.24 -12.24 -28.25
C GLY C 62 51.36 -13.66 -27.75
N GLY C 63 50.20 -14.31 -27.60
CA GLY C 63 50.17 -15.70 -27.17
C GLY C 63 49.55 -15.90 -25.80
N GLN C 64 49.95 -16.96 -25.11
CA GLN C 64 49.45 -17.26 -23.78
C GLN C 64 50.15 -16.38 -22.74
N CYS C 65 49.64 -16.41 -21.51
CA CYS C 65 50.16 -15.56 -20.44
C CYS C 65 50.26 -16.36 -19.15
N PRO C 66 51.23 -16.04 -18.30
CA PRO C 66 51.32 -16.72 -17.01
C PRO C 66 50.26 -16.19 -16.05
N SER C 67 49.88 -17.05 -15.10
CA SER C 67 48.84 -16.71 -14.14
C SER C 67 49.43 -15.96 -12.95
N LEU C 68 48.72 -14.93 -12.50
CA LEU C 68 49.04 -14.23 -11.25
C LEU C 68 48.26 -14.92 -10.14
N LEU C 69 48.94 -15.74 -9.36
CA LEU C 69 48.27 -16.64 -8.43
C LEU C 69 47.78 -15.91 -7.19
N PHE C 70 46.58 -16.29 -6.72
CA PHE C 70 46.02 -15.79 -5.48
C PHE C 70 45.45 -16.96 -4.70
N ASP C 71 45.24 -16.74 -3.40
CA ASP C 71 44.67 -17.77 -2.54
C ASP C 71 43.18 -17.91 -2.81
N LEU C 72 42.76 -19.10 -3.24
CA LEU C 72 41.36 -19.36 -3.59
C LEU C 72 40.68 -20.32 -2.62
N ARG C 73 41.20 -20.42 -1.39
CA ARG C 73 40.64 -21.32 -0.39
C ARG C 73 39.55 -20.62 0.42
N ASP C 74 38.45 -21.33 0.64
CA ASP C 74 37.41 -20.84 1.55
C ASP C 74 37.95 -20.84 2.97
N GLU C 75 37.90 -19.70 3.63
CA GLU C 75 38.48 -19.51 4.95
C GLU C 75 37.41 -19.56 6.03
N THR C 76 37.78 -20.11 7.19
CA THR C 76 36.88 -20.24 8.32
C THR C 76 37.66 -19.92 9.60
N ARG C 77 37.08 -19.09 10.45
CA ARG C 77 37.70 -18.72 11.72
C ARG C 77 36.66 -18.76 12.83
N ASN C 78 36.97 -19.52 13.88
CA ASN C 78 36.12 -19.60 15.08
C ASN C 78 36.75 -18.70 16.14
N VAL C 79 36.19 -17.50 16.30
CA VAL C 79 36.76 -16.51 17.20
C VAL C 79 35.63 -15.70 17.82
N GLY C 80 35.80 -15.32 19.09
CA GLY C 80 34.83 -14.50 19.78
C GLY C 80 33.45 -15.13 19.87
N SER C 81 33.39 -16.44 20.05
CA SER C 81 32.14 -17.20 20.07
C SER C 81 31.35 -17.05 18.77
N GLN C 82 32.04 -16.73 17.68
CA GLN C 82 31.45 -16.58 16.36
C GLN C 82 32.25 -17.41 15.36
N THR C 83 31.65 -17.64 14.18
CA THR C 83 32.28 -18.40 13.11
C THR C 83 32.29 -17.54 11.85
N LEU C 84 33.48 -17.08 11.47
CA LEU C 84 33.63 -16.27 10.26
C LEU C 84 33.82 -17.18 9.06
N GLN C 85 33.27 -16.78 7.91
CA GLN C 85 33.29 -17.62 6.72
C GLN C 85 33.47 -16.77 5.47
N THR C 86 34.32 -17.25 4.57
CA THR C 86 34.49 -16.67 3.25
C THR C 86 34.15 -17.72 2.20
N PHE C 87 33.51 -17.28 1.11
CA PHE C 87 33.10 -18.16 0.03
C PHE C 87 33.56 -17.56 -1.28
N LYS C 88 34.51 -18.22 -1.94
CA LYS C 88 35.13 -17.71 -3.16
C LYS C 88 34.58 -18.37 -4.42
N ALA C 89 33.59 -19.25 -4.29
CA ALA C 89 32.97 -19.84 -5.47
C ALA C 89 32.17 -18.79 -6.23
N ARG C 90 32.43 -18.67 -7.53
CA ARG C 90 31.77 -17.68 -8.39
C ARG C 90 31.99 -16.26 -7.89
N GLN C 91 33.12 -16.02 -7.21
CA GLN C 91 33.41 -14.69 -6.70
C GLN C 91 33.72 -13.69 -7.81
N GLY C 92 34.14 -14.17 -8.97
CA GLY C 92 34.48 -13.27 -10.07
C GLY C 92 35.79 -12.54 -9.90
N LEU C 93 36.83 -13.23 -9.42
CA LEU C 93 38.15 -12.61 -9.30
C LEU C 93 38.65 -12.20 -10.68
N GLY C 94 38.94 -10.92 -10.83
CA GLY C 94 39.31 -10.38 -12.12
C GLY C 94 38.21 -9.64 -12.85
N ALA C 95 37.03 -9.48 -12.24
CA ALA C 95 35.99 -8.63 -12.81
C ALA C 95 36.42 -7.17 -12.89
N SER C 96 37.47 -6.78 -12.17
CA SER C 96 38.08 -5.46 -12.30
C SER C 96 39.55 -5.58 -11.89
N VAL C 97 40.43 -4.94 -12.66
CA VAL C 97 41.86 -4.92 -12.34
C VAL C 97 42.37 -3.50 -12.57
N VAL C 98 43.32 -3.09 -11.74
CA VAL C 98 43.94 -1.77 -11.85
C VAL C 98 45.36 -1.88 -11.33
N SER C 99 46.27 -1.15 -11.97
CA SER C 99 47.69 -1.17 -11.62
C SER C 99 48.12 0.20 -11.13
N TRP C 100 48.99 0.20 -10.12
CA TRP C 100 49.58 1.42 -9.58
C TRP C 100 50.95 1.06 -9.02
N SER C 101 51.97 1.77 -9.48
CA SER C 101 53.37 1.49 -9.12
C SER C 101 53.65 0.03 -9.49
N ASP C 102 54.33 -0.74 -8.65
CA ASP C 102 54.58 -2.16 -8.89
C ASP C 102 53.53 -3.06 -8.24
N VAL C 103 52.30 -2.57 -8.08
CA VAL C 103 51.25 -3.26 -7.36
C VAL C 103 50.08 -3.49 -8.30
N ILE C 104 49.43 -4.64 -8.17
CA ILE C 104 48.25 -5.00 -8.95
C ILE C 104 47.11 -5.26 -7.98
N VAL C 105 45.93 -4.71 -8.29
CA VAL C 105 44.74 -4.84 -7.45
C VAL C 105 43.67 -5.52 -8.30
N ALA C 106 43.43 -6.80 -8.03
CA ALA C 106 42.38 -7.57 -8.71
C ALA C 106 41.27 -7.86 -7.71
N CYS C 107 40.03 -7.56 -8.09
CA CYS C 107 38.90 -7.61 -7.18
C CYS C 107 37.92 -8.71 -7.58
N ALA C 108 37.29 -9.30 -6.56
CA ALA C 108 36.24 -10.30 -6.72
C ALA C 108 34.96 -9.71 -6.14
N PRO C 109 34.17 -8.99 -6.94
CA PRO C 109 33.02 -8.28 -6.40
C PRO C 109 31.89 -9.18 -5.91
N TRP C 110 31.92 -10.48 -6.21
CA TRP C 110 30.85 -11.37 -5.78
C TRP C 110 31.33 -12.43 -4.80
N GLN C 111 32.44 -12.16 -4.11
CA GLN C 111 32.86 -13.04 -3.02
C GLN C 111 31.89 -12.92 -1.87
N HIS C 112 31.38 -14.05 -1.38
CA HIS C 112 30.37 -14.04 -0.34
C HIS C 112 31.02 -14.15 1.04
N TRP C 113 30.22 -13.85 2.07
CA TRP C 113 30.71 -13.75 3.43
C TRP C 113 29.55 -14.00 4.38
N ASN C 114 29.85 -14.62 5.52
CA ASN C 114 28.83 -14.93 6.50
C ASN C 114 29.47 -15.03 7.88
N VAL C 115 28.67 -14.79 8.91
CA VAL C 115 29.11 -14.85 10.31
C VAL C 115 28.05 -15.60 11.10
N LEU C 116 28.42 -16.75 11.65
CA LEU C 116 27.51 -17.58 12.41
C LEU C 116 27.68 -17.35 13.91
N GLU C 117 26.58 -17.49 14.65
CA GLU C 117 26.61 -17.40 16.11
C GLU C 117 25.40 -18.20 16.62
N LYS C 118 25.66 -19.43 17.06
CA LYS C 118 24.61 -20.35 17.48
C LYS C 118 23.62 -20.60 16.35
N THR C 119 22.39 -20.12 16.49
CA THR C 119 21.38 -20.27 15.46
C THR C 119 21.20 -19.02 14.62
N GLU C 120 21.76 -17.89 15.03
CA GLU C 120 21.66 -16.64 14.29
C GLU C 120 22.80 -16.53 13.29
N GLU C 121 22.68 -15.56 12.37
CA GLU C 121 23.70 -15.35 11.36
C GLU C 121 23.59 -13.92 10.84
N ALA C 122 24.64 -13.50 10.13
CA ALA C 122 24.67 -12.21 9.46
C ALA C 122 24.17 -12.28 8.02
N GLU C 123 23.71 -13.46 7.58
CA GLU C 123 23.28 -13.74 6.21
C GLU C 123 24.46 -13.83 5.24
N LYS C 124 24.46 -14.84 4.39
CA LYS C 124 25.52 -15.09 3.42
C LYS C 124 25.31 -14.15 2.23
N THR C 125 26.10 -13.09 2.16
CA THR C 125 25.90 -12.00 1.23
C THR C 125 27.19 -11.67 0.51
N PRO C 126 27.10 -11.08 -0.70
CA PRO C 126 28.31 -10.71 -1.47
C PRO C 126 28.91 -9.37 -1.06
N VAL C 127 29.75 -9.40 -0.02
CA VAL C 127 30.45 -8.18 0.39
C VAL C 127 31.54 -7.80 -0.60
N GLY C 128 32.00 -8.74 -1.41
CA GLY C 128 33.10 -8.47 -2.32
C GLY C 128 34.44 -8.39 -1.62
N SER C 129 35.53 -8.49 -2.39
CA SER C 129 36.86 -8.40 -1.83
C SER C 129 37.84 -8.10 -2.96
N CYS C 130 38.95 -7.48 -2.62
CA CYS C 130 39.98 -7.15 -3.58
C CYS C 130 41.31 -7.77 -3.15
N PHE C 131 41.97 -8.42 -4.09
CA PHE C 131 43.27 -9.05 -3.86
C PHE C 131 44.37 -8.15 -4.39
N LEU C 132 45.36 -7.88 -3.55
CA LEU C 132 46.50 -7.05 -3.91
C LEU C 132 47.75 -7.91 -4.03
N ALA C 133 48.62 -7.54 -4.97
CA ALA C 133 49.80 -8.33 -5.24
C ALA C 133 50.94 -7.42 -5.69
N GLN C 134 52.16 -7.75 -5.24
CA GLN C 134 53.39 -7.14 -5.74
C GLN C 134 54.16 -8.24 -6.47
N PRO C 135 53.98 -8.37 -7.79
CA PRO C 135 54.48 -9.57 -8.49
C PRO C 135 55.97 -9.84 -8.30
N GLU C 136 56.80 -8.80 -8.30
CA GLU C 136 58.25 -9.03 -8.21
C GLU C 136 58.64 -9.60 -6.85
N SER C 137 58.07 -9.07 -5.77
CA SER C 137 58.39 -9.55 -4.43
C SER C 137 57.56 -10.77 -4.03
N GLY C 138 56.45 -11.04 -4.71
CA GLY C 138 55.58 -12.12 -4.32
C GLY C 138 54.67 -11.82 -3.15
N ARG C 139 54.70 -10.60 -2.62
CA ARG C 139 53.86 -10.26 -1.48
C ARG C 139 52.38 -10.22 -1.90
N ARG C 140 51.51 -10.46 -0.92
CA ARG C 140 50.07 -10.50 -1.15
C ARG C 140 49.36 -9.80 0.00
N ALA C 141 48.16 -9.31 -0.30
CA ALA C 141 47.31 -8.68 0.69
C ALA C 141 45.89 -8.65 0.16
N GLU C 142 44.93 -8.58 1.08
CA GLU C 142 43.52 -8.52 0.74
C GLU C 142 42.88 -7.31 1.39
N TYR C 143 41.72 -6.91 0.86
CA TYR C 143 41.00 -5.76 1.38
C TYR C 143 39.52 -5.97 1.13
N SER C 144 38.76 -6.11 2.21
CA SER C 144 37.31 -6.33 2.14
C SER C 144 36.64 -5.45 3.19
N PRO C 145 36.44 -4.17 2.88
CA PRO C 145 36.00 -3.22 3.92
C PRO C 145 34.54 -3.35 4.31
N CYS C 146 33.76 -4.19 3.62
CA CYS C 146 32.34 -4.31 3.90
C CYS C 146 32.00 -5.57 4.71
N ARG C 147 33.01 -6.31 5.16
CA ARG C 147 32.76 -7.41 6.06
C ARG C 147 32.33 -6.88 7.43
N GLY C 148 31.37 -7.58 8.05
CA GLY C 148 30.90 -7.20 9.36
C GLY C 148 30.51 -8.42 10.15
N ASN C 149 30.33 -8.22 11.47
CA ASN C 149 29.95 -9.30 12.37
C ASN C 149 28.59 -9.06 13.03
N THR C 150 27.78 -8.16 12.46
CA THR C 150 26.47 -7.87 13.02
C THR C 150 25.45 -8.87 12.49
N LEU C 151 24.62 -9.40 13.39
CA LEU C 151 23.67 -10.44 13.03
C LEU C 151 22.46 -9.85 12.32
N SER C 152 21.71 -10.73 11.65
CA SER C 152 20.58 -10.29 10.82
C SER C 152 19.51 -9.59 11.65
N ARG C 153 19.32 -10.04 12.89
CA ARG C 153 18.29 -9.45 13.75
C ARG C 153 18.51 -7.96 13.96
N ILE C 154 19.77 -7.53 14.02
CA ILE C 154 20.06 -6.13 14.34
C ILE C 154 19.69 -5.22 13.18
N TYR C 155 20.02 -5.63 11.95
CA TYR C 155 19.71 -4.79 10.79
C TYR C 155 18.21 -4.54 10.65
N VAL C 156 17.39 -5.52 11.04
CA VAL C 156 15.94 -5.34 10.96
C VAL C 156 15.47 -4.28 11.96
N GLU C 157 16.03 -4.30 13.17
CA GLU C 157 15.62 -3.34 14.19
C GLU C 157 15.96 -1.91 13.79
N ASN C 158 17.05 -1.73 13.04
CA ASN C 158 17.51 -0.40 12.65
C ASN C 158 17.07 0.00 11.25
N ASP C 159 16.04 -0.65 10.71
CA ASP C 159 15.50 -0.32 9.39
C ASP C 159 16.55 -0.44 8.30
N PHE C 160 17.45 -1.41 8.45
CA PHE C 160 18.49 -1.71 7.45
C PHE C 160 19.37 -0.50 7.19
N SER C 161 19.67 0.26 8.24
CA SER C 161 20.59 1.39 8.12
C SER C 161 22.03 0.91 8.23
N TRP C 162 22.91 1.49 7.40
CA TRP C 162 24.32 1.13 7.36
C TRP C 162 24.50 -0.37 7.09
N ASP C 163 23.80 -0.86 6.07
CA ASP C 163 23.81 -2.28 5.72
C ASP C 163 24.80 -2.48 4.59
N LYS C 164 26.03 -2.85 4.95
CA LYS C 164 27.11 -3.03 3.98
C LYS C 164 27.25 -4.49 3.56
N ARG C 165 26.22 -5.32 3.77
CA ARG C 165 26.37 -6.74 3.53
C ARG C 165 26.43 -7.09 2.04
N TYR C 166 25.84 -6.25 1.19
CA TYR C 166 25.76 -6.54 -0.24
C TYR C 166 26.59 -5.55 -1.05
N CYS C 167 27.69 -5.03 -0.47
CA CYS C 167 28.50 -4.00 -1.11
C CYS C 167 28.91 -4.40 -2.51
N GLU C 168 29.47 -5.61 -2.65
CA GLU C 168 30.18 -6.01 -3.86
C GLU C 168 31.35 -5.05 -4.13
N ALA C 169 32.18 -4.87 -3.10
CA ALA C 169 33.34 -4.00 -3.23
C ALA C 169 34.30 -4.52 -4.30
N GLY C 170 34.85 -3.59 -5.08
CA GLY C 170 35.65 -3.96 -6.23
C GLY C 170 34.88 -4.11 -7.52
N PHE C 171 33.57 -3.87 -7.50
CA PHE C 171 32.80 -3.79 -8.74
C PHE C 171 33.44 -2.83 -9.73
N SER C 172 33.92 -1.69 -9.22
CA SER C 172 34.77 -0.78 -9.97
C SER C 172 35.92 -0.37 -9.07
N SER C 173 37.01 0.10 -9.67
CA SER C 173 38.19 0.42 -8.89
C SER C 173 39.01 1.49 -9.60
N VAL C 174 39.85 2.18 -8.83
CA VAL C 174 40.75 3.23 -9.30
C VAL C 174 41.72 3.57 -8.19
N VAL C 175 42.94 3.96 -8.55
CA VAL C 175 43.97 4.34 -7.58
C VAL C 175 44.46 5.75 -7.92
N THR C 176 44.57 6.59 -6.90
CA THR C 176 45.05 7.95 -7.10
C THR C 176 46.56 7.95 -7.35
N GLN C 177 47.07 9.10 -7.79
N GLN C 177 47.07 9.10 -7.79
CA GLN C 177 48.50 9.25 -8.00
CA GLN C 177 48.51 9.25 -8.01
C GLN C 177 49.28 9.08 -6.70
C GLN C 177 49.29 9.11 -6.71
N ALA C 178 48.66 9.42 -5.56
CA ALA C 178 49.32 9.26 -4.28
C ALA C 178 49.32 7.82 -3.80
N GLY C 179 48.40 6.99 -4.28
CA GLY C 179 48.34 5.60 -3.87
C GLY C 179 47.17 5.27 -2.98
N GLU C 180 46.02 5.91 -3.24
CA GLU C 180 44.81 5.69 -2.47
C GLU C 180 43.86 4.82 -3.27
N LEU C 181 43.73 3.56 -2.87
CA LEU C 181 42.81 2.64 -3.55
C LEU C 181 41.37 3.04 -3.25
N VAL C 182 40.61 3.31 -4.29
CA VAL C 182 39.20 3.69 -4.18
C VAL C 182 38.37 2.62 -4.85
N LEU C 183 37.50 1.98 -4.09
CA LEU C 183 36.67 0.89 -4.58
C LEU C 183 35.21 1.35 -4.70
N GLY C 184 34.54 0.87 -5.75
CA GLY C 184 33.13 1.13 -5.94
C GLY C 184 32.31 -0.06 -5.47
N ALA C 185 31.31 0.22 -4.64
CA ALA C 185 30.43 -0.80 -4.08
C ALA C 185 28.98 -0.42 -4.38
N PRO C 186 28.47 -0.79 -5.56
CA PRO C 186 27.12 -0.35 -5.94
C PRO C 186 26.02 -0.95 -5.09
N GLY C 187 26.21 -2.15 -4.55
CA GLY C 187 25.23 -2.73 -3.66
C GLY C 187 25.34 -2.30 -2.22
N GLY C 188 26.21 -1.34 -1.92
CA GLY C 188 26.38 -0.91 -0.54
C GLY C 188 25.18 -0.15 -0.02
N TYR C 189 24.99 -0.23 1.29
CA TYR C 189 23.88 0.43 1.98
C TYR C 189 22.54 0.05 1.37
N TYR C 190 22.35 -1.25 1.21
CA TYR C 190 21.14 -1.83 0.61
C TYR C 190 20.89 -1.25 -0.79
N PHE C 191 21.88 -1.47 -1.66
CA PHE C 191 21.82 -1.12 -3.07
C PHE C 191 21.71 0.38 -3.33
N LEU C 192 21.97 1.21 -2.32
CA LEU C 192 22.18 2.62 -2.59
C LEU C 192 23.53 2.86 -3.23
N GLY C 193 24.54 2.13 -2.78
CA GLY C 193 25.89 2.25 -3.29
C GLY C 193 26.77 3.08 -2.38
N LEU C 194 28.05 2.72 -2.31
CA LEU C 194 29.00 3.43 -1.48
C LEU C 194 30.38 3.35 -2.09
N LEU C 195 31.31 4.10 -1.52
CA LEU C 195 32.71 4.11 -1.90
C LEU C 195 33.56 3.73 -0.70
N ALA C 196 34.67 3.05 -0.96
CA ALA C 196 35.61 2.64 0.07
C ALA C 196 37.01 3.03 -0.35
N GLN C 197 37.67 3.85 0.46
CA GLN C 197 39.02 4.36 0.17
C GLN C 197 39.98 3.89 1.25
N ALA C 198 41.20 3.55 0.84
CA ALA C 198 42.22 3.11 1.79
C ALA C 198 43.58 3.16 1.11
N PRO C 199 44.61 3.64 1.79
CA PRO C 199 45.94 3.66 1.17
C PRO C 199 46.47 2.25 0.92
N VAL C 200 47.19 2.09 -0.19
CA VAL C 200 47.72 0.78 -0.57
C VAL C 200 48.69 0.26 0.48
N ALA C 201 49.64 1.11 0.88
CA ALA C 201 50.64 0.68 1.85
C ALA C 201 50.01 0.30 3.19
N ASP C 202 48.92 0.96 3.57
CA ASP C 202 48.26 0.62 4.82
C ASP C 202 47.50 -0.69 4.72
N ILE C 203 47.09 -1.08 3.51
CA ILE C 203 46.44 -2.38 3.34
C ILE C 203 47.46 -3.50 3.51
N PHE C 204 48.67 -3.31 2.96
CA PHE C 204 49.70 -4.34 3.08
C PHE C 204 50.20 -4.47 4.52
N SER C 205 50.39 -3.35 5.20
CA SER C 205 50.95 -3.38 6.55
C SER C 205 49.95 -3.85 7.60
N SER C 206 48.66 -3.65 7.36
CA SER C 206 47.63 -4.03 8.33
C SER C 206 47.03 -5.40 8.05
N TYR C 207 47.42 -6.07 6.97
CA TYR C 207 46.86 -7.36 6.60
C TYR C 207 47.72 -8.50 7.12
N ARG C 208 47.06 -9.52 7.66
CA ARG C 208 47.68 -10.77 8.06
C ARG C 208 46.75 -11.90 7.66
N PRO C 209 47.27 -13.03 7.21
CA PRO C 209 46.40 -14.12 6.77
C PRO C 209 45.70 -14.80 7.94
N GLY C 210 44.43 -15.09 7.75
CA GLY C 210 43.64 -15.79 8.76
C GLY C 210 42.86 -14.91 9.71
N ILE C 211 42.94 -13.60 9.56
CA ILE C 211 42.22 -12.69 10.46
C ILE C 211 40.80 -12.44 9.98
N LEU C 212 40.61 -12.28 8.67
CA LEU C 212 39.31 -12.09 8.03
C LEU C 212 38.67 -10.76 8.40
N LEU C 213 38.65 -10.41 9.69
CA LEU C 213 38.11 -9.14 10.16
C LEU C 213 39.22 -8.37 10.86
N TRP C 214 39.69 -7.30 10.21
CA TRP C 214 40.73 -6.45 10.78
C TRP C 214 40.42 -4.99 10.49
N HIS C 215 40.99 -4.12 11.30
CA HIS C 215 40.73 -2.69 11.21
C HIS C 215 41.77 -2.00 10.34
N VAL C 216 41.30 -1.20 9.39
CA VAL C 216 42.16 -0.30 8.62
C VAL C 216 41.79 1.12 9.00
N SER C 217 42.49 1.68 9.99
CA SER C 217 42.10 2.96 10.56
C SER C 217 42.13 4.09 9.55
N SER C 218 43.06 4.03 8.60
CA SER C 218 43.21 5.08 7.60
C SER C 218 42.15 5.03 6.50
N GLN C 219 41.27 4.02 6.51
CA GLN C 219 40.27 3.92 5.47
C GLN C 219 39.13 4.91 5.72
N SER C 220 38.36 5.18 4.66
CA SER C 220 37.28 6.15 4.73
C SER C 220 36.19 5.72 3.76
N LEU C 221 34.99 5.45 4.28
CA LEU C 221 33.86 5.03 3.48
C LEU C 221 32.83 6.14 3.38
N SER C 222 32.09 6.13 2.28
CA SER C 222 31.02 7.11 2.08
C SER C 222 29.85 6.79 3.02
N PHE C 223 28.81 7.60 2.95
CA PHE C 223 27.75 7.60 3.94
C PHE C 223 26.43 7.11 3.35
N ASP C 224 25.52 6.72 4.25
CA ASP C 224 24.20 6.26 3.89
C ASP C 224 23.28 7.46 3.68
N SER C 225 22.04 7.20 3.29
CA SER C 225 21.09 8.27 3.03
C SER C 225 19.67 7.73 3.09
N SER C 226 18.75 8.55 3.59
CA SER C 226 17.33 8.24 3.59
C SER C 226 16.60 8.83 2.40
N ASN C 227 17.29 9.58 1.55
CA ASN C 227 16.68 10.19 0.39
C ASN C 227 16.27 9.12 -0.62
N PRO C 228 14.98 8.99 -0.95
CA PRO C 228 14.57 7.96 -1.91
C PRO C 228 15.16 8.15 -3.30
N GLU C 229 15.69 9.32 -3.62
CA GLU C 229 16.35 9.51 -4.91
C GLU C 229 17.55 8.59 -5.07
N TYR C 230 18.22 8.25 -3.98
CA TYR C 230 19.40 7.40 -4.02
C TYR C 230 19.07 5.92 -3.92
N PHE C 231 17.81 5.56 -3.70
CA PHE C 231 17.43 4.16 -3.54
C PHE C 231 17.63 3.41 -4.86
N ASP C 232 18.33 2.27 -4.79
CA ASP C 232 18.56 1.41 -5.94
C ASP C 232 19.30 2.14 -7.06
N GLY C 233 20.20 3.06 -6.67
CA GLY C 233 20.96 3.84 -7.64
C GLY C 233 22.26 3.24 -8.09
N TYR C 234 22.74 2.21 -7.40
CA TYR C 234 24.00 1.54 -7.74
C TYR C 234 25.17 2.52 -7.79
N TRP C 235 25.19 3.43 -6.81
CA TRP C 235 26.24 4.42 -6.65
C TRP C 235 27.59 3.74 -6.50
N GLY C 236 28.43 3.82 -7.54
CA GLY C 236 29.70 3.13 -7.52
C GLY C 236 29.80 2.08 -8.59
N TYR C 237 28.81 2.07 -9.49
CA TYR C 237 28.88 1.20 -10.67
C TYR C 237 30.13 1.49 -11.50
N SER C 238 30.55 2.75 -11.55
CA SER C 238 31.79 3.17 -12.18
C SER C 238 32.44 4.23 -11.31
N VAL C 239 33.75 4.44 -11.50
CA VAL C 239 34.50 5.37 -10.66
C VAL C 239 35.73 5.82 -11.42
N ALA C 240 36.14 7.07 -11.15
CA ALA C 240 37.37 7.63 -11.69
C ALA C 240 37.80 8.77 -10.78
N VAL C 241 38.97 9.34 -11.06
CA VAL C 241 39.54 10.41 -10.26
C VAL C 241 40.02 11.53 -11.18
N GLY C 242 40.21 12.70 -10.59
CA GLY C 242 40.68 13.85 -11.35
C GLY C 242 40.83 15.05 -10.44
N GLU C 243 41.05 16.21 -11.08
CA GLU C 243 41.19 17.49 -10.39
C GLU C 243 40.11 18.43 -10.88
N PHE C 244 39.21 18.84 -9.98
CA PHE C 244 38.08 19.68 -10.35
C PHE C 244 37.84 20.86 -9.41
N ASP C 245 38.39 20.86 -8.20
CA ASP C 245 38.13 21.92 -7.24
C ASP C 245 39.18 23.02 -7.27
N GLY C 246 40.20 22.90 -8.12
CA GLY C 246 41.29 23.86 -8.19
C GLY C 246 42.43 23.58 -7.25
N ASP C 247 42.13 23.07 -6.06
CA ASP C 247 43.17 22.73 -5.08
C ASP C 247 43.92 21.49 -5.56
N LEU C 248 45.19 21.65 -5.91
CA LEU C 248 46.02 20.55 -6.37
C LEU C 248 46.42 19.60 -5.24
N ASN C 249 46.41 20.06 -3.99
CA ASN C 249 46.68 19.17 -2.87
C ASN C 249 45.59 18.12 -2.70
N THR C 250 44.35 18.48 -3.01
CA THR C 250 43.22 17.56 -2.89
C THR C 250 43.02 16.77 -4.18
N THR C 251 42.35 15.63 -4.04
CA THR C 251 42.02 14.78 -5.17
C THR C 251 40.51 14.53 -5.14
N GLU C 252 39.85 14.79 -6.26
CA GLU C 252 38.41 14.67 -6.37
C GLU C 252 38.02 13.35 -7.01
N TYR C 253 36.87 12.82 -6.59
CA TYR C 253 36.38 11.53 -7.04
C TYR C 253 35.20 11.72 -7.99
N VAL C 254 35.10 10.84 -8.99
CA VAL C 254 33.98 10.82 -9.92
C VAL C 254 33.28 9.49 -9.76
N VAL C 255 31.97 9.54 -9.51
CA VAL C 255 31.17 8.35 -9.23
C VAL C 255 29.96 8.34 -10.16
N GLY C 256 29.67 7.17 -10.74
CA GLY C 256 28.50 6.99 -11.60
C GLY C 256 27.44 6.17 -10.88
N ALA C 257 26.21 6.69 -10.91
CA ALA C 257 25.04 6.01 -10.35
C ALA C 257 24.03 5.83 -11.47
N PRO C 258 24.16 4.77 -12.26
CA PRO C 258 23.38 4.66 -13.51
C PRO C 258 21.89 4.41 -13.31
N THR C 259 21.43 4.17 -12.09
CA THR C 259 20.01 4.04 -11.81
C THR C 259 19.54 5.05 -10.75
N TRP C 260 20.28 6.13 -10.59
CA TRP C 260 19.94 7.14 -9.59
C TRP C 260 18.61 7.82 -9.95
N SER C 261 17.80 8.06 -8.91
CA SER C 261 16.51 8.74 -9.03
C SER C 261 15.60 8.03 -10.05
N TRP C 262 15.23 6.81 -9.67
CA TRP C 262 14.30 5.99 -10.46
C TRP C 262 14.80 5.78 -11.88
N THR C 263 15.98 5.18 -11.99
CA THR C 263 16.64 4.83 -13.24
C THR C 263 16.90 6.03 -14.14
N LEU C 264 16.81 7.25 -13.61
CA LEU C 264 17.22 8.41 -14.40
C LEU C 264 18.73 8.41 -14.63
N GLY C 265 19.50 7.91 -13.66
CA GLY C 265 20.94 7.88 -13.77
C GLY C 265 21.59 9.21 -13.44
N ALA C 266 22.81 9.18 -12.93
CA ALA C 266 23.50 10.42 -12.58
C ALA C 266 24.98 10.13 -12.39
N VAL C 267 25.76 11.22 -12.39
CA VAL C 267 27.19 11.18 -12.09
C VAL C 267 27.48 12.33 -11.14
N GLU C 268 28.34 12.09 -10.15
CA GLU C 268 28.64 13.07 -9.13
C GLU C 268 30.14 13.22 -8.96
N ILE C 269 30.58 14.47 -8.77
CA ILE C 269 31.96 14.79 -8.45
C ILE C 269 32.05 15.14 -6.98
N LEU C 270 33.00 14.53 -6.27
CA LEU C 270 33.12 14.68 -4.83
C LEU C 270 34.56 15.01 -4.46
N ASP C 271 34.74 15.49 -3.24
CA ASP C 271 36.07 15.63 -2.67
C ASP C 271 36.47 14.31 -2.00
N SER C 272 37.67 14.28 -1.43
CA SER C 272 38.13 13.07 -0.73
C SER C 272 37.29 12.74 0.50
N TYR C 273 36.48 13.70 0.99
CA TYR C 273 35.60 13.47 2.13
C TYR C 273 34.16 13.19 1.70
N TYR C 274 33.95 12.85 0.43
CA TYR C 274 32.66 12.40 -0.11
C TYR C 274 31.59 13.49 -0.03
N GLN C 275 32.02 14.76 -0.04
CA GLN C 275 31.08 15.88 -0.10
C GLN C 275 30.83 16.23 -1.56
N ARG C 276 29.55 16.33 -1.93
CA ARG C 276 29.18 16.51 -3.32
C ARG C 276 29.54 17.91 -3.79
N LEU C 277 30.33 17.98 -4.87
CA LEU C 277 30.68 19.25 -5.51
C LEU C 277 29.79 19.57 -6.70
N HIS C 278 29.48 18.56 -7.53
CA HIS C 278 28.57 18.75 -8.65
CA HIS C 278 28.61 18.74 -8.69
C HIS C 278 27.80 17.46 -8.88
N ARG C 279 26.67 17.59 -9.55
CA ARG C 279 25.84 16.44 -9.92
C ARG C 279 25.36 16.61 -11.34
N LEU C 280 25.60 15.59 -12.16
CA LEU C 280 25.13 15.54 -13.54
C LEU C 280 24.01 14.52 -13.63
N ARG C 281 22.82 14.97 -14.02
CA ARG C 281 21.66 14.11 -14.08
C ARG C 281 21.56 13.47 -15.47
N GLY C 282 20.82 12.36 -15.54
CA GLY C 282 20.62 11.68 -16.79
C GLY C 282 19.63 12.42 -17.69
N GLU C 283 19.75 12.14 -18.98
CA GLU C 283 18.85 12.73 -19.98
C GLU C 283 17.62 11.87 -20.24
N GLN C 284 17.76 10.56 -20.15
CA GLN C 284 16.68 9.64 -20.47
C GLN C 284 16.72 8.47 -19.50
N MET C 285 15.55 8.09 -18.98
CA MET C 285 15.47 6.98 -18.05
C MET C 285 15.85 5.68 -18.73
N ALA C 286 16.46 4.79 -17.95
CA ALA C 286 16.92 3.46 -18.38
C ALA C 286 18.00 3.53 -19.46
N SER C 287 18.58 4.72 -19.70
CA SER C 287 19.73 4.82 -20.59
C SER C 287 21.03 4.42 -19.91
N TYR C 288 20.99 4.16 -18.61
CA TYR C 288 22.19 3.82 -17.82
C TYR C 288 23.25 4.92 -17.92
N PHE C 289 22.79 6.17 -17.86
CA PHE C 289 23.67 7.33 -17.79
C PHE C 289 24.57 7.21 -16.56
N GLY C 290 25.88 7.02 -16.78
CA GLY C 290 26.81 6.75 -15.70
C GLY C 290 27.36 5.34 -15.70
N HIS C 291 26.99 4.52 -16.69
CA HIS C 291 27.55 3.17 -16.80
C HIS C 291 29.07 3.20 -16.92
N SER C 292 29.62 4.28 -17.49
CA SER C 292 31.06 4.43 -17.62
C SER C 292 31.41 5.91 -17.48
N VAL C 293 32.56 6.18 -16.87
CA VAL C 293 33.05 7.55 -16.69
C VAL C 293 34.53 7.59 -17.04
N ALA C 294 34.96 8.73 -17.58
CA ALA C 294 36.34 8.94 -17.97
C ALA C 294 36.72 10.38 -17.67
N VAL C 295 37.99 10.59 -17.32
CA VAL C 295 38.51 11.90 -16.94
C VAL C 295 39.80 12.14 -17.72
N THR C 296 39.81 13.19 -18.53
CA THR C 296 40.99 13.60 -19.27
C THR C 296 40.77 15.00 -19.84
N ASP C 297 41.86 15.75 -19.98
CA ASP C 297 41.82 17.09 -20.57
C ASP C 297 41.92 16.93 -22.08
N VAL C 298 40.79 17.12 -22.77
CA VAL C 298 40.76 16.89 -24.21
C VAL C 298 41.10 18.15 -25.00
N ASN C 299 40.88 19.34 -24.44
CA ASN C 299 41.05 20.59 -25.17
C ASN C 299 42.32 21.32 -24.78
N GLY C 300 43.24 20.66 -24.08
CA GLY C 300 44.57 21.23 -23.84
C GLY C 300 44.57 22.54 -23.09
N ASP C 301 43.68 22.70 -22.12
CA ASP C 301 43.67 23.88 -21.27
C ASP C 301 44.11 23.58 -19.85
N GLY C 302 44.65 22.37 -19.60
CA GLY C 302 45.14 22.00 -18.29
C GLY C 302 44.09 21.48 -17.33
N ARG C 303 42.81 21.72 -17.58
CA ARG C 303 41.74 21.33 -16.67
C ARG C 303 41.10 20.03 -17.15
N HIS C 304 40.99 19.07 -16.24
CA HIS C 304 40.41 17.77 -16.57
C HIS C 304 38.96 17.94 -16.99
N ASP C 305 38.58 17.25 -18.07
CA ASP C 305 37.22 17.24 -18.57
C ASP C 305 36.59 15.87 -18.31
N LEU C 306 35.27 15.85 -18.27
CA LEU C 306 34.51 14.65 -17.90
C LEU C 306 33.76 14.09 -19.09
N LEU C 307 33.77 12.77 -19.21
CA LEU C 307 33.02 12.05 -20.24
C LEU C 307 32.14 11.01 -19.57
N VAL C 308 30.87 10.99 -19.93
CA VAL C 308 29.89 10.08 -19.35
C VAL C 308 29.22 9.30 -20.47
N GLY C 309 29.11 7.98 -20.30
CA GLY C 309 28.51 7.11 -21.30
C GLY C 309 27.15 6.60 -20.83
N ALA C 310 26.18 6.69 -21.73
CA ALA C 310 24.82 6.16 -21.52
C ALA C 310 24.56 5.13 -22.62
N PRO C 311 24.99 3.88 -22.40
CA PRO C 311 24.98 2.91 -23.51
C PRO C 311 23.60 2.50 -23.99
N LEU C 312 22.54 2.71 -23.21
CA LEU C 312 21.20 2.31 -23.59
C LEU C 312 20.32 3.49 -23.99
N TYR C 313 20.92 4.62 -24.34
CA TYR C 313 20.15 5.79 -24.75
C TYR C 313 19.45 5.51 -26.08
N MET C 314 18.16 5.83 -26.14
CA MET C 314 17.37 5.64 -27.35
C MET C 314 17.26 6.96 -28.10
N GLU C 315 17.71 6.97 -29.35
CA GLU C 315 17.70 8.18 -30.15
C GLU C 315 16.36 8.38 -30.83
N SER C 316 15.98 9.65 -31.02
CA SER C 316 14.72 9.99 -31.65
C SER C 316 14.82 9.77 -33.15
N ARG C 317 13.94 8.93 -33.68
CA ARG C 317 13.85 8.64 -35.11
C ARG C 317 12.54 9.20 -35.65
N ALA C 318 12.37 9.09 -36.97
CA ALA C 318 11.16 9.59 -37.62
C ALA C 318 9.94 8.79 -37.17
N ASP C 319 8.76 9.38 -37.37
CA ASP C 319 7.48 8.78 -36.99
C ASP C 319 7.42 8.51 -35.49
N ARG C 320 8.02 9.41 -34.70
CA ARG C 320 8.04 9.31 -33.24
C ARG C 320 8.62 7.97 -32.77
N LYS C 321 9.59 7.44 -33.50
CA LYS C 321 10.21 6.18 -33.15
C LYS C 321 11.43 6.40 -32.28
N LEU C 322 11.83 5.35 -31.58
CA LEU C 322 13.02 5.36 -30.73
C LEU C 322 13.91 4.19 -31.11
N ALA C 323 15.22 4.39 -30.97
CA ALA C 323 16.21 3.39 -31.37
C ALA C 323 17.34 3.40 -30.36
N GLU C 324 17.50 2.29 -29.64
CA GLU C 324 18.60 2.16 -28.68
C GLU C 324 19.94 2.10 -29.41
N VAL C 325 20.80 3.07 -29.15
CA VAL C 325 22.10 3.14 -29.81
C VAL C 325 23.18 3.50 -28.79
N GLY C 326 22.82 4.23 -27.75
CA GLY C 326 23.78 4.71 -26.78
C GLY C 326 24.29 6.10 -27.10
N ARG C 327 24.84 6.75 -26.08
CA ARG C 327 25.28 8.14 -26.21
C ARG C 327 26.39 8.42 -25.21
N VAL C 328 27.31 9.31 -25.60
CA VAL C 328 28.39 9.78 -24.76
C VAL C 328 28.26 11.29 -24.60
N TYR C 329 28.45 11.78 -23.37
CA TYR C 329 28.34 13.19 -23.04
C TYR C 329 29.71 13.73 -22.68
N LEU C 330 30.04 14.90 -23.20
CA LEU C 330 31.30 15.57 -22.92
C LEU C 330 31.05 16.83 -22.10
N PHE C 331 31.74 16.92 -20.95
CA PHE C 331 31.62 18.07 -20.06
C PHE C 331 33.00 18.70 -19.89
N LEU C 332 33.16 19.91 -20.40
CA LEU C 332 34.42 20.64 -20.27
C LEU C 332 34.40 21.48 -18.99
N GLN C 333 35.47 21.38 -18.21
CA GLN C 333 35.55 22.14 -16.96
C GLN C 333 35.76 23.61 -17.26
N PRO C 334 34.92 24.49 -16.71
CA PRO C 334 35.02 25.92 -17.04
C PRO C 334 36.12 26.61 -16.25
N ARG C 335 36.34 27.88 -16.60
CA ARG C 335 37.32 28.70 -15.90
C ARG C 335 36.84 28.98 -14.48
N GLY C 336 37.71 28.71 -13.50
CA GLY C 336 37.41 29.02 -12.12
C GLY C 336 36.58 27.95 -11.44
N PRO C 337 36.00 28.30 -10.29
CA PRO C 337 35.27 27.29 -9.49
C PRO C 337 33.84 27.10 -9.96
N HIS C 338 33.52 27.54 -11.18
CA HIS C 338 32.16 27.44 -11.68
C HIS C 338 31.75 25.98 -11.82
N ALA C 339 30.45 25.73 -11.64
CA ALA C 339 29.93 24.39 -11.75
C ALA C 339 29.89 23.94 -13.22
N LEU C 340 30.02 22.63 -13.41
CA LEU C 340 30.02 22.05 -14.76
C LEU C 340 28.64 22.19 -15.37
N GLY C 341 28.53 22.98 -16.43
CA GLY C 341 27.24 23.27 -17.03
C GLY C 341 26.71 22.18 -17.95
N ALA C 342 26.13 22.59 -19.07
CA ALA C 342 25.52 21.66 -19.99
C ALA C 342 26.60 20.88 -20.76
N PRO C 343 26.23 19.77 -21.39
CA PRO C 343 27.21 19.03 -22.20
C PRO C 343 27.76 19.88 -23.34
N SER C 344 29.08 19.88 -23.47
CA SER C 344 29.73 20.60 -24.57
C SER C 344 29.59 19.86 -25.90
N LEU C 345 29.30 18.56 -25.87
CA LEU C 345 29.18 17.77 -27.09
C LEU C 345 28.44 16.48 -26.77
N LEU C 346 27.68 16.00 -27.74
CA LEU C 346 26.91 14.76 -27.63
C LEU C 346 27.30 13.83 -28.77
N LEU C 347 27.94 12.72 -28.43
CA LEU C 347 28.27 11.67 -29.38
C LEU C 347 27.23 10.55 -29.26
N THR C 348 26.63 10.18 -30.39
CA THR C 348 25.54 9.22 -30.40
C THR C 348 25.88 8.07 -31.35
N GLY C 349 25.57 6.85 -30.92
CA GLY C 349 25.80 5.69 -31.76
C GLY C 349 24.83 5.62 -32.92
N THR C 350 25.14 4.72 -33.85
CA THR C 350 24.33 4.50 -35.04
C THR C 350 23.75 3.10 -35.13
N GLN C 351 24.50 2.09 -34.69
CA GLN C 351 24.04 0.71 -34.79
C GLN C 351 23.04 0.41 -33.69
N LEU C 352 21.93 -0.24 -34.06
CA LEU C 352 20.92 -0.61 -33.07
C LEU C 352 21.48 -1.64 -32.10
N TYR C 353 21.20 -1.43 -30.80
CA TYR C 353 21.66 -2.31 -29.73
C TYR C 353 23.19 -2.37 -29.64
N GLY C 354 23.88 -1.44 -30.29
CA GLY C 354 25.33 -1.43 -30.27
C GLY C 354 25.93 -1.06 -28.92
N ARG C 355 25.16 -0.39 -28.06
CA ARG C 355 25.61 0.02 -26.74
C ARG C 355 26.83 0.93 -26.83
N PHE C 356 26.76 1.91 -27.73
CA PHE C 356 27.79 2.93 -27.84
C PHE C 356 27.89 3.70 -26.53
N GLY C 357 29.09 3.77 -25.97
CA GLY C 357 29.29 4.37 -24.67
C GLY C 357 29.47 3.39 -23.53
N SER C 358 29.62 2.09 -23.82
CA SER C 358 29.82 1.12 -22.76
CA SER C 358 29.82 1.12 -22.76
C SER C 358 31.17 1.28 -22.09
N ALA C 359 32.15 1.83 -22.81
CA ALA C 359 33.48 2.05 -22.28
C ALA C 359 34.08 3.28 -22.94
N ILE C 360 34.78 4.09 -22.15
CA ILE C 360 35.40 5.32 -22.62
C ILE C 360 36.82 5.35 -22.06
N ALA C 361 37.81 5.29 -22.94
CA ALA C 361 39.21 5.19 -22.52
C ALA C 361 39.99 6.41 -23.00
N PRO C 362 40.62 7.17 -22.09
CA PRO C 362 41.56 8.19 -22.53
C PRO C 362 42.76 7.55 -23.21
N LEU C 363 43.21 8.18 -24.30
CA LEU C 363 44.32 7.66 -25.09
C LEU C 363 45.58 8.48 -24.96
N GLY C 364 45.59 9.53 -24.14
CA GLY C 364 46.69 10.47 -24.23
C GLY C 364 46.60 11.21 -25.56
N ASP C 365 47.74 11.76 -25.97
CA ASP C 365 47.83 12.43 -27.27
C ASP C 365 48.26 11.39 -28.29
N LEU C 366 47.28 10.92 -29.08
CA LEU C 366 47.54 9.82 -30.01
C LEU C 366 48.41 10.27 -31.17
N ASP C 367 48.04 11.38 -31.82
CA ASP C 367 48.78 11.91 -32.96
C ASP C 367 49.83 12.94 -32.55
N ARG C 368 49.97 13.22 -31.26
CA ARG C 368 50.97 14.17 -30.74
C ARG C 368 50.80 15.55 -31.39
N ASP C 369 49.57 16.05 -31.37
CA ASP C 369 49.27 17.37 -31.90
C ASP C 369 49.09 18.42 -30.82
N GLY C 370 48.92 18.02 -29.56
CA GLY C 370 48.76 18.97 -28.47
C GLY C 370 47.50 18.74 -27.66
N TYR C 371 46.64 17.84 -28.14
CA TYR C 371 45.35 17.57 -27.52
C TYR C 371 45.20 16.09 -27.26
N ASN C 372 44.75 15.74 -26.05
CA ASN C 372 44.51 14.35 -25.71
C ASN C 372 43.23 13.85 -26.40
N ASP C 373 43.20 12.55 -26.66
CA ASP C 373 42.16 11.92 -27.45
C ASP C 373 41.55 10.77 -26.68
N ILE C 374 40.38 10.32 -27.13
CA ILE C 374 39.61 9.29 -26.43
C ILE C 374 39.23 8.19 -27.41
N ALA C 375 38.78 7.07 -26.84
CA ALA C 375 38.24 5.94 -27.59
C ALA C 375 36.94 5.52 -26.93
N VAL C 376 35.90 5.30 -27.75
CA VAL C 376 34.59 4.91 -27.26
C VAL C 376 34.22 3.59 -27.90
N ALA C 377 33.72 2.66 -27.09
CA ALA C 377 33.42 1.31 -27.54
C ALA C 377 31.93 1.14 -27.78
N ALA C 378 31.62 0.29 -28.76
CA ALA C 378 30.25 -0.17 -29.01
C ALA C 378 30.33 -1.69 -29.13
N PRO C 379 30.29 -2.40 -28.00
CA PRO C 379 30.60 -3.84 -28.00
C PRO C 379 29.75 -4.67 -28.94
N TYR C 380 28.59 -4.15 -29.36
CA TYR C 380 27.75 -4.83 -30.34
C TYR C 380 27.41 -3.91 -31.51
N GLY C 381 28.24 -2.91 -31.76
CA GLY C 381 28.05 -1.98 -32.85
C GLY C 381 28.80 -2.37 -34.10
N GLY C 382 28.96 -1.41 -34.99
CA GLY C 382 29.50 -1.67 -36.30
C GLY C 382 28.42 -2.20 -37.21
N PRO C 383 28.63 -2.11 -38.53
CA PRO C 383 27.60 -2.59 -39.47
C PRO C 383 27.30 -4.07 -39.34
N SER C 384 28.24 -4.86 -38.82
CA SER C 384 28.04 -6.29 -38.61
C SER C 384 27.52 -6.60 -37.21
N GLY C 385 27.55 -5.64 -36.29
CA GLY C 385 27.16 -5.91 -34.92
C GLY C 385 28.13 -6.73 -34.13
N ARG C 386 29.35 -6.94 -34.64
CA ARG C 386 30.37 -7.72 -33.96
C ARG C 386 31.18 -6.91 -32.96
N GLY C 387 30.96 -5.60 -32.87
CA GLY C 387 31.72 -4.77 -31.97
C GLY C 387 32.55 -3.73 -32.72
N GLN C 388 32.76 -2.57 -32.10
CA GLN C 388 33.43 -1.48 -32.79
C GLN C 388 33.96 -0.47 -31.79
N VAL C 389 35.18 0.00 -32.01
CA VAL C 389 35.81 1.03 -31.20
C VAL C 389 36.03 2.25 -32.07
N LEU C 390 35.65 3.42 -31.57
CA LEU C 390 35.71 4.67 -32.32
C LEU C 390 36.65 5.64 -31.63
N VAL C 391 37.62 6.17 -32.36
CA VAL C 391 38.60 7.10 -31.84
C VAL C 391 38.16 8.51 -32.17
N PHE C 392 38.12 9.39 -31.16
CA PHE C 392 37.79 10.78 -31.32
C PHE C 392 38.97 11.64 -30.88
N LEU C 393 39.41 12.53 -31.76
CA LEU C 393 40.58 13.35 -31.50
C LEU C 393 40.20 14.65 -30.79
N GLY C 394 41.10 15.12 -29.93
CA GLY C 394 40.86 16.35 -29.21
C GLY C 394 41.10 17.58 -30.05
N GLN C 395 40.51 18.69 -29.61
CA GLN C 395 40.65 19.97 -30.29
C GLN C 395 40.44 21.08 -29.27
N SER C 396 40.77 22.31 -29.69
CA SER C 396 40.64 23.46 -28.79
C SER C 396 39.21 23.64 -28.30
N GLU C 397 38.22 23.27 -29.12
CA GLU C 397 36.82 23.37 -28.76
C GLU C 397 36.32 22.15 -27.99
N GLY C 398 37.12 21.09 -27.91
CA GLY C 398 36.72 19.89 -27.21
C GLY C 398 37.07 18.62 -27.97
N LEU C 399 36.10 18.03 -28.63
CA LEU C 399 36.30 16.82 -29.41
C LEU C 399 35.66 16.97 -30.78
N ARG C 400 36.19 16.23 -31.75
CA ARG C 400 35.60 16.19 -33.08
C ARG C 400 34.26 15.48 -33.03
N SER C 401 33.29 16.02 -33.78
CA SER C 401 31.97 15.39 -33.84
C SER C 401 32.00 14.03 -34.50
N ARG C 402 33.00 13.77 -35.33
CA ARG C 402 33.11 12.53 -36.09
C ARG C 402 34.42 11.83 -35.77
N PRO C 403 34.44 10.50 -35.81
CA PRO C 403 35.66 9.77 -35.44
C PRO C 403 36.73 9.88 -36.50
N SER C 404 37.98 9.95 -36.05
CA SER C 404 39.12 9.93 -36.96
C SER C 404 39.46 8.51 -37.43
N GLN C 405 39.03 7.50 -36.69
CA GLN C 405 39.38 6.12 -36.99
C GLN C 405 38.36 5.21 -36.34
N VAL C 406 38.21 4.02 -36.91
CA VAL C 406 37.23 3.03 -36.45
C VAL C 406 37.89 1.66 -36.46
N LEU C 407 37.83 0.96 -35.33
CA LEU C 407 38.43 -0.35 -35.18
C LEU C 407 37.32 -1.40 -35.13
N ASP C 408 37.08 -2.07 -36.24
CA ASP C 408 36.09 -3.14 -36.28
C ASP C 408 36.64 -4.40 -35.63
N SER C 409 35.76 -5.14 -34.97
CA SER C 409 36.18 -6.31 -34.20
C SER C 409 36.81 -7.35 -35.11
N PRO C 410 38.00 -7.87 -34.79
CA PRO C 410 38.56 -8.98 -35.55
C PRO C 410 38.06 -10.35 -35.11
N PHE C 411 37.20 -10.39 -34.10
CA PHE C 411 36.70 -11.61 -33.48
C PHE C 411 35.32 -11.95 -34.01
N PRO C 412 34.85 -13.20 -33.81
CA PRO C 412 33.50 -13.56 -34.26
C PRO C 412 32.41 -12.82 -33.49
N THR C 413 31.16 -13.08 -33.87
CA THR C 413 30.02 -12.45 -33.19
C THR C 413 29.98 -12.85 -31.73
N GLY C 414 29.58 -11.91 -30.88
CA GLY C 414 29.39 -12.17 -29.46
C GLY C 414 30.62 -12.05 -28.61
N SER C 415 31.74 -11.57 -29.17
CA SER C 415 32.97 -11.44 -28.39
C SER C 415 32.91 -10.29 -27.39
N ALA C 416 31.91 -9.40 -27.50
CA ALA C 416 31.82 -8.19 -26.69
C ALA C 416 33.08 -7.34 -26.82
N PHE C 417 33.60 -7.29 -28.05
CA PHE C 417 34.81 -6.53 -28.35
C PHE C 417 34.62 -5.06 -28.00
N GLY C 418 35.46 -4.56 -27.10
CA GLY C 418 35.38 -3.19 -26.62
C GLY C 418 34.80 -3.03 -25.24
N PHE C 419 34.22 -4.09 -24.67
CA PHE C 419 33.64 -4.02 -23.33
C PHE C 419 34.64 -3.48 -22.31
N SER C 420 35.94 -3.67 -22.54
CA SER C 420 36.98 -3.13 -21.69
C SER C 420 38.03 -2.46 -22.56
N LEU C 421 38.40 -1.23 -22.19
CA LEU C 421 39.37 -0.45 -22.93
C LEU C 421 40.41 0.13 -21.97
N ARG C 422 41.57 0.47 -22.52
CA ARG C 422 42.64 1.11 -21.76
C ARG C 422 43.73 1.61 -22.71
N GLY C 423 44.16 2.86 -22.53
CA GLY C 423 45.18 3.42 -23.39
C GLY C 423 46.15 4.33 -22.68
N ALA C 424 46.68 5.32 -23.40
CA ALA C 424 47.58 6.34 -22.85
C ALA C 424 48.87 5.74 -22.30
N VAL C 425 49.31 4.61 -22.86
CA VAL C 425 50.55 3.96 -22.44
C VAL C 425 51.27 3.45 -23.69
N ASP C 426 52.55 3.75 -23.79
CA ASP C 426 53.40 3.28 -24.89
C ASP C 426 54.01 1.94 -24.46
N ILE C 427 53.44 0.85 -24.95
CA ILE C 427 53.90 -0.47 -24.54
C ILE C 427 55.11 -0.95 -25.34
N ASP C 428 55.24 -0.53 -26.59
CA ASP C 428 56.37 -0.92 -27.43
C ASP C 428 57.49 0.11 -27.46
N ASP C 429 57.34 1.19 -26.69
CA ASP C 429 58.40 2.21 -26.53
C ASP C 429 58.78 2.82 -27.88
N ASN C 430 57.78 3.20 -28.66
CA ASN C 430 58.00 3.90 -29.92
C ASN C 430 57.65 5.37 -29.82
N GLY C 431 57.37 5.87 -28.62
CA GLY C 431 57.02 7.27 -28.44
C GLY C 431 55.57 7.61 -28.67
N TYR C 432 54.69 6.62 -28.83
CA TYR C 432 53.30 6.86 -29.12
C TYR C 432 52.42 5.99 -28.23
N PRO C 433 51.35 6.56 -27.67
CA PRO C 433 50.50 5.78 -26.75
C PRO C 433 49.64 4.76 -27.50
N ASP C 434 49.52 3.58 -26.93
CA ASP C 434 48.87 2.45 -27.57
C ASP C 434 47.56 2.11 -26.88
N LEU C 435 46.83 1.16 -27.46
CA LEU C 435 45.48 0.82 -27.03
C LEU C 435 45.33 -0.69 -26.92
N ILE C 436 44.78 -1.14 -25.80
CA ILE C 436 44.46 -2.54 -25.58
C ILE C 436 42.94 -2.68 -25.47
N VAL C 437 42.41 -3.70 -26.12
CA VAL C 437 40.96 -3.93 -26.17
C VAL C 437 40.67 -5.36 -25.75
N GLY C 438 39.73 -5.52 -24.82
CA GLY C 438 39.32 -6.84 -24.36
C GLY C 438 38.09 -7.33 -25.08
N ALA C 439 37.96 -8.66 -25.15
CA ALA C 439 36.80 -9.31 -25.75
C ALA C 439 36.56 -10.61 -24.96
N TYR C 440 35.94 -10.45 -23.78
CA TYR C 440 35.78 -11.59 -22.88
C TYR C 440 34.94 -12.69 -23.49
N GLY C 441 34.06 -12.35 -24.44
CA GLY C 441 33.28 -13.38 -25.12
C GLY C 441 34.16 -14.33 -25.91
N ALA C 442 35.19 -13.81 -26.56
CA ALA C 442 36.16 -14.62 -27.28
C ALA C 442 37.36 -15.01 -26.43
N ASN C 443 37.39 -14.60 -25.16
CA ASN C 443 38.49 -14.92 -24.25
C ASN C 443 39.84 -14.46 -24.79
N GLN C 444 39.86 -13.24 -25.34
CA GLN C 444 41.06 -12.72 -25.97
C GLN C 444 41.18 -11.23 -25.73
N VAL C 445 42.39 -10.71 -25.96
CA VAL C 445 42.71 -9.29 -25.85
C VAL C 445 43.47 -8.88 -27.08
N ALA C 446 43.06 -7.77 -27.71
CA ALA C 446 43.71 -7.23 -28.89
C ALA C 446 44.48 -5.97 -28.52
N VAL C 447 45.68 -5.84 -29.07
CA VAL C 447 46.56 -4.70 -28.81
C VAL C 447 46.77 -3.95 -30.11
N TYR C 448 46.52 -2.64 -30.09
CA TYR C 448 46.68 -1.77 -31.25
C TYR C 448 47.86 -0.85 -30.99
N ARG C 449 48.87 -0.93 -31.84
CA ARG C 449 50.07 -0.10 -31.71
C ARG C 449 49.90 1.18 -32.53
N ALA C 450 50.16 2.32 -31.88
CA ALA C 450 50.11 3.59 -32.57
C ALA C 450 51.35 3.78 -33.42
N GLN C 451 51.15 4.29 -34.64
CA GLN C 451 52.23 4.46 -35.59
C GLN C 451 52.61 5.93 -35.72
N PRO C 452 53.85 6.22 -36.12
CA PRO C 452 54.26 7.63 -36.26
C PRO C 452 53.43 8.35 -37.32
N VAL C 453 53.22 9.65 -37.09
CA VAL C 453 52.45 10.48 -38.01
C VAL C 453 53.39 11.23 -38.94
N GLY D 1 -0.91 30.41 -76.29
CA GLY D 1 0.12 30.03 -77.25
C GLY D 1 1.40 29.55 -76.61
N PRO D 2 2.19 30.47 -76.06
CA PRO D 2 3.45 30.08 -75.43
C PRO D 2 3.24 29.59 -74.01
N ASN D 3 4.06 28.63 -73.61
CA ASN D 3 4.01 28.04 -72.27
C ASN D 3 5.28 27.22 -72.06
N ILE D 4 5.41 26.67 -70.86
CA ILE D 4 6.58 25.87 -70.50
C ILE D 4 6.69 24.61 -71.35
N CYS D 5 5.58 24.17 -71.96
CA CYS D 5 5.64 22.96 -72.80
C CYS D 5 6.37 23.24 -74.10
N THR D 6 6.10 24.38 -74.73
CA THR D 6 6.72 24.70 -76.01
C THR D 6 8.11 25.31 -75.82
N THR D 7 8.24 26.25 -74.88
CA THR D 7 9.49 26.99 -74.72
C THR D 7 10.64 26.10 -74.24
N ARG D 8 10.35 24.93 -73.68
CA ARG D 8 11.42 24.05 -73.22
C ARG D 8 12.25 23.52 -74.39
N GLY D 9 11.65 23.34 -75.56
CA GLY D 9 12.36 22.77 -76.68
C GLY D 9 12.73 21.32 -76.44
N VAL D 10 11.72 20.48 -76.18
CA VAL D 10 12.00 19.10 -75.84
C VAL D 10 12.40 18.33 -77.09
N SER D 11 13.18 17.26 -76.89
CA SER D 11 13.67 16.45 -77.99
C SER D 11 12.91 15.14 -78.17
N SER D 12 12.00 14.79 -77.25
CA SER D 12 11.32 13.51 -77.31
C SER D 12 9.98 13.60 -76.60
N CYS D 13 9.12 12.62 -76.88
CA CYS D 13 7.84 12.53 -76.18
C CYS D 13 8.04 12.27 -74.69
N GLN D 14 8.99 11.41 -74.35
CA GLN D 14 9.29 11.13 -72.94
C GLN D 14 9.76 12.39 -72.23
N GLN D 15 10.61 13.18 -72.89
CA GLN D 15 11.08 14.43 -72.30
C GLN D 15 9.96 15.46 -72.18
N CYS D 16 8.94 15.39 -73.05
CA CYS D 16 7.86 16.37 -73.01
C CYS D 16 6.96 16.15 -71.79
N LEU D 17 6.60 14.88 -71.52
CA LEU D 17 5.78 14.60 -70.34
C LEU D 17 6.51 14.95 -69.05
N ALA D 18 7.85 14.90 -69.07
CA ALA D 18 8.63 15.22 -67.88
C ALA D 18 8.62 16.71 -67.56
N VAL D 19 8.21 17.56 -68.51
CA VAL D 19 8.16 19.00 -68.26
C VAL D 19 7.13 19.31 -67.19
N SER D 20 5.91 18.80 -67.36
CA SER D 20 4.81 19.09 -66.46
C SER D 20 3.67 18.11 -66.70
N PRO D 21 2.88 17.79 -65.68
CA PRO D 21 1.66 16.99 -65.90
C PRO D 21 0.68 17.67 -66.84
N MET D 22 0.87 18.96 -67.12
CA MET D 22 -0.02 19.73 -67.98
C MET D 22 0.30 19.52 -69.45
N CYS D 23 1.54 19.17 -69.79
CA CYS D 23 1.97 19.11 -71.17
C CYS D 23 1.49 17.82 -71.85
N ALA D 24 1.36 17.90 -73.18
CA ALA D 24 0.98 16.77 -74.01
C ALA D 24 1.91 16.72 -75.22
N TRP D 25 1.84 15.61 -75.96
CA TRP D 25 2.70 15.38 -77.10
C TRP D 25 1.88 14.91 -78.30
N CYS D 26 2.25 15.37 -79.48
CA CYS D 26 1.65 14.96 -80.75
C CYS D 26 2.68 14.20 -81.56
N SER D 27 2.38 12.93 -81.86
CA SER D 27 3.27 12.08 -82.63
C SER D 27 2.86 11.99 -84.10
N ASP D 28 1.93 12.84 -84.54
CA ASP D 28 1.44 12.79 -85.91
C ASP D 28 2.55 13.18 -86.88
N GLU D 29 2.84 12.29 -87.84
CA GLU D 29 3.91 12.56 -88.81
C GLU D 29 3.56 13.71 -89.74
N ALA D 30 2.27 13.92 -90.00
CA ALA D 30 1.81 14.98 -90.91
C ALA D 30 1.53 16.29 -90.17
N LEU D 31 2.31 16.59 -89.14
CA LEU D 31 2.17 17.85 -88.43
C LEU D 31 2.92 18.95 -89.18
N PRO D 32 2.41 20.19 -89.15
CA PRO D 32 3.16 21.30 -89.75
C PRO D 32 4.53 21.45 -89.12
N LEU D 33 5.51 21.80 -89.96
CA LEU D 33 6.87 21.99 -89.48
C LEU D 33 6.92 23.13 -88.46
N GLY D 34 6.32 24.27 -88.81
CA GLY D 34 6.23 25.38 -87.88
C GLY D 34 5.16 25.17 -86.83
N SER D 35 5.34 24.15 -85.99
CA SER D 35 4.37 23.81 -84.96
C SER D 35 5.04 22.98 -83.88
N PRO D 36 4.80 23.28 -82.60
CA PRO D 36 5.44 22.51 -81.53
C PRO D 36 4.71 21.19 -81.29
N ARG D 37 5.50 20.14 -81.08
CA ARG D 37 4.95 18.83 -80.75
C ARG D 37 4.63 18.70 -79.27
N CYS D 38 5.12 19.61 -78.43
CA CYS D 38 4.92 19.56 -76.98
C CYS D 38 4.14 20.81 -76.58
N ASP D 39 2.87 20.62 -76.22
CA ASP D 39 2.00 21.73 -75.85
C ASP D 39 0.80 21.17 -75.09
N LEU D 40 -0.10 22.06 -74.71
CA LEU D 40 -1.34 21.64 -74.06
C LEU D 40 -2.17 20.82 -75.04
N LYS D 41 -2.98 19.90 -74.49
CA LYS D 41 -3.79 19.03 -75.34
C LYS D 41 -4.73 19.84 -76.24
N GLU D 42 -5.19 21.00 -75.75
CA GLU D 42 -6.06 21.84 -76.56
C GLU D 42 -5.31 22.46 -77.73
N ASN D 43 -4.13 23.01 -77.46
CA ASN D 43 -3.35 23.65 -78.51
C ASN D 43 -2.95 22.67 -79.60
N LEU D 44 -2.70 21.41 -79.24
CA LEU D 44 -2.36 20.41 -80.24
C LEU D 44 -3.56 20.09 -81.14
N LEU D 45 -4.74 19.95 -80.55
CA LEU D 45 -5.95 19.69 -81.32
C LEU D 45 -6.29 20.84 -82.28
N LYS D 46 -5.87 22.07 -81.96
CA LYS D 46 -6.12 23.18 -82.87
C LYS D 46 -5.34 23.03 -84.18
N ASP D 47 -4.14 22.45 -84.12
CA ASP D 47 -3.29 22.26 -85.29
C ASP D 47 -3.61 20.97 -86.04
N ASN D 48 -4.86 20.51 -86.01
CA ASN D 48 -5.32 19.33 -86.73
C ASN D 48 -4.52 18.08 -86.35
N CYS D 49 -3.92 18.04 -85.17
CA CYS D 49 -3.21 16.85 -84.73
C CYS D 49 -4.20 15.71 -84.55
N ALA D 50 -3.87 14.55 -85.10
CA ALA D 50 -4.73 13.38 -85.06
C ALA D 50 -5.05 13.03 -83.61
N PRO D 51 -6.32 13.04 -83.21
CA PRO D 51 -6.65 12.77 -81.80
C PRO D 51 -6.11 11.46 -81.28
N GLU D 52 -6.05 10.43 -82.13
CA GLU D 52 -5.49 9.15 -81.71
C GLU D 52 -3.98 9.20 -81.57
N SER D 53 -3.32 10.15 -82.23
CA SER D 53 -1.88 10.31 -82.16
C SER D 53 -1.42 11.17 -80.99
N ILE D 54 -2.34 11.62 -80.15
CA ILE D 54 -2.00 12.49 -79.03
C ILE D 54 -1.65 11.63 -77.82
N GLU D 55 -0.54 11.95 -77.18
CA GLU D 55 -0.10 11.29 -75.96
C GLU D 55 -0.29 12.24 -74.78
N PHE D 56 -1.17 11.88 -73.86
CA PHE D 56 -1.44 12.70 -72.69
C PHE D 56 -1.98 11.84 -71.56
N PRO D 57 -1.11 11.15 -70.81
CA PRO D 57 -1.58 10.33 -69.71
C PRO D 57 -2.12 11.17 -68.56
N VAL D 58 -3.06 10.58 -67.82
CA VAL D 58 -3.72 11.25 -66.71
C VAL D 58 -3.53 10.41 -65.45
N SER D 59 -3.05 11.05 -64.38
CA SER D 59 -2.90 10.36 -63.11
C SER D 59 -4.27 10.01 -62.56
N GLU D 60 -4.46 8.73 -62.22
CA GLU D 60 -5.76 8.23 -61.80
C GLU D 60 -5.58 7.28 -60.63
N ALA D 61 -6.65 7.15 -59.84
CA ALA D 61 -6.73 6.18 -58.76
C ALA D 61 -7.91 5.26 -59.03
N ARG D 62 -7.67 3.96 -58.91
CA ARG D 62 -8.68 2.96 -59.26
C ARG D 62 -8.73 1.89 -58.17
N VAL D 63 -9.94 1.61 -57.69
CA VAL D 63 -10.14 0.65 -56.62
C VAL D 63 -10.21 -0.76 -57.20
N LEU D 64 -9.49 -1.69 -56.60
CA LEU D 64 -9.45 -3.08 -57.04
C LEU D 64 -10.24 -3.99 -56.09
N GLU D 65 -9.92 -3.95 -54.80
CA GLU D 65 -10.63 -4.71 -53.78
C GLU D 65 -11.32 -3.72 -52.84
N ASP D 66 -12.63 -3.88 -52.67
CA ASP D 66 -13.43 -2.93 -51.92
C ASP D 66 -14.50 -3.69 -51.10
N ARG D 67 -14.04 -4.59 -50.24
CA ARG D 67 -14.97 -5.31 -49.38
C ARG D 67 -15.56 -4.37 -48.34
N PRO D 68 -16.86 -4.48 -48.05
CA PRO D 68 -17.47 -3.60 -47.06
C PRO D 68 -16.94 -3.86 -45.66
N LEU D 69 -16.93 -2.80 -44.85
CA LEU D 69 -16.51 -2.93 -43.46
C LEU D 69 -17.50 -3.80 -42.71
N SER D 70 -16.98 -4.81 -41.99
CA SER D 70 -17.84 -5.72 -41.25
C SER D 70 -18.51 -5.01 -40.09
N ASP D 71 -19.71 -5.49 -39.75
CA ASP D 71 -20.45 -4.97 -38.60
C ASP D 71 -20.07 -5.68 -37.30
N LYS D 72 -19.84 -6.99 -37.37
CA LYS D 72 -19.47 -7.78 -36.21
C LYS D 72 -18.17 -8.52 -36.50
N GLY D 73 -17.32 -8.63 -35.47
CA GLY D 73 -16.06 -9.35 -35.60
C GLY D 73 -16.13 -10.81 -35.27
N SER D 74 -17.32 -11.35 -35.01
CA SER D 74 -17.49 -12.74 -34.63
C SER D 74 -17.48 -13.62 -35.88
N GLY D 75 -17.73 -14.91 -35.70
CA GLY D 75 -17.78 -15.81 -36.84
C GLY D 75 -16.37 -16.20 -37.27
N ASP D 76 -16.13 -16.18 -38.57
CA ASP D 76 -14.83 -16.51 -39.12
C ASP D 76 -13.96 -15.25 -39.13
N SER D 77 -12.71 -15.42 -38.69
CA SER D 77 -11.76 -14.30 -38.71
C SER D 77 -11.37 -13.92 -40.13
N SER D 78 -11.42 -14.87 -41.07
CA SER D 78 -11.12 -14.58 -42.46
C SER D 78 -12.14 -13.65 -43.10
N GLN D 79 -13.36 -13.58 -42.55
CA GLN D 79 -14.41 -12.73 -43.08
C GLN D 79 -14.36 -11.30 -42.54
N VAL D 80 -13.62 -11.06 -41.47
CA VAL D 80 -13.61 -9.74 -40.84
C VAL D 80 -12.86 -8.76 -41.72
N THR D 81 -13.43 -7.59 -41.92
CA THR D 81 -12.82 -6.52 -42.70
C THR D 81 -12.82 -5.24 -41.86
N GLN D 82 -11.63 -4.75 -41.52
CA GLN D 82 -11.47 -3.54 -40.74
C GLN D 82 -11.05 -2.33 -41.56
N VAL D 83 -10.56 -2.53 -42.78
CA VAL D 83 -10.04 -1.45 -43.63
C VAL D 83 -10.76 -1.50 -44.96
N SER D 84 -11.06 -0.32 -45.51
CA SER D 84 -11.72 -0.22 -46.81
C SER D 84 -11.27 1.07 -47.48
N PRO D 85 -10.77 1.01 -48.73
CA PRO D 85 -10.59 -0.22 -49.51
C PRO D 85 -9.36 -1.02 -49.09
N GLN D 86 -9.19 -2.20 -49.66
CA GLN D 86 -8.05 -3.07 -49.34
C GLN D 86 -6.93 -2.99 -50.36
N ARG D 87 -7.24 -2.64 -51.61
CA ARG D 87 -6.24 -2.58 -52.67
C ARG D 87 -6.70 -1.59 -53.72
N ILE D 88 -5.80 -0.67 -54.10
CA ILE D 88 -6.07 0.31 -55.14
C ILE D 88 -4.86 0.39 -56.05
N ALA D 89 -5.11 0.75 -57.31
CA ALA D 89 -4.05 0.96 -58.30
C ALA D 89 -3.88 2.45 -58.53
N LEU D 90 -2.65 2.92 -58.37
CA LEU D 90 -2.32 4.34 -58.50
C LEU D 90 -1.43 4.55 -59.71
N ARG D 91 -1.80 5.52 -60.54
CA ARG D 91 -1.02 5.91 -61.72
C ARG D 91 -0.58 7.35 -61.57
N LEU D 92 0.71 7.61 -61.79
CA LEU D 92 1.28 8.93 -61.60
C LEU D 92 2.29 9.22 -62.69
N ARG D 93 2.12 10.34 -63.39
CA ARG D 93 3.11 10.83 -64.33
C ARG D 93 4.08 11.75 -63.60
N PRO D 94 5.25 12.04 -64.19
CA PRO D 94 6.31 12.74 -63.45
C PRO D 94 5.84 14.03 -62.80
N ASP D 95 6.24 14.23 -61.55
CA ASP D 95 6.00 15.44 -60.77
C ASP D 95 4.51 15.74 -60.60
N ASP D 96 3.66 14.72 -60.72
CA ASP D 96 2.22 14.87 -60.55
C ASP D 96 1.80 14.30 -59.20
N SER D 97 0.53 14.46 -58.87
CA SER D 97 0.00 13.96 -57.60
C SER D 97 -1.48 13.64 -57.74
N LYS D 98 -1.88 12.51 -57.17
CA LYS D 98 -3.27 12.07 -57.14
C LYS D 98 -3.64 11.73 -55.70
N ASN D 99 -4.94 11.70 -55.43
CA ASN D 99 -5.44 11.45 -54.09
C ASN D 99 -6.39 10.25 -54.05
N PHE D 100 -6.45 9.62 -52.88
CA PHE D 100 -7.34 8.50 -52.63
C PHE D 100 -7.79 8.56 -51.18
N SER D 101 -8.64 7.62 -50.78
CA SER D 101 -9.24 7.65 -49.46
C SER D 101 -9.22 6.26 -48.85
N ILE D 102 -9.34 6.22 -47.52
CA ILE D 102 -9.32 4.96 -46.76
C ILE D 102 -10.25 5.11 -45.57
N GLN D 103 -10.92 4.02 -45.21
CA GLN D 103 -11.80 3.97 -44.05
C GLN D 103 -11.33 2.88 -43.09
N VAL D 104 -11.32 3.20 -41.80
CA VAL D 104 -10.91 2.27 -40.75
C VAL D 104 -12.03 2.20 -39.71
N ARG D 105 -12.27 1.01 -39.19
CA ARG D 105 -13.35 0.81 -38.23
C ARG D 105 -12.89 -0.10 -37.10
N GLN D 106 -13.07 0.36 -35.86
CA GLN D 106 -12.92 -0.50 -34.70
C GLN D 106 -14.11 -1.45 -34.64
N VAL D 107 -13.97 -2.62 -35.26
CA VAL D 107 -15.09 -3.53 -35.42
C VAL D 107 -15.61 -3.99 -34.07
N GLU D 108 -16.93 -3.99 -33.93
CA GLU D 108 -17.58 -4.44 -32.71
C GLU D 108 -17.50 -5.97 -32.59
N ASP D 109 -17.39 -6.43 -31.35
CA ASP D 109 -17.38 -7.86 -31.02
C ASP D 109 -16.18 -8.55 -31.67
N TYR D 110 -14.99 -8.03 -31.37
CA TYR D 110 -13.75 -8.63 -31.85
C TYR D 110 -13.12 -9.49 -30.77
N PRO D 111 -12.56 -10.65 -31.13
CA PRO D 111 -11.97 -11.53 -30.12
C PRO D 111 -10.88 -10.84 -29.31
N VAL D 112 -10.71 -11.29 -28.07
CA VAL D 112 -9.79 -10.67 -27.12
C VAL D 112 -9.03 -11.74 -26.37
N ASP D 113 -7.72 -11.54 -26.23
CA ASP D 113 -6.87 -12.35 -25.37
C ASP D 113 -6.34 -11.48 -24.24
N ILE D 114 -6.38 -11.99 -23.01
CA ILE D 114 -5.94 -11.25 -21.82
C ILE D 114 -5.05 -12.18 -21.01
N TYR D 115 -3.75 -11.89 -20.99
CA TYR D 115 -2.79 -12.64 -20.19
C TYR D 115 -2.47 -11.84 -18.93
N TYR D 116 -2.72 -12.45 -17.77
CA TYR D 116 -2.54 -11.79 -16.48
C TYR D 116 -1.15 -12.13 -15.95
N LEU D 117 -0.23 -11.19 -16.08
CA LEU D 117 1.13 -11.34 -15.58
C LEU D 117 1.25 -10.62 -14.24
N MET D 118 1.51 -11.37 -13.19
CA MET D 118 1.36 -10.87 -11.82
C MET D 118 2.67 -10.92 -11.06
N ASP D 119 2.99 -9.83 -10.37
CA ASP D 119 4.04 -9.84 -9.36
C ASP D 119 3.59 -10.70 -8.18
N LEU D 120 4.42 -11.68 -7.82
CA LEU D 120 4.15 -12.51 -6.66
C LEU D 120 5.25 -12.42 -5.61
N SER D 121 5.92 -11.27 -5.54
CA SER D 121 6.74 -10.98 -4.37
C SER D 121 5.85 -10.82 -3.14
N TYR D 122 6.49 -10.73 -1.97
CA TYR D 122 5.74 -10.91 -0.72
C TYR D 122 4.68 -9.83 -0.52
N SER D 123 4.90 -8.62 -1.02
CA SER D 123 3.94 -7.54 -0.82
C SER D 123 2.66 -7.71 -1.62
N MET D 124 2.61 -8.69 -2.52
CA MET D 124 1.41 -8.98 -3.31
C MET D 124 0.59 -10.12 -2.70
N LYS D 125 0.80 -10.42 -1.42
CA LYS D 125 0.10 -11.52 -0.78
C LYS D 125 -1.36 -11.19 -0.53
N ASP D 126 -1.65 -9.94 -0.16
CA ASP D 126 -3.04 -9.50 -0.01
C ASP D 126 -3.72 -9.26 -1.35
N ASP D 127 -2.95 -9.14 -2.42
CA ASP D 127 -3.55 -9.00 -3.75
C ASP D 127 -4.15 -10.30 -4.25
N LEU D 128 -3.61 -11.44 -3.81
CA LEU D 128 -4.12 -12.73 -4.24
C LEU D 128 -5.53 -12.99 -3.72
N TRP D 129 -5.82 -12.52 -2.50
CA TRP D 129 -7.14 -12.76 -1.91
C TRP D 129 -8.23 -12.10 -2.73
N SER D 130 -7.91 -11.04 -3.48
CA SER D 130 -8.92 -10.31 -4.23
C SER D 130 -9.22 -10.94 -5.58
N ILE D 131 -8.23 -11.55 -6.21
CA ILE D 131 -8.38 -12.08 -7.56
C ILE D 131 -8.71 -13.57 -7.55
N GLN D 132 -9.22 -14.09 -6.42
CA GLN D 132 -9.52 -15.52 -6.33
C GLN D 132 -10.54 -15.95 -7.38
N ASN D 133 -11.50 -15.09 -7.70
CA ASN D 133 -12.54 -15.39 -8.67
C ASN D 133 -12.54 -14.38 -9.81
N LEU D 134 -11.37 -13.81 -10.11
CA LEU D 134 -11.28 -12.80 -11.16
C LEU D 134 -11.64 -13.37 -12.53
N GLY D 135 -11.40 -14.67 -12.75
CA GLY D 135 -11.71 -15.26 -14.04
C GLY D 135 -13.19 -15.21 -14.37
N THR D 136 -14.05 -15.50 -13.38
CA THR D 136 -15.48 -15.46 -13.61
C THR D 136 -15.98 -14.03 -13.72
N LYS D 137 -15.55 -13.17 -12.79
CA LYS D 137 -16.04 -11.80 -12.76
C LYS D 137 -15.61 -11.03 -14.01
N LEU D 138 -14.34 -11.18 -14.42
CA LEU D 138 -13.86 -10.48 -15.61
C LEU D 138 -14.55 -10.99 -16.87
N ALA D 139 -14.80 -12.31 -16.95
CA ALA D 139 -15.47 -12.86 -18.12
C ALA D 139 -16.89 -12.30 -18.25
N THR D 140 -17.57 -12.10 -17.13
CA THR D 140 -18.93 -11.56 -17.17
C THR D 140 -18.95 -10.19 -17.83
N GLN D 141 -18.05 -9.30 -17.43
CA GLN D 141 -18.02 -7.95 -17.98
C GLN D 141 -17.48 -7.92 -19.40
N MET D 142 -16.49 -8.77 -19.73
CA MET D 142 -15.93 -8.76 -21.07
C MET D 142 -16.89 -9.36 -22.09
N ARG D 143 -17.75 -10.30 -21.68
CA ARG D 143 -18.73 -10.86 -22.60
C ARG D 143 -19.76 -9.84 -23.06
N LYS D 144 -19.86 -8.69 -22.39
CA LYS D 144 -20.66 -7.60 -22.92
C LYS D 144 -20.03 -7.00 -24.18
N LEU D 145 -18.70 -7.01 -24.25
CA LEU D 145 -17.96 -6.41 -25.37
C LEU D 145 -17.61 -7.41 -26.46
N THR D 146 -17.24 -8.64 -26.11
CA THR D 146 -16.78 -9.61 -27.08
C THR D 146 -17.44 -10.97 -26.84
N SER D 147 -17.58 -11.74 -27.92
CA SER D 147 -18.07 -13.11 -27.83
C SER D 147 -16.95 -14.12 -27.69
N ASN D 148 -15.75 -13.79 -28.16
CA ASN D 148 -14.59 -14.69 -28.12
C ASN D 148 -13.58 -14.13 -27.12
N LEU D 149 -13.57 -14.69 -25.92
CA LEU D 149 -12.66 -14.28 -24.86
C LEU D 149 -11.79 -15.47 -24.44
N ARG D 150 -10.51 -15.20 -24.23
CA ARG D 150 -9.58 -16.19 -23.69
C ARG D 150 -8.70 -15.51 -22.65
N ILE D 151 -8.42 -16.22 -21.56
CA ILE D 151 -7.62 -15.66 -20.48
C ILE D 151 -6.59 -16.70 -20.01
N GLY D 152 -5.43 -16.21 -19.58
CA GLY D 152 -4.40 -17.05 -19.00
C GLY D 152 -3.71 -16.32 -17.85
N PHE D 153 -2.76 -17.02 -17.24
CA PHE D 153 -2.11 -16.50 -16.05
C PHE D 153 -0.62 -16.81 -16.06
N GLY D 154 0.14 -15.89 -15.48
CA GLY D 154 1.57 -16.06 -15.29
C GLY D 154 2.04 -15.19 -14.13
N ALA D 155 3.20 -15.54 -13.58
CA ALA D 155 3.69 -14.88 -12.38
C ALA D 155 5.20 -14.73 -12.43
N PHE D 156 5.70 -13.75 -11.67
CA PHE D 156 7.12 -13.46 -11.62
C PHE D 156 7.49 -12.95 -10.24
N VAL D 157 8.78 -13.00 -9.93
CA VAL D 157 9.34 -12.38 -8.73
C VAL D 157 10.59 -11.60 -9.12
N ASP D 158 11.71 -12.32 -9.24
CA ASP D 158 13.00 -11.73 -9.56
C ASP D 158 13.95 -12.88 -9.88
N LYS D 159 15.13 -12.54 -10.36
CA LYS D 159 16.12 -13.56 -10.73
C LYS D 159 16.52 -14.39 -9.52
N PRO D 160 16.32 -15.71 -9.54
CA PRO D 160 16.62 -16.55 -8.35
C PRO D 160 18.11 -16.77 -8.16
N VAL D 161 18.80 -15.71 -7.74
CA VAL D 161 20.25 -15.77 -7.56
C VAL D 161 20.64 -14.63 -6.64
N SER D 162 21.67 -14.88 -5.82
CA SER D 162 22.21 -13.84 -4.96
C SER D 162 22.69 -12.67 -5.80
N PRO D 163 22.54 -11.42 -5.31
CA PRO D 163 21.99 -11.02 -4.01
C PRO D 163 20.47 -10.86 -4.00
N TYR D 164 19.82 -11.06 -5.16
CA TYR D 164 18.37 -10.96 -5.20
C TYR D 164 17.71 -12.01 -4.30
N MET D 165 18.31 -13.18 -4.19
CA MET D 165 17.73 -14.32 -3.49
C MET D 165 18.46 -14.56 -2.17
N TYR D 166 17.71 -14.87 -1.12
CA TYR D 166 18.30 -15.33 0.13
C TYR D 166 18.87 -16.73 -0.06
N ILE D 167 20.13 -16.92 0.33
CA ILE D 167 20.83 -18.18 0.08
C ILE D 167 21.37 -18.79 1.37
N SER D 168 20.82 -18.41 2.53
CA SER D 168 21.31 -18.97 3.78
C SER D 168 20.27 -18.75 4.87
N PRO D 169 20.03 -19.72 5.76
CA PRO D 169 20.53 -21.09 5.77
C PRO D 169 19.91 -21.94 4.65
N PRO D 170 20.27 -23.25 4.54
CA PRO D 170 19.64 -24.10 3.51
C PRO D 170 18.13 -24.09 3.57
N GLU D 171 17.58 -23.80 4.76
CA GLU D 171 16.14 -23.69 4.91
C GLU D 171 15.57 -22.53 4.11
N ALA D 172 16.33 -21.44 3.96
CA ALA D 172 15.85 -20.27 3.23
C ALA D 172 15.71 -20.53 1.73
N LEU D 173 16.39 -21.53 1.19
CA LEU D 173 16.24 -21.86 -0.22
C LEU D 173 14.93 -22.60 -0.50
N GLU D 174 14.49 -23.47 0.41
CA GLU D 174 13.19 -24.11 0.30
C GLU D 174 12.07 -23.26 0.84
N ASN D 175 12.35 -22.34 1.76
CA ASN D 175 11.33 -21.47 2.35
C ASN D 175 11.97 -20.14 2.66
N PRO D 176 11.92 -19.19 1.71
CA PRO D 176 12.51 -17.86 1.96
C PRO D 176 11.91 -17.14 3.16
N CYS D 177 10.74 -17.58 3.62
CA CYS D 177 10.08 -17.02 4.79
C CYS D 177 10.34 -17.85 6.04
N TYR D 178 11.57 -18.36 6.20
CA TYR D 178 11.89 -19.21 7.34
C TYR D 178 12.01 -18.39 8.64
N ASP D 179 12.71 -17.25 8.58
CA ASP D 179 12.90 -16.43 9.76
C ASP D 179 11.60 -15.81 10.25
N MET D 180 10.63 -15.64 9.35
CA MET D 180 9.29 -15.24 9.71
C MET D 180 8.45 -16.47 10.04
N LYS D 181 7.48 -16.29 10.93
CA LYS D 181 6.63 -17.38 11.40
C LYS D 181 5.59 -17.74 10.34
N THR D 182 6.07 -18.19 9.19
CA THR D 182 5.19 -18.53 8.07
C THR D 182 6.00 -19.35 7.06
N THR D 183 5.39 -19.55 5.89
CA THR D 183 5.97 -20.34 4.81
C THR D 183 5.60 -19.70 3.47
N CYS D 184 6.54 -19.71 2.54
CA CYS D 184 6.30 -19.21 1.19
C CYS D 184 7.07 -20.08 0.19
N LEU D 185 6.75 -19.88 -1.09
CA LEU D 185 7.34 -20.67 -2.16
C LEU D 185 8.82 -20.35 -2.33
N PRO D 186 9.59 -21.29 -2.89
CA PRO D 186 10.96 -20.94 -3.31
C PRO D 186 10.92 -19.88 -4.39
N MET D 187 12.00 -19.11 -4.46
CA MET D 187 12.05 -17.99 -5.40
C MET D 187 12.07 -18.49 -6.83
N PHE D 188 11.39 -17.76 -7.71
CA PHE D 188 11.32 -18.11 -9.12
C PHE D 188 11.36 -16.84 -9.96
N GLY D 189 12.03 -16.92 -11.11
CA GLY D 189 12.11 -15.79 -12.01
C GLY D 189 10.77 -15.49 -12.68
N TYR D 190 10.32 -16.42 -13.53
CA TYR D 190 9.03 -16.30 -14.18
C TYR D 190 8.52 -17.69 -14.53
N LYS D 191 7.24 -17.94 -14.26
CA LYS D 191 6.63 -19.23 -14.55
C LYS D 191 5.30 -19.00 -15.26
N HIS D 192 5.06 -19.78 -16.31
CA HIS D 192 3.80 -19.77 -17.02
C HIS D 192 2.84 -20.74 -16.36
N VAL D 193 1.67 -20.25 -15.97
CA VAL D 193 0.71 -21.05 -15.22
C VAL D 193 -0.37 -21.60 -16.14
N LEU D 194 -1.17 -20.71 -16.73
CA LEU D 194 -2.33 -21.09 -17.51
C LEU D 194 -2.23 -20.50 -18.91
N THR D 195 -2.28 -21.37 -19.91
CA THR D 195 -2.38 -20.92 -21.30
C THR D 195 -3.74 -20.26 -21.54
N LEU D 196 -3.76 -19.26 -22.42
CA LEU D 196 -4.99 -18.60 -22.80
C LEU D 196 -6.04 -19.61 -23.22
N THR D 197 -7.20 -19.57 -22.57
CA THR D 197 -8.26 -20.53 -22.81
C THR D 197 -9.61 -19.85 -22.62
N ASP D 198 -10.63 -20.38 -23.30
CA ASP D 198 -11.98 -19.87 -23.16
C ASP D 198 -12.70 -20.40 -21.93
N GLN D 199 -12.12 -21.38 -21.23
CA GLN D 199 -12.70 -21.92 -20.01
C GLN D 199 -12.21 -21.07 -18.84
N VAL D 200 -12.98 -20.02 -18.53
CA VAL D 200 -12.57 -19.07 -17.50
C VAL D 200 -12.59 -19.64 -16.09
N THR D 201 -13.13 -20.86 -15.92
CA THR D 201 -13.03 -21.51 -14.61
C THR D 201 -11.63 -22.02 -14.34
N ARG D 202 -10.90 -22.40 -15.39
CA ARG D 202 -9.50 -22.79 -15.23
C ARG D 202 -8.67 -21.68 -14.62
N PHE D 203 -9.05 -20.42 -14.86
CA PHE D 203 -8.35 -19.29 -14.27
C PHE D 203 -8.50 -19.30 -12.75
N ASN D 204 -9.74 -19.37 -12.27
CA ASN D 204 -9.97 -19.38 -10.83
C ASN D 204 -9.36 -20.60 -10.15
N GLU D 205 -9.34 -21.74 -10.85
CA GLU D 205 -8.75 -22.95 -10.29
C GLU D 205 -7.26 -22.78 -10.06
N GLU D 206 -6.54 -22.25 -11.04
CA GLU D 206 -5.10 -22.10 -10.93
C GLU D 206 -4.69 -20.94 -10.04
N VAL D 207 -5.48 -19.87 -10.01
CA VAL D 207 -5.15 -18.73 -9.16
C VAL D 207 -5.20 -19.10 -7.69
N LYS D 208 -6.21 -19.88 -7.30
CA LYS D 208 -6.31 -20.32 -5.90
C LYS D 208 -5.14 -21.18 -5.49
N LYS D 209 -4.46 -21.84 -6.44
CA LYS D 209 -3.29 -22.65 -6.14
C LYS D 209 -2.00 -21.85 -6.09
N GLN D 210 -2.07 -20.53 -6.25
CA GLN D 210 -0.88 -19.70 -6.26
C GLN D 210 -0.56 -19.17 -4.86
N SER D 211 0.70 -18.81 -4.67
CA SER D 211 1.17 -18.21 -3.43
C SER D 211 2.42 -17.41 -3.72
N VAL D 212 2.74 -16.49 -2.82
CA VAL D 212 3.83 -15.54 -3.04
C VAL D 212 5.17 -16.16 -2.69
N SER D 213 6.25 -15.47 -3.04
CA SER D 213 7.59 -15.81 -2.59
C SER D 213 8.19 -14.62 -1.85
N ARG D 214 9.51 -14.51 -1.83
CA ARG D 214 10.16 -13.42 -1.11
C ARG D 214 11.57 -13.24 -1.62
N ASN D 215 11.93 -11.99 -1.92
CA ASN D 215 13.28 -11.65 -2.36
C ASN D 215 13.79 -10.47 -1.54
N ARG D 216 15.04 -10.08 -1.78
CA ARG D 216 15.71 -9.10 -0.93
C ARG D 216 15.53 -7.66 -1.40
N ASP D 217 15.65 -7.39 -2.70
CA ASP D 217 15.69 -6.04 -3.21
C ASP D 217 14.33 -5.64 -3.80
N ALA D 218 13.96 -4.37 -3.57
CA ALA D 218 12.66 -3.87 -4.00
C ALA D 218 12.41 -3.98 -5.49
N PRO D 219 13.34 -3.60 -6.39
CA PRO D 219 13.05 -3.75 -7.82
C PRO D 219 12.91 -5.22 -8.18
N GLU D 220 11.96 -5.52 -9.06
CA GLU D 220 11.62 -6.89 -9.39
C GLU D 220 11.88 -7.17 -10.86
N GLY D 221 11.85 -8.46 -11.21
CA GLY D 221 12.20 -8.90 -12.55
C GLY D 221 11.00 -9.08 -13.45
N GLY D 222 10.11 -8.09 -13.49
CA GLY D 222 8.92 -8.21 -14.32
C GLY D 222 9.22 -8.11 -15.81
N PHE D 223 10.22 -7.31 -16.17
CA PHE D 223 10.55 -7.15 -17.59
C PHE D 223 11.05 -8.46 -18.20
N ASP D 224 11.73 -9.29 -17.40
CA ASP D 224 12.04 -10.65 -17.84
C ASP D 224 10.76 -11.40 -18.22
N ALA D 225 9.72 -11.28 -17.40
CA ALA D 225 8.48 -12.00 -17.65
C ALA D 225 7.73 -11.42 -18.84
N ILE D 226 7.73 -10.09 -18.97
CA ILE D 226 7.07 -9.45 -20.10
C ILE D 226 7.68 -9.95 -21.42
N MET D 227 9.00 -10.02 -21.48
CA MET D 227 9.67 -10.50 -22.69
C MET D 227 9.25 -11.93 -23.02
N GLN D 228 9.25 -12.81 -22.02
CA GLN D 228 8.89 -14.21 -22.27
C GLN D 228 7.42 -14.35 -22.63
N ALA D 229 6.53 -13.65 -21.92
CA ALA D 229 5.12 -13.70 -22.24
C ALA D 229 4.83 -13.15 -23.64
N THR D 230 5.74 -12.36 -24.20
CA THR D 230 5.56 -11.78 -25.53
C THR D 230 6.04 -12.72 -26.63
N VAL D 231 7.24 -13.28 -26.49
CA VAL D 231 7.84 -14.05 -27.57
C VAL D 231 7.52 -15.55 -27.53
N CYS D 232 7.05 -16.07 -26.40
CA CYS D 232 6.67 -17.48 -26.30
C CYS D 232 5.23 -17.62 -26.82
N ASP D 233 5.11 -17.61 -28.15
CA ASP D 233 3.80 -17.56 -28.79
C ASP D 233 2.97 -18.80 -28.46
N GLU D 234 3.56 -19.98 -28.65
CA GLU D 234 2.78 -21.22 -28.54
C GLU D 234 2.34 -21.48 -27.10
N LYS D 235 3.22 -21.22 -26.14
CA LYS D 235 2.89 -21.52 -24.75
C LYS D 235 1.83 -20.57 -24.20
N ILE D 236 2.06 -19.27 -24.35
CA ILE D 236 1.07 -18.29 -23.90
C ILE D 236 -0.25 -18.49 -24.65
N GLY D 237 -0.16 -18.82 -25.93
CA GLY D 237 -1.35 -19.11 -26.71
C GLY D 237 -2.04 -17.91 -27.31
N TRP D 238 -1.28 -16.88 -27.69
CA TRP D 238 -1.88 -15.74 -28.37
C TRP D 238 -2.51 -16.18 -29.68
N ARG D 239 -3.67 -15.60 -29.99
CA ARG D 239 -4.39 -15.93 -31.21
C ARG D 239 -4.05 -14.93 -32.30
N ASN D 240 -4.08 -15.40 -33.55
CA ASN D 240 -3.71 -14.56 -34.68
C ASN D 240 -4.67 -13.37 -34.83
N ASP D 241 -5.96 -13.64 -34.83
CA ASP D 241 -6.97 -12.61 -35.07
C ASP D 241 -7.69 -12.28 -33.77
N ALA D 242 -7.00 -11.54 -32.90
CA ALA D 242 -7.58 -11.16 -31.63
C ALA D 242 -6.75 -10.05 -31.02
N SER D 243 -7.40 -9.24 -30.18
CA SER D 243 -6.69 -8.21 -29.42
C SER D 243 -5.90 -8.86 -28.29
N HIS D 244 -4.64 -8.46 -28.14
CA HIS D 244 -3.72 -9.07 -27.19
C HIS D 244 -3.44 -8.08 -26.06
N LEU D 245 -3.96 -8.37 -24.88
CA LEU D 245 -3.75 -7.53 -23.69
C LEU D 245 -2.84 -8.27 -22.73
N LEU D 246 -1.73 -7.61 -22.36
CA LEU D 246 -0.78 -8.14 -21.37
C LEU D 246 -0.90 -7.26 -20.13
N VAL D 247 -1.54 -7.78 -19.10
CA VAL D 247 -1.77 -7.03 -17.86
C VAL D 247 -0.58 -7.25 -16.94
N PHE D 248 0.15 -6.18 -16.64
CA PHE D 248 1.35 -6.22 -15.83
C PHE D 248 1.04 -5.53 -14.50
N THR D 249 0.98 -6.32 -13.42
CA THR D 249 0.63 -5.83 -12.10
C THR D 249 1.85 -5.91 -11.18
N THR D 250 2.16 -4.81 -10.52
CA THR D 250 3.26 -4.78 -9.55
C THR D 250 3.08 -3.55 -8.66
N ASP D 251 3.85 -3.52 -7.58
CA ASP D 251 3.79 -2.43 -6.61
C ASP D 251 5.18 -1.93 -6.24
N ALA D 252 6.15 -2.09 -7.14
CA ALA D 252 7.52 -1.72 -6.86
C ALA D 252 8.22 -1.33 -8.15
N LYS D 253 9.49 -0.96 -8.03
CA LYS D 253 10.32 -0.65 -9.17
C LYS D 253 10.51 -1.90 -10.03
N THR D 254 11.25 -1.75 -11.13
CA THR D 254 11.56 -2.86 -12.02
C THR D 254 13.03 -2.83 -12.40
N HIS D 255 13.60 -4.01 -12.53
CA HIS D 255 14.97 -4.13 -13.02
C HIS D 255 15.01 -3.92 -14.53
N ILE D 256 16.06 -3.26 -15.00
CA ILE D 256 16.23 -2.95 -16.41
C ILE D 256 17.54 -3.58 -16.88
N ALA D 257 17.78 -3.47 -18.18
CA ALA D 257 19.00 -4.02 -18.76
C ALA D 257 20.23 -3.38 -18.10
N LEU D 258 21.28 -4.19 -17.93
CA LEU D 258 22.56 -3.89 -17.29
C LEU D 258 22.44 -3.90 -15.76
N ASP D 259 21.26 -4.15 -15.20
CA ASP D 259 21.16 -4.38 -13.76
C ASP D 259 21.67 -5.76 -13.36
N GLY D 260 21.55 -6.75 -14.26
CA GLY D 260 21.95 -8.12 -13.96
C GLY D 260 23.41 -8.31 -13.60
N ARG D 261 24.26 -7.31 -13.88
CA ARG D 261 25.68 -7.41 -13.53
C ARG D 261 25.91 -7.54 -12.02
N LEU D 262 25.00 -7.01 -11.19
CA LEU D 262 25.11 -7.21 -9.75
C LEU D 262 24.94 -8.66 -9.33
N ALA D 263 24.37 -9.51 -10.22
CA ALA D 263 24.32 -10.94 -9.99
C ALA D 263 25.34 -11.69 -10.83
N GLY D 264 26.27 -10.98 -11.47
CA GLY D 264 27.24 -11.60 -12.35
C GLY D 264 26.76 -11.85 -13.75
N ILE D 265 25.58 -11.35 -14.11
CA ILE D 265 24.99 -11.59 -15.43
C ILE D 265 25.41 -10.47 -16.37
N VAL D 266 26.05 -10.83 -17.47
CA VAL D 266 26.47 -9.85 -18.47
C VAL D 266 25.93 -10.14 -19.86
N GLN D 267 25.44 -11.34 -20.13
CA GLN D 267 24.95 -11.68 -21.46
C GLN D 267 23.72 -10.85 -21.79
N PRO D 268 23.69 -10.11 -22.90
CA PRO D 268 22.50 -9.33 -23.23
C PRO D 268 21.30 -10.24 -23.51
N ASN D 269 20.11 -9.69 -23.28
CA ASN D 269 18.89 -10.42 -23.55
C ASN D 269 18.77 -10.66 -25.05
N ASP D 270 18.57 -11.92 -25.44
CA ASP D 270 18.50 -12.30 -26.84
C ASP D 270 17.10 -12.18 -27.43
N GLY D 271 16.11 -11.85 -26.62
CA GLY D 271 14.76 -11.68 -27.13
C GLY D 271 14.11 -12.96 -27.65
N GLN D 272 14.58 -14.12 -27.20
CA GLN D 272 14.03 -15.40 -27.62
C GLN D 272 13.36 -16.09 -26.44
N CYS D 273 12.52 -17.07 -26.76
CA CYS D 273 11.76 -17.79 -25.74
C CYS D 273 12.66 -18.82 -25.06
N HIS D 274 12.60 -18.87 -23.73
CA HIS D 274 13.38 -19.82 -22.94
C HIS D 274 12.53 -20.43 -21.85
N VAL D 275 11.28 -20.76 -22.18
CA VAL D 275 10.35 -21.38 -21.25
C VAL D 275 10.09 -22.80 -21.75
N GLY D 276 10.64 -23.79 -21.05
CA GLY D 276 10.53 -25.18 -21.45
C GLY D 276 9.34 -25.88 -20.81
N SER D 277 9.37 -27.21 -20.90
CA SER D 277 8.26 -28.03 -20.40
C SER D 277 7.95 -27.74 -18.94
N ASP D 278 8.97 -27.40 -18.14
CA ASP D 278 8.76 -27.05 -16.74
C ASP D 278 8.06 -25.71 -16.57
N ASN D 279 7.79 -24.98 -17.65
CA ASN D 279 7.06 -23.71 -17.66
C ASN D 279 7.76 -22.60 -16.88
N HIS D 280 9.03 -22.77 -16.55
CA HIS D 280 9.81 -21.73 -15.90
C HIS D 280 10.79 -21.11 -16.88
N TYR D 281 11.17 -19.86 -16.61
CA TYR D 281 12.13 -19.14 -17.43
C TYR D 281 13.53 -19.66 -17.11
N SER D 282 14.08 -20.49 -18.02
CA SER D 282 15.34 -21.18 -17.75
C SER D 282 16.55 -20.27 -17.83
N ALA D 283 16.48 -19.18 -18.62
CA ALA D 283 17.60 -18.25 -18.76
C ALA D 283 17.58 -17.13 -17.73
N SER D 284 16.84 -17.30 -16.64
CA SER D 284 16.71 -16.23 -15.65
C SER D 284 18.04 -15.93 -14.96
N THR D 285 18.87 -16.95 -14.73
CA THR D 285 20.12 -16.79 -14.00
C THR D 285 21.34 -16.77 -14.92
N THR D 286 21.15 -16.65 -16.23
CA THR D 286 22.25 -16.60 -17.18
C THR D 286 22.11 -15.48 -18.19
N MET D 287 21.01 -14.73 -18.17
CA MET D 287 20.73 -13.74 -19.20
C MET D 287 20.19 -12.48 -18.55
N ASP D 288 20.70 -11.32 -18.97
CA ASP D 288 20.37 -10.05 -18.34
C ASP D 288 18.93 -9.65 -18.64
N TYR D 289 18.45 -8.67 -17.88
CA TYR D 289 17.11 -8.13 -18.10
C TYR D 289 17.05 -7.48 -19.48
N PRO D 290 15.88 -7.48 -20.12
CA PRO D 290 15.75 -6.86 -21.44
C PRO D 290 15.75 -5.34 -21.34
N SER D 291 16.11 -4.71 -22.46
CA SER D 291 16.09 -3.26 -22.55
C SER D 291 14.74 -2.78 -23.04
N LEU D 292 14.48 -1.47 -22.85
CA LEU D 292 13.23 -0.89 -23.31
C LEU D 292 13.07 -1.02 -24.82
N GLY D 293 14.14 -0.78 -25.57
CA GLY D 293 14.06 -0.89 -27.01
C GLY D 293 13.77 -2.30 -27.48
N LEU D 294 14.37 -3.30 -26.82
CA LEU D 294 14.11 -4.69 -27.18
C LEU D 294 12.67 -5.08 -26.87
N MET D 295 12.15 -4.65 -25.72
CA MET D 295 10.76 -4.92 -25.38
C MET D 295 9.83 -4.26 -26.40
N THR D 296 10.12 -3.03 -26.80
CA THR D 296 9.30 -2.34 -27.80
C THR D 296 9.26 -3.14 -29.10
N GLU D 297 10.40 -3.68 -29.53
CA GLU D 297 10.46 -4.42 -30.79
C GLU D 297 9.58 -5.66 -30.75
N LYS D 298 9.64 -6.42 -29.66
CA LYS D 298 8.91 -7.69 -29.60
C LYS D 298 7.42 -7.45 -29.39
N LEU D 299 7.07 -6.46 -28.58
CA LEU D 299 5.66 -6.11 -28.40
C LEU D 299 5.03 -5.68 -29.72
N SER D 300 5.78 -4.94 -30.53
CA SER D 300 5.29 -4.54 -31.85
C SER D 300 5.24 -5.73 -32.80
N GLN D 301 6.25 -6.59 -32.75
CA GLN D 301 6.29 -7.74 -33.64
C GLN D 301 5.14 -8.71 -33.38
N LYS D 302 4.76 -8.88 -32.10
CA LYS D 302 3.70 -9.80 -31.72
C LYS D 302 2.35 -9.11 -31.52
N ASN D 303 2.28 -7.78 -31.71
CA ASN D 303 1.06 -7.00 -31.52
C ASN D 303 0.46 -7.23 -30.13
N ILE D 304 1.23 -6.83 -29.12
CA ILE D 304 0.85 -6.97 -27.73
C ILE D 304 0.61 -5.59 -27.15
N ASN D 305 -0.52 -5.41 -26.47
CA ASN D 305 -0.84 -4.16 -25.79
C ASN D 305 -0.47 -4.31 -24.32
N LEU D 306 0.75 -3.90 -23.98
CA LEU D 306 1.22 -4.00 -22.61
C LEU D 306 0.53 -2.96 -21.74
N ILE D 307 -0.03 -3.41 -20.62
CA ILE D 307 -0.78 -2.56 -19.70
C ILE D 307 -0.05 -2.55 -18.36
N PHE D 308 0.47 -1.40 -17.97
CA PHE D 308 1.14 -1.24 -16.68
C PHE D 308 0.08 -0.94 -15.63
N ALA D 309 -0.29 -1.97 -14.85
CA ALA D 309 -1.25 -1.80 -13.76
C ALA D 309 -0.47 -1.76 -12.44
N VAL D 310 0.02 -0.57 -12.12
CA VAL D 310 0.92 -0.37 -11.00
C VAL D 310 0.22 0.47 -9.93
N THR D 311 0.79 0.47 -8.73
CA THR D 311 0.22 1.16 -7.59
C THR D 311 0.65 2.62 -7.55
N GLU D 312 0.01 3.38 -6.66
CA GLU D 312 0.15 4.84 -6.63
C GLU D 312 1.58 5.29 -6.45
N ASN D 313 2.40 4.50 -5.75
CA ASN D 313 3.75 4.92 -5.43
C ASN D 313 4.72 4.84 -6.61
N VAL D 314 4.30 4.26 -7.74
CA VAL D 314 5.20 4.09 -8.88
C VAL D 314 4.49 4.41 -10.19
N VAL D 315 3.36 5.13 -10.11
CA VAL D 315 2.65 5.48 -11.33
C VAL D 315 3.51 6.39 -12.20
N ASN D 316 4.10 7.43 -11.59
CA ASN D 316 4.96 8.34 -12.35
C ASN D 316 6.13 7.62 -12.98
N LEU D 317 6.62 6.55 -12.34
CA LEU D 317 7.72 5.77 -12.91
C LEU D 317 7.29 5.06 -14.18
N TYR D 318 6.23 4.24 -14.11
CA TYR D 318 5.76 3.50 -15.26
C TYR D 318 5.03 4.37 -16.28
N GLN D 319 4.44 5.50 -15.86
CA GLN D 319 3.94 6.46 -16.83
C GLN D 319 5.06 7.02 -17.70
N ASN D 320 6.27 7.13 -17.13
CA ASN D 320 7.42 7.60 -17.90
C ASN D 320 8.01 6.50 -18.76
N TYR D 321 7.97 5.25 -18.31
CA TYR D 321 8.33 4.13 -19.19
C TYR D 321 7.34 3.99 -20.34
N SER D 322 6.07 4.34 -20.10
CA SER D 322 5.06 4.23 -21.15
C SER D 322 5.32 5.21 -22.28
N GLU D 323 5.93 6.36 -21.98
CA GLU D 323 6.26 7.32 -23.03
C GLU D 323 7.44 6.84 -23.88
N LEU D 324 8.32 6.02 -23.30
CA LEU D 324 9.42 5.44 -24.04
C LEU D 324 9.05 4.15 -24.76
N ILE D 325 7.90 3.57 -24.45
CA ILE D 325 7.39 2.40 -25.15
C ILE D 325 6.01 2.75 -25.71
N PRO D 326 5.93 3.32 -26.91
CA PRO D 326 4.62 3.71 -27.46
C PRO D 326 3.68 2.52 -27.59
N GLY D 327 2.40 2.78 -27.33
CA GLY D 327 1.38 1.75 -27.39
C GLY D 327 1.01 1.12 -26.07
N THR D 328 1.67 1.50 -24.97
CA THR D 328 1.41 0.92 -23.67
C THR D 328 0.46 1.80 -22.86
N THR D 329 -0.31 1.16 -21.99
CA THR D 329 -1.31 1.82 -21.17
C THR D 329 -0.94 1.70 -19.70
N VAL D 330 -1.26 2.72 -18.92
CA VAL D 330 -0.95 2.77 -17.49
C VAL D 330 -2.24 2.97 -16.72
N GLY D 331 -2.46 2.13 -15.72
CA GLY D 331 -3.61 2.28 -14.84
C GLY D 331 -3.20 2.14 -13.39
N VAL D 332 -3.92 2.85 -12.53
CA VAL D 332 -3.58 2.90 -11.11
C VAL D 332 -4.18 1.68 -10.43
N LEU D 333 -3.32 0.80 -9.91
CA LEU D 333 -3.75 -0.38 -9.18
C LEU D 333 -3.79 -0.09 -7.68
N SER D 334 -4.72 -0.74 -7.00
CA SER D 334 -4.79 -0.63 -5.55
C SER D 334 -3.68 -1.48 -4.92
N MET D 335 -3.46 -1.26 -3.62
CA MET D 335 -2.48 -2.05 -2.89
C MET D 335 -2.92 -3.49 -2.69
N ASP D 336 -4.15 -3.83 -3.06
CA ASP D 336 -4.67 -5.19 -2.96
C ASP D 336 -5.29 -5.67 -4.26
N SER D 337 -5.13 -4.92 -5.35
CA SER D 337 -5.65 -5.28 -6.67
C SER D 337 -7.17 -5.46 -6.65
N SER D 338 -7.85 -4.74 -5.76
CA SER D 338 -9.30 -4.85 -5.68
C SER D 338 -9.99 -4.16 -6.86
N ASN D 339 -9.29 -3.28 -7.57
CA ASN D 339 -9.86 -2.55 -8.70
C ASN D 339 -9.29 -3.01 -10.03
N VAL D 340 -8.67 -4.19 -10.07
CA VAL D 340 -7.97 -4.62 -11.28
C VAL D 340 -8.97 -4.93 -12.40
N LEU D 341 -10.19 -5.35 -12.07
CA LEU D 341 -11.17 -5.68 -13.10
C LEU D 341 -11.54 -4.44 -13.90
N GLN D 342 -11.99 -3.39 -13.21
CA GLN D 342 -12.32 -2.14 -13.89
C GLN D 342 -11.10 -1.50 -14.53
N LEU D 343 -9.91 -1.79 -14.03
CA LEU D 343 -8.69 -1.30 -14.67
C LEU D 343 -8.48 -1.96 -16.03
N ILE D 344 -8.81 -3.25 -16.14
CA ILE D 344 -8.65 -3.96 -17.40
C ILE D 344 -9.69 -3.49 -18.41
N VAL D 345 -10.95 -3.35 -17.97
CA VAL D 345 -12.02 -2.95 -18.89
C VAL D 345 -11.76 -1.57 -19.45
N ASP D 346 -11.29 -0.63 -18.60
CA ASP D 346 -11.04 0.72 -19.07
C ASP D 346 -9.84 0.78 -20.00
N ALA D 347 -8.82 -0.05 -19.74
CA ALA D 347 -7.65 -0.08 -20.62
C ALA D 347 -8.01 -0.62 -22.00
N TYR D 348 -8.84 -1.68 -22.04
CA TYR D 348 -9.27 -2.23 -23.33
C TYR D 348 -10.03 -1.21 -24.15
N GLY D 349 -10.79 -0.33 -23.49
CA GLY D 349 -11.47 0.74 -24.22
C GLY D 349 -10.52 1.84 -24.66
N LYS D 350 -9.58 2.22 -23.78
CA LYS D 350 -8.58 3.21 -24.16
C LYS D 350 -7.68 2.69 -25.27
N ILE D 351 -7.43 1.38 -25.30
CA ILE D 351 -6.61 0.80 -26.35
C ILE D 351 -7.32 0.88 -27.70
N ARG D 352 -8.64 0.66 -27.71
CA ARG D 352 -9.42 0.68 -28.94
C ARG D 352 -10.09 2.03 -29.19
N SER D 353 -9.63 3.07 -28.51
CA SER D 353 -10.11 4.43 -28.76
C SER D 353 -9.25 5.18 -29.76
N LYS D 354 -8.24 4.53 -30.34
CA LYS D 354 -7.25 5.21 -31.17
C LYS D 354 -7.07 4.43 -32.48
N VAL D 355 -6.95 5.17 -33.58
CA VAL D 355 -6.62 4.62 -34.88
C VAL D 355 -5.48 5.46 -35.46
N GLU D 356 -4.32 4.85 -35.64
CA GLU D 356 -3.13 5.53 -36.11
C GLU D 356 -2.57 4.81 -37.32
N LEU D 357 -2.37 5.55 -38.41
CA LEU D 357 -1.88 4.98 -39.66
C LEU D 357 -0.36 4.97 -39.69
N GLU D 358 0.21 3.85 -40.15
CA GLU D 358 1.63 3.74 -40.44
C GLU D 358 1.79 3.26 -41.87
N VAL D 359 2.83 3.76 -42.55
CA VAL D 359 3.09 3.45 -43.95
C VAL D 359 4.32 2.55 -44.01
N ARG D 360 4.23 1.48 -44.79
CA ARG D 360 5.31 0.52 -44.94
C ARG D 360 5.70 0.40 -46.40
N ASP D 361 7.01 0.32 -46.65
CA ASP D 361 7.58 0.10 -47.98
C ASP D 361 7.30 1.26 -48.93
N LEU D 362 7.20 2.48 -48.40
CA LEU D 362 7.02 3.64 -49.26
C LEU D 362 8.30 3.93 -50.02
N PRO D 363 8.24 4.06 -51.35
CA PRO D 363 9.46 4.31 -52.11
C PRO D 363 10.07 5.67 -51.79
N GLU D 364 11.33 5.82 -52.19
CA GLU D 364 12.10 7.01 -51.83
C GLU D 364 11.51 8.28 -52.45
N GLU D 365 10.86 8.15 -53.60
CA GLU D 365 10.40 9.29 -54.37
C GLU D 365 8.97 9.70 -54.09
N LEU D 366 8.22 8.92 -53.31
CA LEU D 366 6.85 9.24 -52.97
C LEU D 366 6.79 9.94 -51.61
N SER D 367 5.85 10.87 -51.48
CA SER D 367 5.62 11.59 -50.23
C SER D 367 4.12 11.75 -50.04
N LEU D 368 3.62 11.36 -48.87
CA LEU D 368 2.20 11.32 -48.58
C LEU D 368 1.79 12.44 -47.64
N SER D 369 0.54 12.85 -47.75
CA SER D 369 -0.08 13.82 -46.84
C SER D 369 -1.48 13.33 -46.49
N PHE D 370 -1.85 13.50 -45.23
CA PHE D 370 -3.07 12.91 -44.68
C PHE D 370 -3.98 14.00 -44.09
N ASN D 371 -5.29 13.82 -44.27
CA ASN D 371 -6.29 14.63 -43.59
C ASN D 371 -7.28 13.69 -42.92
N ALA D 372 -7.34 13.72 -41.60
CA ALA D 372 -8.19 12.84 -40.84
C ALA D 372 -9.59 13.41 -40.69
N THR D 373 -10.58 12.53 -40.67
CA THR D 373 -11.96 12.85 -40.36
C THR D 373 -12.37 11.95 -39.20
N CYS D 374 -12.12 12.40 -37.97
CA CYS D 374 -12.33 11.57 -36.80
C CYS D 374 -13.73 11.75 -36.24
N LEU D 375 -13.83 12.32 -35.04
CA LEU D 375 -15.13 12.51 -34.38
C LEU D 375 -16.05 13.36 -35.25
N ASN D 376 -17.28 12.88 -35.44
CA ASN D 376 -18.23 13.50 -36.35
C ASN D 376 -17.60 13.66 -37.73
N ASN D 377 -17.81 14.81 -38.37
CA ASN D 377 -17.18 15.07 -39.66
C ASN D 377 -16.21 16.24 -39.55
N GLU D 378 -15.36 16.23 -38.52
CA GLU D 378 -14.39 17.30 -38.29
C GLU D 378 -13.09 16.94 -39.00
N VAL D 379 -12.85 17.59 -40.14
CA VAL D 379 -11.64 17.33 -40.92
C VAL D 379 -10.46 18.00 -40.24
N ILE D 380 -9.40 17.23 -39.99
CA ILE D 380 -8.20 17.73 -39.31
C ILE D 380 -7.03 17.64 -40.28
N PRO D 381 -6.50 18.77 -40.75
CA PRO D 381 -5.43 18.72 -41.76
C PRO D 381 -4.10 18.31 -41.15
N GLY D 382 -3.31 17.60 -41.94
CA GLY D 382 -1.97 17.20 -41.51
C GLY D 382 -1.94 16.20 -40.38
N LEU D 383 -2.91 15.29 -40.34
CA LEU D 383 -3.00 14.31 -39.25
C LEU D 383 -3.35 12.94 -39.83
N LYS D 384 -2.66 11.92 -39.35
CA LYS D 384 -2.88 10.55 -39.80
C LYS D 384 -3.30 9.64 -38.65
N SER D 385 -3.97 10.20 -37.65
CA SER D 385 -4.39 9.43 -36.49
C SER D 385 -5.66 10.04 -35.90
N CYS D 386 -6.38 9.22 -35.12
CA CYS D 386 -7.58 9.64 -34.44
C CYS D 386 -7.54 9.17 -32.99
N MET D 387 -8.26 9.89 -32.13
CA MET D 387 -8.31 9.59 -30.71
C MET D 387 -9.72 9.83 -30.19
N GLY D 388 -9.97 9.40 -28.96
CA GLY D 388 -11.27 9.57 -28.35
C GLY D 388 -12.39 8.80 -29.01
N LEU D 389 -12.07 7.72 -29.70
CA LEU D 389 -13.06 6.93 -30.42
C LEU D 389 -13.69 5.89 -29.50
N LYS D 390 -14.84 5.37 -29.95
CA LYS D 390 -15.53 4.29 -29.26
C LYS D 390 -15.62 3.09 -30.19
N ILE D 391 -15.86 1.92 -29.60
CA ILE D 391 -15.96 0.69 -30.40
C ILE D 391 -17.16 0.79 -31.31
N GLY D 392 -16.97 0.45 -32.58
CA GLY D 392 -17.99 0.53 -33.59
C GLY D 392 -17.93 1.78 -34.45
N ASP D 393 -17.20 2.80 -34.01
CA ASP D 393 -17.07 4.02 -34.80
C ASP D 393 -16.25 3.75 -36.06
N THR D 394 -16.35 4.69 -37.00
CA THR D 394 -15.63 4.61 -38.27
C THR D 394 -15.03 5.97 -38.59
N VAL D 395 -13.74 5.98 -38.91
CA VAL D 395 -13.05 7.19 -39.31
C VAL D 395 -12.55 7.01 -40.75
N SER D 396 -12.11 8.11 -41.34
CA SER D 396 -11.64 8.10 -42.72
C SER D 396 -10.49 9.08 -42.88
N PHE D 397 -9.64 8.82 -43.87
CA PHE D 397 -8.47 9.64 -44.15
C PHE D 397 -8.40 9.92 -45.64
N SER D 398 -8.19 11.18 -46.00
CA SER D 398 -7.90 11.56 -47.37
C SER D 398 -6.39 11.62 -47.53
N ILE D 399 -5.87 10.92 -48.54
CA ILE D 399 -4.44 10.76 -48.75
C ILE D 399 -4.08 11.25 -50.14
N GLU D 400 -3.04 12.08 -50.23
CA GLU D 400 -2.53 12.59 -51.50
C GLU D 400 -1.10 12.11 -51.68
N ALA D 401 -0.84 11.44 -52.81
CA ALA D 401 0.48 10.90 -53.11
C ALA D 401 1.13 11.77 -54.17
N LYS D 402 2.31 12.32 -53.85
CA LYS D 402 3.05 13.20 -54.74
C LYS D 402 4.41 12.57 -55.04
N VAL D 403 4.62 12.22 -56.31
CA VAL D 403 5.89 11.65 -56.76
C VAL D 403 6.78 12.78 -57.27
N ARG D 404 8.09 12.63 -57.05
CA ARG D 404 9.09 13.59 -57.51
C ARG D 404 9.93 12.94 -58.60
N GLY D 405 9.77 13.44 -59.83
CA GLY D 405 10.51 12.91 -60.95
C GLY D 405 9.92 11.61 -61.47
N CYS D 406 10.76 10.86 -62.16
CA CYS D 406 10.38 9.53 -62.65
C CYS D 406 11.35 8.49 -62.14
N PRO D 407 10.93 7.58 -61.27
CA PRO D 407 11.86 6.58 -60.75
C PRO D 407 12.26 5.56 -61.80
N GLN D 408 13.36 4.85 -61.52
CA GLN D 408 13.85 3.84 -62.44
C GLN D 408 12.86 2.69 -62.59
N GLU D 409 12.33 2.19 -61.46
CA GLU D 409 11.34 1.13 -61.49
C GLU D 409 9.96 1.74 -61.75
N LYS D 410 9.28 1.22 -62.78
CA LYS D 410 7.99 1.77 -63.17
C LYS D 410 6.82 1.21 -62.38
N GLU D 411 7.01 0.14 -61.61
CA GLU D 411 5.94 -0.47 -60.84
C GLU D 411 6.45 -0.80 -59.44
N LYS D 412 5.75 -0.26 -58.43
CA LYS D 412 6.05 -0.55 -57.03
C LYS D 412 4.72 -0.67 -56.28
N SER D 413 4.82 -0.93 -54.98
CA SER D 413 3.63 -1.03 -54.14
C SER D 413 4.03 -0.88 -52.68
N PHE D 414 3.24 -0.14 -51.92
CA PHE D 414 3.45 0.06 -50.49
C PHE D 414 2.15 -0.25 -49.75
N THR D 415 2.22 -0.18 -48.41
CA THR D 415 1.12 -0.59 -47.56
C THR D 415 0.79 0.51 -46.56
N ILE D 416 -0.51 0.74 -46.36
CA ILE D 416 -1.01 1.66 -45.34
C ILE D 416 -1.86 0.83 -44.38
N LYS D 417 -1.34 0.62 -43.17
CA LYS D 417 -1.98 -0.23 -42.18
C LYS D 417 -2.12 0.52 -40.86
N PRO D 418 -3.28 0.43 -40.21
CA PRO D 418 -3.42 1.00 -38.87
C PRO D 418 -2.64 0.20 -37.84
N VAL D 419 -2.09 0.91 -36.86
CA VAL D 419 -1.28 0.26 -35.83
C VAL D 419 -2.13 -0.73 -35.06
N GLY D 420 -1.64 -1.98 -34.97
CA GLY D 420 -2.33 -3.03 -34.27
C GLY D 420 -3.36 -3.78 -35.08
N PHE D 421 -3.73 -3.27 -36.25
CA PHE D 421 -4.77 -3.88 -37.07
C PHE D 421 -4.19 -4.95 -37.97
N LYS D 422 -5.04 -5.92 -38.34
CA LYS D 422 -4.63 -6.96 -39.27
C LYS D 422 -4.76 -6.50 -40.72
N ASP D 423 -5.93 -6.02 -41.10
CA ASP D 423 -6.17 -5.60 -42.47
C ASP D 423 -5.37 -4.35 -42.81
N SER D 424 -5.13 -4.15 -44.10
CA SER D 424 -4.29 -3.04 -44.57
C SER D 424 -4.71 -2.67 -45.99
N LEU D 425 -4.19 -1.55 -46.45
CA LEU D 425 -4.44 -1.04 -47.79
C LEU D 425 -3.16 -1.18 -48.63
N ILE D 426 -3.23 -2.02 -49.65
CA ILE D 426 -2.09 -2.25 -50.54
C ILE D 426 -2.24 -1.32 -51.73
N VAL D 427 -1.37 -0.32 -51.84
CA VAL D 427 -1.40 0.65 -52.92
C VAL D 427 -0.40 0.21 -53.97
N GLN D 428 -0.90 -0.18 -55.15
CA GLN D 428 -0.06 -0.61 -56.26
C GLN D 428 0.17 0.58 -57.18
N VAL D 429 1.39 1.13 -57.15
CA VAL D 429 1.73 2.33 -57.89
C VAL D 429 2.31 1.95 -59.25
N THR D 430 1.95 2.73 -60.27
CA THR D 430 2.51 2.59 -61.61
C THR D 430 2.88 3.98 -62.12
N PHE D 431 4.15 4.18 -62.43
CA PHE D 431 4.67 5.49 -62.85
C PHE D 431 4.56 5.59 -64.36
N ASP D 432 3.71 6.50 -64.84
CA ASP D 432 3.46 6.68 -66.26
C ASP D 432 4.44 7.72 -66.80
N CYS D 433 5.64 7.25 -67.14
CA CYS D 433 6.70 8.13 -67.65
C CYS D 433 6.88 8.03 -69.15
N ASP D 434 6.55 6.89 -69.75
CA ASP D 434 6.80 6.65 -71.16
C ASP D 434 5.53 6.88 -71.97
N CYS D 435 5.73 7.14 -73.26
CA CYS D 435 4.63 7.31 -74.19
C CYS D 435 4.31 5.98 -74.87
N ALA D 436 3.04 5.81 -75.24
CA ALA D 436 2.62 4.57 -75.90
C ALA D 436 3.24 4.44 -77.29
N CYS D 437 3.57 5.55 -77.95
CA CYS D 437 4.20 5.52 -79.27
C CYS D 437 5.61 4.93 -79.25
N GLN D 438 6.21 4.76 -78.07
CA GLN D 438 7.56 4.23 -78.00
C GLN D 438 7.61 2.74 -78.32
N ALA D 439 6.49 2.02 -78.21
CA ALA D 439 6.48 0.61 -78.58
C ALA D 439 6.65 0.44 -80.09
N GLN D 440 6.08 1.36 -80.87
CA GLN D 440 6.22 1.34 -82.32
C GLN D 440 7.49 2.06 -82.79
N ALA D 441 8.45 2.26 -81.90
CA ALA D 441 9.71 2.89 -82.28
C ALA D 441 10.44 2.03 -83.32
N GLU D 442 11.11 2.70 -84.25
CA GLU D 442 11.78 2.02 -85.35
C GLU D 442 13.29 2.19 -85.22
N PRO D 443 14.02 1.21 -84.71
CA PRO D 443 15.47 1.35 -84.62
C PRO D 443 16.11 1.29 -86.00
N ASN D 444 17.19 2.05 -86.15
CA ASN D 444 17.96 2.09 -87.40
C ASN D 444 17.06 2.47 -88.59
N SER D 445 16.25 3.50 -88.39
CA SER D 445 15.27 3.89 -89.39
C SER D 445 15.93 4.62 -90.56
N HIS D 446 15.47 4.31 -91.77
CA HIS D 446 15.95 5.00 -92.95
C HIS D 446 15.63 6.49 -92.89
N ARG D 447 14.56 6.86 -92.19
CA ARG D 447 14.11 8.25 -92.10
C ARG D 447 15.01 9.12 -91.24
N CYS D 448 15.96 8.54 -90.53
CA CYS D 448 16.83 9.29 -89.61
C CYS D 448 18.29 8.97 -89.96
N ASN D 449 18.94 9.91 -90.67
CA ASN D 449 20.37 9.85 -90.96
C ASN D 449 20.74 8.58 -91.72
N ASN D 450 19.87 8.17 -92.65
CA ASN D 450 20.07 7.02 -93.53
C ASN D 450 20.06 5.70 -92.78
N GLY D 451 19.97 5.70 -91.46
CA GLY D 451 19.96 4.45 -90.69
C GLY D 451 20.77 4.50 -89.41
N ASN D 452 21.10 5.70 -88.95
CA ASN D 452 21.91 5.87 -87.75
C ASN D 452 21.11 6.25 -86.52
N GLY D 453 19.84 6.64 -86.68
CA GLY D 453 19.02 7.06 -85.56
C GLY D 453 17.75 6.23 -85.44
N THR D 454 17.03 6.48 -84.35
CA THR D 454 15.76 5.81 -84.05
C THR D 454 14.60 6.76 -84.30
N PHE D 455 13.56 6.25 -84.93
CA PHE D 455 12.35 7.01 -85.24
C PHE D 455 11.24 6.58 -84.29
N GLU D 456 10.90 7.47 -83.35
CA GLU D 456 9.82 7.19 -82.40
C GLU D 456 9.00 8.46 -82.20
N CYS D 457 7.67 8.28 -82.13
CA CYS D 457 6.73 9.36 -81.82
C CYS D 457 6.90 10.54 -82.77
N GLY D 458 7.22 10.23 -84.03
CA GLY D 458 7.26 11.23 -85.07
C GLY D 458 8.52 12.07 -85.13
N VAL D 459 9.58 11.69 -84.40
CA VAL D 459 10.84 12.44 -84.40
C VAL D 459 12.00 11.46 -84.43
N CYS D 460 13.19 11.99 -84.66
CA CYS D 460 14.40 11.19 -84.80
C CYS D 460 15.26 11.34 -83.55
N ARG D 461 15.51 10.24 -82.86
CA ARG D 461 16.39 10.19 -81.70
C ARG D 461 17.72 9.58 -82.10
N CYS D 462 18.79 10.06 -81.47
CA CYS D 462 20.10 9.46 -81.69
C CYS D 462 20.15 8.10 -81.01
N GLY D 463 20.64 7.09 -81.75
CA GLY D 463 20.55 5.73 -81.29
C GLY D 463 21.55 5.42 -80.19
N PRO D 464 21.53 4.18 -79.72
CA PRO D 464 22.43 3.79 -78.63
C PRO D 464 23.87 3.72 -79.09
N GLY D 465 24.78 4.19 -78.23
CA GLY D 465 26.19 4.26 -78.55
C GLY D 465 26.64 5.60 -79.08
N TRP D 466 25.72 6.50 -79.41
CA TRP D 466 26.03 7.81 -79.94
C TRP D 466 26.01 8.85 -78.83
N LEU D 467 26.91 9.82 -78.92
CA LEU D 467 27.00 10.91 -77.95
C LEU D 467 26.52 12.20 -78.59
N GLY D 468 25.79 13.00 -77.82
CA GLY D 468 25.27 14.26 -78.32
C GLY D 468 23.79 14.17 -78.64
N SER D 469 23.09 15.29 -78.50
CA SER D 469 21.67 15.35 -78.82
C SER D 469 21.42 15.39 -80.32
N GLN D 470 22.42 15.75 -81.12
CA GLN D 470 22.31 15.76 -82.57
C GLN D 470 23.42 14.96 -83.23
N CYS D 471 24.24 14.26 -82.44
CA CYS D 471 25.25 13.33 -82.93
C CYS D 471 26.28 14.08 -83.81
N GLU E 1 48.62 8.96 16.93
CA GLU E 1 49.05 7.86 17.79
C GLU E 1 47.93 7.41 18.71
N VAL E 2 47.84 6.11 18.93
CA VAL E 2 46.79 5.53 19.76
C VAL E 2 47.23 5.55 21.23
N GLN E 3 46.34 5.99 22.10
CA GLN E 3 46.62 6.04 23.53
C GLN E 3 45.30 6.14 24.29
N LEU E 4 45.15 5.33 25.33
CA LEU E 4 43.94 5.30 26.15
C LEU E 4 44.23 6.00 27.47
N GLN E 5 43.52 7.10 27.72
CA GLN E 5 43.70 7.92 28.92
C GLN E 5 42.51 7.70 29.85
N GLN E 6 42.73 7.02 30.96
CA GLN E 6 41.69 6.72 31.92
C GLN E 6 41.62 7.79 33.00
N SER E 7 40.72 7.59 33.96
CA SER E 7 40.51 8.53 35.04
C SER E 7 41.59 8.34 36.12
N GLY E 8 41.54 9.19 37.15
CA GLY E 8 42.45 9.08 38.27
C GLY E 8 41.98 8.08 39.30
N ALA E 9 42.86 7.81 40.27
CA ALA E 9 42.57 6.82 41.31
C ALA E 9 41.33 7.23 42.10
N GLU E 10 40.50 6.24 42.41
CA GLU E 10 39.25 6.47 43.11
C GLU E 10 39.28 5.81 44.48
N LEU E 11 38.79 6.53 45.49
CA LEU E 11 38.73 6.04 46.86
C LEU E 11 37.31 6.25 47.36
N VAL E 12 36.60 5.16 47.60
CA VAL E 12 35.19 5.17 47.96
C VAL E 12 34.96 4.18 49.11
N LYS E 13 33.73 4.17 49.60
CA LYS E 13 33.32 3.33 50.72
C LYS E 13 32.46 2.17 50.24
N PRO E 14 32.35 1.10 51.04
CA PRO E 14 31.52 -0.04 50.62
C PRO E 14 30.07 0.36 50.43
N GLY E 15 29.41 -0.28 49.48
CA GLY E 15 28.03 0.02 49.14
C GLY E 15 27.86 1.17 48.18
N ALA E 16 28.90 1.98 47.96
CA ALA E 16 28.81 3.13 47.07
C ALA E 16 28.87 2.65 45.61
N SER E 17 29.03 3.59 44.68
CA SER E 17 29.05 3.25 43.25
C SER E 17 29.91 4.27 42.54
N VAL E 18 31.03 3.83 41.99
CA VAL E 18 31.97 4.69 41.27
C VAL E 18 31.84 4.41 39.78
N LYS E 19 32.08 5.43 38.97
CA LYS E 19 31.96 5.35 37.51
C LYS E 19 33.31 5.75 36.90
N LEU E 20 34.07 4.76 36.44
CA LEU E 20 35.37 5.02 35.85
C LEU E 20 35.23 5.50 34.41
N SER E 21 36.34 6.01 33.85
CA SER E 21 36.34 6.62 32.53
C SER E 21 37.56 6.16 31.75
N CYS E 22 37.41 6.13 30.42
CA CYS E 22 38.50 5.76 29.51
C CYS E 22 38.34 6.59 28.24
N THR E 23 39.03 7.72 28.21
CA THR E 23 38.96 8.64 27.07
C THR E 23 39.99 8.24 26.02
N ALA E 24 39.56 8.30 24.76
CA ALA E 24 40.43 7.99 23.63
C ALA E 24 41.23 9.22 23.22
N SER E 25 42.42 8.99 22.68
CA SER E 25 43.32 10.06 22.28
C SER E 25 43.99 9.67 20.98
N GLY E 26 43.79 10.48 19.94
CA GLY E 26 44.38 10.22 18.63
C GLY E 26 43.54 9.34 17.72
N PHE E 27 42.30 9.03 18.11
CA PHE E 27 41.44 8.17 17.32
C PHE E 27 40.03 8.26 17.88
N ASN E 28 39.05 8.06 17.01
CA ASN E 28 37.65 8.04 17.43
C ASN E 28 37.34 6.73 18.13
N ILE E 29 36.67 6.82 19.29
CA ILE E 29 36.36 5.63 20.07
C ILE E 29 35.38 4.71 19.34
N LYS E 30 34.66 5.23 18.35
CA LYS E 30 33.69 4.45 17.59
C LYS E 30 34.35 3.37 16.73
N ASP E 31 35.68 3.37 16.61
CA ASP E 31 36.35 2.52 15.62
C ASP E 31 36.25 1.05 15.98
N THR E 32 36.54 0.69 17.25
CA THR E 32 36.73 -0.70 17.61
C THR E 32 35.96 -1.04 18.89
N TYR E 33 35.97 -2.33 19.21
CA TYR E 33 35.51 -2.80 20.51
C TYR E 33 36.36 -2.19 21.63
N VAL E 34 35.75 -2.02 22.80
CA VAL E 34 36.45 -1.51 23.98
C VAL E 34 36.14 -2.45 25.14
N HIS E 35 37.18 -3.08 25.68
CA HIS E 35 37.04 -4.04 26.77
C HIS E 35 37.46 -3.40 28.10
N TRP E 36 37.04 -4.06 29.18
CA TRP E 36 37.43 -3.67 30.54
C TRP E 36 38.01 -4.89 31.25
N VAL E 37 39.16 -4.72 31.87
CA VAL E 37 39.89 -5.80 32.50
C VAL E 37 40.21 -5.43 33.95
N LYS E 38 40.03 -6.38 34.85
CA LYS E 38 40.28 -6.21 36.28
C LYS E 38 41.51 -7.00 36.69
N GLN E 39 42.38 -6.39 37.49
CA GLN E 39 43.63 -7.00 37.91
C GLN E 39 43.77 -6.93 39.42
N ARG E 40 43.91 -8.09 40.06
CA ARG E 40 44.20 -8.21 41.47
C ARG E 40 45.53 -8.95 41.66
N PRO E 41 46.23 -8.69 42.77
CA PRO E 41 47.55 -9.35 42.96
C PRO E 41 47.44 -10.86 43.07
N GLU E 42 46.48 -11.37 43.82
CA GLU E 42 46.39 -12.81 44.05
C GLU E 42 45.62 -13.51 42.94
N GLN E 43 44.40 -13.04 42.66
CA GLN E 43 43.55 -13.72 41.69
C GLN E 43 44.10 -13.59 40.27
N GLY E 44 44.61 -12.41 39.92
CA GLY E 44 45.15 -12.21 38.59
C GLY E 44 44.27 -11.33 37.71
N LEU E 45 44.28 -11.60 36.41
CA LEU E 45 43.53 -10.81 35.45
C LEU E 45 42.16 -11.45 35.19
N GLU E 46 41.14 -10.60 35.12
CA GLU E 46 39.77 -11.05 34.87
C GLU E 46 39.11 -10.13 33.87
N TRP E 47 38.50 -10.72 32.83
CA TRP E 47 37.84 -9.96 31.79
C TRP E 47 36.42 -9.62 32.23
N ILE E 48 36.12 -8.32 32.31
CA ILE E 48 34.80 -7.88 32.74
C ILE E 48 33.80 -7.97 31.59
N GLY E 49 34.08 -7.25 30.50
CA GLY E 49 33.17 -7.24 29.38
C GLY E 49 33.69 -6.34 28.28
N ARG E 50 32.82 -6.06 27.32
CA ARG E 50 33.17 -5.22 26.18
C ARG E 50 31.97 -4.38 25.78
N ILE E 51 32.21 -3.46 24.85
CA ILE E 51 31.15 -2.60 24.32
C ILE E 51 31.52 -2.22 22.90
N ASP E 52 30.50 -1.99 22.07
CA ASP E 52 30.66 -1.46 20.72
C ASP E 52 30.16 -0.02 20.70
N PRO E 53 31.04 0.98 20.83
CA PRO E 53 30.56 2.37 20.89
C PRO E 53 29.85 2.84 19.63
N ALA E 54 29.87 2.06 18.55
CA ALA E 54 29.17 2.41 17.32
C ALA E 54 27.67 2.12 17.38
N ASN E 55 27.18 1.56 18.49
CA ASN E 55 25.76 1.24 18.62
C ASN E 55 25.35 1.15 20.08
N GLY E 56 26.26 0.71 20.94
CA GLY E 56 26.01 0.58 22.36
C GLY E 56 25.82 -0.84 22.85
N TYR E 57 25.85 -1.84 21.98
CA TYR E 57 25.68 -3.22 22.42
C TYR E 57 26.87 -3.67 23.25
N THR E 58 26.62 -4.57 24.19
CA THR E 58 27.63 -4.95 25.18
C THR E 58 27.65 -6.46 25.36
N LYS E 59 28.73 -6.94 25.96
CA LYS E 59 28.89 -8.32 26.39
C LYS E 59 29.56 -8.31 27.75
N TYR E 60 29.22 -9.31 28.58
CA TYR E 60 29.75 -9.36 29.94
C TYR E 60 30.10 -10.80 30.32
N ASP E 61 31.09 -10.92 31.17
CA ASP E 61 31.31 -12.17 31.89
C ASP E 61 30.20 -12.32 32.94
N PRO E 62 29.45 -13.43 32.94
CA PRO E 62 28.31 -13.56 33.86
C PRO E 62 28.65 -13.37 35.33
N LYS E 63 29.94 -13.44 35.70
CA LYS E 63 30.32 -13.20 37.08
C LYS E 63 30.04 -11.76 37.51
N PHE E 64 30.28 -10.81 36.60
CA PHE E 64 30.15 -9.39 36.91
C PHE E 64 28.76 -8.84 36.59
N GLN E 65 27.75 -9.70 36.51
CA GLN E 65 26.40 -9.24 36.23
C GLN E 65 25.83 -8.49 37.44
N GLY E 66 25.12 -7.41 37.16
CA GLY E 66 24.59 -6.49 38.16
C GLY E 66 25.61 -5.52 38.73
N LYS E 67 26.84 -5.98 38.94
CA LYS E 67 27.89 -5.12 39.47
C LYS E 67 28.47 -4.22 38.38
N ALA E 68 28.98 -4.82 37.30
CA ALA E 68 29.63 -4.06 36.25
C ALA E 68 28.63 -3.63 35.19
N THR E 69 28.74 -2.38 34.76
CA THR E 69 27.89 -1.81 33.72
C THR E 69 28.74 -0.92 32.83
N ILE E 70 28.87 -1.31 31.56
CA ILE E 70 29.72 -0.59 30.61
C ILE E 70 28.83 0.26 29.71
N THR E 71 29.22 1.52 29.53
CA THR E 71 28.52 2.46 28.65
C THR E 71 29.55 3.24 27.85
N ALA E 72 29.06 4.14 27.01
CA ALA E 72 29.94 4.97 26.17
C ALA E 72 29.14 6.16 25.64
N ASP E 73 29.88 7.20 25.27
CA ASP E 73 29.31 8.41 24.68
C ASP E 73 30.26 8.87 23.59
N THR E 74 29.81 8.78 22.33
CA THR E 74 30.67 9.15 21.21
C THR E 74 31.00 10.63 21.21
N SER E 75 30.11 11.46 21.78
CA SER E 75 30.40 12.89 21.88
C SER E 75 31.61 13.15 22.76
N SER E 76 31.63 12.57 23.96
CA SER E 76 32.77 12.68 24.85
C SER E 76 33.97 11.88 24.35
N ASN E 77 33.77 10.96 23.39
CA ASN E 77 34.83 10.07 22.91
C ASN E 77 35.40 9.24 24.06
N THR E 78 34.52 8.69 24.88
CA THR E 78 34.92 8.06 26.13
C THR E 78 33.97 6.91 26.44
N ALA E 79 34.53 5.82 26.97
CA ALA E 79 33.77 4.67 27.45
C ALA E 79 33.88 4.59 28.96
N TYR E 80 32.78 4.24 29.61
CA TYR E 80 32.69 4.22 31.06
C TYR E 80 32.48 2.80 31.58
N LEU E 81 32.81 2.61 32.87
CA LEU E 81 32.57 1.36 33.58
C LEU E 81 31.99 1.72 34.95
N GLN E 82 30.68 1.53 35.10
CA GLN E 82 30.00 1.85 36.34
C GLN E 82 29.94 0.61 37.23
N LEU E 83 30.58 0.68 38.39
CA LEU E 83 30.56 -0.38 39.38
C LEU E 83 29.64 0.02 40.52
N SER E 84 28.74 -0.89 40.89
CA SER E 84 27.74 -0.62 41.92
C SER E 84 27.80 -1.67 43.01
N SER E 85 27.40 -1.27 44.22
CA SER E 85 27.39 -2.14 45.39
C SER E 85 28.78 -2.73 45.64
N LEU E 86 29.71 -1.83 45.95
CA LEU E 86 31.12 -2.21 46.04
C LEU E 86 31.42 -2.99 47.32
N THR E 87 32.45 -3.81 47.26
CA THR E 87 32.93 -4.58 48.40
C THR E 87 34.45 -4.48 48.45
N SER E 88 35.04 -5.12 49.47
CA SER E 88 36.51 -5.18 49.54
C SER E 88 37.09 -6.05 48.44
N GLU E 89 36.32 -7.01 47.93
CA GLU E 89 36.78 -7.85 46.84
C GLU E 89 36.87 -7.10 45.51
N ASP E 90 36.13 -5.99 45.37
CA ASP E 90 36.20 -5.18 44.17
C ASP E 90 37.42 -4.26 44.13
N THR E 91 38.21 -4.22 45.19
CA THR E 91 39.42 -3.40 45.22
C THR E 91 40.43 -3.99 44.24
N ALA E 92 40.70 -3.27 43.16
CA ALA E 92 41.58 -3.77 42.10
C ALA E 92 41.94 -2.61 41.17
N VAL E 93 42.79 -2.91 40.20
CA VAL E 93 43.13 -1.98 39.13
C VAL E 93 42.36 -2.38 37.89
N TYR E 94 41.74 -1.39 37.23
CA TYR E 94 40.88 -1.64 36.09
C TYR E 94 41.46 -0.97 34.85
N TYR E 95 41.57 -1.74 33.77
CA TYR E 95 42.16 -1.29 32.51
C TYR E 95 41.12 -1.34 31.41
N CYS E 96 41.18 -0.37 30.50
CA CYS E 96 40.41 -0.43 29.27
C CYS E 96 41.33 -0.84 28.12
N VAL E 97 40.80 -1.68 27.23
CA VAL E 97 41.59 -2.35 26.21
C VAL E 97 40.87 -2.24 24.87
N ARG E 98 41.66 -2.13 23.80
CA ARG E 98 41.16 -2.16 22.44
C ARG E 98 42.18 -2.86 21.56
N PRO E 99 41.76 -3.46 20.45
CA PRO E 99 42.69 -4.17 19.58
C PRO E 99 43.40 -3.22 18.62
N LEU E 100 44.45 -3.76 17.97
CA LEU E 100 45.19 -3.02 16.94
C LEU E 100 44.56 -3.27 15.57
N TYR E 101 44.72 -4.49 15.05
CA TYR E 101 44.13 -4.89 13.78
C TYR E 101 43.03 -5.94 13.97
N ASP E 102 43.37 -7.10 14.51
CA ASP E 102 42.42 -8.18 14.72
C ASP E 102 41.23 -7.69 15.54
N TYR E 103 40.03 -7.86 14.99
CA TYR E 103 38.81 -7.36 15.63
C TYR E 103 38.66 -7.84 17.06
N TYR E 104 39.21 -9.01 17.39
CA TYR E 104 38.96 -9.66 18.67
C TYR E 104 40.18 -9.69 19.58
N ALA E 105 41.26 -9.00 19.21
CA ALA E 105 42.50 -9.06 19.97
C ALA E 105 42.47 -8.08 21.14
N MET E 106 43.53 -8.12 21.95
CA MET E 106 43.68 -7.28 23.14
C MET E 106 45.12 -6.75 23.13
N ASP E 107 45.33 -5.63 22.42
CA ASP E 107 46.66 -5.12 22.17
C ASP E 107 46.97 -3.82 22.89
N TYR E 108 46.12 -2.80 22.75
CA TYR E 108 46.37 -1.50 23.35
C TYR E 108 45.67 -1.41 24.71
N TRP E 109 46.40 -0.95 25.72
CA TRP E 109 45.91 -0.91 27.09
C TRP E 109 46.09 0.49 27.67
N GLY E 110 45.16 0.88 28.55
CA GLY E 110 45.31 2.12 29.27
C GLY E 110 46.25 1.98 30.46
N GLN E 111 46.54 3.12 31.10
CA GLN E 111 47.44 3.11 32.24
C GLN E 111 46.82 2.47 33.48
N GLY E 112 45.51 2.28 33.51
CA GLY E 112 44.87 1.62 34.63
C GLY E 112 44.47 2.56 35.75
N THR E 113 43.32 2.29 36.37
CA THR E 113 42.80 3.10 37.46
C THR E 113 42.65 2.21 38.69
N SER E 114 43.27 2.63 39.79
CA SER E 114 43.21 1.89 41.04
C SER E 114 41.97 2.32 41.83
N VAL E 115 41.14 1.36 42.21
CA VAL E 115 39.91 1.61 42.97
C VAL E 115 40.08 0.94 44.32
N THR E 116 40.04 1.75 45.39
CA THR E 116 40.20 1.27 46.75
C THR E 116 38.91 1.46 47.52
N VAL E 117 38.35 0.36 48.02
CA VAL E 117 37.10 0.36 48.78
C VAL E 117 37.46 0.14 50.25
N SER E 118 37.07 1.08 51.10
CA SER E 118 37.37 0.97 52.53
C SER E 118 36.45 1.90 53.30
N SER E 119 36.17 1.53 54.55
CA SER E 119 35.32 2.33 55.41
C SER E 119 36.08 3.35 56.25
N ALA E 120 37.37 3.12 56.51
CA ALA E 120 38.13 3.99 57.37
C ALA E 120 38.27 5.39 56.77
N LYS E 121 38.27 6.39 57.64
CA LYS E 121 38.41 7.78 57.24
C LYS E 121 39.89 8.15 57.21
N THR E 122 40.17 9.43 56.95
CA THR E 122 41.55 9.90 56.92
C THR E 122 42.20 9.73 58.29
N THR E 123 43.41 9.17 58.31
CA THR E 123 44.10 8.86 59.55
C THR E 123 45.60 9.10 59.38
N ALA E 124 46.19 9.79 60.35
CA ALA E 124 47.62 10.07 60.33
C ALA E 124 48.40 8.90 60.92
N PRO E 125 49.59 8.62 60.41
CA PRO E 125 50.34 7.43 60.85
C PRO E 125 51.06 7.68 62.18
N SER E 126 51.51 6.57 62.76
CA SER E 126 52.37 6.58 63.93
C SER E 126 53.81 6.24 63.53
N VAL E 127 54.74 6.50 64.43
CA VAL E 127 56.16 6.26 64.19
C VAL E 127 56.78 5.65 65.44
N TYR E 128 57.43 4.50 65.29
CA TYR E 128 58.04 3.78 66.41
C TYR E 128 59.49 3.46 66.06
N PRO E 129 60.46 3.88 66.88
CA PRO E 129 61.86 3.59 66.58
C PRO E 129 62.25 2.19 67.02
N LEU E 130 63.06 1.53 66.19
CA LEU E 130 63.48 0.15 66.42
C LEU E 130 65.00 0.08 66.47
N ALA E 131 65.54 -0.28 67.63
CA ALA E 131 66.96 -0.42 67.88
C ALA E 131 67.30 -1.86 68.25
N PRO E 132 68.55 -2.27 68.11
CA PRO E 132 68.91 -3.65 68.44
C PRO E 132 68.70 -3.97 69.91
N VAL E 133 68.72 -5.27 70.21
CA VAL E 133 68.52 -5.78 71.56
C VAL E 133 69.79 -5.57 72.38
N CYS E 134 69.62 -5.39 73.69
CA CYS E 134 70.73 -5.26 74.62
C CYS E 134 71.68 -6.45 74.51
N SER E 140 80.57 -5.46 63.52
CA SER E 140 81.11 -4.82 62.34
C SER E 140 80.03 -4.07 61.56
N SER E 141 78.77 -4.42 61.81
CA SER E 141 77.64 -3.78 61.15
C SER E 141 76.43 -3.88 62.04
N VAL E 142 75.47 -2.98 61.80
CA VAL E 142 74.27 -2.88 62.63
C VAL E 142 73.10 -2.48 61.75
N THR E 143 71.90 -2.96 62.10
CA THR E 143 70.68 -2.67 61.39
C THR E 143 69.70 -1.98 62.33
N LEU E 144 69.00 -0.96 61.82
CA LEU E 144 67.98 -0.24 62.57
C LEU E 144 66.60 -0.51 61.97
N GLY E 145 65.60 0.22 62.43
CA GLY E 145 64.25 0.04 61.95
C GLY E 145 63.40 1.25 62.25
N CYS E 146 62.30 1.37 61.49
CA CYS E 146 61.41 2.53 61.60
C CYS E 146 60.00 2.08 61.22
N LEU E 147 59.26 1.61 62.21
CA LEU E 147 57.92 1.07 61.98
C LEU E 147 56.89 2.20 61.90
N VAL E 148 56.01 2.11 60.91
CA VAL E 148 54.92 3.06 60.70
C VAL E 148 53.62 2.28 60.59
N LYS E 149 52.60 2.71 61.31
CA LYS E 149 51.35 1.95 61.36
C LYS E 149 50.18 2.88 61.64
N GLY E 150 49.02 2.50 61.11
CA GLY E 150 47.78 3.19 61.41
C GLY E 150 47.56 4.45 60.62
N TYR E 151 47.32 4.33 59.32
CA TYR E 151 47.10 5.49 58.48
C TYR E 151 46.25 5.10 57.28
N PHE E 152 45.62 6.11 56.68
CA PHE E 152 44.76 5.97 55.52
C PHE E 152 44.46 7.34 54.96
N PRO E 153 44.50 7.51 53.63
CA PRO E 153 44.88 6.47 52.66
C PRO E 153 46.36 6.47 52.30
N GLU E 154 46.71 5.70 51.28
CA GLU E 154 48.05 5.69 50.73
C GLU E 154 48.29 6.94 49.90
N PRO E 155 49.57 7.31 49.67
CA PRO E 155 50.81 6.70 50.15
C PRO E 155 51.49 7.52 51.24
N VAL E 156 52.73 7.15 51.57
CA VAL E 156 53.55 7.85 52.55
C VAL E 156 54.98 7.90 52.04
N THR E 157 55.74 8.87 52.55
CA THR E 157 57.12 9.08 52.16
C THR E 157 58.02 8.85 53.37
N LEU E 158 58.78 7.77 53.33
CA LEU E 158 59.73 7.44 54.39
C LEU E 158 61.15 7.74 53.92
N THR E 159 61.88 8.51 54.73
CA THR E 159 63.27 8.81 54.46
C THR E 159 64.05 8.75 55.77
N TRP E 160 65.39 8.66 55.64
CA TRP E 160 66.28 8.61 56.79
C TRP E 160 67.15 9.86 56.79
N ASN E 161 67.11 10.60 57.90
CA ASN E 161 67.78 11.90 58.02
C ASN E 161 67.35 12.84 56.90
N SER E 162 66.03 12.86 56.65
CA SER E 162 65.41 13.73 55.65
C SER E 162 65.98 13.47 54.26
N GLY E 163 66.01 12.20 53.87
CA GLY E 163 66.48 11.83 52.56
C GLY E 163 67.97 11.87 52.37
N SER E 164 68.74 11.91 53.47
CA SER E 164 70.19 11.93 53.38
C SER E 164 70.72 10.61 52.80
N LEU E 165 70.64 9.54 53.58
CA LEU E 165 71.11 8.24 53.15
C LEU E 165 70.01 7.49 52.42
N SER E 166 70.31 7.05 51.21
CA SER E 166 69.41 6.21 50.43
C SER E 166 70.01 4.87 50.05
N SER E 167 71.34 4.77 49.93
CA SER E 167 72.01 3.52 49.59
C SER E 167 71.90 2.56 50.77
N GLY E 168 71.13 1.49 50.59
CA GLY E 168 70.95 0.51 51.64
C GLY E 168 69.73 0.77 52.50
N VAL E 169 68.60 1.07 51.85
CA VAL E 169 67.35 1.38 52.55
C VAL E 169 66.26 0.51 51.92
N HIS E 170 65.87 -0.55 52.61
CA HIS E 170 64.85 -1.48 52.13
C HIS E 170 63.50 -1.06 52.72
N THR E 171 62.81 -0.17 52.01
CA THR E 171 61.47 0.24 52.42
C THR E 171 60.46 -0.76 51.86
N PHE E 172 59.80 -1.48 52.76
CA PHE E 172 58.89 -2.55 52.35
C PHE E 172 57.52 -1.99 51.99
N PRO E 173 56.82 -2.64 51.06
CA PRO E 173 55.47 -2.17 50.69
C PRO E 173 54.51 -2.25 51.85
N ALA E 174 53.57 -1.31 51.88
CA ALA E 174 52.57 -1.27 52.93
C ALA E 174 51.61 -2.46 52.80
N VAL E 175 51.09 -2.90 53.94
CA VAL E 175 50.18 -4.05 54.01
C VAL E 175 48.89 -3.60 54.68
N LEU E 176 47.76 -4.05 54.13
CA LEU E 176 46.46 -3.70 54.68
C LEU E 176 46.21 -4.46 55.98
N GLN E 177 45.74 -3.74 57.00
CA GLN E 177 45.46 -4.31 58.32
C GLN E 177 44.18 -3.67 58.84
N SER E 178 43.05 -4.31 58.52
CA SER E 178 41.72 -3.89 58.98
C SER E 178 41.47 -2.41 58.67
N ASP E 179 41.38 -2.13 57.37
CA ASP E 179 41.09 -0.80 56.85
C ASP E 179 42.18 0.22 57.22
N LEU E 180 43.37 -0.25 57.60
CA LEU E 180 44.48 0.63 57.94
C LEU E 180 45.79 -0.04 57.50
N TYR E 181 46.73 0.78 57.03
CA TYR E 181 47.96 0.26 56.46
C TYR E 181 49.07 0.19 57.51
N THR E 182 50.13 -0.53 57.16
CA THR E 182 51.29 -0.69 58.04
C THR E 182 52.54 -0.82 57.17
N LEU E 183 53.39 0.19 57.19
CA LEU E 183 54.61 0.21 56.40
C LEU E 183 55.83 0.18 57.31
N SER E 184 56.88 -0.50 56.86
CA SER E 184 58.11 -0.65 57.63
C SER E 184 59.31 -0.55 56.71
N SER E 185 60.39 0.01 57.24
CA SER E 185 61.64 0.17 56.48
C SER E 185 62.82 -0.17 57.37
N SER E 186 63.99 -0.26 56.76
CA SER E 186 65.20 -0.64 57.47
C SER E 186 66.41 -0.02 56.78
N VAL E 187 67.53 0.02 57.50
CA VAL E 187 68.77 0.61 57.01
C VAL E 187 69.93 -0.04 57.74
N THR E 188 71.06 -0.18 57.05
CA THR E 188 72.23 -0.86 57.58
C THR E 188 73.46 0.03 57.42
N VAL E 189 74.28 0.10 58.47
CA VAL E 189 75.53 0.85 58.48
C VAL E 189 76.56 0.06 59.26
N THR E 190 77.76 0.63 59.40
CA THR E 190 78.83 0.00 60.15
C THR E 190 78.71 0.34 61.63
N SER E 191 79.52 -0.33 62.45
CA SER E 191 79.54 -0.05 63.88
C SER E 191 80.12 1.32 64.19
N SER E 192 80.89 1.90 63.26
CA SER E 192 81.45 3.24 63.41
C SER E 192 80.54 4.32 62.84
N THR E 193 79.22 4.12 62.90
CA THR E 193 78.27 5.09 62.38
C THR E 193 77.16 5.35 63.40
N TRP E 194 76.83 4.33 64.19
CA TRP E 194 75.77 4.42 65.18
C TRP E 194 76.15 3.52 66.34
N PRO E 195 76.01 3.99 67.60
CA PRO E 195 75.51 5.30 67.97
C PRO E 195 76.59 6.38 68.06
N SER E 196 77.51 6.40 67.09
CA SER E 196 78.51 7.44 67.03
C SER E 196 78.00 8.71 66.34
N GLN E 197 76.86 8.63 65.66
CA GLN E 197 76.28 9.77 64.97
C GLN E 197 74.76 9.73 65.14
N SER E 198 74.14 10.90 65.27
CA SER E 198 72.71 10.97 65.46
C SER E 198 71.97 10.54 64.20
N ILE E 199 70.94 9.72 64.36
CA ILE E 199 70.16 9.19 63.25
C ILE E 199 68.68 9.24 63.63
N THR E 200 67.87 9.77 62.72
CA THR E 200 66.43 9.91 62.92
C THR E 200 65.71 9.49 61.64
N CYS E 201 64.58 8.81 61.79
CA CYS E 201 63.78 8.34 60.66
C CYS E 201 62.65 9.33 60.39
N ASN E 202 62.60 9.85 59.17
CA ASN E 202 61.57 10.80 58.77
C ASN E 202 60.41 10.09 58.08
N VAL E 203 59.21 10.62 58.31
CA VAL E 203 57.97 10.08 57.75
C VAL E 203 57.09 11.25 57.30
N ALA E 204 56.29 11.02 56.27
CA ALA E 204 55.37 12.04 55.78
C ALA E 204 54.12 11.37 55.20
N HIS E 205 52.97 11.98 55.46
CA HIS E 205 51.68 11.48 54.97
C HIS E 205 50.91 12.65 54.36
N PRO E 206 50.97 12.81 53.04
CA PRO E 206 50.33 13.99 52.41
C PRO E 206 48.82 14.06 52.61
N ALA E 207 48.16 12.94 52.88
CA ALA E 207 46.71 12.94 53.01
C ALA E 207 46.28 13.79 54.21
N SER E 208 46.90 13.57 55.37
CA SER E 208 46.62 14.34 56.57
C SER E 208 47.59 15.50 56.77
N SER E 209 48.57 15.66 55.88
CA SER E 209 49.52 16.77 55.93
C SER E 209 50.30 16.78 57.26
N THR E 210 50.96 15.65 57.53
CA THR E 210 51.76 15.48 58.74
C THR E 210 53.17 15.06 58.37
N LYS E 211 54.14 15.49 59.17
CA LYS E 211 55.56 15.28 58.91
C LYS E 211 56.30 15.01 60.22
N VAL E 212 55.97 13.90 60.87
CA VAL E 212 56.56 13.54 62.17
C VAL E 212 57.72 12.59 61.95
N ASP E 213 58.70 12.66 62.86
CA ASP E 213 59.87 11.79 62.81
C ASP E 213 60.27 11.43 64.24
N LYS E 214 60.96 10.30 64.37
CA LYS E 214 61.39 9.77 65.66
C LYS E 214 62.87 9.41 65.61
N LYS E 215 63.61 9.85 66.62
CA LYS E 215 65.05 9.61 66.69
C LYS E 215 65.32 8.23 67.27
N ILE E 216 66.18 7.46 66.59
CA ILE E 216 66.52 6.11 67.05
C ILE E 216 67.43 6.22 68.27
N GLU E 217 67.06 5.55 69.35
CA GLU E 217 67.83 5.57 70.58
C GLU E 217 68.33 4.17 70.92
N PRO E 218 69.57 4.04 71.38
CA PRO E 218 70.07 2.72 71.80
C PRO E 218 69.32 2.22 73.03
N ARG E 219 69.31 0.89 73.17
CA ARG E 219 68.65 0.27 74.31
C ARG E 219 69.66 -0.07 75.41
N ASP F 1 33.87 -21.69 30.91
CA ASP F 1 34.99 -20.86 30.47
C ASP F 1 36.22 -21.70 30.17
N ILE F 2 37.10 -21.17 29.33
CA ILE F 2 38.33 -21.85 28.96
C ILE F 2 39.39 -21.52 30.00
N LEU F 3 40.05 -22.55 30.52
CA LEU F 3 41.11 -22.38 31.50
C LEU F 3 42.46 -22.30 30.80
N MET F 4 43.25 -21.28 31.14
CA MET F 4 44.56 -21.06 30.55
C MET F 4 45.62 -21.35 31.61
N THR F 5 46.40 -22.41 31.39
CA THR F 5 47.44 -22.82 32.31
C THR F 5 48.79 -22.31 31.78
N GLN F 6 49.34 -21.31 32.45
CA GLN F 6 50.60 -20.69 32.07
C GLN F 6 51.71 -21.15 32.99
N SER F 7 52.80 -21.64 32.42
CA SER F 7 53.92 -22.18 33.17
C SER F 7 55.22 -21.77 32.50
N PRO F 8 56.29 -21.57 33.29
CA PRO F 8 56.31 -21.66 34.75
C PRO F 8 55.74 -20.42 35.43
N SER F 9 55.50 -20.49 36.74
CA SER F 9 55.05 -19.33 37.48
C SER F 9 56.13 -18.26 37.56
N SER F 10 57.40 -18.67 37.53
CA SER F 10 58.54 -17.77 37.58
C SER F 10 59.79 -18.54 37.21
N MET F 11 60.75 -17.84 36.61
CA MET F 11 62.00 -18.44 36.18
C MET F 11 63.16 -17.49 36.47
N SER F 12 64.25 -18.04 36.97
CA SER F 12 65.47 -17.27 37.27
C SER F 12 66.43 -17.44 36.10
N VAL F 13 66.64 -16.36 35.35
CA VAL F 13 67.45 -16.38 34.13
C VAL F 13 68.34 -15.14 34.12
N SER F 14 69.16 -15.01 33.09
CA SER F 14 70.13 -13.93 32.97
C SER F 14 70.02 -13.30 31.59
N LEU F 15 70.85 -12.27 31.36
CA LEU F 15 70.85 -11.55 30.09
C LEU F 15 71.46 -12.40 28.99
N GLY F 16 70.99 -12.18 27.76
CA GLY F 16 71.45 -12.94 26.61
C GLY F 16 70.88 -14.33 26.50
N ASP F 17 70.12 -14.79 27.48
CA ASP F 17 69.55 -16.13 27.44
C ASP F 17 68.35 -16.17 26.50
N THR F 18 68.03 -17.38 26.04
CA THR F 18 66.88 -17.64 25.18
C THR F 18 65.90 -18.51 25.96
N VAL F 19 64.76 -17.93 26.32
CA VAL F 19 63.79 -18.59 27.18
C VAL F 19 62.48 -18.78 26.41
N SER F 20 61.56 -19.52 27.02
CA SER F 20 60.27 -19.81 26.41
C SER F 20 59.23 -20.01 27.50
N ILE F 21 58.06 -19.41 27.30
CA ILE F 21 56.94 -19.50 28.24
C ILE F 21 55.81 -20.24 27.54
N THR F 22 55.36 -21.33 28.14
CA THR F 22 54.27 -22.12 27.58
C THR F 22 52.93 -21.67 28.14
N CYS F 23 51.86 -22.06 27.45
CA CYS F 23 50.50 -21.70 27.86
C CYS F 23 49.56 -22.75 27.31
N HIS F 24 48.85 -23.44 28.20
CA HIS F 24 47.98 -24.55 27.83
C HIS F 24 46.52 -24.17 28.08
N ALA F 25 45.69 -24.36 27.07
CA ALA F 25 44.26 -24.13 27.18
C ALA F 25 43.54 -25.45 27.41
N SER F 26 42.40 -25.37 28.11
CA SER F 26 41.61 -26.57 28.39
C SER F 26 41.05 -27.19 27.12
N GLN F 27 41.04 -26.45 26.01
CA GLN F 27 40.56 -26.96 24.74
C GLN F 27 41.28 -26.23 23.62
N GLY F 28 41.10 -26.72 22.40
CA GLY F 28 41.70 -26.06 21.25
C GLY F 28 41.13 -24.67 21.04
N ILE F 29 41.99 -23.74 20.66
CA ILE F 29 41.59 -22.35 20.40
C ILE F 29 42.00 -21.87 19.02
N SER F 30 42.74 -22.67 18.25
CA SER F 30 43.07 -22.37 16.86
C SER F 30 43.79 -21.03 16.72
N SER F 31 44.87 -20.87 17.48
CA SER F 31 45.77 -19.72 17.40
C SER F 31 45.08 -18.41 17.76
N ASN F 32 43.94 -18.47 18.45
CA ASN F 32 43.27 -17.26 18.93
C ASN F 32 43.78 -16.88 20.31
N ILE F 33 45.07 -16.54 20.37
CA ILE F 33 45.75 -16.27 21.62
C ILE F 33 46.61 -15.02 21.47
N GLY F 34 46.74 -14.28 22.57
CA GLY F 34 47.59 -13.11 22.61
C GLY F 34 48.51 -13.15 23.80
N TRP F 35 49.62 -12.42 23.69
CA TRP F 35 50.63 -12.35 24.73
C TRP F 35 50.84 -10.91 25.17
N LEU F 36 50.99 -10.72 26.47
CA LEU F 36 51.08 -9.39 27.07
C LEU F 36 52.31 -9.29 27.95
N GLN F 37 52.77 -8.04 28.14
CA GLN F 37 53.91 -7.74 28.98
C GLN F 37 53.54 -6.61 29.94
N GLN F 38 53.97 -6.73 31.20
CA GLN F 38 53.72 -5.72 32.22
C GLN F 38 55.03 -5.45 32.95
N LYS F 39 55.70 -4.35 32.59
CA LYS F 39 56.94 -3.97 33.23
C LYS F 39 56.68 -3.52 34.67
N PRO F 40 57.71 -3.59 35.54
CA PRO F 40 57.51 -3.25 36.95
C PRO F 40 56.91 -1.87 37.18
N GLY F 41 55.72 -1.83 37.80
CA GLY F 41 55.04 -0.59 38.09
C GLY F 41 54.27 0.02 36.93
N LYS F 42 54.56 -0.38 35.70
CA LYS F 42 53.93 0.20 34.52
C LYS F 42 52.76 -0.67 34.07
N SER F 43 52.08 -0.24 33.02
CA SER F 43 50.86 -0.90 32.57
C SER F 43 51.21 -2.01 31.57
N PHE F 44 50.25 -2.43 30.76
CA PHE F 44 50.40 -3.56 29.86
C PHE F 44 50.78 -3.09 28.46
N MET F 45 51.62 -3.88 27.79
CA MET F 45 51.98 -3.66 26.40
C MET F 45 51.72 -4.93 25.61
N GLY F 46 51.12 -4.79 24.43
CA GLY F 46 50.80 -5.94 23.61
C GLY F 46 52.03 -6.46 22.90
N LEU F 47 52.21 -7.78 22.93
CA LEU F 47 53.33 -8.44 22.27
C LEU F 47 52.89 -9.20 21.03
N ILE F 48 52.00 -10.18 21.20
CA ILE F 48 51.57 -11.06 20.12
C ILE F 48 50.04 -11.02 20.03
N TYR F 49 49.54 -11.12 18.80
CA TYR F 49 48.12 -11.33 18.55
C TYR F 49 47.97 -12.42 17.51
N TYR F 50 46.93 -13.25 17.68
CA TYR F 50 46.66 -14.38 16.80
C TYR F 50 47.86 -15.32 16.71
N GLY F 51 48.44 -15.61 17.86
CA GLY F 51 49.48 -16.64 17.96
C GLY F 51 50.90 -16.29 17.56
N THR F 52 51.10 -15.71 16.38
CA THR F 52 52.44 -15.48 15.85
C THR F 52 52.72 -14.05 15.41
N ASN F 53 51.71 -13.20 15.30
CA ASN F 53 51.88 -11.87 14.70
C ASN F 53 52.34 -10.87 15.76
N LEU F 54 53.54 -10.32 15.57
CA LEU F 54 54.06 -9.30 16.48
C LEU F 54 53.25 -8.02 16.36
N VAL F 55 52.95 -7.40 17.52
CA VAL F 55 52.35 -6.08 17.54
C VAL F 55 53.35 -5.07 16.98
N ASP F 56 52.84 -4.02 16.34
CA ASP F 56 53.70 -2.98 15.81
C ASP F 56 54.53 -2.34 16.91
N GLY F 57 55.85 -2.28 16.71
CA GLY F 57 56.76 -1.74 17.67
C GLY F 57 57.51 -2.76 18.50
N VAL F 58 56.99 -3.99 18.58
CA VAL F 58 57.64 -5.02 19.39
C VAL F 58 58.96 -5.42 18.73
N PRO F 59 60.06 -5.51 19.47
CA PRO F 59 61.32 -5.96 18.87
C PRO F 59 61.18 -7.37 18.30
N SER F 60 61.94 -7.63 17.23
CA SER F 60 61.84 -8.91 16.53
C SER F 60 62.39 -10.08 17.35
N ARG F 61 63.04 -9.82 18.48
CA ARG F 61 63.52 -10.92 19.31
C ARG F 61 62.38 -11.69 19.97
N PHE F 62 61.19 -11.10 20.05
CA PHE F 62 60.02 -11.81 20.52
C PHE F 62 59.43 -12.64 19.38
N SER F 63 58.80 -13.77 19.74
CA SER F 63 58.20 -14.64 18.75
C SER F 63 57.23 -15.64 19.39
N GLY F 64 56.04 -15.79 18.80
CA GLY F 64 55.08 -16.75 19.28
C GLY F 64 54.99 -17.96 18.36
N SER F 65 54.47 -19.08 18.88
CA SER F 65 54.39 -20.32 18.13
C SER F 65 53.45 -21.27 18.85
N GLY F 66 52.95 -22.25 18.11
CA GLY F 66 52.10 -23.29 18.66
C GLY F 66 50.82 -23.44 17.86
N SER F 67 50.03 -24.42 18.28
CA SER F 67 48.73 -24.70 17.65
C SER F 67 47.92 -25.56 18.59
N GLY F 68 46.63 -25.69 18.28
CA GLY F 68 45.72 -26.48 19.07
C GLY F 68 45.43 -25.90 20.44
N ALA F 69 45.90 -26.57 21.49
CA ALA F 69 45.73 -26.09 22.86
C ALA F 69 47.05 -25.93 23.59
N ASP F 70 48.15 -25.70 22.86
CA ASP F 70 49.48 -25.58 23.44
C ASP F 70 50.26 -24.57 22.62
N TYR F 71 50.69 -23.49 23.26
CA TYR F 71 51.35 -22.37 22.58
C TYR F 71 52.54 -21.92 23.41
N SER F 72 53.44 -21.18 22.77
CA SER F 72 54.69 -20.81 23.42
C SER F 72 55.16 -19.45 22.92
N LEU F 73 55.52 -18.58 23.86
CA LEU F 73 56.23 -17.34 23.57
C LEU F 73 57.74 -17.57 23.73
N THR F 74 58.52 -16.78 23.02
CA THR F 74 59.97 -16.97 23.02
C THR F 74 60.67 -15.63 22.90
N ILE F 75 61.68 -15.41 23.75
CA ILE F 75 62.49 -14.21 23.75
C ILE F 75 63.95 -14.63 23.58
N SER F 76 64.51 -14.38 22.40
CA SER F 76 65.90 -14.68 22.12
C SER F 76 66.77 -13.51 22.58
N SER F 77 67.83 -13.82 23.32
CA SER F 77 68.75 -12.81 23.87
C SER F 77 68.00 -11.82 24.73
N LEU F 78 67.83 -12.15 26.01
CA LEU F 78 67.08 -11.29 26.92
C LEU F 78 67.79 -9.97 27.14
N ASP F 79 66.99 -8.90 27.20
CA ASP F 79 67.48 -7.55 27.49
C ASP F 79 67.06 -7.16 28.90
N SER F 80 67.72 -6.11 29.42
CA SER F 80 67.39 -5.62 30.75
C SER F 80 65.93 -5.20 30.87
N GLU F 81 65.32 -4.75 29.77
CA GLU F 81 63.93 -4.36 29.77
C GLU F 81 62.97 -5.54 29.80
N ASP F 82 63.41 -6.72 29.34
CA ASP F 82 62.53 -7.89 29.25
C ASP F 82 62.20 -8.49 30.61
N PHE F 83 62.94 -8.14 31.67
CA PHE F 83 62.63 -8.64 33.01
C PHE F 83 61.32 -8.04 33.51
N ALA F 84 60.22 -8.74 33.28
CA ALA F 84 58.89 -8.22 33.64
C ALA F 84 57.92 -9.41 33.72
N ASP F 85 56.66 -9.09 33.94
CA ASP F 85 55.59 -10.08 33.98
C ASP F 85 55.04 -10.32 32.59
N TYR F 86 54.54 -11.53 32.36
CA TYR F 86 54.00 -11.92 31.07
C TYR F 86 52.73 -12.75 31.28
N TYR F 87 51.74 -12.55 30.41
CA TYR F 87 50.47 -13.22 30.51
C TYR F 87 49.99 -13.63 29.12
N CYS F 88 49.37 -14.81 29.03
CA CYS F 88 48.69 -15.22 27.81
C CYS F 88 47.18 -15.05 27.98
N VAL F 89 46.52 -14.73 26.87
CA VAL F 89 45.09 -14.49 26.86
C VAL F 89 44.48 -15.11 25.61
N GLN F 90 43.34 -15.78 25.77
CA GLN F 90 42.61 -16.37 24.67
C GLN F 90 41.36 -15.54 24.38
N TYR F 91 40.98 -15.50 23.11
CA TYR F 91 39.74 -14.86 22.69
C TYR F 91 39.01 -15.70 21.65
N ALA F 92 39.16 -17.03 21.73
CA ALA F 92 38.39 -17.91 20.86
C ALA F 92 36.94 -18.00 21.30
N GLN F 93 36.68 -17.86 22.60
CA GLN F 93 35.33 -17.87 23.13
C GLN F 93 35.18 -16.75 24.15
N LEU F 94 33.92 -16.38 24.39
CA LEU F 94 33.59 -15.48 25.48
C LEU F 94 33.14 -16.29 26.69
N PRO F 95 33.54 -15.91 27.91
CA PRO F 95 34.37 -14.75 28.25
C PRO F 95 35.86 -14.96 27.95
N TYR F 96 36.59 -13.87 27.71
CA TYR F 96 38.03 -13.96 27.58
C TYR F 96 38.65 -14.38 28.91
N THR F 97 39.72 -15.16 28.84
CA THR F 97 40.38 -15.67 30.03
C THR F 97 41.88 -15.53 29.88
N PHE F 98 42.54 -15.15 30.98
CA PHE F 98 43.98 -14.94 31.00
C PHE F 98 44.68 -16.10 31.69
N GLY F 99 46.00 -16.13 31.54
CA GLY F 99 46.81 -17.14 32.21
C GLY F 99 47.20 -16.72 33.62
N GLY F 100 47.81 -17.67 34.33
CA GLY F 100 48.25 -17.40 35.69
C GLY F 100 49.35 -16.34 35.77
N GLY F 101 50.18 -16.25 34.74
CA GLY F 101 51.25 -15.28 34.70
C GLY F 101 52.61 -15.93 34.90
N THR F 102 53.64 -15.22 34.42
CA THR F 102 55.02 -15.65 34.55
C THR F 102 55.87 -14.45 34.87
N LYS F 103 56.77 -14.60 35.85
CA LYS F 103 57.64 -13.52 36.31
C LYS F 103 59.09 -13.90 36.05
N LEU F 104 59.75 -13.15 35.19
CA LEU F 104 61.16 -13.38 34.88
C LEU F 104 62.02 -12.63 35.88
N GLU F 105 62.92 -13.34 36.56
CA GLU F 105 63.78 -12.77 37.58
C GLU F 105 65.24 -13.02 37.24
N ILE F 106 66.11 -12.17 37.79
CA ILE F 106 67.53 -12.23 37.47
C ILE F 106 68.18 -13.35 38.26
N LYS F 107 68.91 -14.22 37.56
CA LYS F 107 69.64 -15.31 38.19
C LYS F 107 70.95 -14.79 38.77
N ARG F 108 71.33 -15.33 39.94
CA ARG F 108 72.56 -14.92 40.60
C ARG F 108 72.94 -15.98 41.62
N ALA F 109 74.00 -15.72 42.36
CA ALA F 109 74.47 -16.63 43.39
C ALA F 109 73.55 -16.59 44.61
N ASP F 110 73.40 -17.74 45.25
CA ASP F 110 72.54 -17.84 46.43
C ASP F 110 73.15 -17.07 47.59
N ALA F 111 72.30 -16.37 48.34
CA ALA F 111 72.73 -15.54 49.45
C ALA F 111 71.83 -15.79 50.65
N ALA F 112 72.44 -15.94 51.83
CA ALA F 112 71.71 -16.19 53.07
C ALA F 112 71.14 -14.88 53.62
N PRO F 113 70.01 -14.95 54.32
CA PRO F 113 69.37 -13.72 54.82
C PRO F 113 70.04 -13.19 56.08
N THR F 114 69.99 -11.87 56.21
CA THR F 114 70.52 -11.17 57.38
C THR F 114 69.35 -10.92 58.34
N VAL F 115 69.17 -11.85 59.27
CA VAL F 115 68.07 -11.78 60.22
C VAL F 115 68.38 -10.72 61.27
N SER F 116 67.37 -9.97 61.68
CA SER F 116 67.54 -8.89 62.66
C SER F 116 66.21 -8.70 63.38
N ILE F 117 66.17 -9.04 64.66
CA ILE F 117 64.97 -8.93 65.47
C ILE F 117 65.00 -7.63 66.24
N PHE F 118 63.81 -7.04 66.44
CA PHE F 118 63.69 -5.77 67.15
C PHE F 118 62.45 -5.78 68.05
N PRO F 119 62.60 -5.50 69.35
CA PRO F 119 61.46 -5.53 70.26
C PRO F 119 60.64 -4.26 70.16
N PRO F 120 59.48 -4.19 70.83
CA PRO F 120 58.65 -2.99 70.74
C PRO F 120 59.36 -1.76 71.30
N SER F 121 59.00 -0.61 70.76
CA SER F 121 59.57 0.66 71.20
C SER F 121 58.87 1.14 72.48
N SER F 122 59.48 2.13 73.13
CA SER F 122 58.87 2.73 74.31
C SER F 122 57.66 3.58 73.93
N GLU F 123 57.70 4.22 72.74
CA GLU F 123 56.56 5.00 72.28
C GLU F 123 55.38 4.12 71.90
N GLN F 124 55.62 2.84 71.61
CA GLN F 124 54.57 1.90 71.26
C GLN F 124 53.94 1.25 72.49
N LEU F 125 54.77 0.85 73.46
CA LEU F 125 54.26 0.24 74.68
C LEU F 125 53.48 1.22 75.55
N THR F 126 53.53 2.52 75.25
CA THR F 126 52.74 3.50 75.98
C THR F 126 51.30 3.59 75.45
N SER F 127 51.10 3.30 74.17
CA SER F 127 49.79 3.37 73.54
C SER F 127 48.99 2.08 73.71
N GLY F 128 49.42 1.20 74.61
CA GLY F 128 48.74 -0.06 74.82
C GLY F 128 48.84 -1.01 73.65
N GLY F 129 50.06 -1.22 73.17
CA GLY F 129 50.30 -2.10 72.04
C GLY F 129 51.75 -2.53 72.00
N ALA F 130 52.02 -3.47 71.10
CA ALA F 130 53.37 -4.00 70.96
C ALA F 130 53.49 -4.70 69.61
N SER F 131 54.67 -4.60 69.01
CA SER F 131 54.94 -5.27 67.73
C SER F 131 56.41 -5.64 67.66
N VAL F 132 56.68 -6.91 67.40
CA VAL F 132 58.04 -7.42 67.27
C VAL F 132 58.35 -7.56 65.78
N VAL F 133 59.32 -6.79 65.30
CA VAL F 133 59.71 -6.79 63.90
C VAL F 133 60.93 -7.68 63.72
N CYS F 134 61.02 -8.31 62.54
CA CYS F 134 62.11 -9.24 62.25
C CYS F 134 62.44 -9.08 60.76
N PHE F 135 63.53 -8.37 60.47
CA PHE F 135 63.94 -8.10 59.10
C PHE F 135 64.85 -9.21 58.57
N LEU F 136 64.65 -9.56 57.28
CA LEU F 136 65.45 -10.57 56.59
C LEU F 136 65.88 -9.95 55.26
N ASN F 137 66.94 -9.14 55.31
CA ASN F 137 67.34 -8.33 54.17
C ASN F 137 68.37 -9.04 53.31
N ASN F 138 68.25 -8.84 51.99
CA ASN F 138 69.24 -9.29 51.01
C ASN F 138 69.49 -10.79 51.05
N PHE F 139 68.65 -11.56 50.37
CA PHE F 139 68.84 -13.00 50.25
C PHE F 139 68.42 -13.43 48.85
N TYR F 140 68.77 -14.68 48.51
CA TYR F 140 68.43 -15.24 47.21
C TYR F 140 68.54 -16.75 47.30
N PRO F 141 67.59 -17.52 46.73
CA PRO F 141 66.40 -17.07 45.99
C PRO F 141 65.31 -16.46 46.89
N LYS F 142 64.22 -16.02 46.27
CA LYS F 142 63.14 -15.37 46.99
C LYS F 142 62.43 -16.31 47.97
N ASP F 143 62.47 -17.62 47.73
CA ASP F 143 61.77 -18.57 48.58
C ASP F 143 62.32 -18.55 50.00
N ILE F 144 61.45 -18.32 50.97
CA ILE F 144 61.85 -18.21 52.37
C ILE F 144 60.61 -18.38 53.23
N ASN F 145 60.79 -18.94 54.43
CA ASN F 145 59.70 -19.20 55.36
C ASN F 145 60.11 -18.73 56.75
N VAL F 146 59.37 -17.76 57.29
CA VAL F 146 59.60 -17.26 58.63
C VAL F 146 58.68 -17.99 59.59
N LYS F 147 59.16 -18.20 60.82
CA LYS F 147 58.38 -18.89 61.84
C LYS F 147 58.59 -18.20 63.18
N TRP F 148 57.50 -18.00 63.92
CA TRP F 148 57.53 -17.36 65.23
C TRP F 148 57.23 -18.39 66.31
N LYS F 149 58.01 -18.33 67.39
CA LYS F 149 57.85 -19.25 68.53
C LYS F 149 57.91 -18.45 69.81
N ILE F 150 56.77 -18.33 70.49
CA ILE F 150 56.71 -17.70 71.80
C ILE F 150 56.97 -18.79 72.84
N ASP F 151 58.17 -18.76 73.43
CA ASP F 151 58.60 -19.77 74.41
C ASP F 151 58.54 -21.17 73.82
N GLY F 152 59.07 -21.30 72.60
CA GLY F 152 59.06 -22.54 71.83
C GLY F 152 57.75 -22.87 71.12
N SER F 153 56.63 -22.47 71.71
CA SER F 153 55.33 -22.72 71.10
C SER F 153 55.17 -21.87 69.84
N GLU F 154 54.82 -22.53 68.73
CA GLU F 154 54.67 -21.84 67.45
C GLU F 154 53.59 -20.77 67.52
N ARG F 155 53.73 -19.74 66.69
CA ARG F 155 52.79 -18.64 66.64
C ARG F 155 52.38 -18.39 65.19
N GLN F 156 51.07 -18.41 64.95
CA GLN F 156 50.53 -18.14 63.62
C GLN F 156 49.47 -17.05 63.64
N ASN F 157 49.30 -16.35 64.76
CA ASN F 157 48.22 -15.39 64.95
C ASN F 157 48.76 -13.98 64.91
N GLY F 158 48.14 -13.13 64.09
CA GLY F 158 48.48 -11.71 64.04
C GLY F 158 49.85 -11.41 63.47
N VAL F 159 50.16 -12.00 62.32
CA VAL F 159 51.44 -11.80 61.65
C VAL F 159 51.21 -10.97 60.39
N LEU F 160 52.13 -10.04 60.13
CA LEU F 160 52.07 -9.18 58.96
C LEU F 160 53.41 -9.22 58.24
N ASN F 161 53.44 -9.85 57.07
CA ASN F 161 54.65 -9.99 56.28
C ASN F 161 54.58 -9.09 55.05
N SER F 162 55.74 -8.63 54.60
CA SER F 162 55.84 -7.76 53.43
C SER F 162 57.15 -8.05 52.71
N TRP F 163 57.05 -8.30 51.40
CA TRP F 163 58.19 -8.61 50.57
C TRP F 163 58.51 -7.45 49.64
N THR F 164 59.80 -7.19 49.44
CA THR F 164 60.24 -6.24 48.43
C THR F 164 60.57 -6.97 47.14
N ASP F 165 60.45 -6.25 46.03
CA ASP F 165 60.81 -6.80 44.74
C ASP F 165 62.32 -7.06 44.68
N GLN F 166 62.75 -7.73 43.61
CA GLN F 166 64.17 -8.00 43.42
C GLN F 166 64.94 -6.68 43.33
N ASP F 167 65.80 -6.43 44.32
CA ASP F 167 66.48 -5.14 44.43
C ASP F 167 67.33 -4.89 43.19
N SER F 168 67.05 -3.76 42.51
CA SER F 168 67.82 -3.40 41.33
C SER F 168 69.29 -3.20 41.63
N LYS F 169 69.64 -2.98 42.89
CA LYS F 169 71.04 -2.73 43.26
C LYS F 169 71.87 -3.99 43.14
N ASP F 170 71.46 -5.06 43.83
CA ASP F 170 72.24 -6.29 43.88
C ASP F 170 71.43 -7.54 43.55
N SER F 171 70.20 -7.38 43.06
CA SER F 171 69.35 -8.51 42.66
C SER F 171 69.06 -9.44 43.85
N THR F 172 68.80 -8.84 45.02
CA THR F 172 68.49 -9.59 46.23
C THR F 172 67.09 -9.25 46.71
N TYR F 173 66.49 -10.19 47.43
CA TYR F 173 65.17 -10.01 48.01
C TYR F 173 65.28 -9.74 49.51
N SER F 174 64.31 -9.01 50.04
CA SER F 174 64.24 -8.71 51.46
C SER F 174 62.82 -8.99 51.95
N MET F 175 62.71 -9.24 53.26
CA MET F 175 61.43 -9.64 53.85
C MET F 175 61.29 -9.03 55.24
N SER F 176 60.08 -8.55 55.53
CA SER F 176 59.72 -8.02 56.84
C SER F 176 58.65 -8.90 57.47
N SER F 177 58.54 -8.81 58.79
CA SER F 177 57.58 -9.64 59.54
C SER F 177 57.29 -8.95 60.87
N THR F 178 56.02 -8.66 61.12
CA THR F 178 55.58 -7.93 62.30
C THR F 178 54.53 -8.74 63.04
N LEU F 179 54.87 -9.21 64.24
CA LEU F 179 53.96 -9.95 65.10
C LEU F 179 53.34 -8.96 66.09
N THR F 180 52.06 -8.64 65.89
CA THR F 180 51.38 -7.60 66.65
C THR F 180 50.42 -8.23 67.66
N LEU F 181 50.34 -7.63 68.84
CA LEU F 181 49.40 -8.02 69.88
C LEU F 181 49.30 -6.89 70.89
N THR F 182 48.45 -7.09 71.90
CA THR F 182 48.22 -6.09 72.92
C THR F 182 49.37 -6.06 73.93
N LYS F 183 49.51 -4.91 74.61
CA LYS F 183 50.52 -4.78 75.65
C LYS F 183 50.29 -5.77 76.78
N ASP F 184 49.01 -6.01 77.12
CA ASP F 184 48.70 -6.95 78.19
C ASP F 184 49.16 -8.36 77.84
N GLU F 185 48.97 -8.77 76.58
CA GLU F 185 49.41 -10.09 76.15
C GLU F 185 50.92 -10.16 76.01
N TYR F 186 51.56 -9.05 75.65
CA TYR F 186 53.02 -9.05 75.52
C TYR F 186 53.70 -9.27 76.87
N GLU F 187 53.16 -8.67 77.93
CA GLU F 187 53.72 -8.82 79.27
C GLU F 187 53.29 -10.12 79.93
N ARG F 188 53.27 -11.22 79.17
CA ARG F 188 52.97 -12.54 79.68
C ARG F 188 54.13 -13.51 79.55
N HIS F 189 55.05 -13.28 78.62
CA HIS F 189 56.14 -14.21 78.37
C HIS F 189 57.48 -13.49 78.38
N ASN F 190 58.56 -14.19 78.02
CA ASN F 190 59.89 -13.59 78.03
C ASN F 190 60.62 -13.84 76.72
N SER F 191 60.79 -15.11 76.35
CA SER F 191 61.53 -15.46 75.16
C SER F 191 60.66 -15.35 73.92
N TYR F 192 61.16 -14.70 72.89
CA TYR F 192 60.44 -14.51 71.63
C TYR F 192 61.39 -14.85 70.48
N THR F 193 61.17 -16.01 69.86
CA THR F 193 62.02 -16.51 68.78
C THR F 193 61.54 -16.00 67.42
N CYS F 194 62.49 -15.90 66.47
CA CYS F 194 62.19 -15.56 65.07
C CYS F 194 63.05 -16.47 64.17
N GLU F 195 62.47 -17.62 63.80
CA GLU F 195 63.16 -18.56 62.93
C GLU F 195 63.01 -18.15 61.46
N ALA F 196 63.76 -18.85 60.60
CA ALA F 196 63.75 -18.55 59.17
C ALA F 196 64.37 -19.72 58.41
N THR F 197 63.66 -20.23 57.42
CA THR F 197 64.10 -21.36 56.62
C THR F 197 64.54 -20.87 55.25
N HIS F 198 65.70 -21.34 54.79
CA HIS F 198 66.24 -20.93 53.49
C HIS F 198 67.09 -22.07 52.95
N LYS F 199 67.27 -22.07 51.62
CA LYS F 199 68.03 -23.16 50.99
C LYS F 199 69.52 -23.03 51.28
N THR F 200 70.02 -21.80 51.48
CA THR F 200 71.44 -21.62 51.76
C THR F 200 71.83 -22.16 53.14
N SER F 201 70.86 -22.38 54.02
CA SER F 201 71.12 -22.82 55.39
C SER F 201 70.37 -24.12 55.64
N THR F 202 71.12 -25.20 55.85
CA THR F 202 70.50 -26.48 56.19
C THR F 202 69.69 -26.36 57.47
N SER F 203 70.13 -25.53 58.41
CA SER F 203 69.47 -25.28 59.68
C SER F 203 68.78 -23.92 59.67
N PRO F 204 67.73 -23.73 60.48
CA PRO F 204 67.04 -22.44 60.50
C PRO F 204 67.79 -21.42 61.35
N ILE F 205 67.98 -20.22 60.80
CA ILE F 205 68.59 -19.13 61.54
C ILE F 205 67.61 -18.61 62.59
N VAL F 206 68.15 -18.21 63.75
CA VAL F 206 67.35 -17.90 64.92
C VAL F 206 67.81 -16.57 65.52
N LYS F 207 66.85 -15.78 66.02
CA LYS F 207 67.12 -14.55 66.77
C LYS F 207 66.09 -14.44 67.89
N SER F 208 66.55 -14.36 69.13
CA SER F 208 65.67 -14.33 70.29
C SER F 208 66.08 -13.20 71.23
N PHE F 209 65.23 -12.96 72.23
CA PHE F 209 65.49 -11.93 73.24
C PHE F 209 64.54 -12.16 74.41
N ASN F 210 64.92 -11.63 75.57
CA ASN F 210 64.09 -11.68 76.77
C ASN F 210 63.33 -10.37 76.93
N ARG F 211 62.11 -10.47 77.45
CA ARG F 211 61.24 -9.31 77.56
C ARG F 211 61.78 -8.35 78.61
N ASN F 212 62.07 -7.11 78.18
CA ASN F 212 62.58 -6.07 79.06
C ASN F 212 63.83 -6.53 79.80
N GLU F 213 64.96 -6.58 79.10
CA GLU F 213 66.18 -7.11 79.70
C GLU F 213 66.93 -6.04 80.50
N CYS F 214 67.41 -5.01 79.80
CA CYS F 214 68.18 -3.95 80.43
C CYS F 214 67.40 -3.25 81.54
N GLU G 1 -36.06 20.44 -20.20
CA GLU G 1 -37.27 19.78 -20.68
C GLU G 1 -36.93 18.50 -21.41
N VAL G 2 -37.80 17.49 -21.28
CA VAL G 2 -37.56 16.18 -21.87
C VAL G 2 -37.94 16.22 -23.35
N GLN G 3 -36.96 15.95 -24.22
CA GLN G 3 -37.20 15.86 -25.65
C GLN G 3 -36.38 14.70 -26.20
N LEU G 4 -37.01 13.92 -27.08
CA LEU G 4 -36.37 12.77 -27.72
C LEU G 4 -36.22 13.10 -29.21
N GLN G 5 -34.98 13.35 -29.63
CA GLN G 5 -34.69 13.79 -30.99
C GLN G 5 -34.17 12.61 -31.79
N GLN G 6 -34.98 12.13 -32.72
CA GLN G 6 -34.65 10.98 -33.54
C GLN G 6 -33.96 11.41 -34.83
N SER G 7 -33.45 10.43 -35.56
CA SER G 7 -32.74 10.68 -36.79
C SER G 7 -33.71 11.04 -37.92
N GLY G 8 -33.15 11.50 -39.04
CA GLY G 8 -33.95 11.85 -40.20
C GLY G 8 -34.49 10.63 -40.92
N ALA G 9 -35.40 10.90 -41.86
CA ALA G 9 -36.05 9.82 -42.61
C ALA G 9 -35.02 9.05 -43.44
N GLU G 10 -35.20 7.75 -43.51
CA GLU G 10 -34.31 6.86 -44.27
C GLU G 10 -35.01 6.35 -45.52
N LEU G 11 -34.20 6.10 -46.55
CA LEU G 11 -34.70 5.60 -47.83
C LEU G 11 -33.71 4.54 -48.32
N VAL G 12 -34.08 3.27 -48.17
CA VAL G 12 -33.18 2.15 -48.39
C VAL G 12 -33.84 1.14 -49.32
N LYS G 13 -33.08 0.10 -49.66
CA LYS G 13 -33.50 -0.97 -50.54
C LYS G 13 -33.75 -2.24 -49.76
N PRO G 14 -34.57 -3.16 -50.29
CA PRO G 14 -34.82 -4.42 -49.58
C PRO G 14 -33.56 -5.27 -49.46
N GLY G 15 -33.51 -6.04 -48.37
CA GLY G 15 -32.36 -6.86 -48.06
C GLY G 15 -31.26 -6.15 -47.31
N ALA G 16 -31.20 -4.83 -47.38
CA ALA G 16 -30.18 -4.05 -46.70
C ALA G 16 -30.54 -3.89 -45.23
N SER G 17 -29.76 -3.07 -44.52
CA SER G 17 -29.99 -2.81 -43.10
C SER G 17 -29.93 -1.31 -42.85
N VAL G 18 -30.55 -0.90 -41.74
CA VAL G 18 -30.61 0.50 -41.35
C VAL G 18 -30.56 0.57 -39.83
N LYS G 19 -29.99 1.67 -39.32
CA LYS G 19 -29.82 1.87 -37.88
C LYS G 19 -30.32 3.25 -37.50
N LEU G 20 -31.49 3.30 -36.89
CA LEU G 20 -32.06 4.56 -36.42
C LEU G 20 -31.48 4.93 -35.06
N SER G 21 -31.61 6.21 -34.70
CA SER G 21 -31.06 6.72 -33.46
C SER G 21 -32.10 7.56 -32.73
N CYS G 22 -31.95 7.63 -31.41
CA CYS G 22 -32.85 8.39 -30.54
C CYS G 22 -32.00 9.07 -29.47
N THR G 23 -31.69 10.34 -29.67
CA THR G 23 -30.83 11.08 -28.76
C THR G 23 -31.66 11.79 -27.71
N ALA G 24 -31.19 11.70 -26.46
CA ALA G 24 -31.88 12.34 -25.34
C ALA G 24 -31.46 13.81 -25.24
N SER G 25 -32.42 14.68 -24.95
CA SER G 25 -32.19 16.11 -24.84
C SER G 25 -32.85 16.61 -23.58
N GLY G 26 -32.07 17.20 -22.68
CA GLY G 26 -32.57 17.71 -21.42
C GLY G 26 -32.57 16.71 -20.28
N PHE G 27 -31.99 15.54 -20.47
CA PHE G 27 -31.95 14.50 -19.44
C PHE G 27 -30.92 13.46 -19.86
N ASN G 28 -30.64 12.53 -18.95
CA ASN G 28 -29.71 11.45 -19.22
C ASN G 28 -30.49 10.25 -19.75
N ILE G 29 -30.04 9.72 -20.89
CA ILE G 29 -30.71 8.56 -21.49
C ILE G 29 -30.70 7.38 -20.53
N LYS G 30 -29.73 7.33 -19.62
CA LYS G 30 -29.58 6.24 -18.68
C LYS G 30 -30.66 6.22 -17.60
N ASP G 31 -31.48 7.27 -17.51
CA ASP G 31 -32.41 7.40 -16.39
C ASP G 31 -33.50 6.33 -16.42
N THR G 32 -34.08 6.07 -17.59
CA THR G 32 -35.28 5.24 -17.68
C THR G 32 -35.14 4.20 -18.78
N TYR G 33 -36.15 3.36 -18.91
CA TYR G 33 -36.29 2.47 -20.06
C TYR G 33 -36.45 3.29 -21.33
N VAL G 34 -36.05 2.70 -22.45
CA VAL G 34 -36.24 3.29 -23.77
C VAL G 34 -36.88 2.25 -24.67
N HIS G 35 -38.09 2.53 -25.13
CA HIS G 35 -38.84 1.62 -25.97
C HIS G 35 -38.76 2.05 -27.44
N TRP G 36 -39.18 1.14 -28.32
CA TRP G 36 -39.30 1.42 -29.74
C TRP G 36 -40.65 0.92 -30.22
N VAL G 37 -41.36 1.75 -30.98
CA VAL G 37 -42.72 1.47 -31.41
C VAL G 37 -42.81 1.67 -32.93
N LYS G 38 -43.52 0.77 -33.60
CA LYS G 38 -43.70 0.79 -35.05
C LYS G 38 -45.15 1.14 -35.36
N GLN G 39 -45.34 2.09 -36.28
CA GLN G 39 -46.68 2.56 -36.65
C GLN G 39 -46.88 2.42 -38.15
N ARG G 40 -48.04 1.88 -38.53
CA ARG G 40 -48.46 1.75 -39.91
C ARG G 40 -49.93 2.11 -40.01
N PRO G 41 -50.36 2.64 -41.17
CA PRO G 41 -51.77 3.06 -41.28
C PRO G 41 -52.76 1.92 -41.10
N GLU G 42 -52.50 0.77 -41.71
CA GLU G 42 -53.42 -0.36 -41.59
C GLU G 42 -53.20 -1.14 -40.30
N GLN G 43 -51.95 -1.57 -40.07
CA GLN G 43 -51.66 -2.43 -38.92
C GLN G 43 -51.68 -1.67 -37.60
N GLY G 44 -51.56 -0.35 -37.62
CA GLY G 44 -51.59 0.41 -36.39
C GLY G 44 -50.26 0.40 -35.67
N LEU G 45 -50.34 0.47 -34.34
CA LEU G 45 -49.16 0.56 -33.49
C LEU G 45 -48.73 -0.83 -33.01
N GLU G 46 -47.41 -1.05 -32.99
CA GLU G 46 -46.83 -2.30 -32.54
C GLU G 46 -45.61 -2.02 -31.70
N TRP G 47 -45.47 -2.78 -30.60
CA TRP G 47 -44.36 -2.60 -29.68
C TRP G 47 -43.20 -3.48 -30.11
N ILE G 48 -42.07 -2.87 -30.43
CA ILE G 48 -40.90 -3.61 -30.88
C ILE G 48 -40.15 -4.20 -29.68
N GLY G 49 -39.70 -3.33 -28.78
CA GLY G 49 -38.96 -3.80 -27.63
C GLY G 49 -38.52 -2.63 -26.77
N ARG G 50 -37.62 -2.92 -25.83
CA ARG G 50 -37.13 -1.91 -24.91
C ARG G 50 -35.67 -2.19 -24.58
N ILE G 51 -35.04 -1.21 -23.95
CA ILE G 51 -33.65 -1.36 -23.48
C ILE G 51 -33.48 -0.51 -22.22
N ASP G 52 -32.67 -1.02 -21.29
CA ASP G 52 -32.21 -0.26 -20.14
C ASP G 52 -30.80 0.24 -20.45
N PRO G 53 -30.61 1.50 -20.83
CA PRO G 53 -29.27 1.96 -21.23
C PRO G 53 -28.24 1.89 -20.12
N ALA G 54 -28.67 1.76 -18.86
CA ALA G 54 -27.73 1.66 -17.75
C ALA G 54 -26.94 0.36 -17.80
N ASN G 55 -27.53 -0.69 -18.34
CA ASN G 55 -26.90 -2.01 -18.37
C ASN G 55 -26.94 -2.69 -19.73
N GLY G 56 -27.79 -2.25 -20.65
CA GLY G 56 -27.85 -2.82 -21.97
C GLY G 56 -28.81 -3.99 -22.13
N TYR G 57 -29.50 -4.40 -21.07
CA TYR G 57 -30.44 -5.51 -21.17
C TYR G 57 -31.67 -5.09 -21.98
N THR G 58 -32.16 -6.01 -22.80
CA THR G 58 -33.22 -5.71 -23.75
C THR G 58 -34.35 -6.72 -23.62
N LYS G 59 -35.52 -6.32 -24.13
CA LYS G 59 -36.68 -7.18 -24.28
C LYS G 59 -37.28 -6.94 -25.65
N TYR G 60 -37.88 -7.98 -26.23
CA TYR G 60 -38.41 -7.88 -27.57
C TYR G 60 -39.75 -8.62 -27.67
N ASP G 61 -40.62 -8.09 -28.52
CA ASP G 61 -41.77 -8.86 -28.97
C ASP G 61 -41.27 -9.96 -29.90
N PRO G 62 -41.67 -11.22 -29.68
CA PRO G 62 -41.16 -12.31 -30.52
C PRO G 62 -41.43 -12.14 -32.01
N LYS G 63 -42.34 -11.25 -32.40
CA LYS G 63 -42.56 -10.97 -33.81
C LYS G 63 -41.36 -10.29 -34.44
N PHE G 64 -40.64 -9.46 -33.68
CA PHE G 64 -39.50 -8.70 -34.20
C PHE G 64 -38.16 -9.35 -33.87
N GLN G 65 -38.17 -10.56 -33.31
CA GLN G 65 -36.91 -11.24 -32.98
C GLN G 65 -36.21 -11.64 -34.27
N GLY G 66 -35.04 -11.07 -34.51
CA GLY G 66 -34.31 -11.33 -35.73
C GLY G 66 -34.00 -10.06 -36.51
N LYS G 67 -35.04 -9.27 -36.79
CA LYS G 67 -34.88 -8.00 -37.49
C LYS G 67 -34.50 -6.87 -36.55
N ALA G 68 -35.18 -6.75 -35.41
CA ALA G 68 -34.97 -5.64 -34.50
C ALA G 68 -33.81 -5.91 -33.56
N THR G 69 -32.94 -4.91 -33.41
CA THR G 69 -31.80 -4.99 -32.49
C THR G 69 -31.64 -3.62 -31.85
N ILE G 70 -31.93 -3.53 -30.55
CA ILE G 70 -31.91 -2.27 -29.82
C ILE G 70 -30.61 -2.19 -29.02
N THR G 71 -29.93 -1.05 -29.13
CA THR G 71 -28.69 -0.79 -28.42
C THR G 71 -28.71 0.63 -27.88
N ALA G 72 -27.69 0.98 -27.10
CA ALA G 72 -27.63 2.31 -26.51
C ALA G 72 -26.19 2.62 -26.11
N ASP G 73 -25.80 3.88 -26.31
CA ASP G 73 -24.48 4.37 -25.94
C ASP G 73 -24.67 5.56 -24.99
N THR G 74 -24.41 5.36 -23.70
CA THR G 74 -24.57 6.42 -22.73
C THR G 74 -23.63 7.59 -22.97
N SER G 75 -22.50 7.35 -23.66
CA SER G 75 -21.56 8.43 -23.97
C SER G 75 -22.22 9.50 -24.83
N SER G 76 -22.74 9.10 -25.98
CA SER G 76 -23.48 10.02 -26.85
C SER G 76 -24.91 10.25 -26.40
N ASN G 77 -25.32 9.63 -25.29
CA ASN G 77 -26.66 9.84 -24.72
C ASN G 77 -27.75 9.44 -25.70
N THR G 78 -27.50 8.38 -26.47
CA THR G 78 -28.35 8.00 -27.59
C THR G 78 -28.69 6.52 -27.51
N ALA G 79 -29.91 6.19 -27.94
CA ALA G 79 -30.36 4.82 -28.11
C ALA G 79 -30.61 4.55 -29.60
N TYR G 80 -30.36 3.32 -30.02
CA TYR G 80 -30.41 2.96 -31.43
C TYR G 80 -31.37 1.80 -31.67
N LEU G 81 -31.85 1.70 -32.91
CA LEU G 81 -32.70 0.61 -33.36
C LEU G 81 -32.21 0.16 -34.73
N GLN G 82 -31.66 -1.04 -34.80
CA GLN G 82 -31.16 -1.60 -36.05
C GLN G 82 -32.19 -2.57 -36.63
N LEU G 83 -32.41 -2.45 -37.94
CA LEU G 83 -33.34 -3.31 -38.66
C LEU G 83 -32.58 -3.99 -39.80
N SER G 84 -32.69 -5.31 -39.89
CA SER G 84 -31.94 -6.11 -40.84
C SER G 84 -32.88 -6.83 -41.79
N SER G 85 -32.36 -7.17 -42.97
CA SER G 85 -33.09 -7.90 -44.00
C SER G 85 -34.42 -7.21 -44.30
N LEU G 86 -34.31 -5.93 -44.65
CA LEU G 86 -35.48 -5.07 -44.75
C LEU G 86 -36.44 -5.54 -45.84
N THR G 87 -37.72 -5.32 -45.60
CA THR G 87 -38.79 -5.74 -46.48
C THR G 87 -39.75 -4.57 -46.69
N SER G 88 -40.61 -4.68 -47.71
CA SER G 88 -41.62 -3.66 -47.95
C SER G 88 -42.53 -3.47 -46.73
N GLU G 89 -42.74 -4.53 -45.94
CA GLU G 89 -43.55 -4.41 -44.74
C GLU G 89 -42.85 -3.64 -43.63
N ASP G 90 -41.52 -3.53 -43.67
CA ASP G 90 -40.78 -2.70 -42.73
C ASP G 90 -40.92 -1.22 -43.01
N THR G 91 -41.59 -0.84 -44.10
CA THR G 91 -41.89 0.56 -44.38
C THR G 91 -42.87 1.08 -43.33
N ALA G 92 -42.40 1.89 -42.41
CA ALA G 92 -43.22 2.38 -41.31
C ALA G 92 -42.51 3.54 -40.63
N VAL G 93 -43.24 4.20 -39.74
CA VAL G 93 -42.69 5.25 -38.89
C VAL G 93 -42.30 4.61 -37.56
N TYR G 94 -41.14 4.98 -37.04
CA TYR G 94 -40.58 4.38 -35.84
C TYR G 94 -40.35 5.45 -34.78
N TYR G 95 -40.91 5.22 -33.59
CA TYR G 95 -40.83 6.15 -32.48
C TYR G 95 -40.05 5.54 -31.34
N CYS G 96 -39.30 6.37 -30.62
CA CYS G 96 -38.68 5.96 -29.36
C CYS G 96 -39.45 6.59 -28.21
N VAL G 97 -39.65 5.80 -27.16
CA VAL G 97 -40.55 6.17 -26.06
C VAL G 97 -39.84 5.95 -24.73
N ARG G 98 -40.17 6.79 -23.76
CA ARG G 98 -39.69 6.66 -22.39
C ARG G 98 -40.81 7.10 -21.45
N PRO G 99 -40.81 6.60 -20.22
CA PRO G 99 -41.86 6.99 -19.27
C PRO G 99 -41.53 8.28 -18.54
N LEU G 100 -42.57 8.84 -17.91
CA LEU G 100 -42.41 10.05 -17.09
C LEU G 100 -42.03 9.68 -15.67
N TYR G 101 -42.97 9.11 -14.92
CA TYR G 101 -42.73 8.67 -13.55
C TYR G 101 -42.80 7.15 -13.43
N ASP G 102 -43.94 6.56 -13.79
CA ASP G 102 -44.11 5.10 -13.71
C ASP G 102 -43.05 4.39 -14.54
N TYR G 103 -42.33 3.46 -13.89
CA TYR G 103 -41.25 2.74 -14.55
C TYR G 103 -41.68 2.09 -15.86
N TYR G 104 -42.94 1.65 -15.95
CA TYR G 104 -43.41 0.83 -17.05
C TYR G 104 -44.30 1.60 -18.03
N ALA G 105 -44.34 2.93 -17.94
CA ALA G 105 -45.26 3.73 -18.73
C ALA G 105 -44.65 4.09 -20.09
N MET G 106 -45.49 4.73 -20.93
CA MET G 106 -45.13 5.14 -22.29
C MET G 106 -45.65 6.56 -22.49
N ASP G 107 -44.92 7.55 -21.97
CA ASP G 107 -45.39 8.91 -21.88
C ASP G 107 -44.74 9.85 -22.88
N TYR G 108 -43.41 9.93 -22.90
CA TYR G 108 -42.71 10.84 -23.80
C TYR G 108 -42.33 10.12 -25.09
N TRP G 109 -42.56 10.80 -26.22
CA TRP G 109 -42.34 10.23 -27.54
C TRP G 109 -41.47 11.17 -28.37
N GLY G 110 -40.61 10.58 -29.20
CA GLY G 110 -39.87 11.32 -30.19
C GLY G 110 -40.77 11.74 -31.35
N GLN G 111 -40.19 12.55 -32.24
CA GLN G 111 -40.95 13.01 -33.39
C GLN G 111 -41.21 11.90 -34.40
N GLY G 112 -40.44 10.81 -34.36
CA GLY G 112 -40.65 9.71 -35.26
C GLY G 112 -39.75 9.74 -36.49
N THR G 113 -39.21 8.59 -36.87
CA THR G 113 -38.34 8.46 -38.03
C THR G 113 -39.05 7.67 -39.11
N SER G 114 -39.15 8.26 -40.30
CA SER G 114 -39.80 7.59 -41.42
C SER G 114 -38.82 6.67 -42.13
N VAL G 115 -39.32 5.49 -42.51
CA VAL G 115 -38.53 4.49 -43.21
C VAL G 115 -39.30 4.04 -44.45
N THR G 116 -38.61 3.96 -45.58
CA THR G 116 -39.22 3.53 -46.83
C THR G 116 -38.28 2.55 -47.53
N VAL G 117 -38.75 1.32 -47.71
CA VAL G 117 -37.97 0.27 -48.36
C VAL G 117 -38.53 0.09 -49.76
N SER G 118 -37.67 0.23 -50.77
CA SER G 118 -38.10 0.10 -52.15
C SER G 118 -36.88 -0.08 -53.05
N SER G 119 -37.07 -0.86 -54.12
CA SER G 119 -36.05 -1.03 -55.14
C SER G 119 -36.14 0.04 -56.22
N ALA G 120 -37.07 0.98 -56.10
CA ALA G 120 -37.30 1.97 -57.15
C ALA G 120 -36.12 2.94 -57.24
N LYS G 121 -35.78 3.32 -58.47
CA LYS G 121 -34.76 4.32 -58.71
C LYS G 121 -35.39 5.72 -58.73
N THR G 122 -34.52 6.72 -58.65
CA THR G 122 -34.97 8.11 -58.68
C THR G 122 -35.59 8.44 -60.03
N THR G 123 -36.92 8.43 -60.10
CA THR G 123 -37.65 8.65 -61.33
C THR G 123 -38.44 9.95 -61.25
N ALA G 124 -38.46 10.69 -62.35
CA ALA G 124 -39.15 11.97 -62.42
C ALA G 124 -40.62 11.78 -62.77
N PRO G 125 -41.49 12.70 -62.35
CA PRO G 125 -42.93 12.54 -62.61
C PRO G 125 -43.31 12.90 -64.04
N SER G 126 -44.52 12.48 -64.42
CA SER G 126 -45.05 12.66 -65.77
C SER G 126 -46.35 13.46 -65.67
N VAL G 127 -46.21 14.79 -65.72
CA VAL G 127 -47.34 15.68 -65.44
C VAL G 127 -48.30 15.70 -66.63
N TYR G 128 -49.59 15.59 -66.35
CA TYR G 128 -50.63 15.55 -67.37
C TYR G 128 -51.73 16.55 -67.02
N PRO G 129 -52.14 17.40 -67.96
CA PRO G 129 -53.23 18.34 -67.68
C PRO G 129 -54.59 17.68 -67.81
N LEU G 130 -55.51 18.06 -66.91
CA LEU G 130 -56.85 17.46 -66.84
C LEU G 130 -57.89 18.56 -67.12
N ALA G 131 -58.35 18.63 -68.38
CA ALA G 131 -59.39 19.56 -68.79
C ALA G 131 -60.73 18.86 -68.89
N PRO G 132 -61.83 19.56 -68.62
CA PRO G 132 -63.15 18.91 -68.67
C PRO G 132 -63.57 18.60 -70.10
N VAL G 133 -64.70 17.91 -70.21
CA VAL G 133 -65.25 17.48 -71.49
C VAL G 133 -66.16 18.58 -72.03
N CYS G 134 -66.30 18.61 -73.35
CA CYS G 134 -67.18 19.57 -74.02
C CYS G 134 -68.61 19.47 -73.49
N THR G 138 -70.31 24.15 -68.71
CA THR G 138 -71.76 24.18 -68.97
C THR G 138 -72.52 24.78 -67.79
N GLY G 139 -71.97 24.60 -66.58
CA GLY G 139 -72.56 25.12 -65.37
C GLY G 139 -71.95 26.46 -64.97
N SER G 140 -72.23 26.84 -63.72
CA SER G 140 -71.67 28.07 -63.17
C SER G 140 -70.30 27.88 -62.56
N SER G 141 -69.90 26.64 -62.27
CA SER G 141 -68.62 26.33 -61.66
C SER G 141 -67.87 25.34 -62.52
N VAL G 142 -66.57 25.57 -62.69
CA VAL G 142 -65.71 24.73 -63.50
C VAL G 142 -64.62 24.13 -62.61
N THR G 143 -64.18 22.93 -62.96
CA THR G 143 -63.16 22.22 -62.20
C THR G 143 -62.10 21.67 -63.15
N LEU G 144 -60.83 21.94 -62.84
CA LEU G 144 -59.70 21.42 -63.59
C LEU G 144 -58.95 20.40 -62.74
N GLY G 145 -57.84 19.91 -63.27
CA GLY G 145 -57.05 18.91 -62.55
C GLY G 145 -55.65 18.80 -63.10
N CYS G 146 -54.86 17.97 -62.42
CA CYS G 146 -53.46 17.78 -62.78
C CYS G 146 -52.99 16.45 -62.20
N LEU G 147 -52.48 15.57 -63.05
CA LEU G 147 -52.12 14.20 -62.68
C LEU G 147 -50.60 14.07 -62.63
N VAL G 148 -50.07 13.79 -61.45
CA VAL G 148 -48.65 13.55 -61.24
C VAL G 148 -48.46 12.05 -61.07
N LYS G 149 -47.82 11.42 -62.05
CA LYS G 149 -47.78 9.96 -62.11
C LYS G 149 -46.36 9.46 -62.34
N GLY G 150 -46.01 8.38 -61.64
CA GLY G 150 -44.76 7.68 -61.86
C GLY G 150 -43.51 8.42 -61.44
N TYR G 151 -43.43 8.78 -60.15
CA TYR G 151 -42.25 9.44 -59.61
C TYR G 151 -41.80 8.73 -58.34
N PHE G 152 -40.51 8.89 -58.02
CA PHE G 152 -39.93 8.28 -56.83
C PHE G 152 -38.61 8.97 -56.55
N PRO G 153 -38.29 9.27 -55.28
CA PRO G 153 -39.16 9.07 -54.12
C PRO G 153 -40.04 10.29 -53.81
N GLU G 154 -40.75 10.23 -52.68
CA GLU G 154 -41.53 11.38 -52.23
C GLU G 154 -40.59 12.46 -51.69
N PRO G 155 -41.08 13.70 -51.54
CA PRO G 155 -42.40 14.23 -51.91
C PRO G 155 -42.37 15.11 -53.16
N VAL G 156 -43.51 15.74 -53.46
CA VAL G 156 -43.63 16.68 -54.56
C VAL G 156 -44.49 17.85 -54.10
N THR G 157 -44.12 19.06 -54.51
CA THR G 157 -44.88 20.27 -54.19
C THR G 157 -45.67 20.69 -55.42
N LEU G 158 -46.98 20.84 -55.25
CA LEU G 158 -47.89 21.18 -56.34
C LEU G 158 -48.61 22.49 -56.01
N THR G 159 -48.57 23.43 -56.95
CA THR G 159 -49.26 24.70 -56.81
C THR G 159 -49.92 25.04 -58.14
N TRP G 160 -50.74 26.10 -58.12
CA TRP G 160 -51.43 26.59 -59.30
C TRP G 160 -51.07 28.05 -59.54
N ASN G 161 -50.64 28.36 -60.76
CA ASN G 161 -50.20 29.71 -61.12
C ASN G 161 -49.09 30.21 -60.20
N SER G 162 -48.21 29.30 -59.80
CA SER G 162 -47.06 29.60 -58.94
C SER G 162 -47.52 30.18 -57.59
N GLY G 163 -48.36 29.41 -56.91
CA GLY G 163 -48.86 29.79 -55.60
C GLY G 163 -49.94 30.87 -55.61
N SER G 164 -50.24 31.45 -56.76
CA SER G 164 -51.27 32.49 -56.85
C SER G 164 -52.63 31.93 -56.47
N LEU G 165 -53.14 30.99 -57.27
CA LEU G 165 -54.44 30.36 -57.02
C LEU G 165 -54.25 29.31 -55.94
N SER G 166 -54.69 29.64 -54.72
CA SER G 166 -54.55 28.75 -53.57
C SER G 166 -55.87 28.28 -53.01
N SER G 167 -56.85 29.16 -52.90
CA SER G 167 -58.15 28.78 -52.34
C SER G 167 -58.96 27.98 -53.35
N GLY G 168 -59.74 27.02 -52.83
CA GLY G 168 -60.54 26.16 -53.68
C GLY G 168 -59.70 25.12 -54.40
N VAL G 169 -58.83 24.43 -53.66
CA VAL G 169 -57.90 23.45 -54.22
C VAL G 169 -57.90 22.22 -53.33
N HIS G 170 -57.74 21.05 -53.94
CA HIS G 170 -57.67 19.78 -53.22
C HIS G 170 -56.53 18.95 -53.82
N THR G 171 -55.37 18.99 -53.19
CA THR G 171 -54.24 18.15 -53.57
C THR G 171 -54.29 16.88 -52.74
N PHE G 172 -54.57 15.76 -53.40
CA PHE G 172 -54.78 14.49 -52.71
C PHE G 172 -53.45 13.83 -52.36
N PRO G 173 -53.43 13.01 -51.30
CA PRO G 173 -52.19 12.35 -50.92
C PRO G 173 -51.68 11.41 -52.01
N ALA G 174 -50.36 11.25 -52.05
CA ALA G 174 -49.74 10.35 -53.01
C ALA G 174 -50.10 8.90 -52.69
N VAL G 175 -50.06 8.06 -53.72
CA VAL G 175 -50.38 6.65 -53.59
C VAL G 175 -49.32 5.84 -54.35
N LEU G 176 -48.87 4.76 -53.74
CA LEU G 176 -47.83 3.92 -54.33
C LEU G 176 -48.43 3.02 -55.40
N GLN G 177 -48.00 3.20 -56.65
CA GLN G 177 -48.47 2.42 -57.79
C GLN G 177 -47.27 1.71 -58.40
N SER G 178 -47.05 0.46 -57.98
CA SER G 178 -45.97 -0.39 -58.48
C SER G 178 -44.60 0.28 -58.30
N ASP G 179 -44.25 0.43 -57.02
CA ASP G 179 -42.96 0.99 -56.59
C ASP G 179 -42.78 2.45 -57.01
N LEU G 180 -43.80 3.03 -57.64
CA LEU G 180 -43.76 4.43 -58.04
C LEU G 180 -45.01 5.13 -57.52
N TYR G 181 -44.88 6.42 -57.22
CA TYR G 181 -45.95 7.17 -56.60
C TYR G 181 -46.80 7.88 -57.65
N THR G 182 -48.06 8.12 -57.29
CA THR G 182 -49.02 8.80 -58.16
C THR G 182 -49.82 9.79 -57.31
N LEU G 183 -49.93 11.02 -57.80
CA LEU G 183 -50.62 12.09 -57.08
C LEU G 183 -51.47 12.88 -58.05
N SER G 184 -52.53 13.50 -57.53
CA SER G 184 -53.43 14.32 -58.33
C SER G 184 -53.94 15.47 -57.49
N SER G 185 -54.36 16.54 -58.17
CA SER G 185 -54.86 17.73 -57.51
C SER G 185 -55.94 18.38 -58.37
N SER G 186 -56.96 18.92 -57.71
CA SER G 186 -58.08 19.56 -58.37
C SER G 186 -58.21 21.01 -57.93
N VAL G 187 -58.94 21.79 -58.72
CA VAL G 187 -59.15 23.21 -58.44
C VAL G 187 -60.47 23.63 -59.06
N THR G 188 -61.21 24.49 -58.37
CA THR G 188 -62.54 24.90 -58.78
C THR G 188 -62.65 26.42 -58.78
N VAL G 189 -63.14 26.97 -59.88
CA VAL G 189 -63.41 28.41 -60.01
C VAL G 189 -64.72 28.61 -60.76
N THR G 190 -65.03 29.86 -61.09
CA THR G 190 -66.24 30.17 -61.85
C THR G 190 -66.00 29.98 -63.34
N SER G 191 -67.11 29.90 -64.09
CA SER G 191 -67.00 29.70 -65.53
C SER G 191 -66.39 30.90 -66.24
N SER G 192 -66.57 32.09 -65.70
CA SER G 192 -66.00 33.29 -66.31
C SER G 192 -64.49 33.37 -66.12
N THR G 193 -63.90 32.52 -65.28
CA THR G 193 -62.46 32.56 -65.06
C THR G 193 -61.71 31.77 -66.11
N TRP G 194 -62.26 30.63 -66.54
CA TRP G 194 -61.57 29.72 -67.44
C TRP G 194 -62.48 29.36 -68.61
N PRO G 195 -61.93 29.24 -69.83
CA PRO G 195 -60.53 29.46 -70.21
C PRO G 195 -60.16 30.93 -70.39
N SER G 196 -60.92 31.82 -69.75
CA SER G 196 -60.63 33.25 -69.88
C SER G 196 -59.25 33.58 -69.32
N GLN G 197 -58.86 32.95 -68.22
CA GLN G 197 -57.58 33.20 -67.58
C GLN G 197 -56.75 31.92 -67.58
N SER G 198 -55.45 32.07 -67.82
CA SER G 198 -54.56 30.92 -67.92
C SER G 198 -54.33 30.30 -66.55
N ILE G 199 -54.47 28.98 -66.49
CA ILE G 199 -54.24 28.22 -65.26
C ILE G 199 -53.17 27.18 -65.53
N THR G 200 -52.12 27.19 -64.71
CA THR G 200 -50.97 26.31 -64.88
C THR G 200 -50.79 25.44 -63.64
N CYS G 201 -50.32 24.21 -63.86
CA CYS G 201 -50.05 23.25 -62.79
C CYS G 201 -48.54 23.15 -62.60
N ASN G 202 -48.04 23.78 -61.55
CA ASN G 202 -46.61 23.79 -61.26
C ASN G 202 -46.28 22.63 -60.32
N VAL G 203 -45.47 21.69 -60.81
CA VAL G 203 -45.07 20.51 -60.05
C VAL G 203 -43.56 20.49 -59.95
N ALA G 204 -43.05 20.24 -58.73
CA ALA G 204 -41.62 20.18 -58.48
C ALA G 204 -41.28 18.86 -57.80
N HIS G 205 -40.18 18.25 -58.23
CA HIS G 205 -39.69 16.99 -57.67
C HIS G 205 -38.22 17.18 -57.32
N PRO G 206 -37.91 17.74 -56.16
CA PRO G 206 -36.51 18.04 -55.82
C PRO G 206 -35.59 16.83 -55.84
N ALA G 207 -36.12 15.61 -55.75
CA ALA G 207 -35.27 14.42 -55.78
C ALA G 207 -34.50 14.34 -57.10
N SER G 208 -35.22 14.33 -58.22
CA SER G 208 -34.60 14.38 -59.54
C SER G 208 -34.33 15.80 -60.00
N SER G 209 -34.69 16.80 -59.20
CA SER G 209 -34.49 18.22 -59.52
C SER G 209 -35.17 18.58 -60.84
N THR G 210 -36.49 18.52 -60.81
CA THR G 210 -37.32 18.82 -61.98
C THR G 210 -38.51 19.65 -61.54
N LYS G 211 -38.75 20.76 -62.23
CA LYS G 211 -39.87 21.66 -61.94
C LYS G 211 -40.63 21.91 -63.25
N VAL G 212 -41.45 20.95 -63.64
CA VAL G 212 -42.24 21.04 -64.87
C VAL G 212 -43.53 21.80 -64.57
N ASP G 213 -44.07 22.47 -65.58
CA ASP G 213 -45.33 23.19 -65.47
C ASP G 213 -46.15 22.97 -66.73
N LYS G 214 -47.41 22.56 -66.55
CA LYS G 214 -48.31 22.28 -67.66
C LYS G 214 -49.52 23.20 -67.57
N LYS G 215 -49.81 23.90 -68.67
CA LYS G 215 -50.97 24.78 -68.74
C LYS G 215 -52.18 23.98 -69.20
N ILE G 216 -53.30 24.14 -68.48
CA ILE G 216 -54.53 23.43 -68.78
C ILE G 216 -55.17 24.06 -70.02
N GLU G 217 -55.40 23.24 -71.05
CA GLU G 217 -56.02 23.70 -72.27
C GLU G 217 -57.33 22.97 -72.51
N PRO G 218 -58.38 23.66 -72.97
CA PRO G 218 -59.66 23.01 -73.18
C PRO G 218 -59.61 22.04 -74.37
N ARG G 219 -60.68 21.28 -74.51
CA ARG G 219 -60.79 20.28 -75.56
C ARG G 219 -61.65 20.79 -76.72
N ASP H 1 -50.66 -12.94 -26.27
CA ASP H 1 -50.61 -11.51 -25.96
C ASP H 1 -51.98 -10.98 -25.59
N ILE H 2 -52.01 -9.79 -25.00
CA ILE H 2 -53.26 -9.17 -24.56
C ILE H 2 -53.82 -8.34 -25.72
N LEU H 3 -55.04 -8.68 -26.14
CA LEU H 3 -55.71 -7.92 -27.19
C LEU H 3 -56.40 -6.70 -26.59
N MET H 4 -56.25 -5.56 -27.25
CA MET H 4 -56.83 -4.29 -26.79
C MET H 4 -57.85 -3.84 -27.82
N THR H 5 -59.13 -4.03 -27.51
CA THR H 5 -60.22 -3.63 -28.39
C THR H 5 -60.67 -2.23 -28.00
N GLN H 6 -60.39 -1.25 -28.85
CA GLN H 6 -60.73 0.14 -28.62
C GLN H 6 -61.92 0.53 -29.49
N SER H 7 -62.92 1.17 -28.88
CA SER H 7 -64.14 1.56 -29.55
C SER H 7 -64.57 2.93 -29.07
N PRO H 8 -65.18 3.75 -29.94
CA PRO H 8 -65.42 3.45 -31.35
C PRO H 8 -64.21 3.72 -32.24
N SER H 9 -64.29 3.33 -33.51
CA SER H 9 -63.21 3.63 -34.44
C SER H 9 -63.17 5.12 -34.76
N SER H 10 -64.30 5.81 -34.72
CA SER H 10 -64.37 7.23 -34.97
C SER H 10 -65.71 7.75 -34.47
N MET H 11 -65.78 9.07 -34.27
CA MET H 11 -67.00 9.71 -33.82
C MET H 11 -67.05 11.13 -34.35
N SER H 12 -68.23 11.56 -34.79
CA SER H 12 -68.46 12.91 -35.28
C SER H 12 -69.12 13.72 -34.18
N VAL H 13 -68.40 14.72 -33.66
CA VAL H 13 -68.84 15.50 -32.51
C VAL H 13 -68.47 16.96 -32.72
N SER H 14 -69.07 17.83 -31.92
CA SER H 14 -68.89 19.27 -32.03
C SER H 14 -68.17 19.81 -30.79
N LEU H 15 -67.82 21.09 -30.86
CA LEU H 15 -67.12 21.75 -29.78
C LEU H 15 -68.00 21.84 -28.54
N GLY H 16 -67.41 21.59 -27.38
CA GLY H 16 -68.12 21.63 -26.12
C GLY H 16 -68.78 20.33 -25.71
N ASP H 17 -68.78 19.32 -26.58
CA ASP H 17 -69.39 18.05 -26.23
C ASP H 17 -68.55 17.29 -25.21
N THR H 18 -69.21 16.39 -24.49
CA THR H 18 -68.56 15.51 -23.51
C THR H 18 -68.60 14.10 -24.08
N VAL H 19 -67.46 13.62 -24.56
CA VAL H 19 -67.37 12.34 -25.23
C VAL H 19 -66.59 11.36 -24.37
N SER H 20 -66.65 10.08 -24.73
CA SER H 20 -66.02 9.02 -23.94
C SER H 20 -65.53 7.93 -24.87
N ILE H 21 -64.22 7.69 -24.87
CA ILE H 21 -63.61 6.58 -25.61
C ILE H 21 -63.40 5.43 -24.64
N THR H 22 -63.67 4.21 -25.09
CA THR H 22 -63.54 3.02 -24.26
C THR H 22 -62.47 2.10 -24.84
N CYS H 23 -61.98 1.20 -23.99
CA CYS H 23 -60.92 0.27 -24.37
C CYS H 23 -61.08 -1.00 -23.54
N HIS H 24 -61.31 -2.12 -24.21
CA HIS H 24 -61.55 -3.41 -23.57
C HIS H 24 -60.36 -4.33 -23.81
N ALA H 25 -59.92 -4.99 -22.74
CA ALA H 25 -58.77 -5.89 -22.79
C ALA H 25 -59.25 -7.34 -22.73
N SER H 26 -58.46 -8.24 -23.32
CA SER H 26 -58.78 -9.66 -23.29
C SER H 26 -58.66 -10.28 -21.91
N GLN H 27 -58.08 -9.56 -20.95
CA GLN H 27 -57.96 -10.04 -19.58
C GLN H 27 -57.71 -8.85 -18.68
N GLY H 28 -57.77 -9.10 -17.37
CA GLY H 28 -57.56 -8.03 -16.41
C GLY H 28 -56.14 -7.50 -16.47
N ILE H 29 -56.01 -6.18 -16.37
CA ILE H 29 -54.73 -5.51 -16.38
C ILE H 29 -54.53 -4.58 -15.19
N SER H 30 -55.54 -4.41 -14.34
CA SER H 30 -55.44 -3.70 -13.07
C SER H 30 -54.87 -2.29 -13.26
N SER H 31 -55.58 -1.50 -14.07
CA SER H 31 -55.29 -0.09 -14.30
C SER H 31 -53.90 0.17 -14.88
N ASN H 32 -53.23 -0.87 -15.40
CA ASN H 32 -51.93 -0.69 -16.04
C ASN H 32 -52.12 -0.33 -17.51
N ILE H 33 -52.75 0.83 -17.73
CA ILE H 33 -53.14 1.28 -19.05
C ILE H 33 -52.77 2.75 -19.21
N GLY H 34 -52.39 3.13 -20.43
CA GLY H 34 -52.12 4.50 -20.74
C GLY H 34 -52.90 4.95 -21.96
N TRP H 35 -53.09 6.27 -22.06
CA TRP H 35 -53.83 6.89 -23.15
C TRP H 35 -52.92 7.88 -23.87
N LEU H 36 -53.05 7.93 -25.20
CA LEU H 36 -52.16 8.71 -26.03
C LEU H 36 -52.97 9.59 -26.98
N GLN H 37 -52.33 10.66 -27.46
CA GLN H 37 -52.93 11.59 -28.40
C GLN H 37 -51.95 11.87 -29.52
N GLN H 38 -52.43 11.81 -30.77
CA GLN H 38 -51.62 12.10 -31.94
C GLN H 38 -52.37 13.11 -32.80
N LYS H 39 -51.98 14.37 -32.72
CA LYS H 39 -52.60 15.41 -33.53
C LYS H 39 -52.25 15.20 -35.00
N PRO H 40 -53.11 15.66 -35.93
CA PRO H 40 -52.90 15.38 -37.35
C PRO H 40 -51.51 15.72 -37.87
N GLY H 41 -50.85 14.73 -38.45
CA GLY H 41 -49.53 14.94 -39.03
C GLY H 41 -48.46 15.31 -38.02
N LYS H 42 -48.54 14.76 -36.80
CA LYS H 42 -47.59 15.06 -35.74
C LYS H 42 -47.35 13.80 -34.92
N SER H 43 -46.50 13.93 -33.91
CA SER H 43 -46.09 12.80 -33.08
C SER H 43 -47.08 12.59 -31.93
N PHE H 44 -46.71 11.75 -30.98
CA PHE H 44 -47.59 11.34 -29.90
C PHE H 44 -47.33 12.17 -28.64
N MET H 45 -48.38 12.31 -27.82
CA MET H 45 -48.30 13.01 -26.55
C MET H 45 -49.02 12.17 -25.50
N GLY H 46 -48.37 11.94 -24.37
CA GLY H 46 -48.99 11.14 -23.33
C GLY H 46 -50.07 11.91 -22.59
N LEU H 47 -51.22 11.27 -22.41
CA LEU H 47 -52.34 11.88 -21.68
C LEU H 47 -52.49 11.29 -20.28
N ILE H 48 -52.67 9.98 -20.19
CA ILE H 48 -52.94 9.29 -18.93
C ILE H 48 -51.93 8.16 -18.76
N TYR H 49 -51.55 7.90 -17.52
CA TYR H 49 -50.78 6.72 -17.16
C TYR H 49 -51.35 6.12 -15.88
N TYR H 50 -51.23 4.80 -15.78
CA TYR H 50 -51.80 4.03 -14.67
C TYR H 50 -53.31 4.27 -14.55
N GLY H 51 -53.99 4.27 -15.69
CA GLY H 51 -55.45 4.39 -15.72
C GLY H 51 -56.07 5.74 -15.47
N THR H 52 -55.58 6.50 -14.48
CA THR H 52 -56.22 7.75 -14.09
C THR H 52 -55.27 8.93 -13.96
N ASN H 53 -53.96 8.71 -13.84
CA ASN H 53 -53.03 9.79 -13.51
C ASN H 53 -52.72 10.60 -14.76
N LEU H 54 -52.95 11.91 -14.69
CA LEU H 54 -52.66 12.79 -15.80
C LEU H 54 -51.16 13.00 -15.98
N VAL H 55 -50.72 12.98 -17.23
CA VAL H 55 -49.34 13.37 -17.54
C VAL H 55 -49.18 14.87 -17.30
N ASP H 56 -47.99 15.27 -16.85
CA ASP H 56 -47.74 16.67 -16.55
C ASP H 56 -47.90 17.53 -17.79
N GLY H 57 -48.71 18.58 -17.68
CA GLY H 57 -48.99 19.48 -18.77
C GLY H 57 -50.34 19.28 -19.44
N VAL H 58 -50.98 18.14 -19.21
CA VAL H 58 -52.26 17.81 -19.83
C VAL H 58 -53.38 18.57 -19.13
N PRO H 59 -54.32 19.16 -19.86
CA PRO H 59 -55.44 19.85 -19.21
C PRO H 59 -56.28 18.90 -18.37
N SER H 60 -56.98 19.47 -17.39
CA SER H 60 -57.81 18.69 -16.49
C SER H 60 -59.12 18.21 -17.12
N ARG H 61 -59.49 18.74 -18.29
CA ARG H 61 -60.68 18.26 -18.97
C ARG H 61 -60.55 16.80 -19.42
N PHE H 62 -59.32 16.32 -19.60
CA PHE H 62 -59.09 14.91 -19.82
C PHE H 62 -59.17 14.15 -18.50
N SER H 63 -59.63 12.90 -18.58
CA SER H 63 -59.77 12.07 -17.39
C SER H 63 -59.90 10.62 -17.81
N GLY H 64 -59.22 9.74 -17.07
CA GLY H 64 -59.32 8.31 -17.29
C GLY H 64 -59.98 7.60 -16.13
N SER H 65 -60.56 6.44 -16.40
CA SER H 65 -61.28 5.69 -15.37
C SER H 65 -61.41 4.25 -15.83
N GLY H 66 -61.98 3.42 -14.97
CA GLY H 66 -62.19 2.01 -15.27
C GLY H 66 -61.36 1.11 -14.37
N SER H 67 -61.61 -0.19 -14.52
CA SER H 67 -60.91 -1.21 -13.75
C SER H 67 -61.05 -2.54 -14.47
N GLY H 68 -60.33 -3.54 -13.96
CA GLY H 68 -60.37 -4.88 -14.52
C GLY H 68 -59.89 -4.95 -15.96
N ALA H 69 -60.83 -5.10 -16.89
CA ALA H 69 -60.50 -5.17 -18.31
C ALA H 69 -61.34 -4.18 -19.13
N ASP H 70 -61.85 -3.14 -18.50
CA ASP H 70 -62.72 -2.17 -19.16
C ASP H 70 -62.38 -0.78 -18.62
N TYR H 71 -61.93 0.11 -19.50
CA TYR H 71 -61.48 1.45 -19.13
C TYR H 71 -62.07 2.47 -20.09
N SER H 72 -61.92 3.74 -19.73
CA SER H 72 -62.56 4.81 -20.50
C SER H 72 -61.74 6.08 -20.41
N LEU H 73 -61.67 6.81 -21.52
CA LEU H 73 -61.08 8.13 -21.59
C LEU H 73 -62.19 9.14 -21.91
N THR H 74 -62.35 10.13 -21.05
CA THR H 74 -63.42 11.10 -21.16
C THR H 74 -62.85 12.50 -21.36
N ILE H 75 -63.43 13.25 -22.29
CA ILE H 75 -63.02 14.62 -22.58
C ILE H 75 -64.25 15.50 -22.39
N SER H 76 -64.26 16.30 -21.32
CA SER H 76 -65.35 17.22 -21.05
C SER H 76 -65.10 18.54 -21.76
N SER H 77 -66.10 19.02 -22.50
CA SER H 77 -66.01 20.25 -23.28
C SER H 77 -64.85 20.19 -24.27
N LEU H 78 -65.10 19.66 -25.46
CA LEU H 78 -64.05 19.50 -26.45
C LEU H 78 -63.50 20.85 -26.91
N ASP H 79 -62.19 20.91 -27.11
CA ASP H 79 -61.52 22.07 -27.67
C ASP H 79 -61.17 21.82 -29.12
N SER H 80 -60.92 22.91 -29.86
CA SER H 80 -60.58 22.79 -31.27
C SER H 80 -59.30 22.00 -31.49
N GLU H 81 -58.46 21.86 -30.46
CA GLU H 81 -57.24 21.07 -30.57
C GLU H 81 -57.47 19.59 -30.25
N ASP H 82 -58.57 19.25 -29.59
CA ASP H 82 -58.80 17.87 -29.18
C ASP H 82 -59.16 16.96 -30.35
N PHE H 83 -59.55 17.51 -31.49
CA PHE H 83 -59.89 16.71 -32.67
C PHE H 83 -58.62 16.06 -33.21
N ALA H 84 -58.39 14.80 -32.84
CA ALA H 84 -57.18 14.10 -33.24
C ALA H 84 -57.40 12.60 -33.01
N ASP H 85 -56.33 11.82 -33.16
CA ASP H 85 -56.35 10.38 -32.93
C ASP H 85 -56.03 10.09 -31.47
N TYR H 86 -56.59 8.99 -30.98
CA TYR H 86 -56.40 8.56 -29.59
C TYR H 86 -56.24 7.06 -29.53
N TYR H 87 -55.23 6.59 -28.80
CA TYR H 87 -54.93 5.18 -28.67
C TYR H 87 -54.80 4.80 -27.19
N CYS H 88 -55.17 3.57 -26.87
CA CYS H 88 -54.91 2.99 -25.55
C CYS H 88 -53.78 1.98 -25.65
N VAL H 89 -53.05 1.81 -24.56
CA VAL H 89 -51.93 0.88 -24.49
C VAL H 89 -51.88 0.27 -23.10
N GLN H 90 -51.73 -1.04 -23.05
CA GLN H 90 -51.56 -1.76 -21.79
C GLN H 90 -50.10 -2.11 -21.60
N TYR H 91 -49.65 -2.06 -20.34
CA TYR H 91 -48.31 -2.51 -19.99
C TYR H 91 -48.34 -3.43 -18.77
N ALA H 92 -49.45 -4.15 -18.59
CA ALA H 92 -49.50 -5.15 -17.54
C ALA H 92 -48.61 -6.34 -17.86
N GLN H 93 -48.47 -6.67 -19.14
CA GLN H 93 -47.65 -7.80 -19.56
C GLN H 93 -46.85 -7.42 -20.79
N LEU H 94 -45.70 -8.08 -20.96
CA LEU H 94 -44.92 -7.97 -22.17
C LEU H 94 -45.34 -9.06 -23.16
N PRO H 95 -45.48 -8.76 -24.45
CA PRO H 95 -45.22 -7.45 -25.07
C PRO H 95 -46.33 -6.43 -24.84
N TYR H 96 -45.98 -5.15 -24.86
CA TYR H 96 -47.00 -4.10 -24.79
C TYR H 96 -47.86 -4.15 -26.05
N THR H 97 -49.15 -3.88 -25.91
CA THR H 97 -50.08 -3.91 -27.02
C THR H 97 -50.94 -2.66 -27.01
N PHE H 98 -51.34 -2.22 -28.20
CA PHE H 98 -52.07 -0.98 -28.37
C PHE H 98 -53.49 -1.26 -28.88
N GLY H 99 -54.34 -0.24 -28.73
CA GLY H 99 -55.67 -0.32 -29.30
C GLY H 99 -55.70 0.10 -30.76
N GLY H 100 -56.84 -0.15 -31.39
CA GLY H 100 -56.98 0.15 -32.82
C GLY H 100 -56.92 1.64 -33.12
N GLY H 101 -57.33 2.47 -32.17
CA GLY H 101 -57.33 3.90 -32.36
C GLY H 101 -58.74 4.46 -32.51
N THR H 102 -58.86 5.75 -32.18
CA THR H 102 -60.13 6.45 -32.24
C THR H 102 -59.88 7.87 -32.75
N LYS H 103 -60.57 8.25 -33.82
CA LYS H 103 -60.40 9.55 -34.44
C LYS H 103 -61.63 10.41 -34.16
N LEU H 104 -61.41 11.58 -33.57
CA LEU H 104 -62.47 12.54 -33.30
C LEU H 104 -62.59 13.49 -34.48
N GLU H 105 -63.77 13.52 -35.11
CA GLU H 105 -64.00 14.30 -36.31
C GLU H 105 -65.05 15.37 -36.05
N ILE H 106 -64.96 16.46 -36.80
CA ILE H 106 -65.88 17.58 -36.66
C ILE H 106 -67.21 17.22 -37.31
N LYS H 107 -68.29 17.38 -36.55
CA LYS H 107 -69.63 17.11 -37.06
C LYS H 107 -70.19 18.35 -37.76
N ARG H 108 -70.99 18.11 -38.80
CA ARG H 108 -71.60 19.19 -39.55
C ARG H 108 -72.80 18.64 -40.31
N ALA H 109 -73.49 19.52 -41.02
CA ALA H 109 -74.63 19.11 -41.83
C ALA H 109 -74.17 18.32 -43.05
N ASP H 110 -75.01 17.38 -43.48
CA ASP H 110 -74.68 16.55 -44.64
C ASP H 110 -74.56 17.40 -45.89
N ALA H 111 -73.72 16.94 -46.82
CA ALA H 111 -73.47 17.67 -48.05
C ALA H 111 -73.14 16.68 -49.16
N ALA H 112 -73.78 16.85 -50.32
CA ALA H 112 -73.55 15.97 -51.46
C ALA H 112 -72.25 16.33 -52.17
N PRO H 113 -71.60 15.37 -52.80
CA PRO H 113 -70.31 15.63 -53.44
C PRO H 113 -70.46 16.27 -54.82
N THR H 114 -69.42 17.00 -55.21
CA THR H 114 -69.36 17.64 -56.53
C THR H 114 -68.48 16.76 -57.43
N VAL H 115 -69.14 15.94 -58.25
CA VAL H 115 -68.43 14.98 -59.09
C VAL H 115 -67.91 15.67 -60.35
N SER H 116 -66.79 15.18 -60.86
CA SER H 116 -66.18 15.74 -62.07
C SER H 116 -65.28 14.67 -62.68
N ILE H 117 -65.53 14.33 -63.95
CA ILE H 117 -64.77 13.30 -64.64
C ILE H 117 -63.86 13.95 -65.66
N PHE H 118 -62.70 13.33 -65.90
CA PHE H 118 -61.68 13.88 -66.78
C PHE H 118 -61.06 12.80 -67.65
N PRO H 119 -61.24 12.87 -68.98
CA PRO H 119 -60.67 11.87 -69.87
C PRO H 119 -59.16 11.95 -69.92
N PRO H 120 -58.48 10.98 -70.53
CA PRO H 120 -57.02 11.04 -70.61
C PRO H 120 -56.54 12.26 -71.38
N SER H 121 -55.44 12.84 -70.91
CA SER H 121 -54.83 13.97 -71.59
C SER H 121 -54.20 13.52 -72.91
N SER H 122 -53.91 14.49 -73.77
CA SER H 122 -53.27 14.17 -75.04
C SER H 122 -51.82 13.71 -74.83
N GLU H 123 -51.14 14.30 -73.84
CA GLU H 123 -49.75 13.92 -73.59
C GLU H 123 -49.64 12.46 -73.15
N GLN H 124 -50.57 12.01 -72.31
CA GLN H 124 -50.51 10.64 -71.81
C GLN H 124 -50.84 9.62 -72.89
N LEU H 125 -51.82 9.94 -73.74
CA LEU H 125 -52.21 9.00 -74.80
C LEU H 125 -51.08 8.79 -75.80
N THR H 126 -50.32 9.85 -76.10
CA THR H 126 -49.20 9.71 -77.02
C THR H 126 -48.06 8.88 -76.44
N SER H 127 -48.01 8.72 -75.12
CA SER H 127 -46.98 7.91 -74.48
C SER H 127 -47.34 6.44 -74.40
N GLY H 128 -48.61 6.09 -74.55
CA GLY H 128 -49.06 4.73 -74.44
C GLY H 128 -49.90 4.41 -73.21
N GLY H 129 -50.41 5.42 -72.50
CA GLY H 129 -51.24 5.20 -71.34
C GLY H 129 -52.55 5.95 -71.46
N ALA H 130 -53.44 5.68 -70.51
CA ALA H 130 -54.76 6.32 -70.50
C ALA H 130 -55.32 6.26 -69.08
N SER H 131 -55.52 7.42 -68.47
CA SER H 131 -56.01 7.49 -67.10
C SER H 131 -57.24 8.38 -67.06
N VAL H 132 -58.37 7.81 -66.64
CA VAL H 132 -59.59 8.58 -66.41
C VAL H 132 -59.66 8.94 -64.93
N VAL H 133 -59.81 10.23 -64.64
CA VAL H 133 -59.84 10.73 -63.27
C VAL H 133 -61.26 11.14 -62.94
N CYS H 134 -61.67 10.89 -61.69
CA CYS H 134 -63.00 11.24 -61.21
C CYS H 134 -62.86 11.84 -59.82
N PHE H 135 -63.05 13.16 -59.73
CA PHE H 135 -62.97 13.87 -58.45
C PHE H 135 -64.34 13.93 -57.79
N LEU H 136 -64.35 13.79 -56.46
CA LEU H 136 -65.56 13.85 -55.65
C LEU H 136 -65.23 14.76 -54.47
N ASN H 137 -65.53 16.05 -54.61
CA ASN H 137 -65.05 17.07 -53.70
C ASN H 137 -66.15 17.59 -52.79
N ASN H 138 -65.77 17.89 -51.54
CA ASN H 138 -66.62 18.56 -50.56
C ASN H 138 -67.91 17.81 -50.30
N PHE H 139 -67.87 16.83 -49.40
CA PHE H 139 -69.06 16.09 -49.02
C PHE H 139 -68.96 15.70 -47.56
N TYR H 140 -70.12 15.38 -46.97
CA TYR H 140 -70.20 14.92 -45.60
C TYR H 140 -71.42 14.04 -45.48
N PRO H 141 -71.33 12.90 -44.76
CA PRO H 141 -70.15 12.41 -44.04
C PRO H 141 -69.10 11.79 -44.94
N LYS H 142 -68.06 11.20 -44.32
CA LYS H 142 -66.94 10.65 -45.07
C LYS H 142 -67.29 9.39 -45.85
N ASP H 143 -68.31 8.66 -45.42
CA ASP H 143 -68.64 7.37 -46.01
C ASP H 143 -69.14 7.56 -47.45
N ILE H 144 -68.44 6.95 -48.41
CA ILE H 144 -68.79 7.11 -49.82
C ILE H 144 -68.23 5.90 -50.57
N ASN H 145 -68.89 5.55 -51.67
CA ASN H 145 -68.50 4.42 -52.50
C ASN H 145 -68.49 4.84 -53.96
N VAL H 146 -67.35 4.67 -54.62
CA VAL H 146 -67.19 5.00 -56.04
C VAL H 146 -67.25 3.70 -56.84
N LYS H 147 -67.78 3.78 -58.06
CA LYS H 147 -67.94 2.62 -58.94
C LYS H 147 -67.66 3.04 -60.36
N TRP H 148 -66.67 2.41 -60.99
CA TRP H 148 -66.33 2.68 -62.37
C TRP H 148 -67.09 1.74 -63.30
N LYS H 149 -67.54 2.28 -64.43
CA LYS H 149 -68.29 1.51 -65.42
C LYS H 149 -67.75 1.79 -66.82
N ILE H 150 -67.36 0.74 -67.52
CA ILE H 150 -66.93 0.82 -68.91
C ILE H 150 -68.01 0.21 -69.78
N ASP H 151 -68.60 1.01 -70.66
CA ASP H 151 -69.72 0.59 -71.50
C ASP H 151 -70.88 0.06 -70.64
N GLY H 152 -71.10 0.71 -69.50
CA GLY H 152 -72.17 0.33 -68.60
C GLY H 152 -71.86 -0.82 -67.66
N SER H 153 -70.71 -1.48 -67.81
CA SER H 153 -70.35 -2.63 -67.00
C SER H 153 -69.26 -2.25 -66.01
N GLU H 154 -69.37 -2.77 -64.79
CA GLU H 154 -68.47 -2.39 -63.71
C GLU H 154 -67.05 -2.83 -64.02
N ARG H 155 -66.09 -2.05 -63.51
CA ARG H 155 -64.68 -2.33 -63.65
C ARG H 155 -63.99 -2.10 -62.30
N GLN H 156 -63.22 -3.09 -61.85
CA GLN H 156 -62.55 -3.01 -60.55
C GLN H 156 -61.04 -3.13 -60.62
N ASN H 157 -60.49 -3.61 -61.74
CA ASN H 157 -59.05 -3.79 -61.88
C ASN H 157 -58.42 -2.51 -62.43
N GLY H 158 -57.44 -1.98 -61.71
CA GLY H 158 -56.76 -0.76 -62.13
C GLY H 158 -57.30 0.53 -61.58
N VAL H 159 -58.02 0.50 -60.45
CA VAL H 159 -58.56 1.69 -59.82
C VAL H 159 -57.62 2.11 -58.70
N LEU H 160 -57.41 3.43 -58.57
CA LEU H 160 -56.52 3.99 -57.56
C LEU H 160 -57.23 5.16 -56.88
N ASN H 161 -57.56 4.98 -55.60
CA ASN H 161 -58.33 5.95 -54.84
C ASN H 161 -57.44 6.67 -53.83
N SER H 162 -57.89 7.87 -53.43
CA SER H 162 -57.16 8.68 -52.47
C SER H 162 -58.14 9.65 -51.81
N TRP H 163 -58.05 9.77 -50.50
CA TRP H 163 -58.95 10.62 -49.72
C TRP H 163 -58.15 11.67 -48.97
N THR H 164 -58.81 12.79 -48.69
CA THR H 164 -58.23 13.88 -47.92
C THR H 164 -58.76 13.85 -46.49
N ASP H 165 -57.98 14.40 -45.57
CA ASP H 165 -58.46 14.59 -44.21
C ASP H 165 -59.56 15.65 -44.18
N GLN H 166 -60.23 15.75 -43.04
CA GLN H 166 -61.32 16.71 -42.90
C GLN H 166 -60.80 18.13 -43.11
N ASP H 167 -61.42 18.85 -44.04
CA ASP H 167 -60.95 20.18 -44.40
C ASP H 167 -61.03 21.12 -43.21
N SER H 168 -60.08 22.05 -43.16
CA SER H 168 -60.03 23.00 -42.05
C SER H 168 -61.13 24.04 -42.15
N LYS H 169 -61.54 24.39 -43.37
CA LYS H 169 -62.52 25.46 -43.54
C LYS H 169 -63.95 24.96 -43.34
N ASP H 170 -64.45 24.14 -44.26
CA ASP H 170 -65.84 23.70 -44.26
C ASP H 170 -66.05 22.35 -43.57
N SER H 171 -64.99 21.72 -43.09
CA SER H 171 -65.08 20.44 -42.38
C SER H 171 -65.74 19.35 -43.23
N THR H 172 -65.38 19.31 -44.50
CA THR H 172 -65.87 18.30 -45.43
C THR H 172 -64.73 17.36 -45.82
N TYR H 173 -65.05 16.41 -46.69
CA TYR H 173 -64.09 15.44 -47.19
C TYR H 173 -64.12 15.44 -48.71
N SER H 174 -63.05 14.96 -49.32
CA SER H 174 -62.93 14.88 -50.76
C SER H 174 -62.24 13.58 -51.15
N MET H 175 -62.49 13.13 -52.38
CA MET H 175 -61.98 11.85 -52.86
C MET H 175 -61.55 11.98 -54.31
N SER H 176 -60.53 11.21 -54.68
CA SER H 176 -59.99 11.19 -56.03
C SER H 176 -59.82 9.74 -56.48
N SER H 177 -60.59 9.33 -57.48
CA SER H 177 -60.51 8.00 -58.05
C SER H 177 -59.91 8.08 -59.45
N THR H 178 -58.99 7.17 -59.75
CA THR H 178 -58.28 7.17 -61.03
C THR H 178 -58.28 5.77 -61.62
N LEU H 179 -58.82 5.64 -62.82
CA LEU H 179 -58.82 4.37 -63.56
C LEU H 179 -57.74 4.43 -64.64
N THR H 180 -56.76 3.54 -64.55
CA THR H 180 -55.63 3.51 -65.47
C THR H 180 -55.73 2.30 -66.36
N LEU H 181 -55.69 2.52 -67.67
CA LEU H 181 -55.71 1.46 -68.68
C LEU H 181 -54.58 1.70 -69.67
N THR H 182 -54.35 0.70 -70.52
CA THR H 182 -53.44 0.91 -71.63
C THR H 182 -54.13 1.70 -72.73
N LYS H 183 -53.32 2.28 -73.62
CA LYS H 183 -53.87 3.03 -74.74
C LYS H 183 -54.70 2.12 -75.65
N ASP H 184 -54.22 0.88 -75.87
CA ASP H 184 -54.94 -0.05 -76.73
C ASP H 184 -56.28 -0.45 -76.11
N GLU H 185 -56.27 -0.80 -74.83
CA GLU H 185 -57.49 -1.23 -74.16
C GLU H 185 -58.48 -0.07 -74.00
N TYR H 186 -57.97 1.16 -73.85
CA TYR H 186 -58.85 2.31 -73.70
C TYR H 186 -59.68 2.56 -74.96
N GLU H 187 -59.16 2.19 -76.13
CA GLU H 187 -59.85 2.42 -77.38
C GLU H 187 -60.76 1.27 -77.79
N ARG H 188 -60.75 0.16 -77.05
CA ARG H 188 -61.69 -0.92 -77.33
C ARG H 188 -63.12 -0.56 -76.93
N HIS H 189 -63.29 0.48 -76.13
CA HIS H 189 -64.59 0.85 -75.60
C HIS H 189 -64.87 2.32 -75.86
N ASN H 190 -66.08 2.75 -75.52
CA ASN H 190 -66.54 4.11 -75.81
C ASN H 190 -66.96 4.87 -74.56
N SER H 191 -67.89 4.32 -73.77
CA SER H 191 -68.43 5.03 -72.62
C SER H 191 -67.59 4.78 -71.37
N TYR H 192 -67.42 5.83 -70.57
CA TYR H 192 -66.65 5.77 -69.33
C TYR H 192 -67.39 6.54 -68.25
N THR H 193 -67.64 5.89 -67.12
CA THR H 193 -68.53 6.41 -66.09
C THR H 193 -67.93 6.15 -64.71
N CYS H 194 -68.20 7.07 -63.78
CA CYS H 194 -67.94 6.85 -62.36
C CYS H 194 -69.20 7.20 -61.56
N GLU H 195 -69.71 6.23 -60.81
CA GLU H 195 -70.92 6.38 -60.02
C GLU H 195 -70.56 6.60 -58.56
N ALA H 196 -71.22 7.58 -57.94
CA ALA H 196 -70.99 7.94 -56.55
C ALA H 196 -72.20 7.59 -55.70
N THR H 197 -71.99 6.82 -54.64
CA THR H 197 -73.05 6.39 -53.74
C THR H 197 -72.83 7.06 -52.39
N HIS H 198 -73.73 8.00 -52.06
CA HIS H 198 -73.64 8.76 -50.83
C HIS H 198 -75.00 8.74 -50.13
N LYS H 199 -74.99 8.95 -48.81
CA LYS H 199 -76.25 8.94 -48.06
C LYS H 199 -77.10 10.18 -48.34
N THR H 200 -76.57 11.17 -49.05
CA THR H 200 -77.33 12.36 -49.41
C THR H 200 -78.28 12.13 -50.58
N SER H 201 -78.29 10.93 -51.16
CA SER H 201 -79.16 10.65 -52.30
C SER H 201 -79.28 9.14 -52.47
N THR H 202 -80.53 8.65 -52.59
CA THR H 202 -80.74 7.24 -52.87
C THR H 202 -80.25 6.87 -54.26
N SER H 203 -80.36 7.79 -55.22
CA SER H 203 -79.87 7.58 -56.58
C SER H 203 -78.39 7.95 -56.66
N PRO H 204 -77.57 7.11 -57.29
CA PRO H 204 -76.14 7.43 -57.38
C PRO H 204 -75.89 8.59 -58.32
N ILE H 205 -74.98 9.48 -57.91
CA ILE H 205 -74.61 10.62 -58.74
C ILE H 205 -73.69 10.13 -59.85
N VAL H 206 -74.13 10.31 -61.10
CA VAL H 206 -73.47 9.74 -62.26
C VAL H 206 -72.85 10.87 -63.08
N LYS H 207 -71.60 10.66 -63.52
CA LYS H 207 -70.94 11.56 -64.44
C LYS H 207 -70.11 10.73 -65.40
N SER H 208 -70.26 11.00 -66.70
CA SER H 208 -69.66 10.14 -67.72
C SER H 208 -69.36 10.96 -68.97
N PHE H 209 -68.65 10.32 -69.89
CA PHE H 209 -68.35 10.89 -71.20
C PHE H 209 -68.19 9.76 -72.20
N ASN H 210 -68.09 10.12 -73.47
CA ASN H 210 -67.91 9.17 -74.55
C ASN H 210 -66.62 9.48 -75.30
N ARG H 211 -65.81 8.45 -75.53
CA ARG H 211 -64.57 8.61 -76.27
C ARG H 211 -64.86 9.13 -77.68
N ASN H 212 -63.86 9.81 -78.26
CA ASN H 212 -63.98 10.45 -79.57
C ASN H 212 -65.00 11.58 -79.54
N GLU H 213 -66.22 11.28 -79.11
CA GLU H 213 -67.28 12.28 -79.05
C GLU H 213 -66.94 13.39 -78.07
N CYS H 214 -67.18 14.64 -78.47
CA CYS H 214 -67.03 15.79 -77.58
C CYS H 214 -67.89 16.95 -78.09
C1 NAG I . -4.18 -2.72 13.05
C2 NAG I . -4.67 -2.15 11.70
C3 NAG I . -3.50 -1.52 10.94
C4 NAG I . -2.75 -0.52 11.80
C5 NAG I . -2.31 -1.20 13.10
C6 NAG I . -1.62 -0.26 14.06
C7 NAG I . -6.60 -3.50 11.00
C8 NAG I . -7.08 -4.59 10.09
N2 NAG I . -5.30 -3.18 10.91
O3 NAG I . -4.00 -0.89 9.77
O4 NAG I . -1.59 -0.07 11.09
O5 NAG I . -3.46 -1.71 13.78
O6 NAG I . -2.32 0.97 14.19
O7 NAG I . -7.34 -2.94 11.81
C1 NAG I . -1.60 1.36 10.92
C2 NAG I . -0.16 1.78 10.66
C3 NAG I . -0.07 3.28 10.45
C4 NAG I . -1.03 3.73 9.36
C5 NAG I . -2.44 3.22 9.63
C6 NAG I . -3.41 3.49 8.51
C7 NAG I . 1.53 0.31 11.66
C8 NAG I . 2.36 0.03 12.87
N2 NAG I . 0.72 1.37 11.74
O3 NAG I . 1.27 3.62 10.12
O4 NAG I . -1.08 5.15 9.31
O5 NAG I . -2.42 1.79 9.82
O6 NAG I . -3.05 2.78 7.32
O7 NAG I . 1.59 -0.40 10.65
C1 BMA I . -0.12 5.68 8.36
C2 BMA I . -0.66 6.99 7.79
C3 BMA I . 0.34 7.59 6.80
C4 BMA I . 1.76 7.69 7.42
C5 BMA I . 2.18 6.36 8.10
C6 BMA I . 3.46 6.51 8.91
O2 BMA I . -0.84 7.95 8.82
O3 BMA I . -0.08 8.89 6.38
O4 BMA I . 2.70 8.01 6.40
O5 BMA I . 1.13 5.93 9.00
O6 BMA I . 3.85 5.22 9.41
C1 MAN I . -0.79 8.83 5.11
C2 MAN I . -0.83 10.28 4.56
C3 MAN I . -1.69 11.15 5.46
C4 MAN I . -3.08 10.54 5.68
C5 MAN I . -2.96 9.09 6.17
C6 MAN I . -4.28 8.35 6.26
O2 MAN I . -1.45 10.33 3.27
O3 MAN I . -1.81 12.48 4.97
O4 MAN I . -3.80 11.29 6.65
O5 MAN I . -2.10 8.32 5.28
O6 MAN I . -4.04 7.07 6.84
C1 MAN I . 5.28 5.17 9.52
C2 MAN I . 5.81 4.31 8.34
C3 MAN I . 5.47 2.84 8.56
C4 MAN I . 5.93 2.37 9.96
C5 MAN I . 5.30 3.27 11.03
C6 MAN I . 5.76 2.92 12.44
O2 MAN I . 7.24 4.36 8.27
O3 MAN I . 6.03 2.00 7.56
O4 MAN I . 5.55 1.02 10.18
O5 MAN I . 5.67 4.64 10.78
O6 MAN I . 5.86 1.50 12.54
C1 NAG J . 14.16 -2.96 44.92
C2 NAG J . 14.14 -2.80 46.44
C3 NAG J . 14.78 -1.47 46.86
C4 NAG J . 16.16 -1.33 46.21
C5 NAG J . 16.07 -1.54 44.71
C6 NAG J . 17.42 -1.52 44.01
C7 NAG J . 12.18 -4.03 47.25
C8 NAG J . 10.77 -3.94 47.76
N2 NAG J . 12.77 -2.88 46.95
O3 NAG J . 14.90 -1.45 48.28
O4 NAG J . 16.66 -0.01 46.45
O5 NAG J . 15.49 -2.83 44.45
O6 NAG J . 18.05 -0.25 44.11
O7 NAG J . 12.74 -5.11 47.12
C1 NAG J . 17.77 -0.05 47.36
C2 NAG J . 18.04 1.41 47.75
C3 NAG J . 19.15 1.49 48.80
C4 NAG J . 18.85 0.55 49.97
C5 NAG J . 18.61 -0.85 49.45
C6 NAG J . 18.25 -1.84 50.55
C7 NAG J . 17.56 3.04 45.97
C8 NAG J . 16.18 3.16 46.56
N2 NAG J . 18.39 2.19 46.58
O3 NAG J . 19.23 2.83 49.27
O4 NAG J . 19.95 0.55 50.88
O5 NAG J . 17.50 -0.82 48.54
O6 NAG J . 19.26 -1.91 51.53
O7 NAG J . 17.90 3.68 44.98
C1 NAG K . 8.48 11.29 -14.83
C2 NAG K . 9.30 11.58 -13.57
C3 NAG K . 9.04 13.00 -13.07
C4 NAG K . 9.22 14.02 -14.19
C5 NAG K . 8.40 13.62 -15.40
C6 NAG K . 8.62 14.51 -16.60
C7 NAG K . 9.84 9.64 -12.17
C8 NAG K . 9.36 8.74 -11.07
N2 NAG K . 9.00 10.62 -12.52
O3 NAG K . 9.93 13.30 -11.99
O4 NAG K . 8.78 15.30 -13.72
O5 NAG K . 8.74 12.29 -15.81
O6 NAG K . 10.00 14.82 -16.77
O7 NAG K . 10.93 9.49 -12.71
C1 NAG K . 9.82 16.31 -13.79
C2 NAG K . 9.14 17.64 -13.48
C3 NAG K . 10.16 18.77 -13.52
C4 NAG K . 11.34 18.46 -12.61
C5 NAG K . 11.91 17.08 -12.92
C6 NAG K . 13.00 16.65 -11.97
C7 NAG K . 6.77 17.74 -14.09
C8 NAG K . 5.77 18.06 -15.16
N2 NAG K . 8.05 17.90 -14.41
O3 NAG K . 9.50 19.98 -13.12
O4 NAG K . 12.35 19.43 -12.81
O5 NAG K . 10.88 16.09 -12.86
O6 NAG K . 12.56 16.72 -10.62
O7 NAG K . 6.42 17.36 -12.97
C1 BMA K . 12.24 20.56 -11.92
C2 BMA K . 13.65 21.10 -11.70
C3 BMA K . 13.64 22.41 -10.88
C4 BMA K . 12.63 23.41 -11.46
C5 BMA K . 11.25 22.74 -11.64
C6 BMA K . 10.24 23.66 -12.30
O2 BMA K . 14.27 21.41 -12.94
O3 BMA K . 14.95 22.99 -10.84
O4 BMA K . 12.51 24.53 -10.58
O5 BMA K . 11.40 21.57 -12.46
O6 BMA K . 10.64 23.90 -13.64
C1 MAN K . 15.62 22.69 -9.59
C2 MAN K . 16.93 23.52 -9.52
C3 MAN K . 17.95 22.98 -10.53
C4 MAN K . 18.17 21.47 -10.37
C5 MAN K . 16.83 20.74 -10.44
C6 MAN K . 16.92 19.25 -10.19
O2 MAN K . 17.56 23.40 -8.24
O3 MAN K . 19.19 23.67 -10.43
O4 MAN K . 19.00 21.00 -11.42
O5 MAN K . 15.91 21.30 -9.46
O6 MAN K . 15.84 18.89 -9.32
C1 NAG L . -6.10 18.53 -46.66
C2 NAG L . -6.30 18.15 -48.11
C3 NAG L . -5.76 19.23 -49.03
C4 NAG L . -6.36 20.58 -48.67
C5 NAG L . -6.10 20.87 -47.19
C6 NAG L . -6.73 22.16 -46.73
C7 NAG L . -6.35 15.79 -48.77
C8 NAG L . -5.53 14.57 -49.05
N2 NAG L . -5.66 16.88 -48.40
O3 NAG L . -6.06 18.88 -50.38
O4 NAG L . -5.79 21.60 -49.49
O5 NAG L . -6.67 19.82 -46.40
O6 NAG L . -8.12 21.99 -46.46
O7 NAG L . -7.57 15.80 -48.88
C1 NAG L . -6.76 21.96 -50.49
C2 NAG L . -6.45 23.39 -50.93
C3 NAG L . -7.39 23.82 -52.06
C4 NAG L . -7.38 22.79 -53.19
C5 NAG L . -7.69 21.41 -52.63
C6 NAG L . -7.63 20.31 -53.66
C7 NAG L . -5.51 24.78 -49.12
C8 NAG L . -4.17 24.32 -49.59
N2 NAG L . -6.57 24.30 -49.81
O3 NAG L . -6.96 25.08 -52.56
O4 NAG L . -8.35 23.13 -54.18
O5 NAG L . -6.73 21.08 -51.62
O6 NAG L . -6.32 20.15 -54.19
O7 NAG L . -5.65 25.54 -48.18
S SO4 M . -43.12 10.14 34.76
O1 SO4 M . -42.83 10.12 36.19
O2 SO4 M . -44.22 11.07 34.51
O3 SO4 M . -41.94 10.57 34.03
O4 SO4 M . -43.51 8.80 34.33
S SO4 N . -14.08 24.92 32.07
O1 SO4 N . -14.33 26.35 32.30
O2 SO4 N . -15.28 24.16 32.40
O3 SO4 N . -12.98 24.48 32.93
O4 SO4 N . -13.73 24.71 30.67
CA CA O . -20.98 25.27 0.86
CA CA P . -16.76 27.76 14.57
CA CA Q . -24.20 29.81 25.08
CA CA R . -38.27 28.29 25.66
S SO4 S . -7.35 10.44 4.68
O1 SO4 S . -7.77 9.46 5.67
O2 SO4 S . -8.46 11.30 4.32
O3 SO4 S . -6.27 11.26 5.24
O4 SO4 S . -6.85 9.75 3.49
S SO4 T . -11.31 6.59 -2.29
O1 SO4 T . -10.49 6.65 -1.09
O2 SO4 T . -12.68 6.25 -1.93
O3 SO4 T . -11.28 7.89 -2.97
O4 SO4 T . -10.78 5.57 -3.19
MN MN U . -18.80 -16.56 6.88
MN MN V . -12.63 -22.76 4.62
MN MN W . -22.68 -12.43 8.64
C1 NAG X . 13.46 -7.47 53.80
C2 NAG X . 13.56 -9.02 53.82
C3 NAG X . 14.97 -9.46 54.24
C4 NAG X . 16.04 -8.75 53.42
C5 NAG X . 15.82 -7.23 53.50
C6 NAG X . 16.79 -6.45 52.65
C7 NAG X . 11.49 -10.27 54.31
C8 NAG X . 10.60 -10.79 55.39
N2 NAG X . 12.57 -9.58 54.72
O3 NAG X . 15.11 -10.87 54.08
O4 NAG X . 17.34 -9.07 53.90
O5 NAG X . 14.51 -6.93 53.01
O6 NAG X . 16.36 -5.10 52.53
O7 NAG X . 11.24 -10.45 53.12
C02 NJF Y . -19.28 -3.71 -2.85
C04 NJF Y . -19.30 -5.05 -2.23
C05 NJF Y . -18.64 -5.26 -1.00
C06 NJF Y . -18.65 -6.52 -0.40
C07 NJF Y . -19.31 -7.61 -1.03
C08 NJF Y . -19.96 -7.40 -2.26
C09 NJF Y . -19.95 -6.12 -2.86
C10 NJF Y . -19.31 -8.95 -0.39
C13 NJF Y . -20.24 -10.95 0.43
C14 NJF Y . -20.17 -10.09 -0.82
C15 NJF Y . -19.46 -12.27 0.32
C17 NJF Y . -20.52 -13.24 2.27
C18 NJF Y . -21.30 -14.46 2.81
C19 NJF Y . -20.49 -15.76 2.63
C20 NJF Y . -20.08 -15.88 1.16
C21 NJF Y . -19.35 -14.61 0.69
C22 NJF Y . -21.25 -17.03 3.11
C23 NJF Y . -21.25 -17.23 4.64
N01 NJF Y . -20.42 -3.04 -3.04
N03 NJF Y . -18.14 -3.16 -3.24
N11 NJF Y . -18.82 -9.19 0.75
N16 NJF Y . -20.19 -13.43 0.84
O12 NJF Y . -19.68 -10.09 1.43
O24 NJF Y . -20.27 -16.82 5.28
O25 NJF Y . -22.23 -17.79 5.17
S SO4 Z . 27.64 -18.49 -4.18
O1 SO4 Z . 28.49 -18.20 -3.02
O2 SO4 Z . 26.60 -19.43 -3.79
O3 SO4 Z . 27.04 -17.25 -4.66
O4 SO4 Z . 28.45 -19.08 -5.23
S SO4 AA . 34.09 18.17 -36.95
O1 SO4 AA . 34.23 19.05 -35.79
O2 SO4 AA . 32.83 18.44 -37.62
O3 SO4 AA . 35.19 18.39 -37.87
O4 SO4 AA . 34.11 16.77 -36.50
S SO4 BA . 21.13 15.15 -0.69
O1 SO4 BA . 22.03 16.23 -0.28
O2 SO4 BA . 20.34 14.73 0.47
O3 SO4 BA . 20.25 15.62 -1.74
O4 SO4 BA . 21.92 14.02 -1.17
CL CL CA . 42.05 -13.65 -34.31
CL CL DA . 58.26 -4.23 -29.92
CA CA EA . 41.76 18.68 -5.99
CA CA FA . 39.87 20.66 -20.33
CA CA GA . 45.63 14.26 -30.17
CA CA HA . 53.43 2.79 -28.86
S SO4 IA . 21.08 19.17 -8.58
O1 SO4 IA . 20.77 20.59 -8.43
O2 SO4 IA . 20.24 18.39 -7.68
O3 SO4 IA . 22.50 18.94 -8.25
O4 SO4 IA . 20.84 18.76 -9.96
MN MN JA . 8.11 -7.24 -4.14
MN MN KA . -0.20 -5.95 -1.74
MN MN LA . 13.73 -7.64 -6.29
C1 NAG MA . -9.59 14.07 -54.31
C2 NAG MA . -10.86 13.24 -54.08
C3 NAG MA . -12.08 13.97 -54.64
C4 NAG MA . -12.15 15.40 -54.10
C5 NAG MA . -10.83 16.12 -54.35
C6 NAG MA . -10.78 17.49 -53.73
C7 NAG MA . -10.61 10.79 -53.98
C8 NAG MA . -10.52 9.53 -54.78
N2 NAG MA . -10.74 11.92 -54.69
O3 NAG MA . -13.27 13.27 -54.30
O4 NAG MA . -13.20 16.12 -54.73
O5 NAG MA . -9.75 15.38 -53.76
O6 NAG MA . -9.51 17.73 -53.13
O7 NAG MA . -10.56 10.80 -52.76
C02 NJF NA . 18.87 2.98 2.98
C04 NJF NA . 17.89 1.96 2.61
C05 NJF NA . 16.98 2.20 1.55
C06 NJF NA . 16.04 1.22 1.19
C07 NJF NA . 15.99 -0.01 1.88
C08 NJF NA . 16.89 -0.25 2.94
C09 NJF NA . 17.83 0.73 3.30
C10 NJF NA . 14.98 -1.05 1.50
C13 NJF NA . 13.97 -3.15 1.23
C14 NJF NA . 14.71 -2.30 2.25
C15 NJF NA . 12.50 -3.42 1.59
C17 NJF NA . 12.24 -5.03 -0.20
C18 NJF NA . 11.84 -6.50 -0.52
C19 NJF NA . 10.39 -6.81 -0.12
C20 NJF NA . 10.14 -6.33 1.32
C21 NJF NA . 10.62 -4.88 1.54
C22 NJF NA . 10.06 -8.33 -0.24
C23 NJF NA . 9.53 -8.74 -1.62
N01 NJF NA . 20.10 2.62 3.35
N03 NJF NA . 18.55 4.27 2.95
N11 NJF NA . 14.32 -1.03 0.42
N16 NJF NA . 12.05 -4.77 1.23
O12 NJF NA . 14.09 -2.37 0.03
O24 NJF NA . 9.37 -7.85 -2.48
O25 NJF NA . 9.30 -9.94 -1.84
S SO4 OA . -58.46 -4.14 -10.65
O1 SO4 OA . -57.30 -4.03 -9.77
O2 SO4 OA . -59.68 -4.18 -9.84
O3 SO4 OA . -58.50 -2.99 -11.54
O4 SO4 OA . -58.36 -5.36 -11.44
#